data_2KKM
#
_entry.id   2KKM
#
_cell.length_a   1.000
_cell.length_b   1.000
_cell.length_c   1.000
_cell.angle_alpha   90.00
_cell.angle_beta   90.00
_cell.angle_gamma   90.00
#
_symmetry.space_group_name_H-M   'P 1'
#
_entity_poly.entity_id   1
_entity_poly.type   'polypeptide(L)'
_entity_poly.pdbx_seq_one_letter_code
;GSHMREDKIAAKKKLHQDKRVHELARVKFMQDVVNSDTFKGQPIFDHAHTREFIQSFIERDDTELDELKKKRRSNRPPSN
RQVLLQQRRDQELKEFKAGFLCPDLSDAKNMEFLRNWNGTFGLLNTLRLIRINDKGEQVVGGNE
;
_entity_poly.pdbx_strand_id   A
#
# COMPACT_ATOMS: atom_id res chain seq x y z
N MET A 4 3.66 -6.56 36.52
CA MET A 4 3.32 -6.31 37.94
C MET A 4 3.85 -4.96 38.40
N ARG A 5 5.13 -4.73 38.14
CA ARG A 5 5.77 -3.48 38.54
C ARG A 5 5.96 -2.59 37.33
N GLU A 6 5.82 -1.29 37.54
CA GLU A 6 6.22 -0.30 36.53
C GLU A 6 7.43 0.45 37.03
N ASP A 7 8.25 0.92 36.10
CA ASP A 7 9.41 1.73 36.44
C ASP A 7 8.92 3.09 36.95
N LYS A 8 9.81 3.83 37.60
CA LYS A 8 9.47 5.15 38.10
C LYS A 8 9.23 6.11 36.94
N ILE A 9 9.88 5.83 35.82
CA ILE A 9 9.69 6.62 34.62
C ILE A 9 8.45 6.15 33.87
N ALA A 10 7.63 7.09 33.46
CA ALA A 10 6.45 6.78 32.68
C ALA A 10 6.79 6.76 31.19
N ALA A 11 5.96 6.12 30.39
CA ALA A 11 6.18 6.06 28.95
C ALA A 11 6.09 7.45 28.34
N LYS A 12 7.25 8.02 28.03
CA LYS A 12 7.32 9.35 27.45
C LYS A 12 6.87 9.29 25.99
N LYS A 13 6.24 10.34 25.54
CA LYS A 13 5.49 10.30 24.28
C LYS A 13 6.11 11.21 23.22
N LYS A 14 5.68 11.00 21.99
CA LYS A 14 6.17 11.77 20.86
C LYS A 14 5.20 12.92 20.56
N LEU A 15 5.73 14.03 20.09
CA LEU A 15 4.91 15.22 19.83
C LEU A 15 4.34 15.19 18.42
N HIS A 16 5.09 14.59 17.50
CA HIS A 16 4.64 14.47 16.11
C HIS A 16 3.95 13.13 15.89
N GLN A 17 2.81 13.17 15.23
CA GLN A 17 2.06 11.96 14.91
C GLN A 17 2.76 11.23 13.76
N ASP A 18 2.99 9.94 13.95
CA ASP A 18 3.70 9.15 12.96
C ASP A 18 2.78 8.72 11.83
N LYS A 19 3.36 8.57 10.65
CA LYS A 19 2.64 8.03 9.50
C LYS A 19 2.79 6.51 9.48
N ARG A 20 1.75 5.82 9.05
CA ARG A 20 1.74 4.36 9.12
C ARG A 20 2.32 3.77 7.84
N VAL A 21 2.79 2.53 7.94
CA VAL A 21 3.48 1.86 6.84
C VAL A 21 2.56 1.63 5.64
N HIS A 22 1.27 1.80 5.85
CA HIS A 22 0.29 1.60 4.77
C HIS A 22 0.53 2.62 3.66
N GLU A 23 1.09 3.77 4.04
CA GLU A 23 1.43 4.81 3.08
C GLU A 23 2.87 4.66 2.59
N LEU A 24 3.80 4.54 3.54
CA LEU A 24 5.24 4.56 3.22
C LEU A 24 5.69 3.31 2.50
N ALA A 25 5.28 2.15 2.99
CA ALA A 25 5.71 0.87 2.42
C ALA A 25 5.21 0.72 0.99
N ARG A 26 4.08 1.36 0.72
CA ARG A 26 3.49 1.35 -0.61
C ARG A 26 4.42 2.03 -1.61
N VAL A 27 4.94 3.19 -1.23
CA VAL A 27 5.88 3.91 -2.07
C VAL A 27 7.22 3.18 -2.11
N LYS A 28 7.63 2.64 -0.97
CA LYS A 28 8.88 1.89 -0.87
C LYS A 28 8.87 0.71 -1.84
N PHE A 29 7.74 0.03 -1.93
CA PHE A 29 7.61 -1.09 -2.86
C PHE A 29 7.83 -0.61 -4.29
N MET A 30 7.09 0.42 -4.69
CA MET A 30 7.23 0.99 -6.03
C MET A 30 8.68 1.42 -6.30
N GLN A 31 9.26 2.11 -5.33
CA GLN A 31 10.64 2.57 -5.42
C GLN A 31 11.58 1.39 -5.61
N ASP A 32 11.50 0.43 -4.69
CA ASP A 32 12.38 -0.73 -4.71
C ASP A 32 12.27 -1.51 -6.01
N VAL A 33 11.06 -1.63 -6.53
CA VAL A 33 10.82 -2.32 -7.80
C VAL A 33 11.57 -1.65 -8.94
N VAL A 34 11.55 -0.32 -8.96
CA VAL A 34 12.23 0.45 -9.98
C VAL A 34 13.75 0.41 -9.77
N ASN A 35 14.16 0.44 -8.52
CA ASN A 35 15.57 0.55 -8.17
C ASN A 35 16.27 -0.81 -8.28
N SER A 36 15.48 -1.87 -8.31
CA SER A 36 16.04 -3.20 -8.44
C SER A 36 15.90 -3.67 -9.88
N ASP A 37 16.60 -4.73 -10.24
CA ASP A 37 16.55 -5.26 -11.60
C ASP A 37 15.20 -5.91 -11.90
N THR A 38 14.31 -5.88 -10.91
CA THR A 38 12.96 -6.39 -11.06
C THR A 38 12.27 -5.70 -12.25
N PHE A 39 12.24 -4.37 -12.21
CA PHE A 39 11.69 -3.58 -13.31
C PHE A 39 12.59 -2.39 -13.61
N LYS A 40 13.88 -2.57 -13.36
CA LYS A 40 14.88 -1.53 -13.63
C LYS A 40 14.85 -1.13 -15.10
N GLY A 41 14.55 -2.09 -15.96
CA GLY A 41 14.46 -1.81 -17.38
C GLY A 41 13.26 -0.96 -17.74
N GLN A 42 12.30 -0.86 -16.83
CA GLN A 42 11.10 -0.07 -17.04
C GLN A 42 11.21 1.25 -16.29
N PRO A 43 11.28 2.36 -17.02
CA PRO A 43 11.40 3.69 -16.42
C PRO A 43 10.10 4.20 -15.84
N ILE A 44 9.02 4.05 -16.59
CA ILE A 44 7.72 4.57 -16.21
C ILE A 44 6.66 3.48 -16.35
N PHE A 45 5.62 3.55 -15.55
CA PHE A 45 4.55 2.57 -15.61
C PHE A 45 3.24 3.24 -16.01
N ASP A 46 2.15 2.50 -15.91
CA ASP A 46 0.84 3.02 -16.28
C ASP A 46 -0.18 2.69 -15.21
N HIS A 47 -1.46 2.94 -15.48
CA HIS A 47 -2.51 2.71 -14.50
C HIS A 47 -2.90 1.23 -14.43
N ALA A 48 -2.54 0.45 -15.45
CA ALA A 48 -2.75 -0.99 -15.39
C ALA A 48 -1.75 -1.61 -14.41
N HIS A 49 -0.51 -1.14 -14.49
CA HIS A 49 0.51 -1.55 -13.52
C HIS A 49 0.19 -0.97 -12.14
N THR A 50 -0.59 0.11 -12.12
CA THR A 50 -1.10 0.67 -10.88
C THR A 50 -1.86 -0.41 -10.10
N ARG A 51 -2.95 -0.91 -10.67
CA ARG A 51 -3.74 -1.94 -10.01
C ARG A 51 -2.88 -3.16 -9.70
N GLU A 52 -1.99 -3.49 -10.63
CA GLU A 52 -1.08 -4.62 -10.48
C GLU A 52 -0.33 -4.55 -9.15
N PHE A 53 0.38 -3.44 -8.94
CA PHE A 53 1.19 -3.28 -7.74
C PHE A 53 0.33 -2.92 -6.54
N ILE A 54 -0.70 -2.10 -6.74
CA ILE A 54 -1.59 -1.70 -5.65
C ILE A 54 -2.30 -2.91 -5.05
N GLN A 55 -2.86 -3.75 -5.92
CA GLN A 55 -3.59 -4.92 -5.46
C GLN A 55 -2.66 -5.90 -4.77
N SER A 56 -1.46 -6.05 -5.31
CA SER A 56 -0.46 -6.93 -4.70
C SER A 56 -0.11 -6.47 -3.27
N PHE A 57 -0.03 -5.15 -3.10
CA PHE A 57 0.29 -4.57 -1.80
C PHE A 57 -0.80 -4.89 -0.77
N ILE A 58 -2.05 -4.81 -1.22
CA ILE A 58 -3.18 -5.11 -0.34
C ILE A 58 -3.32 -6.60 -0.13
N GLU A 59 -3.38 -7.33 -1.24
CA GLU A 59 -3.65 -8.76 -1.23
C GLU A 59 -2.45 -9.55 -0.68
N ARG A 60 -1.38 -8.84 -0.35
CA ARG A 60 -0.26 -9.43 0.37
C ARG A 60 -0.74 -10.12 1.65
N ASP A 61 -1.88 -9.66 2.15
CA ASP A 61 -2.48 -10.25 3.35
C ASP A 61 -2.84 -11.71 3.10
N ASP A 62 -3.20 -12.02 1.86
CA ASP A 62 -3.60 -13.38 1.50
C ASP A 62 -2.41 -14.31 1.49
N THR A 63 -1.26 -13.77 1.14
CA THR A 63 -0.01 -14.53 1.20
C THR A 63 0.29 -14.90 2.65
N GLU A 64 -0.05 -14.00 3.56
CA GLU A 64 0.14 -14.22 4.98
C GLU A 64 -0.96 -15.13 5.52
N LEU A 65 -2.17 -14.92 5.02
CA LEU A 65 -3.32 -15.74 5.38
C LEU A 65 -3.10 -17.18 4.91
N ASP A 66 -2.37 -17.34 3.80
CA ASP A 66 -2.07 -18.65 3.26
C ASP A 66 -1.28 -19.50 4.25
N GLU A 67 -0.41 -18.85 5.03
CA GLU A 67 0.34 -19.58 6.05
C GLU A 67 -0.60 -20.08 7.15
N LEU A 68 -1.68 -19.35 7.40
CA LEU A 68 -2.69 -19.79 8.35
C LEU A 68 -3.49 -20.94 7.76
N LYS A 69 -3.75 -20.86 6.46
CA LYS A 69 -4.41 -21.94 5.73
C LYS A 69 -3.52 -23.17 5.70
N LYS A 70 -2.22 -22.94 5.80
CA LYS A 70 -1.23 -24.00 5.79
C LYS A 70 -1.22 -24.74 7.13
N LYS A 71 -1.21 -23.98 8.21
CA LYS A 71 -1.13 -24.53 9.56
C LYS A 71 -2.45 -25.18 9.96
N ARG A 72 -3.45 -25.01 9.11
CA ARG A 72 -4.73 -25.69 9.27
C ARG A 72 -4.53 -27.21 9.28
N ARG A 73 -3.54 -27.67 8.51
CA ARG A 73 -3.25 -29.09 8.43
C ARG A 73 -2.46 -29.56 9.64
N SER A 74 -1.95 -28.61 10.40
CA SER A 74 -1.27 -28.92 11.66
C SER A 74 -2.29 -29.21 12.75
N ASN A 75 -3.57 -29.17 12.36
CA ASN A 75 -4.69 -29.48 13.24
C ASN A 75 -4.88 -28.36 14.24
N ARG A 76 -4.40 -27.18 13.86
CA ARG A 76 -4.50 -26.01 14.71
C ARG A 76 -4.68 -24.75 13.87
N PRO A 77 -5.91 -24.46 13.43
CA PRO A 77 -6.23 -23.24 12.73
C PRO A 77 -6.68 -22.13 13.68
N PRO A 78 -6.24 -20.89 13.43
CA PRO A 78 -6.64 -19.74 14.23
C PRO A 78 -8.08 -19.32 13.92
N SER A 79 -9.01 -19.87 14.68
CA SER A 79 -10.45 -19.68 14.45
C SER A 79 -10.81 -18.20 14.32
N ASN A 80 -10.26 -17.38 15.19
CA ASN A 80 -10.58 -15.96 15.22
C ASN A 80 -9.68 -15.16 14.29
N ARG A 81 -8.38 -15.36 14.40
CA ARG A 81 -7.40 -14.51 13.73
C ARG A 81 -7.37 -14.72 12.22
N GLN A 82 -7.72 -15.93 11.77
CA GLN A 82 -7.75 -16.21 10.34
C GLN A 82 -8.88 -15.42 9.68
N VAL A 83 -9.97 -15.24 10.41
CA VAL A 83 -11.09 -14.44 9.94
C VAL A 83 -10.74 -12.95 10.06
N LEU A 84 -10.19 -12.57 11.20
CA LEU A 84 -9.83 -11.18 11.47
C LEU A 84 -8.86 -10.64 10.42
N LEU A 85 -7.89 -11.47 10.04
CA LEU A 85 -6.91 -11.11 9.02
C LEU A 85 -7.62 -10.80 7.70
N GLN A 86 -8.57 -11.65 7.31
CA GLN A 86 -9.33 -11.46 6.08
C GLN A 86 -10.22 -10.23 6.18
N GLN A 87 -10.69 -9.92 7.38
CA GLN A 87 -11.56 -8.77 7.61
C GLN A 87 -10.80 -7.46 7.36
N ARG A 88 -9.51 -7.46 7.64
CA ARG A 88 -8.70 -6.27 7.39
C ARG A 88 -8.60 -6.03 5.89
N ARG A 89 -8.53 -7.12 5.13
CA ARG A 89 -8.51 -7.05 3.68
C ARG A 89 -9.75 -6.32 3.17
N ASP A 90 -10.90 -6.68 3.72
CA ASP A 90 -12.16 -6.05 3.34
C ASP A 90 -12.09 -4.54 3.55
N GLN A 91 -11.51 -4.14 4.68
CA GLN A 91 -11.33 -2.73 4.99
C GLN A 91 -10.37 -2.05 4.01
N GLU A 92 -9.23 -2.69 3.77
CA GLU A 92 -8.22 -2.13 2.88
C GLU A 92 -8.75 -2.02 1.46
N LEU A 93 -9.47 -3.04 1.01
CA LEU A 93 -10.09 -3.03 -0.31
C LEU A 93 -11.17 -1.96 -0.39
N LYS A 94 -11.83 -1.70 0.74
CA LYS A 94 -12.88 -0.70 0.80
C LYS A 94 -12.29 0.70 0.65
N GLU A 95 -11.10 0.89 1.21
CA GLU A 95 -10.38 2.16 1.09
C GLU A 95 -9.88 2.33 -0.34
N PHE A 96 -9.44 1.23 -0.94
CA PHE A 96 -9.05 1.21 -2.34
C PHE A 96 -10.23 1.51 -3.24
N LYS A 97 -11.38 0.96 -2.88
CA LYS A 97 -12.63 1.17 -3.59
C LYS A 97 -13.09 2.63 -3.46
N ALA A 98 -12.58 3.30 -2.44
CA ALA A 98 -12.90 4.70 -2.21
C ALA A 98 -11.79 5.59 -2.73
N GLY A 99 -10.94 5.04 -3.58
CA GLY A 99 -9.83 5.78 -4.11
C GLY A 99 -8.60 5.66 -3.25
N PHE A 100 -7.74 4.70 -3.59
CA PHE A 100 -6.53 4.45 -2.83
C PHE A 100 -5.50 5.54 -3.13
N LEU A 101 -4.73 5.93 -2.13
CA LEU A 101 -3.71 6.97 -2.31
C LEU A 101 -2.54 6.39 -3.09
N CYS A 102 -2.56 6.58 -4.40
CA CYS A 102 -1.56 6.00 -5.27
C CYS A 102 -0.96 7.07 -6.17
N PRO A 103 0.33 6.95 -6.50
CA PRO A 103 0.96 7.78 -7.51
C PRO A 103 0.35 7.47 -8.88
N ASP A 104 0.34 8.46 -9.76
CA ASP A 104 -0.17 8.25 -11.11
C ASP A 104 0.69 7.22 -11.84
N LEU A 105 1.97 7.20 -11.45
CA LEU A 105 2.92 6.17 -11.87
C LEU A 105 3.35 6.33 -13.33
N SER A 106 2.84 7.38 -13.99
CA SER A 106 3.17 7.63 -15.38
C SER A 106 3.93 8.95 -15.55
N ASP A 107 3.93 9.77 -14.51
CA ASP A 107 4.67 11.01 -14.51
C ASP A 107 6.13 10.77 -14.15
N ALA A 108 7.03 11.11 -15.06
CA ALA A 108 8.46 10.79 -14.88
C ALA A 108 9.10 11.66 -13.80
N LYS A 109 8.47 12.79 -13.48
CA LYS A 109 8.96 13.64 -12.41
C LYS A 109 8.63 12.97 -11.09
N ASN A 110 7.37 12.57 -10.97
CA ASN A 110 6.88 11.84 -9.81
C ASN A 110 7.65 10.55 -9.62
N MET A 111 7.87 9.82 -10.70
CA MET A 111 8.59 8.55 -10.65
C MET A 111 10.03 8.74 -10.22
N GLU A 112 10.63 9.88 -10.53
CA GLU A 112 12.01 10.13 -10.15
C GLU A 112 12.09 10.51 -8.68
N PHE A 113 11.12 11.28 -8.21
CA PHE A 113 10.98 11.58 -6.79
C PHE A 113 10.71 10.29 -6.02
N LEU A 114 9.88 9.44 -6.61
CA LEU A 114 9.56 8.13 -6.06
C LEU A 114 10.83 7.30 -5.90
N ARG A 115 11.75 7.46 -6.85
CA ARG A 115 13.05 6.77 -6.80
C ARG A 115 13.93 7.35 -5.69
N ASN A 116 13.76 8.63 -5.42
CA ASN A 116 14.62 9.35 -4.49
C ASN A 116 14.00 9.45 -3.10
N TRP A 117 13.03 8.61 -2.83
CA TRP A 117 12.39 8.56 -1.51
C TRP A 117 13.35 7.94 -0.49
N ASN A 118 13.96 8.79 0.33
CA ASN A 118 14.91 8.34 1.34
C ASN A 118 14.20 8.10 2.67
N GLY A 119 12.98 7.60 2.60
CA GLY A 119 12.18 7.44 3.80
C GLY A 119 11.77 8.78 4.35
N THR A 120 11.44 9.70 3.47
CA THR A 120 11.13 11.06 3.83
C THR A 120 9.61 11.26 3.91
N PHE A 121 9.16 11.85 5.01
CA PHE A 121 7.73 12.07 5.23
C PHE A 121 7.25 13.28 4.44
N GLY A 122 8.07 14.32 4.40
CA GLY A 122 7.72 15.50 3.63
C GLY A 122 7.66 15.22 2.15
N LEU A 123 8.41 14.23 1.71
CA LEU A 123 8.46 13.84 0.31
C LEU A 123 7.11 13.24 -0.12
N LEU A 124 6.35 12.79 0.87
CA LEU A 124 5.05 12.16 0.60
C LEU A 124 4.00 13.22 0.28
N ASN A 125 4.40 14.48 0.35
CA ASN A 125 3.52 15.58 -0.01
C ASN A 125 3.96 16.17 -1.35
N THR A 126 5.23 15.96 -1.69
CA THR A 126 5.79 16.48 -2.93
C THR A 126 5.58 15.50 -4.08
N LEU A 127 5.19 14.28 -3.74
CA LEU A 127 4.91 13.26 -4.72
C LEU A 127 3.56 13.52 -5.38
N ARG A 128 3.41 13.04 -6.61
CA ARG A 128 2.17 13.19 -7.35
C ARG A 128 1.20 12.08 -6.95
N LEU A 129 0.66 12.21 -5.76
CA LEU A 129 -0.23 11.22 -5.19
C LEU A 129 -1.68 11.63 -5.39
N ILE A 130 -2.46 10.72 -5.95
CA ILE A 130 -3.87 10.96 -6.19
C ILE A 130 -4.70 9.81 -5.62
N ARG A 131 -6.00 9.90 -5.78
CA ARG A 131 -6.88 8.82 -5.37
C ARG A 131 -7.27 7.98 -6.57
N ILE A 132 -6.86 6.72 -6.55
CA ILE A 132 -7.06 5.83 -7.68
C ILE A 132 -8.01 4.68 -7.31
N ASN A 133 -8.99 4.44 -8.16
CA ASN A 133 -9.95 3.36 -7.93
C ASN A 133 -9.81 2.25 -8.97
N ASP A 134 -9.83 1.02 -8.48
CA ASP A 134 -9.93 -0.19 -9.31
C ASP A 134 -8.82 -0.32 -10.36
N LYS A 135 -9.06 0.16 -11.58
CA LYS A 135 -8.13 -0.09 -12.69
C LYS A 135 -7.25 1.12 -12.97
N GLY A 136 -7.22 2.05 -12.05
CA GLY A 136 -6.48 3.27 -12.29
C GLY A 136 -7.40 4.41 -12.62
N GLU A 137 -8.58 4.39 -12.04
CA GLU A 137 -9.59 5.40 -12.33
C GLU A 137 -9.37 6.62 -11.44
N GLN A 138 -9.59 7.79 -12.02
CA GLN A 138 -9.37 9.05 -11.33
C GLN A 138 -10.51 9.35 -10.36
N VAL A 139 -10.22 9.34 -9.08
CA VAL A 139 -11.21 9.65 -8.07
C VAL A 139 -11.16 11.13 -7.70
N VAL A 140 -12.23 11.84 -8.00
CA VAL A 140 -12.36 13.25 -7.68
C VAL A 140 -13.60 13.49 -6.82
N GLY A 141 -13.54 14.50 -5.98
CA GLY A 141 -14.67 14.82 -5.13
C GLY A 141 -15.82 15.45 -5.90
N GLY A 142 -15.48 16.11 -7.00
CA GLY A 142 -16.48 16.77 -7.80
C GLY A 142 -16.14 18.21 -8.07
N ASN A 143 -15.36 18.44 -9.11
CA ASN A 143 -14.92 19.78 -9.44
C ASN A 143 -15.51 20.23 -10.77
N GLU A 144 -16.38 19.41 -11.33
CA GLU A 144 -17.03 19.71 -12.60
C GLU A 144 -18.37 19.00 -12.68
N MET A 4 35.90 1.25 25.16
CA MET A 4 36.01 0.78 26.56
C MET A 4 34.89 1.36 27.43
N ARG A 5 34.64 2.66 27.30
CA ARG A 5 33.70 3.35 28.17
C ARG A 5 32.35 3.58 27.51
N GLU A 6 32.03 2.80 26.48
CA GLU A 6 30.79 3.03 25.74
C GLU A 6 30.11 1.71 25.38
N ASP A 7 28.85 1.81 24.98
CA ASP A 7 28.14 0.67 24.40
C ASP A 7 28.65 0.42 22.99
N LYS A 8 28.88 -0.83 22.66
CA LYS A 8 29.36 -1.19 21.33
C LYS A 8 28.27 -0.96 20.30
N ILE A 9 27.04 -1.30 20.66
CA ILE A 9 25.88 -0.99 19.84
C ILE A 9 24.92 -0.13 20.66
N ALA A 10 25.02 1.18 20.48
CA ALA A 10 24.22 2.12 21.24
C ALA A 10 23.02 2.59 20.45
N ALA A 11 23.26 3.07 19.24
CA ALA A 11 22.17 3.57 18.40
C ALA A 11 21.23 2.45 18.00
N LYS A 12 21.79 1.25 17.86
CA LYS A 12 21.02 0.09 17.43
C LYS A 12 20.66 -0.79 18.62
N LYS A 13 20.76 -0.22 19.82
CA LYS A 13 20.40 -0.93 21.04
C LYS A 13 18.89 -0.82 21.27
N LYS A 14 18.28 0.10 20.55
CA LYS A 14 16.85 0.33 20.65
C LYS A 14 16.16 0.06 19.33
N LEU A 15 15.07 -0.70 19.38
CA LEU A 15 14.35 -1.08 18.18
C LEU A 15 13.50 0.08 17.67
N HIS A 16 13.79 0.51 16.45
CA HIS A 16 13.04 1.59 15.83
C HIS A 16 12.11 1.03 14.76
N GLN A 17 10.86 0.84 15.10
CA GLN A 17 9.89 0.27 14.17
C GLN A 17 9.15 1.35 13.39
N ASP A 18 8.81 1.04 12.16
CA ASP A 18 7.99 1.93 11.35
C ASP A 18 6.56 1.41 11.31
N LYS A 19 5.68 2.09 12.02
CA LYS A 19 4.32 1.62 12.20
C LYS A 19 3.39 2.20 11.13
N ARG A 20 3.84 3.27 10.49
CA ARG A 20 3.06 3.91 9.43
C ARG A 20 3.46 3.33 8.08
N VAL A 21 4.24 2.24 8.11
CA VAL A 21 4.72 1.58 6.89
C VAL A 21 3.57 1.10 6.01
N HIS A 22 2.36 1.09 6.58
CA HIS A 22 1.16 0.72 5.83
C HIS A 22 1.04 1.58 4.56
N GLU A 23 1.55 2.80 4.63
CA GLU A 23 1.51 3.70 3.49
C GLU A 23 2.82 3.63 2.71
N LEU A 24 3.93 3.46 3.41
CA LEU A 24 5.24 3.58 2.80
C LEU A 24 5.68 2.30 2.10
N ALA A 25 5.17 1.16 2.56
CA ALA A 25 5.52 -0.13 1.96
C ALA A 25 5.22 -0.14 0.47
N ARG A 26 4.20 0.62 0.08
CA ARG A 26 3.76 0.67 -1.30
C ARG A 26 4.72 1.51 -2.14
N VAL A 27 5.26 2.56 -1.53
CA VAL A 27 6.17 3.47 -2.20
C VAL A 27 7.54 2.82 -2.35
N LYS A 28 7.97 2.14 -1.31
CA LYS A 28 9.27 1.48 -1.30
C LYS A 28 9.28 0.32 -2.31
N PHE A 29 8.15 -0.37 -2.44
CA PHE A 29 8.02 -1.43 -3.41
C PHE A 29 8.22 -0.90 -4.83
N MET A 30 7.54 0.19 -5.15
CA MET A 30 7.67 0.81 -6.46
C MET A 30 9.12 1.22 -6.72
N GLN A 31 9.77 1.77 -5.70
CA GLN A 31 11.17 2.18 -5.81
C GLN A 31 12.06 0.98 -6.13
N ASP A 32 11.83 -0.12 -5.43
CA ASP A 32 12.62 -1.33 -5.62
C ASP A 32 12.47 -1.86 -7.04
N VAL A 33 11.25 -1.89 -7.53
CA VAL A 33 10.95 -2.48 -8.83
C VAL A 33 11.54 -1.66 -9.98
N VAL A 34 11.49 -0.34 -9.88
CA VAL A 34 12.00 0.52 -10.95
C VAL A 34 13.52 0.54 -10.97
N ASN A 35 14.14 0.32 -9.81
CA ASN A 35 15.59 0.26 -9.71
C ASN A 35 16.11 -1.11 -10.07
N SER A 36 15.22 -2.09 -10.00
CA SER A 36 15.57 -3.46 -10.34
C SER A 36 15.30 -3.70 -11.81
N ASP A 37 15.92 -4.72 -12.38
CA ASP A 37 15.75 -5.05 -13.79
C ASP A 37 14.37 -5.65 -14.03
N THR A 38 13.62 -5.86 -12.95
CA THR A 38 12.24 -6.30 -13.03
C THR A 38 11.43 -5.39 -13.95
N PHE A 39 11.41 -4.10 -13.65
CA PHE A 39 10.64 -3.15 -14.44
C PHE A 39 11.41 -1.87 -14.74
N LYS A 40 12.74 -1.94 -14.74
CA LYS A 40 13.54 -0.77 -15.10
C LYS A 40 13.32 -0.41 -16.58
N GLY A 41 12.69 -1.34 -17.31
CA GLY A 41 12.36 -1.10 -18.70
C GLY A 41 11.26 -0.08 -18.86
N GLN A 42 10.49 0.14 -17.80
CA GLN A 42 9.44 1.15 -17.81
C GLN A 42 9.75 2.23 -16.78
N PRO A 43 10.35 3.36 -17.22
CA PRO A 43 10.60 4.50 -16.35
C PRO A 43 9.31 5.10 -15.82
N ILE A 44 8.25 4.94 -16.62
CA ILE A 44 6.93 5.41 -16.25
C ILE A 44 5.95 4.25 -16.31
N PHE A 45 5.17 4.08 -15.26
CA PHE A 45 4.22 2.98 -15.21
C PHE A 45 2.87 3.36 -15.78
N ASP A 46 2.26 2.43 -16.48
CA ASP A 46 0.89 2.57 -16.95
C ASP A 46 -0.07 2.18 -15.84
N HIS A 47 -1.35 2.39 -16.06
CA HIS A 47 -2.34 2.20 -15.01
C HIS A 47 -2.82 0.75 -14.94
N ALA A 48 -2.52 -0.02 -15.97
CA ALA A 48 -2.78 -1.45 -15.95
C ALA A 48 -1.83 -2.11 -14.96
N HIS A 49 -0.54 -1.78 -15.09
CA HIS A 49 0.46 -2.24 -14.14
C HIS A 49 0.25 -1.57 -12.79
N THR A 50 -0.41 -0.42 -12.79
CA THR A 50 -0.81 0.21 -11.54
C THR A 50 -1.71 -0.74 -10.74
N ARG A 51 -2.79 -1.21 -11.38
CA ARG A 51 -3.71 -2.12 -10.72
C ARG A 51 -2.98 -3.40 -10.31
N GLU A 52 -2.09 -3.85 -11.19
CA GLU A 52 -1.27 -5.03 -10.94
C GLU A 52 -0.46 -4.86 -9.66
N PHE A 53 0.22 -3.73 -9.54
CA PHE A 53 1.04 -3.43 -8.37
C PHE A 53 0.19 -3.20 -7.13
N ILE A 54 -0.87 -2.40 -7.27
CA ILE A 54 -1.75 -2.09 -6.14
C ILE A 54 -2.35 -3.37 -5.56
N GLN A 55 -2.90 -4.20 -6.42
CA GLN A 55 -3.55 -5.44 -5.99
C GLN A 55 -2.54 -6.38 -5.37
N SER A 56 -1.32 -6.38 -5.90
CA SER A 56 -0.26 -7.26 -5.37
C SER A 56 0.12 -6.84 -3.95
N PHE A 57 0.04 -5.54 -3.69
CA PHE A 57 0.31 -5.00 -2.36
C PHE A 57 -0.72 -5.55 -1.36
N ILE A 58 -1.99 -5.50 -1.74
CA ILE A 58 -3.07 -6.01 -0.90
C ILE A 58 -3.07 -7.56 -0.92
N GLU A 59 -2.40 -8.11 -1.91
CA GLU A 59 -2.32 -9.56 -2.08
C GLU A 59 -1.26 -10.14 -1.14
N ARG A 60 -0.32 -9.30 -0.72
CA ARG A 60 0.74 -9.72 0.20
C ARG A 60 0.15 -10.24 1.52
N ASP A 61 -1.07 -9.81 1.83
CA ASP A 61 -1.73 -10.27 3.05
C ASP A 61 -2.11 -11.75 2.96
N ASP A 62 -1.96 -12.34 1.77
CA ASP A 62 -2.18 -13.77 1.62
C ASP A 62 -1.09 -14.52 2.37
N THR A 63 0.09 -13.90 2.45
CA THR A 63 1.21 -14.46 3.17
C THR A 63 0.88 -14.58 4.66
N GLU A 64 0.17 -13.57 5.17
CA GLU A 64 -0.25 -13.55 6.56
C GLU A 64 -1.31 -14.62 6.79
N LEU A 65 -2.28 -14.68 5.90
CA LEU A 65 -3.36 -15.65 5.99
C LEU A 65 -2.82 -17.07 5.85
N ASP A 66 -1.78 -17.23 5.04
CA ASP A 66 -1.14 -18.52 4.84
C ASP A 66 -0.57 -19.04 6.14
N GLU A 67 0.09 -18.18 6.90
CA GLU A 67 0.68 -18.58 8.17
C GLU A 67 -0.41 -18.88 9.20
N LEU A 68 -1.56 -18.24 9.06
CA LEU A 68 -2.70 -18.55 9.91
C LEU A 68 -3.20 -19.96 9.61
N LYS A 69 -3.04 -20.37 8.36
CA LYS A 69 -3.39 -21.70 7.90
C LYS A 69 -2.28 -22.70 8.26
N LYS A 70 -1.15 -22.15 8.67
CA LYS A 70 0.03 -22.96 8.97
C LYS A 70 0.18 -23.21 10.47
N LYS A 71 -0.24 -22.25 11.29
CA LYS A 71 -0.07 -22.32 12.74
C LYS A 71 -1.10 -23.25 13.38
N ARG A 72 -1.99 -23.80 12.57
CA ARG A 72 -2.89 -24.86 12.97
C ARG A 72 -3.00 -25.87 11.83
N ARG A 73 -3.65 -26.99 12.07
CA ARG A 73 -3.83 -27.96 11.00
C ARG A 73 -4.87 -27.45 10.01
N SER A 74 -4.62 -27.69 8.73
CA SER A 74 -5.42 -27.13 7.64
C SER A 74 -6.90 -27.52 7.75
N ASN A 75 -7.20 -28.55 8.53
CA ASN A 75 -8.57 -29.01 8.69
C ASN A 75 -9.42 -27.94 9.33
N ARG A 76 -8.84 -27.24 10.30
CA ARG A 76 -9.52 -26.12 10.93
C ARG A 76 -8.52 -25.15 11.56
N PRO A 77 -8.04 -24.17 10.78
CA PRO A 77 -7.20 -23.09 11.28
C PRO A 77 -8.02 -22.03 12.01
N PRO A 78 -7.40 -20.97 12.56
CA PRO A 78 -8.10 -19.87 13.23
C PRO A 78 -9.28 -19.35 12.44
N SER A 79 -10.48 -19.76 12.83
CA SER A 79 -11.70 -19.35 12.15
C SER A 79 -11.95 -17.87 12.37
N ASN A 80 -11.49 -17.35 13.51
CA ASN A 80 -11.71 -15.95 13.85
C ASN A 80 -10.64 -15.06 13.27
N ARG A 81 -9.38 -15.51 13.34
CA ARG A 81 -8.26 -14.68 12.91
C ARG A 81 -8.22 -14.52 11.40
N GLN A 82 -8.67 -15.53 10.66
CA GLN A 82 -8.77 -15.42 9.21
C GLN A 82 -9.81 -14.37 8.84
N VAL A 83 -10.91 -14.34 9.60
CA VAL A 83 -11.96 -13.36 9.37
C VAL A 83 -11.49 -11.97 9.80
N LEU A 84 -10.79 -11.92 10.92
CA LEU A 84 -10.24 -10.67 11.45
C LEU A 84 -9.28 -10.05 10.44
N LEU A 85 -8.47 -10.90 9.81
CA LEU A 85 -7.55 -10.46 8.78
C LEU A 85 -8.33 -10.02 7.54
N GLN A 86 -9.33 -10.81 7.16
CA GLN A 86 -10.19 -10.49 6.03
C GLN A 86 -10.85 -9.12 6.22
N GLN A 87 -11.27 -8.83 7.45
CA GLN A 87 -11.91 -7.56 7.76
C GLN A 87 -10.99 -6.38 7.48
N ARG A 88 -9.70 -6.54 7.77
CA ARG A 88 -8.75 -5.47 7.50
C ARG A 88 -8.48 -5.39 6.00
N ARG A 89 -8.43 -6.55 5.36
CA ARG A 89 -8.15 -6.63 3.93
C ARG A 89 -9.30 -6.05 3.13
N ASP A 90 -10.53 -6.25 3.62
CA ASP A 90 -11.71 -5.65 3.01
C ASP A 90 -11.65 -4.13 3.14
N GLN A 91 -11.16 -3.68 4.28
CA GLN A 91 -10.98 -2.26 4.55
C GLN A 91 -10.04 -1.64 3.50
N GLU A 92 -9.00 -2.38 3.15
CA GLU A 92 -8.05 -1.95 2.13
C GLU A 92 -8.76 -1.79 0.80
N LEU A 93 -9.57 -2.78 0.44
CA LEU A 93 -10.33 -2.76 -0.80
C LEU A 93 -11.35 -1.62 -0.78
N LYS A 94 -11.94 -1.40 0.38
CA LYS A 94 -12.86 -0.29 0.59
C LYS A 94 -12.19 1.03 0.25
N GLU A 95 -10.98 1.22 0.75
CA GLU A 95 -10.24 2.45 0.54
C GLU A 95 -9.79 2.54 -0.92
N PHE A 96 -9.43 1.41 -1.49
CA PHE A 96 -9.01 1.34 -2.89
C PHE A 96 -10.16 1.69 -3.83
N LYS A 97 -11.32 1.10 -3.59
CA LYS A 97 -12.48 1.31 -4.44
C LYS A 97 -13.00 2.74 -4.30
N ALA A 98 -12.66 3.37 -3.19
CA ALA A 98 -13.03 4.76 -2.96
C ALA A 98 -11.90 5.69 -3.40
N GLY A 99 -10.86 5.11 -3.98
CA GLY A 99 -9.71 5.89 -4.39
C GLY A 99 -8.55 5.74 -3.44
N PHE A 100 -7.71 4.75 -3.69
CA PHE A 100 -6.56 4.48 -2.84
C PHE A 100 -5.44 5.47 -3.13
N LEU A 101 -4.74 5.91 -2.10
CA LEU A 101 -3.70 6.92 -2.24
C LEU A 101 -2.45 6.34 -2.89
N CYS A 102 -2.37 6.46 -4.21
CA CYS A 102 -1.22 5.98 -4.96
C CYS A 102 -0.69 7.08 -5.87
N PRO A 103 0.57 6.98 -6.31
CA PRO A 103 1.15 7.93 -7.25
C PRO A 103 0.51 7.82 -8.63
N ASP A 104 0.41 8.94 -9.34
CA ASP A 104 -0.11 8.96 -10.71
C ASP A 104 0.63 7.96 -11.57
N LEU A 105 1.95 7.85 -11.30
CA LEU A 105 2.85 6.95 -11.99
C LEU A 105 3.15 7.39 -13.42
N SER A 106 2.23 8.12 -14.02
CA SER A 106 2.35 8.54 -15.41
C SER A 106 3.15 9.83 -15.53
N ASP A 107 3.87 10.15 -14.47
CA ASP A 107 4.68 11.35 -14.44
C ASP A 107 6.12 11.02 -14.06
N ALA A 108 7.06 11.62 -14.77
CA ALA A 108 8.47 11.31 -14.60
C ALA A 108 9.05 11.94 -13.33
N LYS A 109 8.50 13.08 -12.93
CA LYS A 109 8.96 13.74 -11.72
C LYS A 109 8.35 13.07 -10.51
N ASN A 110 7.13 12.58 -10.68
CA ASN A 110 6.51 11.74 -9.66
C ASN A 110 7.39 10.51 -9.42
N MET A 111 7.76 9.83 -10.51
CA MET A 111 8.68 8.70 -10.41
C MET A 111 10.04 9.14 -9.86
N GLU A 112 10.44 10.38 -10.12
CA GLU A 112 11.70 10.90 -9.59
C GLU A 112 11.65 10.97 -8.07
N PHE A 113 10.62 11.63 -7.54
CA PHE A 113 10.43 11.71 -6.10
C PHE A 113 10.32 10.32 -5.49
N LEU A 114 9.62 9.43 -6.20
CA LEU A 114 9.42 8.06 -5.75
C LEU A 114 10.75 7.30 -5.74
N ARG A 115 11.59 7.57 -6.73
CA ARG A 115 12.90 6.92 -6.82
C ARG A 115 13.87 7.45 -5.77
N ASN A 116 13.85 8.76 -5.56
CA ASN A 116 14.77 9.40 -4.62
C ASN A 116 14.21 9.37 -3.21
N TRP A 117 13.10 8.66 -3.03
CA TRP A 117 12.44 8.54 -1.75
C TRP A 117 13.30 7.73 -0.76
N ASN A 118 13.31 8.13 0.49
CA ASN A 118 14.05 7.44 1.53
C ASN A 118 13.14 7.12 2.69
N GLY A 119 13.70 6.68 3.81
CA GLY A 119 12.90 6.34 4.97
C GLY A 119 12.36 7.56 5.70
N THR A 120 11.54 8.34 5.00
CA THR A 120 10.94 9.52 5.57
C THR A 120 9.44 9.54 5.28
N PHE A 121 8.64 9.25 6.31
CA PHE A 121 7.19 9.20 6.17
C PHE A 121 6.60 10.60 5.94
N GLY A 122 7.39 11.63 6.24
CA GLY A 122 6.95 12.99 6.00
C GLY A 122 6.97 13.35 4.52
N LEU A 123 7.57 12.48 3.71
CA LEU A 123 7.67 12.72 2.28
C LEU A 123 6.40 12.27 1.56
N LEU A 124 5.44 11.74 2.30
CA LEU A 124 4.19 11.32 1.69
C LEU A 124 3.29 12.52 1.43
N ASN A 125 3.67 13.65 2.01
CA ASN A 125 2.97 14.91 1.78
C ASN A 125 3.65 15.68 0.65
N THR A 126 4.93 15.42 0.46
CA THR A 126 5.69 16.04 -0.62
C THR A 126 5.45 15.29 -1.93
N LEU A 127 5.26 13.98 -1.81
CA LEU A 127 5.01 13.13 -2.96
C LEU A 127 3.70 13.49 -3.66
N ARG A 128 3.74 13.47 -4.98
CA ARG A 128 2.55 13.65 -5.79
C ARG A 128 1.72 12.37 -5.75
N LEU A 129 0.76 12.34 -4.85
CA LEU A 129 -0.09 11.17 -4.66
C LEU A 129 -1.54 11.53 -4.93
N ILE A 130 -2.24 10.65 -5.62
CA ILE A 130 -3.64 10.87 -5.94
C ILE A 130 -4.48 9.72 -5.42
N ARG A 131 -5.75 9.72 -5.78
CA ARG A 131 -6.63 8.62 -5.43
C ARG A 131 -6.89 7.78 -6.66
N ILE A 132 -6.50 6.52 -6.59
CA ILE A 132 -6.65 5.60 -7.72
C ILE A 132 -7.72 4.55 -7.42
N ASN A 133 -8.60 4.34 -8.39
CA ASN A 133 -9.73 3.45 -8.21
C ASN A 133 -9.80 2.41 -9.35
N ASP A 134 -10.22 1.21 -8.98
CA ASP A 134 -10.51 0.11 -9.92
C ASP A 134 -9.29 -0.35 -10.73
N LYS A 135 -8.93 0.41 -11.75
CA LYS A 135 -7.90 -0.02 -12.70
C LYS A 135 -6.91 1.09 -13.01
N GLY A 136 -6.58 1.88 -12.00
CA GLY A 136 -5.63 2.94 -12.20
C GLY A 136 -6.29 4.24 -12.59
N GLU A 137 -7.58 4.33 -12.35
CA GLU A 137 -8.33 5.52 -12.71
C GLU A 137 -8.14 6.60 -11.67
N GLN A 138 -7.96 7.83 -12.15
CA GLN A 138 -7.76 8.97 -11.26
C GLN A 138 -9.10 9.43 -10.71
N VAL A 139 -9.25 9.35 -9.39
CA VAL A 139 -10.49 9.70 -8.73
C VAL A 139 -10.62 11.20 -8.52
N VAL A 140 -11.55 11.81 -9.22
CA VAL A 140 -11.91 13.20 -8.99
C VAL A 140 -13.34 13.27 -8.51
N GLY A 141 -13.74 14.44 -8.02
CA GLY A 141 -15.11 14.60 -7.57
C GLY A 141 -15.94 15.34 -8.60
N GLY A 142 -16.93 16.06 -8.12
CA GLY A 142 -17.75 16.87 -9.01
C GLY A 142 -17.13 18.23 -9.22
N ASN A 143 -16.10 18.51 -8.44
CA ASN A 143 -15.38 19.78 -8.54
C ASN A 143 -14.30 19.67 -9.63
N GLU A 144 -13.76 18.45 -9.79
CA GLU A 144 -12.71 18.18 -10.75
C GLU A 144 -11.45 18.99 -10.42
N MET A 4 -9.58 39.99 3.99
CA MET A 4 -9.77 39.07 5.14
C MET A 4 -10.40 37.75 4.69
N ARG A 5 -10.47 37.53 3.39
CA ARG A 5 -11.03 36.29 2.85
C ARG A 5 -9.97 35.51 2.08
N GLU A 6 -8.73 36.00 2.16
CA GLU A 6 -7.61 35.34 1.51
C GLU A 6 -7.00 34.32 2.46
N ASP A 7 -7.60 34.17 3.62
CA ASP A 7 -7.11 33.27 4.65
C ASP A 7 -7.71 31.89 4.46
N LYS A 8 -6.88 30.86 4.58
CA LYS A 8 -7.33 29.50 4.37
C LYS A 8 -7.52 28.78 5.70
N ILE A 9 -8.75 28.80 6.20
CA ILE A 9 -9.11 28.13 7.43
C ILE A 9 -9.41 26.67 7.16
N ALA A 10 -8.90 25.79 8.00
CA ALA A 10 -9.08 24.35 7.82
C ALA A 10 -10.42 23.87 8.35
N ALA A 11 -10.73 22.62 8.11
CA ALA A 11 -11.97 22.02 8.58
C ALA A 11 -11.86 21.59 10.04
N LYS A 12 -13.00 21.30 10.65
CA LYS A 12 -13.04 20.95 12.06
C LYS A 12 -12.80 19.45 12.29
N LYS A 13 -11.88 18.89 11.51
CA LYS A 13 -11.54 17.47 11.63
C LYS A 13 -10.04 17.27 11.49
N LYS A 14 -9.52 16.30 12.23
CA LYS A 14 -8.13 15.89 12.09
C LYS A 14 -8.08 14.39 11.78
N LEU A 15 -6.90 13.90 11.43
CA LEU A 15 -6.75 12.51 11.03
C LEU A 15 -6.45 11.62 12.22
N HIS A 16 -5.99 12.24 13.31
CA HIS A 16 -5.63 11.53 14.54
C HIS A 16 -4.36 10.72 14.34
N GLN A 17 -3.70 10.95 13.21
CA GLN A 17 -2.48 10.24 12.82
C GLN A 17 -2.74 8.74 12.75
N ASP A 18 -3.74 8.36 11.97
CA ASP A 18 -4.09 6.96 11.78
C ASP A 18 -3.32 6.37 10.61
N LYS A 19 -2.55 7.23 9.96
CA LYS A 19 -1.76 6.85 8.79
C LYS A 19 -0.64 5.91 9.18
N ARG A 20 -0.64 4.72 8.59
CA ARG A 20 0.34 3.70 8.90
C ARG A 20 1.47 3.68 7.87
N VAL A 21 2.29 2.65 7.94
CA VAL A 21 3.35 2.42 6.96
C VAL A 21 2.87 1.46 5.89
N HIS A 22 1.64 0.99 6.02
CA HIS A 22 1.09 0.03 5.05
C HIS A 22 0.81 0.73 3.72
N GLU A 23 0.39 1.98 3.82
CA GLU A 23 0.19 2.83 2.66
C GLU A 23 1.51 3.43 2.20
N LEU A 24 2.45 3.59 3.13
CA LEU A 24 3.77 4.11 2.79
C LEU A 24 4.59 3.03 2.09
N ALA A 25 4.42 1.79 2.52
CA ALA A 25 5.07 0.64 1.91
C ALA A 25 4.64 0.48 0.45
N ARG A 26 3.51 1.08 0.10
CA ARG A 26 3.05 1.10 -1.29
C ARG A 26 4.10 1.77 -2.17
N VAL A 27 4.64 2.86 -1.66
CA VAL A 27 5.69 3.60 -2.35
C VAL A 27 6.99 2.82 -2.33
N LYS A 28 7.31 2.22 -1.19
CA LYS A 28 8.54 1.44 -1.05
C LYS A 28 8.55 0.26 -2.01
N PHE A 29 7.41 -0.40 -2.16
CA PHE A 29 7.29 -1.50 -3.11
C PHE A 29 7.60 -1.00 -4.52
N MET A 30 7.00 0.13 -4.88
CA MET A 30 7.22 0.72 -6.20
C MET A 30 8.70 1.05 -6.38
N GLN A 31 9.28 1.71 -5.38
CA GLN A 31 10.70 2.06 -5.41
C GLN A 31 11.55 0.82 -5.62
N ASP A 32 11.24 -0.22 -4.86
CA ASP A 32 11.96 -1.48 -4.93
C ASP A 32 11.85 -2.08 -6.33
N VAL A 33 10.64 -2.08 -6.87
CA VAL A 33 10.39 -2.62 -8.20
C VAL A 33 11.12 -1.83 -9.28
N VAL A 34 11.12 -0.51 -9.18
CA VAL A 34 11.82 0.34 -10.13
C VAL A 34 13.32 0.05 -10.10
N ASN A 35 13.83 -0.23 -8.92
CA ASN A 35 15.24 -0.49 -8.74
C ASN A 35 15.53 -1.99 -8.80
N SER A 36 14.49 -2.76 -9.06
CA SER A 36 14.64 -4.19 -9.29
C SER A 36 14.63 -4.45 -10.78
N ASP A 37 15.31 -5.50 -11.21
CA ASP A 37 15.37 -5.84 -12.61
C ASP A 37 14.03 -6.37 -13.09
N THR A 38 13.11 -6.50 -12.14
CA THR A 38 11.73 -6.85 -12.44
C THR A 38 11.11 -5.81 -13.39
N PHE A 39 11.35 -4.53 -13.11
CA PHE A 39 10.87 -3.44 -13.95
C PHE A 39 11.96 -2.38 -14.10
N LYS A 40 13.20 -2.85 -14.04
CA LYS A 40 14.39 -2.01 -14.15
C LYS A 40 14.37 -1.11 -15.39
N GLY A 41 13.81 -1.63 -16.47
CA GLY A 41 13.79 -0.91 -17.72
C GLY A 41 12.52 -0.13 -17.94
N GLN A 42 11.74 0.05 -16.88
CA GLN A 42 10.50 0.81 -16.98
C GLN A 42 10.59 2.06 -16.10
N PRO A 43 10.99 3.20 -16.70
CA PRO A 43 11.11 4.48 -15.98
C PRO A 43 9.78 4.96 -15.42
N ILE A 44 8.75 4.95 -16.26
CA ILE A 44 7.42 5.35 -15.85
C ILE A 44 6.47 4.16 -15.93
N PHE A 45 5.48 4.12 -15.06
CA PHE A 45 4.57 3.00 -15.01
C PHE A 45 3.17 3.39 -15.47
N ASP A 46 2.66 2.62 -16.41
CA ASP A 46 1.31 2.82 -16.94
C ASP A 46 0.28 2.65 -15.83
N HIS A 47 -0.88 3.27 -16.01
CA HIS A 47 -1.99 3.08 -15.08
C HIS A 47 -2.42 1.61 -15.10
N ALA A 48 -2.15 0.94 -16.22
CA ALA A 48 -2.38 -0.50 -16.33
C ALA A 48 -1.41 -1.26 -15.43
N HIS A 49 -0.20 -0.76 -15.30
CA HIS A 49 0.79 -1.36 -14.41
C HIS A 49 0.44 -1.03 -12.96
N THR A 50 -0.02 0.20 -12.74
CA THR A 50 -0.56 0.59 -11.44
C THR A 50 -1.72 -0.33 -11.05
N ARG A 51 -2.65 -0.49 -11.99
CA ARG A 51 -3.78 -1.40 -11.88
C ARG A 51 -3.36 -2.75 -11.30
N GLU A 52 -2.35 -3.34 -11.91
CA GLU A 52 -1.89 -4.66 -11.54
C GLU A 52 -1.15 -4.63 -10.20
N PHE A 53 -0.30 -3.64 -10.01
CA PHE A 53 0.47 -3.52 -8.77
C PHE A 53 -0.42 -3.34 -7.55
N ILE A 54 -1.43 -2.48 -7.66
CA ILE A 54 -2.34 -2.24 -6.56
C ILE A 54 -3.07 -3.53 -6.18
N GLN A 55 -3.62 -4.20 -7.18
CA GLN A 55 -4.37 -5.43 -6.94
C GLN A 55 -3.46 -6.52 -6.38
N SER A 56 -2.27 -6.65 -6.96
CA SER A 56 -1.33 -7.69 -6.56
C SER A 56 -0.81 -7.44 -5.14
N PHE A 57 -0.67 -6.18 -4.76
CA PHE A 57 -0.23 -5.84 -3.41
C PHE A 57 -1.27 -6.32 -2.40
N ILE A 58 -2.54 -6.14 -2.75
CA ILE A 58 -3.64 -6.61 -1.93
C ILE A 58 -3.61 -8.13 -1.81
N GLU A 59 -3.33 -8.79 -2.93
CA GLU A 59 -3.27 -10.26 -2.97
C GLU A 59 -2.06 -10.79 -2.20
N ARG A 60 -1.07 -9.93 -1.96
CA ARG A 60 0.12 -10.32 -1.23
C ARG A 60 -0.20 -10.52 0.24
N ASP A 61 -1.18 -9.78 0.74
CA ASP A 61 -1.54 -9.87 2.15
C ASP A 61 -2.12 -11.23 2.47
N ASP A 62 -2.80 -11.81 1.49
CA ASP A 62 -3.35 -13.15 1.62
C ASP A 62 -2.23 -14.18 1.78
N THR A 63 -1.04 -13.82 1.33
CA THR A 63 0.12 -14.68 1.45
C THR A 63 0.63 -14.67 2.90
N GLU A 64 0.37 -13.57 3.61
CA GLU A 64 0.72 -13.50 5.03
C GLU A 64 -0.41 -14.17 5.82
N LEU A 65 -1.62 -14.03 5.29
CA LEU A 65 -2.79 -14.73 5.81
C LEU A 65 -2.60 -16.24 5.68
N ASP A 66 -1.88 -16.63 4.64
CA ASP A 66 -1.61 -18.03 4.35
C ASP A 66 -0.80 -18.66 5.46
N GLU A 67 0.05 -17.85 6.10
CA GLU A 67 0.82 -18.31 7.25
C GLU A 67 -0.11 -18.75 8.37
N LEU A 68 -1.21 -18.03 8.55
CA LEU A 68 -2.20 -18.36 9.57
C LEU A 68 -3.00 -19.59 9.16
N LYS A 69 -3.15 -19.78 7.85
CA LYS A 69 -3.88 -20.92 7.31
C LYS A 69 -3.14 -22.22 7.64
N LYS A 70 -1.84 -22.23 7.39
CA LYS A 70 -1.03 -23.43 7.58
C LYS A 70 -0.77 -23.72 9.06
N LYS A 71 -1.03 -22.75 9.93
CA LYS A 71 -0.93 -22.98 11.36
C LYS A 71 -2.07 -23.88 11.83
N ARG A 72 -3.10 -23.97 10.99
CA ARG A 72 -4.24 -24.84 11.28
C ARG A 72 -3.82 -26.30 11.12
N ARG A 73 -2.83 -26.55 10.28
CA ARG A 73 -2.26 -27.90 10.13
C ARG A 73 -1.43 -28.23 11.37
N SER A 74 -0.96 -27.20 12.05
CA SER A 74 -0.26 -27.37 13.31
C SER A 74 -1.27 -27.55 14.44
N ASN A 75 -2.55 -27.62 14.05
CA ASN A 75 -3.66 -27.86 14.97
C ASN A 75 -3.93 -26.60 15.78
N ARG A 76 -3.57 -25.46 15.22
CA ARG A 76 -3.89 -24.19 15.84
C ARG A 76 -4.77 -23.36 14.91
N PRO A 77 -6.09 -23.59 14.95
CA PRO A 77 -7.03 -22.84 14.14
C PRO A 77 -7.36 -21.46 14.74
N PRO A 78 -7.01 -20.39 14.02
CA PRO A 78 -7.31 -19.03 14.43
C PRO A 78 -8.68 -18.58 13.93
N SER A 79 -9.64 -18.48 14.84
CA SER A 79 -10.98 -18.05 14.47
C SER A 79 -10.99 -16.55 14.19
N ASN A 80 -10.89 -15.76 15.24
CA ASN A 80 -10.96 -14.31 15.12
C ASN A 80 -9.67 -13.74 14.56
N ARG A 81 -8.55 -14.36 14.93
CA ARG A 81 -7.23 -13.85 14.58
C ARG A 81 -7.00 -13.90 13.07
N GLN A 82 -7.61 -14.87 12.40
CA GLN A 82 -7.49 -14.98 10.96
C GLN A 82 -8.30 -13.89 10.28
N VAL A 83 -9.43 -13.54 10.89
CA VAL A 83 -10.28 -12.47 10.39
C VAL A 83 -9.56 -11.12 10.52
N LEU A 84 -8.86 -10.94 11.64
CA LEU A 84 -8.08 -9.73 11.89
C LEU A 84 -7.08 -9.47 10.76
N LEU A 85 -6.45 -10.54 10.26
CA LEU A 85 -5.54 -10.43 9.13
C LEU A 85 -6.33 -10.06 7.88
N GLN A 86 -7.36 -10.84 7.59
CA GLN A 86 -8.18 -10.64 6.40
C GLN A 86 -8.68 -9.19 6.31
N GLN A 87 -9.02 -8.61 7.46
CA GLN A 87 -9.56 -7.26 7.52
C GLN A 87 -8.59 -6.22 6.97
N ARG A 88 -7.29 -6.52 6.99
CA ARG A 88 -6.30 -5.59 6.43
C ARG A 88 -6.72 -5.15 5.05
N ARG A 89 -6.77 -6.13 4.15
CA ARG A 89 -6.98 -5.83 2.75
C ARG A 89 -8.47 -5.87 2.43
N ASP A 90 -9.27 -6.29 3.41
CA ASP A 90 -10.73 -6.22 3.28
C ASP A 90 -11.17 -4.78 3.48
N GLN A 91 -10.49 -4.10 4.40
CA GLN A 91 -10.67 -2.66 4.56
C GLN A 91 -10.14 -1.95 3.33
N GLU A 92 -9.02 -2.43 2.81
CA GLU A 92 -8.46 -1.89 1.58
C GLU A 92 -9.44 -2.05 0.43
N LEU A 93 -10.23 -3.11 0.44
CA LEU A 93 -11.27 -3.31 -0.58
C LEU A 93 -12.40 -2.29 -0.41
N LYS A 94 -12.66 -1.93 0.83
CA LYS A 94 -13.68 -0.95 1.14
C LYS A 94 -13.29 0.42 0.58
N GLU A 95 -12.01 0.75 0.70
CA GLU A 95 -11.51 2.02 0.18
C GLU A 95 -11.19 1.88 -1.32
N PHE A 96 -10.90 0.66 -1.73
CA PHE A 96 -10.67 0.27 -3.12
C PHE A 96 -11.84 0.75 -3.99
N LYS A 97 -13.04 0.57 -3.46
CA LYS A 97 -14.27 0.98 -4.15
C LYS A 97 -14.32 2.49 -4.37
N ALA A 98 -13.70 3.25 -3.48
CA ALA A 98 -13.74 4.70 -3.54
C ALA A 98 -12.38 5.28 -3.89
N GLY A 99 -11.49 4.43 -4.36
CA GLY A 99 -10.15 4.86 -4.72
C GLY A 99 -9.21 4.81 -3.53
N PHE A 100 -8.09 4.11 -3.69
CA PHE A 100 -7.11 3.96 -2.63
C PHE A 100 -6.01 5.01 -2.81
N LEU A 101 -5.35 5.36 -1.71
CA LEU A 101 -4.27 6.34 -1.75
C LEU A 101 -3.00 5.73 -2.34
N CYS A 102 -2.78 5.99 -3.62
CA CYS A 102 -1.57 5.53 -4.30
C CYS A 102 -0.89 6.69 -5.02
N PRO A 103 0.45 6.69 -5.06
CA PRO A 103 1.21 7.74 -5.75
C PRO A 103 1.00 7.74 -7.27
N ASP A 104 1.12 8.92 -7.86
CA ASP A 104 0.94 9.07 -9.30
C ASP A 104 2.15 8.52 -10.04
N LEU A 105 1.95 7.40 -10.73
CA LEU A 105 3.04 6.75 -11.44
C LEU A 105 3.15 7.20 -12.88
N SER A 106 2.28 8.12 -13.29
CA SER A 106 2.25 8.56 -14.67
C SER A 106 3.01 9.87 -14.86
N ASP A 107 3.77 10.26 -13.84
CA ASP A 107 4.61 11.44 -13.92
C ASP A 107 6.04 11.11 -13.54
N ALA A 108 7.00 11.66 -14.28
CA ALA A 108 8.40 11.31 -14.09
C ALA A 108 9.00 11.99 -12.86
N LYS A 109 8.46 13.12 -12.45
CA LYS A 109 8.96 13.81 -11.27
C LYS A 109 8.45 13.11 -10.02
N ASN A 110 7.22 12.62 -10.09
CA ASN A 110 6.66 11.83 -9.01
C ASN A 110 7.44 10.55 -8.85
N MET A 111 7.74 9.88 -9.96
CA MET A 111 8.58 8.69 -9.94
C MET A 111 9.98 9.03 -9.43
N GLU A 112 10.44 10.24 -9.74
CA GLU A 112 11.74 10.70 -9.27
C GLU A 112 11.74 10.78 -7.75
N PHE A 113 10.75 11.43 -7.17
CA PHE A 113 10.62 11.53 -5.72
C PHE A 113 10.38 10.16 -5.10
N LEU A 114 9.67 9.31 -5.83
CA LEU A 114 9.38 7.96 -5.38
C LEU A 114 10.66 7.14 -5.33
N ARG A 115 11.53 7.30 -6.31
CA ARG A 115 12.79 6.58 -6.35
C ARG A 115 13.79 7.20 -5.39
N ASN A 116 13.71 8.52 -5.24
CA ASN A 116 14.59 9.25 -4.33
C ASN A 116 14.00 9.29 -2.92
N TRP A 117 13.07 8.37 -2.64
CA TRP A 117 12.46 8.29 -1.33
C TRP A 117 13.49 7.81 -0.31
N ASN A 118 13.85 8.71 0.60
CA ASN A 118 14.87 8.42 1.60
C ASN A 118 14.24 7.73 2.82
N GLY A 119 12.92 7.57 2.78
CA GLY A 119 12.23 6.94 3.88
C GLY A 119 11.62 7.94 4.84
N THR A 120 11.82 9.21 4.55
CA THR A 120 11.29 10.26 5.40
C THR A 120 9.82 10.55 5.07
N PHE A 121 9.04 10.80 6.11
CA PHE A 121 7.61 11.04 5.95
C PHE A 121 7.34 12.40 5.32
N GLY A 122 8.28 13.33 5.48
CA GLY A 122 8.14 14.64 4.87
C GLY A 122 8.10 14.59 3.36
N LEU A 123 8.70 13.55 2.81
CA LEU A 123 8.70 13.32 1.37
C LEU A 123 7.31 12.96 0.86
N LEU A 124 6.44 12.57 1.78
CA LEU A 124 5.08 12.18 1.40
C LEU A 124 4.21 13.40 1.21
N ASN A 125 4.74 14.56 1.58
CA ASN A 125 4.05 15.83 1.35
C ASN A 125 4.49 16.43 0.03
N THR A 126 5.64 15.97 -0.46
CA THR A 126 6.18 16.43 -1.73
C THR A 126 5.82 15.45 -2.85
N LEU A 127 5.78 14.18 -2.48
CA LEU A 127 5.38 13.11 -3.39
C LEU A 127 3.88 13.21 -3.65
N ARG A 128 3.50 13.19 -4.92
CA ARG A 128 2.10 13.27 -5.29
C ARG A 128 1.42 11.92 -5.17
N LEU A 129 0.79 11.69 -4.02
CA LEU A 129 -0.07 10.52 -3.84
C LEU A 129 -1.52 10.92 -4.04
N ILE A 130 -2.22 10.16 -4.85
CA ILE A 130 -3.58 10.51 -5.24
C ILE A 130 -4.55 9.37 -4.96
N ARG A 131 -5.77 9.53 -5.41
CA ARG A 131 -6.78 8.50 -5.27
C ARG A 131 -6.86 7.69 -6.56
N ILE A 132 -6.64 6.39 -6.45
CA ILE A 132 -6.74 5.53 -7.61
C ILE A 132 -7.83 4.49 -7.40
N ASN A 133 -8.80 4.49 -8.29
CA ASN A 133 -10.00 3.67 -8.14
C ASN A 133 -9.84 2.32 -8.81
N ASP A 134 -10.29 1.29 -8.10
CA ASP A 134 -10.35 -0.09 -8.60
C ASP A 134 -9.00 -0.54 -9.17
N LYS A 135 -8.83 -0.44 -10.48
CA LYS A 135 -7.63 -0.92 -11.11
C LYS A 135 -6.98 0.15 -11.97
N GLY A 136 -6.24 1.05 -11.32
CA GLY A 136 -5.45 2.03 -12.02
C GLY A 136 -6.26 3.14 -12.64
N GLU A 137 -7.46 3.38 -12.13
CA GLU A 137 -8.31 4.43 -12.67
C GLU A 137 -8.13 5.72 -11.88
N GLN A 138 -7.96 6.82 -12.59
CA GLN A 138 -7.68 8.11 -11.99
C GLN A 138 -8.86 8.66 -11.19
N VAL A 139 -8.59 9.10 -9.97
CA VAL A 139 -9.58 9.80 -9.16
C VAL A 139 -9.02 11.14 -8.69
N VAL A 140 -9.43 12.21 -9.35
CA VAL A 140 -9.09 13.55 -8.92
C VAL A 140 -10.12 14.03 -7.92
N GLY A 141 -11.38 13.87 -8.30
CA GLY A 141 -12.48 14.18 -7.41
C GLY A 141 -12.79 15.66 -7.32
N GLY A 142 -11.78 16.46 -6.97
CA GLY A 142 -12.00 17.86 -6.75
C GLY A 142 -12.77 18.11 -5.47
N ASN A 143 -12.31 17.45 -4.41
CA ASN A 143 -13.03 17.47 -3.15
C ASN A 143 -12.08 17.75 -1.99
N GLU A 144 -12.37 18.81 -1.26
CA GLU A 144 -11.68 19.12 -0.02
C GLU A 144 -12.61 19.90 0.89
N MET A 4 10.80 7.96 30.29
CA MET A 4 10.65 7.61 31.72
C MET A 4 10.43 6.11 31.84
N ARG A 5 9.17 5.70 31.76
CA ARG A 5 8.84 4.29 31.73
C ARG A 5 8.62 3.86 30.28
N GLU A 6 8.29 4.83 29.45
CA GLU A 6 8.10 4.60 28.03
C GLU A 6 9.29 5.18 27.26
N ASP A 7 9.63 4.54 26.14
CA ASP A 7 10.83 4.90 25.40
C ASP A 7 10.59 6.09 24.48
N LYS A 8 9.34 6.54 24.38
CA LYS A 8 9.00 7.63 23.48
C LYS A 8 8.32 8.77 24.24
N ILE A 9 8.43 9.97 23.69
CA ILE A 9 7.78 11.14 24.27
C ILE A 9 6.52 11.48 23.46
N ALA A 10 5.45 11.81 24.16
CA ALA A 10 4.20 12.18 23.51
C ALA A 10 4.24 13.64 23.07
N ALA A 11 3.81 13.89 21.85
CA ALA A 11 3.76 15.25 21.34
C ALA A 11 2.61 16.02 21.99
N LYS A 12 2.74 17.33 22.06
CA LYS A 12 1.73 18.17 22.70
C LYS A 12 0.63 18.54 21.72
N LYS A 13 0.79 18.09 20.49
CA LYS A 13 -0.24 18.26 19.47
C LYS A 13 -0.46 16.93 18.75
N LYS A 14 -1.71 16.51 18.69
CA LYS A 14 -2.05 15.22 18.13
C LYS A 14 -2.76 15.37 16.80
N LEU A 15 -2.11 14.91 15.73
CA LEU A 15 -2.70 14.96 14.41
C LEU A 15 -3.67 13.80 14.22
N HIS A 16 -4.65 13.99 13.33
CA HIS A 16 -5.65 12.96 13.07
C HIS A 16 -5.03 11.80 12.31
N GLN A 17 -3.96 12.07 11.59
CA GLN A 17 -3.24 11.03 10.86
C GLN A 17 -2.00 10.62 11.62
N ASP A 18 -1.88 9.33 11.90
CA ASP A 18 -0.73 8.79 12.62
C ASP A 18 0.38 8.43 11.64
N LYS A 19 1.53 8.05 12.17
CA LYS A 19 2.67 7.71 11.34
C LYS A 19 2.45 6.34 10.70
N ARG A 20 1.90 6.35 9.49
CA ARG A 20 1.51 5.13 8.82
C ARG A 20 2.57 4.69 7.82
N VAL A 21 3.34 3.67 8.20
CA VAL A 21 4.30 3.05 7.30
C VAL A 21 3.56 2.06 6.40
N HIS A 22 2.29 1.82 6.73
CA HIS A 22 1.42 0.95 5.96
C HIS A 22 1.40 1.38 4.49
N GLU A 23 1.31 2.69 4.28
CA GLU A 23 1.32 3.25 2.93
C GLU A 23 2.76 3.49 2.46
N LEU A 24 3.64 3.81 3.40
CA LEU A 24 5.05 4.05 3.09
C LEU A 24 5.67 2.82 2.44
N ALA A 25 5.36 1.65 2.98
CA ALA A 25 5.84 0.38 2.45
C ALA A 25 5.44 0.18 1.00
N ARG A 26 4.29 0.72 0.63
CA ARG A 26 3.79 0.60 -0.74
C ARG A 26 4.59 1.51 -1.67
N VAL A 27 4.92 2.70 -1.18
CA VAL A 27 5.78 3.62 -1.92
C VAL A 27 7.19 3.04 -2.02
N LYS A 28 7.62 2.40 -0.94
CA LYS A 28 8.90 1.71 -0.90
C LYS A 28 8.96 0.65 -2.01
N PHE A 29 7.89 -0.12 -2.12
CA PHE A 29 7.80 -1.15 -3.15
C PHE A 29 7.97 -0.54 -4.54
N MET A 30 7.37 0.63 -4.76
CA MET A 30 7.46 1.31 -6.04
C MET A 30 8.88 1.80 -6.29
N GLN A 31 9.51 2.38 -5.28
CA GLN A 31 10.90 2.81 -5.41
C GLN A 31 11.79 1.61 -5.68
N ASP A 32 11.54 0.53 -4.95
CA ASP A 32 12.28 -0.70 -5.11
C ASP A 32 12.13 -1.24 -6.52
N VAL A 33 10.88 -1.39 -6.98
CA VAL A 33 10.61 -2.01 -8.28
C VAL A 33 11.20 -1.21 -9.43
N VAL A 34 11.21 0.12 -9.30
CA VAL A 34 11.83 1.00 -10.30
C VAL A 34 13.33 0.71 -10.37
N ASN A 35 13.93 0.45 -9.22
CA ASN A 35 15.35 0.17 -9.14
C ASN A 35 15.63 -1.34 -9.11
N SER A 36 14.58 -2.13 -9.31
CA SER A 36 14.69 -3.58 -9.27
C SER A 36 14.69 -4.16 -10.68
N ASP A 37 15.48 -5.20 -10.91
CA ASP A 37 15.66 -5.80 -12.23
C ASP A 37 14.33 -6.36 -12.75
N THR A 38 13.38 -6.53 -11.84
CA THR A 38 12.07 -7.03 -12.20
C THR A 38 11.38 -6.11 -13.22
N PHE A 39 11.57 -4.80 -13.07
CA PHE A 39 10.98 -3.84 -14.01
C PHE A 39 11.93 -2.66 -14.26
N LYS A 40 13.22 -2.89 -14.06
CA LYS A 40 14.22 -1.85 -14.22
C LYS A 40 14.29 -1.37 -15.67
N GLY A 41 13.88 -2.24 -16.59
CA GLY A 41 13.86 -1.90 -17.99
C GLY A 41 12.80 -0.86 -18.33
N GLN A 42 11.83 -0.69 -17.43
CA GLN A 42 10.77 0.29 -17.63
C GLN A 42 10.92 1.45 -16.66
N PRO A 43 11.32 2.63 -17.17
CA PRO A 43 11.50 3.82 -16.34
C PRO A 43 10.19 4.33 -15.76
N ILE A 44 9.12 4.19 -16.54
CA ILE A 44 7.80 4.66 -16.12
C ILE A 44 6.80 3.51 -16.14
N PHE A 45 5.84 3.55 -15.23
CA PHE A 45 4.83 2.52 -15.15
C PHE A 45 3.51 3.01 -15.75
N ASP A 46 2.43 2.29 -15.47
CA ASP A 46 1.14 2.56 -16.11
C ASP A 46 0.05 2.59 -15.05
N HIS A 47 -1.14 3.03 -15.46
CA HIS A 47 -2.29 3.05 -14.55
C HIS A 47 -2.76 1.63 -14.28
N ALA A 48 -2.60 0.76 -15.27
CA ALA A 48 -2.90 -0.65 -15.10
C ALA A 48 -1.87 -1.29 -14.17
N HIS A 49 -0.62 -0.88 -14.33
CA HIS A 49 0.44 -1.32 -13.43
C HIS A 49 0.22 -0.79 -12.02
N THR A 50 -0.44 0.38 -11.91
CA THR A 50 -0.88 0.86 -10.61
C THR A 50 -1.76 -0.18 -9.94
N ARG A 51 -2.83 -0.55 -10.62
CA ARG A 51 -3.77 -1.56 -10.13
C ARG A 51 -3.03 -2.82 -9.75
N GLU A 52 -2.15 -3.25 -10.63
CA GLU A 52 -1.37 -4.47 -10.43
C GLU A 52 -0.49 -4.38 -9.18
N PHE A 53 0.29 -3.31 -9.08
CA PHE A 53 1.22 -3.16 -7.97
C PHE A 53 0.48 -2.91 -6.66
N ILE A 54 -0.58 -2.12 -6.69
CA ILE A 54 -1.39 -1.88 -5.51
C ILE A 54 -2.00 -3.18 -5.02
N GLN A 55 -2.60 -3.92 -5.96
CA GLN A 55 -3.22 -5.20 -5.66
C GLN A 55 -2.17 -6.22 -5.22
N SER A 56 -0.96 -6.10 -5.76
CA SER A 56 0.12 -7.00 -5.40
C SER A 56 0.45 -6.87 -3.91
N PHE A 57 0.42 -5.64 -3.41
CA PHE A 57 0.68 -5.41 -1.99
C PHE A 57 -0.46 -5.95 -1.15
N ILE A 58 -1.67 -5.88 -1.70
CA ILE A 58 -2.83 -6.46 -1.03
C ILE A 58 -2.77 -7.98 -1.06
N GLU A 59 -2.22 -8.52 -2.15
CA GLU A 59 -2.08 -9.95 -2.32
C GLU A 59 -1.04 -10.51 -1.35
N ARG A 60 -0.15 -9.64 -0.88
CA ARG A 60 0.83 -9.99 0.15
C ARG A 60 0.14 -10.56 1.39
N ASP A 61 -1.10 -10.12 1.60
CA ASP A 61 -1.94 -10.60 2.70
C ASP A 61 -2.11 -12.11 2.63
N ASP A 62 -2.22 -12.63 1.42
CA ASP A 62 -2.48 -14.06 1.22
C ASP A 62 -1.26 -14.88 1.66
N THR A 63 -0.12 -14.21 1.79
CA THR A 63 1.09 -14.85 2.29
C THR A 63 1.01 -15.03 3.81
N GLU A 64 0.39 -14.05 4.47
CA GLU A 64 0.19 -14.10 5.91
C GLU A 64 -0.98 -15.02 6.22
N LEU A 65 -2.02 -14.92 5.41
CA LEU A 65 -3.20 -15.77 5.55
C LEU A 65 -2.85 -17.23 5.27
N ASP A 66 -1.84 -17.43 4.42
CA ASP A 66 -1.34 -18.77 4.11
C ASP A 66 -0.98 -19.54 5.37
N GLU A 67 -0.35 -18.84 6.32
CA GLU A 67 -0.03 -19.43 7.60
C GLU A 67 -1.28 -19.97 8.29
N LEU A 68 -2.34 -19.18 8.27
CA LEU A 68 -3.58 -19.55 8.93
C LEU A 68 -4.29 -20.67 8.16
N LYS A 69 -4.01 -20.75 6.87
CA LYS A 69 -4.53 -21.84 6.05
C LYS A 69 -3.88 -23.15 6.46
N LYS A 70 -2.58 -23.09 6.69
CA LYS A 70 -1.79 -24.25 7.08
C LYS A 70 -2.11 -24.68 8.51
N LYS A 71 -2.53 -23.74 9.34
CA LYS A 71 -2.82 -24.01 10.73
C LYS A 71 -4.25 -24.50 10.92
N ARG A 72 -4.94 -24.81 9.82
CA ARG A 72 -6.25 -25.42 9.89
C ARG A 72 -6.12 -26.89 10.26
N ARG A 73 -6.09 -27.15 11.56
CA ARG A 73 -5.87 -28.50 12.06
C ARG A 73 -6.96 -28.87 13.07
N SER A 74 -6.79 -30.02 13.72
CA SER A 74 -7.73 -30.47 14.73
C SER A 74 -7.50 -29.72 16.04
N ASN A 75 -6.56 -28.79 16.02
CA ASN A 75 -6.23 -27.97 17.18
C ASN A 75 -7.16 -26.77 17.25
N ARG A 76 -8.12 -26.72 16.33
CA ARG A 76 -9.07 -25.62 16.20
C ARG A 76 -8.37 -24.36 15.68
N PRO A 77 -8.58 -24.04 14.39
CA PRO A 77 -7.95 -22.89 13.74
C PRO A 77 -8.30 -21.56 14.41
N PRO A 78 -7.44 -20.55 14.26
CA PRO A 78 -7.68 -19.22 14.81
C PRO A 78 -8.79 -18.49 14.07
N SER A 79 -10.02 -18.75 14.47
CA SER A 79 -11.16 -18.06 13.88
C SER A 79 -11.03 -16.56 14.07
N ASN A 80 -10.74 -16.16 15.30
CA ASN A 80 -10.56 -14.75 15.65
C ASN A 80 -9.47 -14.12 14.79
N ARG A 81 -8.28 -14.70 14.84
CA ARG A 81 -7.12 -14.16 14.14
C ARG A 81 -7.34 -14.13 12.62
N GLN A 82 -7.86 -15.21 12.07
CA GLN A 82 -8.08 -15.32 10.64
C GLN A 82 -9.08 -14.29 10.16
N VAL A 83 -10.20 -14.19 10.85
CA VAL A 83 -11.25 -13.24 10.47
C VAL A 83 -10.74 -11.81 10.63
N LEU A 84 -9.98 -11.56 11.69
CA LEU A 84 -9.43 -10.23 11.94
C LEU A 84 -8.47 -9.84 10.82
N LEU A 85 -7.61 -10.78 10.44
CA LEU A 85 -6.65 -10.56 9.36
C LEU A 85 -7.38 -10.29 8.05
N GLN A 86 -8.34 -11.16 7.73
CA GLN A 86 -9.09 -11.07 6.48
C GLN A 86 -9.90 -9.77 6.41
N GLN A 87 -10.45 -9.34 7.55
CA GLN A 87 -11.22 -8.10 7.61
C GLN A 87 -10.34 -6.89 7.35
N ARG A 88 -9.06 -6.99 7.67
CA ARG A 88 -8.10 -5.94 7.37
C ARG A 88 -8.02 -5.77 5.86
N ARG A 89 -7.82 -6.89 5.17
CA ARG A 89 -7.75 -6.92 3.72
C ARG A 89 -9.06 -6.43 3.12
N ASP A 90 -10.17 -6.89 3.72
CA ASP A 90 -11.50 -6.52 3.25
C ASP A 90 -11.68 -5.00 3.27
N GLN A 91 -11.24 -4.37 4.36
CA GLN A 91 -11.36 -2.93 4.48
C GLN A 91 -10.42 -2.21 3.52
N GLU A 92 -9.22 -2.75 3.33
CA GLU A 92 -8.26 -2.16 2.39
C GLU A 92 -8.86 -2.17 0.98
N LEU A 93 -9.55 -3.24 0.64
CA LEU A 93 -10.21 -3.35 -0.66
C LEU A 93 -11.29 -2.28 -0.80
N LYS A 94 -11.99 -2.00 0.29
CA LYS A 94 -13.03 -0.97 0.29
C LYS A 94 -12.42 0.42 0.23
N GLU A 95 -11.28 0.59 0.91
CA GLU A 95 -10.53 1.84 0.86
C GLU A 95 -10.02 2.06 -0.57
N PHE A 96 -9.63 0.97 -1.21
CA PHE A 96 -9.17 0.99 -2.59
C PHE A 96 -10.32 1.35 -3.53
N LYS A 97 -11.49 0.80 -3.24
CA LYS A 97 -12.69 1.10 -4.02
C LYS A 97 -13.10 2.55 -3.86
N ALA A 98 -12.87 3.10 -2.67
CA ALA A 98 -13.24 4.48 -2.37
C ALA A 98 -12.17 5.46 -2.82
N GLY A 99 -11.28 5.01 -3.70
CA GLY A 99 -10.22 5.86 -4.17
C GLY A 99 -9.02 5.80 -3.26
N PHE A 100 -8.15 4.82 -3.52
CA PHE A 100 -6.99 4.59 -2.67
C PHE A 100 -5.88 5.58 -3.01
N LEU A 101 -5.08 5.92 -2.01
CA LEU A 101 -3.98 6.87 -2.21
C LEU A 101 -2.85 6.22 -3.00
N CYS A 102 -2.87 6.42 -4.31
CA CYS A 102 -1.88 5.84 -5.20
C CYS A 102 -1.24 6.92 -6.08
N PRO A 103 0.02 6.75 -6.49
CA PRO A 103 0.64 7.62 -7.47
C PRO A 103 0.15 7.35 -8.88
N ASP A 104 0.19 8.36 -9.74
CA ASP A 104 -0.28 8.24 -11.12
C ASP A 104 0.67 7.36 -11.94
N LEU A 105 1.94 7.35 -11.53
CA LEU A 105 2.97 6.53 -12.17
C LEU A 105 3.21 6.91 -13.64
N SER A 106 2.71 8.06 -14.05
CA SER A 106 2.81 8.47 -15.45
C SER A 106 3.77 9.64 -15.63
N ASP A 107 3.67 10.62 -14.74
CA ASP A 107 4.58 11.76 -14.78
C ASP A 107 6.00 11.31 -14.42
N ALA A 108 6.90 11.37 -15.39
CA ALA A 108 8.27 10.90 -15.22
C ALA A 108 8.99 11.61 -14.08
N LYS A 109 8.74 12.90 -13.94
CA LYS A 109 9.38 13.68 -12.88
C LYS A 109 8.86 13.24 -11.52
N ASN A 110 7.58 12.91 -11.46
CA ASN A 110 6.99 12.36 -10.24
C ASN A 110 7.63 11.02 -9.92
N MET A 111 7.77 10.19 -10.95
CA MET A 111 8.39 8.88 -10.82
C MET A 111 9.85 9.01 -10.40
N GLU A 112 10.52 10.02 -10.91
CA GLU A 112 11.90 10.29 -10.55
C GLU A 112 12.01 10.72 -9.09
N PHE A 113 11.05 11.51 -8.66
CA PHE A 113 11.02 11.97 -7.28
C PHE A 113 10.62 10.82 -6.36
N LEU A 114 9.81 9.91 -6.89
CA LEU A 114 9.45 8.68 -6.21
C LEU A 114 10.68 7.77 -6.12
N ARG A 115 11.51 7.81 -7.16
CA ARG A 115 12.75 7.06 -7.21
C ARG A 115 13.77 7.64 -6.22
N ASN A 116 13.59 8.91 -5.89
CA ASN A 116 14.48 9.62 -4.96
C ASN A 116 14.02 9.42 -3.51
N TRP A 117 12.96 8.65 -3.31
CA TRP A 117 12.42 8.41 -1.98
C TRP A 117 13.42 7.62 -1.12
N ASN A 118 13.91 8.25 -0.06
CA ASN A 118 14.89 7.62 0.82
C ASN A 118 14.24 7.18 2.13
N GLY A 119 12.92 7.03 2.11
CA GLY A 119 12.18 6.75 3.32
C GLY A 119 11.73 8.05 3.98
N THR A 120 11.34 8.99 3.14
CA THR A 120 10.97 10.32 3.59
C THR A 120 9.46 10.41 3.81
N PHE A 121 9.06 10.80 5.01
CA PHE A 121 7.64 10.88 5.35
C PHE A 121 7.03 12.16 4.77
N GLY A 122 7.80 13.26 4.85
CA GLY A 122 7.34 14.53 4.31
C GLY A 122 7.27 14.51 2.78
N LEU A 123 7.86 13.48 2.18
CA LEU A 123 7.85 13.33 0.74
C LEU A 123 6.46 12.92 0.26
N LEU A 124 5.62 12.49 1.21
CA LEU A 124 4.23 12.14 0.89
C LEU A 124 3.42 13.39 0.64
N ASN A 125 3.93 14.52 1.11
CA ASN A 125 3.27 15.81 0.93
C ASN A 125 3.87 16.55 -0.25
N THR A 126 4.65 15.82 -1.06
CA THR A 126 5.26 16.40 -2.25
C THR A 126 4.99 15.52 -3.47
N LEU A 127 4.94 14.21 -3.27
CA LEU A 127 4.64 13.26 -4.34
C LEU A 127 3.24 13.48 -4.89
N ARG A 128 3.05 13.13 -6.16
CA ARG A 128 1.72 13.16 -6.76
C ARG A 128 0.92 11.96 -6.29
N LEU A 129 0.50 12.01 -5.04
CA LEU A 129 -0.30 10.95 -4.47
C LEU A 129 -1.78 11.29 -4.59
N ILE A 130 -2.43 10.66 -5.55
CA ILE A 130 -3.81 10.96 -5.86
C ILE A 130 -4.71 9.83 -5.37
N ARG A 131 -6.00 10.00 -5.51
CA ARG A 131 -6.92 8.94 -5.17
C ARG A 131 -7.30 8.17 -6.41
N ILE A 132 -7.02 6.88 -6.40
CA ILE A 132 -7.22 6.04 -7.56
C ILE A 132 -8.23 4.94 -7.27
N ASN A 133 -9.17 4.77 -8.18
CA ASN A 133 -10.17 3.73 -8.07
C ASN A 133 -9.83 2.56 -8.99
N ASP A 134 -9.67 1.40 -8.38
CA ASP A 134 -9.50 0.12 -9.09
C ASP A 134 -8.33 0.13 -10.08
N LYS A 135 -8.60 0.44 -11.34
CA LYS A 135 -7.63 0.22 -12.41
C LYS A 135 -6.91 1.50 -12.81
N GLY A 136 -6.49 2.26 -11.82
CA GLY A 136 -5.72 3.46 -12.09
C GLY A 136 -6.59 4.61 -12.52
N GLU A 137 -7.81 4.64 -12.01
CA GLU A 137 -8.75 5.70 -12.34
C GLU A 137 -8.63 6.84 -11.34
N GLN A 138 -8.12 7.98 -11.80
CA GLN A 138 -7.90 9.12 -10.93
C GLN A 138 -9.22 9.73 -10.52
N VAL A 139 -9.46 9.73 -9.22
CA VAL A 139 -10.66 10.32 -8.65
C VAL A 139 -10.44 11.82 -8.44
N VAL A 140 -10.91 12.61 -9.40
CA VAL A 140 -10.70 14.05 -9.36
C VAL A 140 -11.84 14.77 -8.64
N GLY A 141 -11.47 15.65 -7.72
CA GLY A 141 -12.46 16.41 -6.98
C GLY A 141 -13.34 15.52 -6.12
N GLY A 142 -12.72 14.74 -5.26
CA GLY A 142 -13.47 13.86 -4.38
C GLY A 142 -13.89 14.58 -3.11
N ASN A 143 -12.95 14.73 -2.19
CA ASN A 143 -13.21 15.40 -0.93
C ASN A 143 -11.89 15.72 -0.23
N GLU A 144 -11.23 14.67 0.21
CA GLU A 144 -9.95 14.78 0.89
C GLU A 144 -9.18 13.48 0.68
N MET A 4 -26.30 6.02 1.47
CA MET A 4 -25.30 5.80 2.54
C MET A 4 -23.95 5.48 1.93
N ARG A 5 -22.91 6.05 2.51
CA ARG A 5 -21.55 5.85 2.05
C ARG A 5 -20.77 5.03 3.08
N GLU A 6 -19.88 4.15 2.61
CA GLU A 6 -19.07 3.35 3.52
C GLU A 6 -18.18 4.27 4.35
N ASP A 7 -17.71 5.33 3.69
CA ASP A 7 -16.80 6.29 4.30
C ASP A 7 -17.54 7.15 5.33
N LYS A 8 -17.19 6.95 6.59
CA LYS A 8 -17.76 7.75 7.66
C LYS A 8 -17.04 9.08 7.79
N ILE A 9 -17.35 9.83 8.84
CA ILE A 9 -16.79 11.16 9.05
C ILE A 9 -15.34 11.06 9.49
N ALA A 10 -15.07 10.25 10.50
CA ALA A 10 -13.72 10.08 11.01
C ALA A 10 -13.30 8.62 10.93
N ALA A 11 -12.25 8.35 10.17
CA ALA A 11 -11.78 6.98 10.00
C ALA A 11 -10.31 6.86 10.43
N LYS A 12 -9.43 7.52 9.69
CA LYS A 12 -7.99 7.39 9.93
C LYS A 12 -7.56 8.21 11.15
N LYS A 13 -8.50 8.93 11.73
CA LYS A 13 -8.26 9.67 12.96
C LYS A 13 -9.05 9.06 14.11
N LYS A 14 -9.49 7.82 13.93
CA LYS A 14 -10.32 7.17 14.92
C LYS A 14 -10.00 5.68 15.03
N LEU A 15 -9.76 5.03 13.89
CA LEU A 15 -9.44 3.61 13.87
C LEU A 15 -7.99 3.36 14.29
N HIS A 16 -7.55 2.11 14.25
CA HIS A 16 -6.21 1.76 14.71
C HIS A 16 -5.45 0.94 13.67
N GLN A 17 -6.08 0.66 12.54
CA GLN A 17 -5.42 -0.12 11.50
C GLN A 17 -4.92 0.80 10.39
N ASP A 18 -5.30 2.07 10.48
CA ASP A 18 -4.86 3.06 9.51
C ASP A 18 -3.51 3.62 9.90
N LYS A 19 -2.47 2.98 9.41
CA LYS A 19 -1.11 3.40 9.72
C LYS A 19 -0.41 3.89 8.46
N ARG A 20 0.83 4.32 8.61
CA ARG A 20 1.59 4.86 7.49
C ARG A 20 2.31 3.74 6.76
N VAL A 21 2.20 2.52 7.29
CA VAL A 21 2.79 1.36 6.66
C VAL A 21 2.03 1.03 5.37
N HIS A 22 0.71 1.08 5.43
CA HIS A 22 -0.13 0.83 4.26
C HIS A 22 0.06 1.94 3.23
N GLU A 23 0.77 2.98 3.62
CA GLU A 23 1.02 4.14 2.78
C GLU A 23 2.43 4.09 2.18
N LEU A 24 3.42 4.23 3.05
CA LEU A 24 4.81 4.40 2.62
C LEU A 24 5.39 3.14 2.00
N ALA A 25 4.94 1.97 2.48
CA ALA A 25 5.48 0.69 2.00
C ALA A 25 5.23 0.50 0.51
N ARG A 26 4.11 1.04 0.02
CA ARG A 26 3.78 0.92 -1.40
C ARG A 26 4.78 1.69 -2.24
N VAL A 27 5.10 2.89 -1.78
CA VAL A 27 6.03 3.77 -2.49
C VAL A 27 7.42 3.17 -2.52
N LYS A 28 7.87 2.66 -1.38
CA LYS A 28 9.20 2.08 -1.30
C LYS A 28 9.29 0.80 -2.12
N PHE A 29 8.18 0.07 -2.22
CA PHE A 29 8.13 -1.08 -3.10
C PHE A 29 8.39 -0.65 -4.54
N MET A 30 7.61 0.32 -5.00
CA MET A 30 7.76 0.87 -6.35
C MET A 30 9.18 1.38 -6.54
N GLN A 31 9.67 2.10 -5.53
CA GLN A 31 11.04 2.60 -5.50
C GLN A 31 12.04 1.50 -5.80
N ASP A 32 11.99 0.45 -4.98
CA ASP A 32 12.97 -0.62 -5.07
C ASP A 32 12.75 -1.50 -6.28
N VAL A 33 11.58 -1.41 -6.89
CA VAL A 33 11.33 -2.09 -8.16
C VAL A 33 12.09 -1.38 -9.28
N VAL A 34 12.12 -0.05 -9.20
CA VAL A 34 12.87 0.76 -10.16
C VAL A 34 14.36 0.68 -9.87
N ASN A 35 14.69 0.41 -8.61
CA ASN A 35 16.07 0.25 -8.18
C ASN A 35 16.58 -1.12 -8.58
N SER A 36 15.71 -2.11 -8.46
CA SER A 36 16.06 -3.48 -8.76
C SER A 36 16.06 -3.69 -10.27
N ASP A 37 16.74 -4.72 -10.73
CA ASP A 37 16.83 -5.02 -12.15
C ASP A 37 15.47 -5.51 -12.68
N THR A 38 14.49 -5.55 -11.78
CA THR A 38 13.13 -5.88 -12.13
C THR A 38 12.60 -4.91 -13.20
N PHE A 39 12.67 -3.61 -12.92
CA PHE A 39 12.23 -2.59 -13.87
C PHE A 39 13.22 -1.43 -13.92
N LYS A 40 14.46 -1.68 -13.51
CA LYS A 40 15.51 -0.67 -13.57
C LYS A 40 15.71 -0.15 -15.00
N GLY A 41 15.48 -1.02 -15.97
CA GLY A 41 15.60 -0.63 -17.37
C GLY A 41 14.39 0.15 -17.85
N GLN A 42 13.38 0.27 -17.01
CA GLN A 42 12.18 1.01 -17.35
C GLN A 42 12.14 2.34 -16.60
N PRO A 43 12.09 3.46 -17.34
CA PRO A 43 12.04 4.79 -16.74
C PRO A 43 10.76 5.04 -15.95
N ILE A 44 9.63 5.00 -16.63
CA ILE A 44 8.34 5.30 -16.00
C ILE A 44 7.36 4.14 -16.22
N PHE A 45 6.29 4.12 -15.43
CA PHE A 45 5.27 3.06 -15.52
C PHE A 45 3.97 3.60 -16.10
N ASP A 46 2.87 2.87 -15.86
CA ASP A 46 1.56 3.23 -16.37
C ASP A 46 0.48 2.90 -15.33
N HIS A 47 -0.78 3.13 -15.69
CA HIS A 47 -1.90 2.93 -14.76
C HIS A 47 -2.31 1.46 -14.70
N ALA A 48 -1.96 0.70 -15.72
CA ALA A 48 -2.20 -0.73 -15.72
C ALA A 48 -1.26 -1.39 -14.73
N HIS A 49 -0.03 -0.89 -14.69
CA HIS A 49 0.94 -1.33 -13.70
C HIS A 49 0.52 -0.89 -12.30
N THR A 50 -0.26 0.18 -12.22
CA THR A 50 -0.86 0.60 -10.96
C THR A 50 -1.70 -0.53 -10.39
N ARG A 51 -2.76 -0.90 -11.10
CA ARG A 51 -3.68 -1.93 -10.63
C ARG A 51 -2.96 -3.27 -10.45
N GLU A 52 -1.96 -3.51 -11.29
CA GLU A 52 -1.15 -4.73 -11.18
C GLU A 52 -0.42 -4.77 -9.85
N PHE A 53 0.27 -3.68 -9.50
CA PHE A 53 1.02 -3.62 -8.26
C PHE A 53 0.10 -3.48 -7.05
N ILE A 54 -0.95 -2.66 -7.19
CA ILE A 54 -1.87 -2.42 -6.08
C ILE A 54 -2.63 -3.70 -5.72
N GLN A 55 -3.10 -4.42 -6.73
CA GLN A 55 -3.84 -5.66 -6.52
C GLN A 55 -2.97 -6.69 -5.83
N SER A 56 -1.75 -6.88 -6.33
CA SER A 56 -0.84 -7.88 -5.78
C SER A 56 -0.40 -7.51 -4.37
N PHE A 57 -0.27 -6.21 -4.11
CA PHE A 57 0.11 -5.72 -2.79
C PHE A 57 -0.94 -6.11 -1.75
N ILE A 58 -2.20 -6.04 -2.13
CA ILE A 58 -3.30 -6.39 -1.23
C ILE A 58 -3.51 -7.91 -1.19
N GLU A 59 -3.38 -8.54 -2.36
CA GLU A 59 -3.55 -10.00 -2.45
C GLU A 59 -2.41 -10.71 -1.71
N ARG A 60 -1.34 -9.97 -1.47
CA ARG A 60 -0.19 -10.46 -0.72
C ARG A 60 -0.61 -11.00 0.65
N ASP A 61 -1.60 -10.36 1.26
CA ASP A 61 -2.06 -10.75 2.58
C ASP A 61 -2.69 -12.14 2.58
N ASP A 62 -3.13 -12.59 1.41
CA ASP A 62 -3.70 -13.93 1.28
C ASP A 62 -2.62 -14.98 1.44
N THR A 63 -1.37 -14.57 1.23
CA THR A 63 -0.24 -15.47 1.38
C THR A 63 0.11 -15.64 2.86
N GLU A 64 -0.20 -14.63 3.66
CA GLU A 64 -0.02 -14.74 5.11
C GLU A 64 -1.25 -15.40 5.72
N LEU A 65 -2.41 -15.12 5.13
CA LEU A 65 -3.64 -15.82 5.51
C LEU A 65 -3.51 -17.29 5.15
N ASP A 66 -2.69 -17.57 4.15
CA ASP A 66 -2.40 -18.94 3.71
C ASP A 66 -1.74 -19.73 4.83
N GLU A 67 -0.95 -19.04 5.64
CA GLU A 67 -0.36 -19.65 6.82
C GLU A 67 -1.45 -20.11 7.76
N LEU A 68 -2.40 -19.22 8.02
CA LEU A 68 -3.53 -19.52 8.90
C LEU A 68 -4.38 -20.65 8.33
N LYS A 69 -4.30 -20.84 7.02
CA LYS A 69 -5.01 -21.92 6.35
C LYS A 69 -4.34 -23.27 6.61
N LYS A 70 -3.03 -23.31 6.44
CA LYS A 70 -2.30 -24.58 6.48
C LYS A 70 -1.78 -24.92 7.88
N LYS A 71 -1.79 -23.94 8.79
CA LYS A 71 -1.36 -24.20 10.16
C LYS A 71 -2.51 -24.81 10.98
N ARG A 72 -3.58 -25.18 10.29
CA ARG A 72 -4.71 -25.83 10.94
C ARG A 72 -4.40 -27.30 11.23
N ARG A 73 -3.13 -27.67 11.07
CA ARG A 73 -2.67 -28.99 11.44
C ARG A 73 -2.71 -29.13 12.96
N SER A 74 -2.73 -27.99 13.62
CA SER A 74 -2.97 -27.95 15.05
C SER A 74 -4.44 -28.23 15.31
N ASN A 75 -4.75 -28.84 16.44
CA ASN A 75 -6.13 -29.20 16.74
C ASN A 75 -6.84 -28.06 17.44
N ARG A 76 -6.26 -26.87 17.31
CA ARG A 76 -6.84 -25.66 17.85
C ARG A 76 -6.77 -24.55 16.80
N PRO A 77 -7.70 -24.55 15.83
CA PRO A 77 -7.75 -23.53 14.78
C PRO A 77 -7.85 -22.10 15.33
N PRO A 78 -7.08 -21.16 14.75
CA PRO A 78 -7.08 -19.77 15.18
C PRO A 78 -8.32 -19.02 14.72
N SER A 79 -9.39 -19.12 15.50
CA SER A 79 -10.62 -18.44 15.20
C SER A 79 -10.41 -16.92 15.18
N ASN A 80 -9.92 -16.39 16.30
CA ASN A 80 -9.71 -14.95 16.43
C ASN A 80 -8.66 -14.43 15.45
N ARG A 81 -7.56 -15.17 15.31
CA ARG A 81 -6.46 -14.73 14.44
C ARG A 81 -6.89 -14.66 12.98
N GLN A 82 -7.66 -15.65 12.54
CA GLN A 82 -8.15 -15.67 11.16
C GLN A 82 -9.14 -14.52 10.94
N VAL A 83 -9.99 -14.29 11.94
CA VAL A 83 -10.96 -13.19 11.86
C VAL A 83 -10.24 -11.85 11.82
N LEU A 84 -9.17 -11.72 12.60
CA LEU A 84 -8.39 -10.50 12.65
C LEU A 84 -7.80 -10.18 11.27
N LEU A 85 -7.31 -11.21 10.60
CA LEU A 85 -6.77 -11.06 9.25
C LEU A 85 -7.88 -10.54 8.32
N GLN A 86 -9.04 -11.16 8.41
CA GLN A 86 -10.20 -10.80 7.60
C GLN A 86 -10.57 -9.33 7.82
N GLN A 87 -10.69 -8.93 9.08
CA GLN A 87 -11.12 -7.58 9.45
C GLN A 87 -10.26 -6.51 8.80
N ARG A 88 -8.94 -6.68 8.85
CA ARG A 88 -8.03 -5.71 8.28
C ARG A 88 -8.16 -5.67 6.77
N ARG A 89 -8.25 -6.84 6.16
CA ARG A 89 -8.35 -6.94 4.71
C ARG A 89 -9.63 -6.28 4.19
N ASP A 90 -10.75 -6.57 4.84
CA ASP A 90 -12.04 -6.02 4.44
C ASP A 90 -12.04 -4.49 4.53
N GLN A 91 -11.37 -3.96 5.55
CA GLN A 91 -11.28 -2.51 5.72
C GLN A 91 -10.52 -1.89 4.56
N GLU A 92 -9.42 -2.52 4.17
CA GLU A 92 -8.57 -2.01 3.12
C GLU A 92 -9.21 -2.22 1.75
N LEU A 93 -10.07 -3.23 1.64
CA LEU A 93 -10.87 -3.42 0.44
C LEU A 93 -11.84 -2.27 0.28
N LYS A 94 -12.29 -1.73 1.42
CA LYS A 94 -13.16 -0.57 1.41
C LYS A 94 -12.37 0.67 0.98
N GLU A 95 -11.13 0.78 1.46
CA GLU A 95 -10.23 1.86 1.06
C GLU A 95 -9.98 1.77 -0.45
N PHE A 96 -9.91 0.54 -0.94
CA PHE A 96 -9.75 0.25 -2.35
C PHE A 96 -10.91 0.82 -3.16
N LYS A 97 -12.12 0.72 -2.61
CA LYS A 97 -13.33 1.25 -3.26
C LYS A 97 -13.34 2.77 -3.25
N ALA A 98 -12.76 3.36 -2.22
CA ALA A 98 -12.85 4.81 -2.00
C ALA A 98 -11.82 5.57 -2.84
N GLY A 99 -11.20 4.88 -3.77
CA GLY A 99 -10.13 5.49 -4.53
C GLY A 99 -8.83 5.39 -3.79
N PHE A 100 -8.21 4.23 -3.90
CA PHE A 100 -6.97 3.93 -3.20
C PHE A 100 -5.90 4.98 -3.53
N LEU A 101 -5.28 5.53 -2.49
CA LEU A 101 -4.30 6.60 -2.65
C LEU A 101 -3.06 6.07 -3.35
N CYS A 102 -2.93 6.39 -4.62
CA CYS A 102 -1.79 5.92 -5.40
C CYS A 102 -1.13 7.09 -6.13
N PRO A 103 0.18 6.96 -6.44
CA PRO A 103 0.85 7.87 -7.36
C PRO A 103 0.36 7.61 -8.77
N ASP A 104 0.34 8.64 -9.61
CA ASP A 104 -0.09 8.48 -11.00
C ASP A 104 0.75 7.40 -11.69
N LEU A 105 2.03 7.37 -11.34
CA LEU A 105 2.98 6.32 -11.74
C LEU A 105 3.41 6.47 -13.20
N SER A 106 2.53 6.98 -14.06
CA SER A 106 2.90 7.25 -15.44
C SER A 106 3.50 8.65 -15.57
N ASP A 107 3.25 9.48 -14.56
CA ASP A 107 3.85 10.80 -14.48
C ASP A 107 5.31 10.70 -14.05
N ALA A 108 6.20 11.23 -14.88
CA ALA A 108 7.64 11.13 -14.65
C ALA A 108 8.08 11.85 -13.39
N LYS A 109 7.47 13.00 -13.11
CA LYS A 109 7.85 13.80 -11.96
C LYS A 109 7.56 13.05 -10.66
N ASN A 110 6.42 12.36 -10.62
CA ASN A 110 6.08 11.49 -9.51
C ASN A 110 7.15 10.41 -9.33
N MET A 111 7.54 9.80 -10.45
CA MET A 111 8.53 8.73 -10.43
C MET A 111 9.90 9.25 -10.00
N GLU A 112 10.16 10.52 -10.26
CA GLU A 112 11.40 11.15 -9.86
C GLU A 112 11.51 11.16 -8.33
N PHE A 113 10.49 11.68 -7.67
CA PHE A 113 10.48 11.71 -6.21
C PHE A 113 10.36 10.31 -5.64
N LEU A 114 9.64 9.46 -6.34
CA LEU A 114 9.41 8.08 -5.91
C LEU A 114 10.72 7.29 -5.89
N ARG A 115 11.60 7.55 -6.85
CA ARG A 115 12.89 6.87 -6.91
C ARG A 115 13.89 7.52 -5.95
N ASN A 116 13.66 8.79 -5.65
CA ASN A 116 14.52 9.53 -4.72
C ASN A 116 13.94 9.49 -3.31
N TRP A 117 13.04 8.55 -3.08
CA TRP A 117 12.35 8.47 -1.80
C TRP A 117 13.23 7.84 -0.74
N ASN A 118 13.21 8.43 0.45
CA ASN A 118 13.99 7.95 1.59
C ASN A 118 13.19 8.17 2.86
N GLY A 119 13.89 8.23 4.00
CA GLY A 119 13.24 8.59 5.25
C GLY A 119 12.90 10.07 5.29
N THR A 120 12.06 10.47 4.36
CA THR A 120 11.72 11.87 4.17
C THR A 120 10.20 12.03 4.06
N PHE A 121 9.57 12.50 5.13
CA PHE A 121 8.12 12.63 5.17
C PHE A 121 7.66 13.79 4.31
N GLY A 122 8.58 14.72 4.04
CA GLY A 122 8.27 15.84 3.16
C GLY A 122 8.03 15.40 1.73
N LEU A 123 8.48 14.19 1.41
CA LEU A 123 8.30 13.65 0.06
C LEU A 123 6.87 13.24 -0.19
N LEU A 124 6.08 13.17 0.87
CA LEU A 124 4.65 12.88 0.73
C LEU A 124 3.92 14.14 0.30
N ASN A 125 4.62 15.28 0.42
CA ASN A 125 4.08 16.56 -0.02
C ASN A 125 4.50 16.83 -1.47
N THR A 126 5.65 16.27 -1.85
CA THR A 126 6.17 16.45 -3.20
C THR A 126 5.50 15.47 -4.16
N LEU A 127 5.25 14.26 -3.70
CA LEU A 127 4.56 13.25 -4.48
C LEU A 127 3.11 13.66 -4.75
N ARG A 128 2.68 13.47 -5.99
CA ARG A 128 1.31 13.79 -6.35
C ARG A 128 0.44 12.55 -6.20
N LEU A 129 0.11 12.26 -4.95
CA LEU A 129 -0.70 11.10 -4.61
C LEU A 129 -2.17 11.43 -4.82
N ILE A 130 -2.83 10.63 -5.63
CA ILE A 130 -4.21 10.87 -6.00
C ILE A 130 -5.08 9.67 -5.66
N ARG A 131 -6.34 9.73 -6.03
CA ARG A 131 -7.25 8.62 -5.77
C ARG A 131 -7.36 7.74 -6.99
N ILE A 132 -7.06 6.46 -6.83
CA ILE A 132 -7.20 5.51 -7.92
C ILE A 132 -8.18 4.41 -7.51
N ASN A 133 -9.30 4.38 -8.20
CA ASN A 133 -10.41 3.51 -7.84
C ASN A 133 -10.43 2.25 -8.68
N ASP A 134 -10.86 1.16 -8.04
CA ASP A 134 -11.08 -0.13 -8.66
C ASP A 134 -9.81 -0.67 -9.33
N LYS A 135 -9.57 -0.32 -10.58
CA LYS A 135 -8.42 -0.87 -11.30
C LYS A 135 -7.73 0.20 -12.14
N GLY A 136 -6.91 1.00 -11.48
CA GLY A 136 -6.09 1.97 -12.18
C GLY A 136 -6.87 3.17 -12.68
N GLU A 137 -8.09 3.35 -12.19
CA GLU A 137 -8.93 4.43 -12.66
C GLU A 137 -8.71 5.66 -11.79
N GLN A 138 -8.58 6.81 -12.41
CA GLN A 138 -8.26 8.02 -11.68
C GLN A 138 -9.52 8.70 -11.15
N VAL A 139 -9.52 9.00 -9.88
CA VAL A 139 -10.63 9.69 -9.24
C VAL A 139 -10.25 11.15 -9.03
N VAL A 140 -11.18 12.04 -9.33
CA VAL A 140 -10.96 13.48 -9.15
C VAL A 140 -10.59 13.79 -7.70
N GLY A 141 -11.23 13.11 -6.77
CA GLY A 141 -10.93 13.28 -5.38
C GLY A 141 -12.17 13.51 -4.56
N GLY A 142 -12.11 14.49 -3.67
CA GLY A 142 -13.24 14.80 -2.83
C GLY A 142 -13.17 16.21 -2.27
N ASN A 143 -12.62 17.13 -3.06
CA ASN A 143 -12.49 18.52 -2.63
C ASN A 143 -13.50 19.40 -3.37
N GLU A 144 -14.33 18.78 -4.19
CA GLU A 144 -15.34 19.50 -4.94
C GLU A 144 -16.71 19.26 -4.33
N MET A 4 11.26 18.77 23.48
CA MET A 4 11.47 18.33 22.09
C MET A 4 10.47 18.98 21.14
N ARG A 5 9.23 18.52 21.19
CA ARG A 5 8.22 18.98 20.26
C ARG A 5 7.33 20.05 20.87
N GLU A 6 7.09 21.11 20.10
CA GLU A 6 6.17 22.16 20.50
C GLU A 6 4.75 21.73 20.16
N ASP A 7 4.65 20.93 19.10
CA ASP A 7 3.41 20.27 18.75
C ASP A 7 3.41 18.88 19.38
N LYS A 8 2.55 18.70 20.38
CA LYS A 8 2.56 17.48 21.19
C LYS A 8 2.10 16.27 20.39
N ILE A 9 1.33 16.50 19.35
CA ILE A 9 0.82 15.43 18.50
C ILE A 9 1.90 15.00 17.51
N ALA A 10 1.90 13.71 17.14
CA ALA A 10 2.83 13.21 16.14
C ALA A 10 2.68 13.99 14.84
N ALA A 11 1.43 14.26 14.48
CA ALA A 11 1.12 15.13 13.37
C ALA A 11 0.73 16.50 13.92
N LYS A 12 0.16 17.35 13.08
CA LYS A 12 -0.29 18.66 13.51
C LYS A 12 -1.78 18.78 13.30
N LYS A 13 -2.39 19.81 13.88
CA LYS A 13 -3.84 20.02 13.78
C LYS A 13 -4.29 20.21 12.33
N LYS A 14 -3.34 20.51 11.46
CA LYS A 14 -3.63 20.69 10.05
C LYS A 14 -3.74 19.34 9.33
N LEU A 15 -3.36 18.28 10.03
CA LEU A 15 -3.44 16.93 9.50
C LEU A 15 -4.36 16.09 10.39
N HIS A 16 -5.14 15.22 9.78
CA HIS A 16 -6.09 14.40 10.54
C HIS A 16 -6.04 12.96 10.10
N GLN A 17 -6.14 12.05 11.07
CA GLN A 17 -6.11 10.61 10.83
C GLN A 17 -4.77 10.14 10.30
N ASP A 18 -3.92 9.68 11.22
CA ASP A 18 -2.61 9.16 10.86
C ASP A 18 -2.77 7.93 9.98
N LYS A 19 -2.11 7.94 8.84
CA LYS A 19 -2.18 6.83 7.90
C LYS A 19 -1.11 5.80 8.20
N ARG A 20 -1.19 4.65 7.55
CA ARG A 20 -0.28 3.55 7.85
C ARG A 20 1.09 3.77 7.23
N VAL A 21 2.12 3.29 7.91
CA VAL A 21 3.47 3.31 7.36
C VAL A 21 3.53 2.42 6.12
N HIS A 22 2.66 1.42 6.06
CA HIS A 22 2.59 0.54 4.90
C HIS A 22 2.11 1.29 3.66
N GLU A 23 1.61 2.51 3.86
CA GLU A 23 1.28 3.38 2.75
C GLU A 23 2.58 3.90 2.13
N LEU A 24 3.48 4.36 2.99
CA LEU A 24 4.80 4.85 2.57
C LEU A 24 5.68 3.69 2.15
N ALA A 25 5.55 2.58 2.85
CA ALA A 25 6.27 1.35 2.50
C ALA A 25 5.94 0.91 1.08
N ARG A 26 4.74 1.24 0.61
CA ARG A 26 4.34 0.95 -0.76
C ARG A 26 5.10 1.86 -1.71
N VAL A 27 5.26 3.12 -1.33
CA VAL A 27 6.06 4.08 -2.07
C VAL A 27 7.50 3.59 -2.16
N LYS A 28 8.00 3.08 -1.04
CA LYS A 28 9.33 2.49 -0.98
C LYS A 28 9.44 1.33 -1.97
N PHE A 29 8.44 0.45 -1.95
CA PHE A 29 8.42 -0.69 -2.85
C PHE A 29 8.50 -0.24 -4.31
N MET A 30 7.66 0.72 -4.67
CA MET A 30 7.66 1.28 -6.01
C MET A 30 9.03 1.85 -6.35
N GLN A 31 9.63 2.55 -5.39
CA GLN A 31 10.98 3.09 -5.56
C GLN A 31 11.97 1.96 -5.82
N ASP A 32 11.95 0.96 -4.93
CA ASP A 32 12.87 -0.16 -5.01
C ASP A 32 12.77 -0.87 -6.34
N VAL A 33 11.54 -1.15 -6.76
CA VAL A 33 11.30 -1.87 -8.02
C VAL A 33 11.89 -1.13 -9.22
N VAL A 34 11.65 0.17 -9.29
CA VAL A 34 12.12 0.97 -10.43
C VAL A 34 13.65 1.10 -10.41
N ASN A 35 14.23 1.11 -9.22
CA ASN A 35 15.67 1.25 -9.08
C ASN A 35 16.35 -0.12 -9.11
N SER A 36 15.55 -1.16 -9.08
CA SER A 36 16.04 -2.53 -9.15
C SER A 36 15.96 -3.05 -10.57
N ASP A 37 16.83 -3.99 -10.90
CA ASP A 37 16.83 -4.65 -12.21
C ASP A 37 15.52 -5.40 -12.43
N THR A 38 14.73 -5.52 -11.37
CA THR A 38 13.42 -6.14 -11.44
C THR A 38 12.57 -5.47 -12.53
N PHE A 39 12.57 -4.14 -12.56
CA PHE A 39 11.79 -3.41 -13.56
C PHE A 39 12.49 -2.15 -14.06
N LYS A 40 13.79 -2.03 -13.79
CA LYS A 40 14.55 -0.85 -14.22
C LYS A 40 14.69 -0.84 -15.75
N GLY A 41 14.37 -1.96 -16.38
CA GLY A 41 14.37 -2.03 -17.82
C GLY A 41 13.26 -1.20 -18.43
N GLN A 42 12.26 -0.87 -17.62
CA GLN A 42 11.13 -0.07 -18.06
C GLN A 42 11.31 1.38 -17.63
N PRO A 43 11.03 2.33 -18.53
CA PRO A 43 11.18 3.76 -18.24
C PRO A 43 10.26 4.23 -17.10
N ILE A 44 8.96 4.22 -17.36
CA ILE A 44 7.97 4.64 -16.39
C ILE A 44 6.81 3.64 -16.42
N PHE A 45 6.10 3.49 -15.31
CA PHE A 45 4.96 2.59 -15.26
C PHE A 45 3.69 3.32 -15.65
N ASP A 46 2.55 2.68 -15.39
CA ASP A 46 1.25 3.23 -15.75
C ASP A 46 0.22 2.91 -14.68
N HIS A 47 -1.02 3.31 -14.90
CA HIS A 47 -2.10 3.01 -13.98
C HIS A 47 -2.42 1.51 -14.03
N ALA A 48 -2.06 0.90 -15.15
CA ALA A 48 -2.15 -0.55 -15.30
C ALA A 48 -1.15 -1.23 -14.39
N HIS A 49 0.08 -0.74 -14.37
CA HIS A 49 1.10 -1.28 -13.47
C HIS A 49 0.74 -0.92 -12.03
N THR A 50 -0.03 0.14 -11.85
CA THR A 50 -0.60 0.46 -10.54
C THR A 50 -1.60 -0.64 -10.15
N ARG A 51 -2.54 -0.90 -11.04
CA ARG A 51 -3.49 -1.99 -10.90
C ARG A 51 -2.77 -3.29 -10.59
N GLU A 52 -1.74 -3.55 -11.38
CA GLU A 52 -0.87 -4.70 -11.22
C GLU A 52 -0.23 -4.76 -9.82
N PHE A 53 0.50 -3.71 -9.48
CA PHE A 53 1.26 -3.68 -8.23
C PHE A 53 0.38 -3.65 -6.99
N ILE A 54 -0.69 -2.88 -7.04
CA ILE A 54 -1.59 -2.78 -5.89
C ILE A 54 -2.25 -4.12 -5.60
N GLN A 55 -2.57 -4.87 -6.67
CA GLN A 55 -3.10 -6.22 -6.52
C GLN A 55 -2.08 -7.11 -5.82
N SER A 56 -0.83 -7.04 -6.25
CA SER A 56 0.24 -7.83 -5.65
C SER A 56 0.48 -7.41 -4.19
N PHE A 57 0.23 -6.14 -3.90
CA PHE A 57 0.36 -5.61 -2.54
C PHE A 57 -0.68 -6.26 -1.62
N ILE A 58 -1.90 -6.37 -2.11
CA ILE A 58 -2.97 -7.00 -1.36
C ILE A 58 -2.79 -8.52 -1.34
N GLU A 59 -2.24 -9.04 -2.43
CA GLU A 59 -1.95 -10.46 -2.57
C GLU A 59 -0.95 -10.90 -1.51
N ARG A 60 -0.06 -9.97 -1.12
CA ARG A 60 0.92 -10.23 -0.08
C ARG A 60 0.22 -10.60 1.23
N ASP A 61 -0.89 -9.92 1.50
CA ASP A 61 -1.65 -10.15 2.73
C ASP A 61 -2.46 -11.43 2.61
N ASP A 62 -2.92 -11.70 1.39
CA ASP A 62 -3.71 -12.90 1.11
C ASP A 62 -2.89 -14.15 1.44
N THR A 63 -1.58 -14.05 1.23
CA THR A 63 -0.66 -15.14 1.57
C THR A 63 -0.64 -15.38 3.08
N GLU A 64 -0.70 -14.30 3.85
CA GLU A 64 -0.70 -14.41 5.31
C GLU A 64 -2.01 -15.01 5.77
N LEU A 65 -3.09 -14.59 5.11
CA LEU A 65 -4.42 -15.08 5.37
C LEU A 65 -4.51 -16.57 5.09
N ASP A 66 -3.89 -16.99 3.99
CA ASP A 66 -3.92 -18.39 3.56
C ASP A 66 -3.14 -19.26 4.55
N GLU A 67 -2.10 -18.70 5.14
CA GLU A 67 -1.31 -19.41 6.15
C GLU A 67 -2.13 -19.67 7.42
N LEU A 68 -2.85 -18.66 7.89
CA LEU A 68 -3.73 -18.83 9.04
C LEU A 68 -4.85 -19.79 8.69
N LYS A 69 -5.35 -19.64 7.47
CA LYS A 69 -6.39 -20.50 6.91
C LYS A 69 -5.95 -21.96 6.95
N LYS A 70 -4.71 -22.20 6.58
CA LYS A 70 -4.12 -23.53 6.56
C LYS A 70 -3.89 -24.03 7.99
N LYS A 71 -3.37 -23.15 8.84
CA LYS A 71 -3.05 -23.51 10.21
C LYS A 71 -4.31 -23.87 10.99
N ARG A 72 -5.43 -23.25 10.61
CA ARG A 72 -6.72 -23.55 11.22
C ARG A 72 -7.07 -25.02 11.08
N ARG A 73 -6.68 -25.62 9.96
CA ARG A 73 -7.00 -27.01 9.67
C ARG A 73 -6.21 -27.97 10.56
N SER A 74 -5.16 -27.45 11.19
CA SER A 74 -4.28 -28.27 12.01
C SER A 74 -4.82 -28.38 13.43
N ASN A 75 -4.80 -27.28 14.18
CA ASN A 75 -5.21 -27.30 15.58
C ASN A 75 -6.11 -26.11 15.89
N ARG A 76 -6.54 -25.40 14.84
CA ARG A 76 -7.30 -24.16 14.98
C ARG A 76 -6.63 -23.15 15.93
N PRO A 77 -5.30 -22.91 15.81
CA PRO A 77 -4.60 -21.98 16.70
C PRO A 77 -5.07 -20.51 16.58
N PRO A 78 -5.07 -19.89 15.36
CA PRO A 78 -5.49 -18.51 15.21
C PRO A 78 -6.99 -18.34 15.37
N SER A 79 -7.74 -19.13 14.60
CA SER A 79 -9.20 -19.09 14.58
C SER A 79 -9.73 -17.68 14.27
N ASN A 80 -9.89 -16.87 15.30
CA ASN A 80 -10.42 -15.52 15.13
C ASN A 80 -9.42 -14.62 14.42
N ARG A 81 -8.14 -14.91 14.59
CA ARG A 81 -7.10 -14.14 13.93
C ARG A 81 -7.20 -14.26 12.41
N GLN A 82 -7.66 -15.41 11.94
CA GLN A 82 -7.85 -15.61 10.51
C GLN A 82 -8.95 -14.70 10.00
N VAL A 83 -10.06 -14.69 10.73
CA VAL A 83 -11.20 -13.85 10.38
C VAL A 83 -10.85 -12.38 10.55
N LEU A 84 -10.05 -12.08 11.56
CA LEU A 84 -9.61 -10.72 11.83
C LEU A 84 -8.69 -10.23 10.71
N LEU A 85 -7.80 -11.11 10.26
CA LEU A 85 -6.93 -10.80 9.13
C LEU A 85 -7.75 -10.68 7.86
N GLN A 86 -8.77 -11.50 7.74
CA GLN A 86 -9.71 -11.40 6.63
C GLN A 86 -10.41 -10.03 6.66
N GLN A 87 -10.81 -9.61 7.84
CA GLN A 87 -11.42 -8.29 8.02
C GLN A 87 -10.42 -7.18 7.73
N ARG A 88 -9.15 -7.43 8.04
CA ARG A 88 -8.09 -6.47 7.75
C ARG A 88 -7.86 -6.40 6.24
N ARG A 89 -7.90 -7.56 5.61
CA ARG A 89 -7.84 -7.67 4.15
C ARG A 89 -8.98 -6.87 3.53
N ASP A 90 -10.20 -7.17 3.99
CA ASP A 90 -11.41 -6.52 3.48
C ASP A 90 -11.42 -5.02 3.77
N GLN A 91 -10.85 -4.62 4.89
CA GLN A 91 -10.83 -3.23 5.29
C GLN A 91 -10.08 -2.38 4.26
N GLU A 92 -8.89 -2.83 3.90
CA GLU A 92 -8.08 -2.12 2.91
C GLU A 92 -8.75 -2.20 1.53
N LEU A 93 -9.48 -3.28 1.30
CA LEU A 93 -10.24 -3.44 0.06
C LEU A 93 -11.37 -2.40 -0.01
N LYS A 94 -12.00 -2.14 1.13
CA LYS A 94 -13.07 -1.16 1.21
C LYS A 94 -12.52 0.24 0.99
N GLU A 95 -11.33 0.50 1.52
CA GLU A 95 -10.68 1.80 1.34
C GLU A 95 -10.23 1.94 -0.12
N PHE A 96 -9.84 0.82 -0.73
CA PHE A 96 -9.48 0.80 -2.13
C PHE A 96 -10.71 1.10 -2.99
N LYS A 97 -11.86 0.60 -2.54
CA LYS A 97 -13.13 0.81 -3.24
C LYS A 97 -13.65 2.24 -3.02
N ALA A 98 -13.06 2.93 -2.06
CA ALA A 98 -13.42 4.31 -1.79
C ALA A 98 -12.38 5.27 -2.37
N GLY A 99 -11.22 4.73 -2.70
CA GLY A 99 -10.14 5.54 -3.21
C GLY A 99 -8.88 5.38 -2.39
N PHE A 100 -8.03 4.43 -2.78
CA PHE A 100 -6.79 4.17 -2.07
C PHE A 100 -5.76 5.23 -2.42
N LEU A 101 -5.00 5.70 -1.44
CA LEU A 101 -4.03 6.75 -1.69
C LEU A 101 -2.75 6.18 -2.30
N CYS A 102 -2.66 6.27 -3.61
CA CYS A 102 -1.50 5.78 -4.33
C CYS A 102 -0.98 6.88 -5.25
N PRO A 103 0.33 6.87 -5.56
CA PRO A 103 0.92 7.87 -6.43
C PRO A 103 0.68 7.56 -7.90
N ASP A 104 0.62 8.61 -8.72
CA ASP A 104 0.50 8.41 -10.16
C ASP A 104 1.78 7.77 -10.67
N LEU A 105 1.70 6.47 -10.92
CA LEU A 105 2.85 5.66 -11.25
C LEU A 105 3.26 5.84 -12.71
N SER A 106 2.59 6.76 -13.39
CA SER A 106 2.83 6.98 -14.81
C SER A 106 3.45 8.36 -15.05
N ASP A 107 3.77 9.07 -13.99
CA ASP A 107 4.41 10.37 -14.11
C ASP A 107 5.92 10.22 -14.00
N ALA A 108 6.64 10.70 -15.01
CA ALA A 108 8.08 10.53 -15.07
C ALA A 108 8.79 11.31 -13.98
N LYS A 109 8.40 12.57 -13.79
CA LYS A 109 9.06 13.43 -12.81
C LYS A 109 8.77 12.95 -11.39
N ASN A 110 7.52 12.59 -11.13
CA ASN A 110 7.14 12.14 -9.81
C ASN A 110 7.67 10.74 -9.52
N MET A 111 7.94 9.97 -10.56
CA MET A 111 8.62 8.70 -10.37
C MET A 111 10.11 8.95 -10.11
N GLU A 112 10.61 10.06 -10.63
CA GLU A 112 11.97 10.49 -10.33
C GLU A 112 12.06 10.94 -8.88
N PHE A 113 11.06 11.67 -8.42
CA PHE A 113 10.92 12.02 -7.01
C PHE A 113 10.78 10.76 -6.18
N LEU A 114 10.03 9.80 -6.72
CA LEU A 114 9.85 8.50 -6.10
C LEU A 114 11.21 7.80 -5.94
N ARG A 115 12.01 7.83 -7.01
CA ARG A 115 13.35 7.24 -6.99
C ARG A 115 14.23 7.88 -5.93
N ASN A 116 14.02 9.17 -5.71
CA ASN A 116 14.86 9.93 -4.80
C ASN A 116 14.19 10.09 -3.44
N TRP A 117 13.21 9.24 -3.16
CA TRP A 117 12.51 9.29 -1.89
C TRP A 117 13.44 8.82 -0.77
N ASN A 118 13.86 9.77 0.06
CA ASN A 118 14.84 9.51 1.11
C ASN A 118 14.16 8.99 2.38
N GLY A 119 12.93 8.51 2.25
CA GLY A 119 12.18 8.10 3.42
C GLY A 119 11.71 9.30 4.21
N THR A 120 11.15 10.26 3.50
CA THR A 120 10.74 11.52 4.10
C THR A 120 9.24 11.75 3.90
N PHE A 121 8.61 12.33 4.92
CA PHE A 121 7.18 12.60 4.87
C PHE A 121 6.91 13.87 4.09
N GLY A 122 7.92 14.73 4.02
CA GLY A 122 7.77 15.98 3.30
C GLY A 122 7.75 15.79 1.79
N LEU A 123 8.38 14.72 1.33
CA LEU A 123 8.43 14.42 -0.09
C LEU A 123 7.06 13.91 -0.57
N LEU A 124 6.25 13.44 0.38
CA LEU A 124 4.93 12.95 0.06
C LEU A 124 4.06 14.07 -0.50
N ASN A 125 4.33 15.29 -0.05
CA ASN A 125 3.61 16.47 -0.52
C ASN A 125 4.03 16.84 -1.94
N THR A 126 5.22 16.39 -2.33
CA THR A 126 5.74 16.68 -3.66
C THR A 126 5.42 15.53 -4.62
N LEU A 127 4.70 14.53 -4.11
CA LEU A 127 4.29 13.40 -4.91
C LEU A 127 2.81 13.52 -5.26
N ARG A 128 2.46 13.10 -6.47
CA ARG A 128 1.07 13.11 -6.89
C ARG A 128 0.35 11.89 -6.33
N LEU A 129 0.09 11.95 -5.03
CA LEU A 129 -0.62 10.89 -4.35
C LEU A 129 -2.12 11.12 -4.50
N ILE A 130 -2.72 10.31 -5.36
CA ILE A 130 -4.11 10.48 -5.72
C ILE A 130 -4.97 9.38 -5.13
N ARG A 131 -6.26 9.49 -5.33
CA ARG A 131 -7.19 8.47 -4.85
C ARG A 131 -7.50 7.51 -5.99
N ILE A 132 -7.13 6.26 -5.81
CA ILE A 132 -7.31 5.25 -6.86
C ILE A 132 -8.31 4.18 -6.40
N ASN A 133 -9.32 3.97 -7.23
CA ASN A 133 -10.40 3.04 -6.94
C ASN A 133 -10.29 1.80 -7.83
N ASP A 134 -11.04 0.76 -7.47
CA ASP A 134 -11.16 -0.46 -8.27
C ASP A 134 -9.80 -1.13 -8.46
N LYS A 135 -9.15 -0.84 -9.57
CA LYS A 135 -7.79 -1.32 -9.83
C LYS A 135 -7.12 -0.39 -10.83
N GLY A 136 -6.51 0.68 -10.34
CA GLY A 136 -5.82 1.61 -11.21
C GLY A 136 -6.75 2.66 -11.79
N GLU A 137 -7.89 2.88 -11.14
CA GLU A 137 -8.88 3.85 -11.59
C GLU A 137 -8.76 5.14 -10.78
N GLN A 138 -8.21 6.18 -11.38
CA GLN A 138 -8.03 7.45 -10.68
C GLN A 138 -9.38 8.10 -10.40
N VAL A 139 -9.63 8.39 -9.14
CA VAL A 139 -10.86 9.05 -8.73
C VAL A 139 -10.67 10.56 -8.70
N VAL A 140 -11.00 11.20 -9.79
CA VAL A 140 -10.82 12.65 -9.92
C VAL A 140 -11.95 13.40 -9.23
N GLY A 141 -11.60 14.52 -8.59
CA GLY A 141 -12.58 15.35 -7.95
C GLY A 141 -12.46 15.34 -6.45
N GLY A 142 -11.99 14.22 -5.92
CA GLY A 142 -11.86 14.07 -4.48
C GLY A 142 -12.82 13.05 -3.93
N ASN A 143 -14.04 13.03 -4.49
CA ASN A 143 -15.08 12.07 -4.13
C ASN A 143 -15.61 12.33 -2.73
N GLU A 144 -16.46 13.35 -2.60
CA GLU A 144 -17.11 13.67 -1.33
C GLU A 144 -18.55 14.08 -1.58
N MET A 4 -7.26 7.20 33.97
CA MET A 4 -7.50 7.14 35.43
C MET A 4 -6.24 7.54 36.18
N ARG A 5 -5.20 6.74 36.06
CA ARG A 5 -3.92 7.06 36.65
C ARG A 5 -2.91 7.36 35.54
N GLU A 6 -1.65 7.42 35.89
CA GLU A 6 -0.60 7.54 34.88
C GLU A 6 -0.53 6.25 34.08
N ASP A 7 -0.40 5.13 34.79
CA ASP A 7 -0.36 3.80 34.18
C ASP A 7 0.67 3.74 33.06
N LYS A 8 1.88 4.13 33.36
CA LYS A 8 2.95 4.14 32.39
C LYS A 8 3.59 2.76 32.32
N ILE A 9 3.19 1.98 31.33
CA ILE A 9 3.60 0.59 31.21
C ILE A 9 5.08 0.47 30.83
N ALA A 10 5.59 -0.75 30.89
CA ALA A 10 6.97 -1.03 30.53
C ALA A 10 7.11 -1.15 29.01
N ALA A 11 8.29 -0.84 28.50
CA ALA A 11 8.58 -0.91 27.07
C ALA A 11 8.36 -2.32 26.53
N LYS A 12 7.75 -2.39 25.36
CA LYS A 12 7.41 -3.66 24.75
C LYS A 12 8.57 -4.15 23.87
N LYS A 13 8.76 -5.47 23.83
CA LYS A 13 9.80 -6.06 23.00
C LYS A 13 9.54 -5.80 21.53
N LYS A 14 8.27 -5.87 21.14
CA LYS A 14 7.89 -5.61 19.77
C LYS A 14 7.95 -4.11 19.50
N LEU A 15 8.88 -3.72 18.63
CA LEU A 15 9.11 -2.32 18.34
C LEU A 15 7.89 -1.69 17.66
N HIS A 16 7.71 -0.40 17.87
CA HIS A 16 6.55 0.29 17.36
C HIS A 16 6.71 0.61 15.88
N GLN A 17 6.39 -0.36 15.03
CA GLN A 17 6.26 -0.11 13.62
C GLN A 17 4.84 0.39 13.38
N ASP A 18 4.70 1.70 13.24
CA ASP A 18 3.40 2.36 13.27
C ASP A 18 2.45 1.79 12.24
N LYS A 19 1.18 1.71 12.63
CA LYS A 19 0.12 1.22 11.77
C LYS A 19 0.08 1.98 10.44
N ARG A 20 0.40 3.27 10.49
CA ARG A 20 0.29 4.12 9.32
C ARG A 20 1.48 3.93 8.37
N VAL A 21 2.39 3.00 8.70
CA VAL A 21 3.45 2.65 7.78
C VAL A 21 2.82 2.03 6.53
N HIS A 22 1.60 1.54 6.72
CA HIS A 22 0.79 0.98 5.65
C HIS A 22 0.54 2.01 4.54
N GLU A 23 0.50 3.29 4.93
CA GLU A 23 0.21 4.37 3.99
C GLU A 23 1.39 4.58 3.04
N LEU A 24 2.59 4.68 3.61
CA LEU A 24 3.79 4.92 2.81
C LEU A 24 4.29 3.61 2.20
N ALA A 25 3.73 2.50 2.67
CA ALA A 25 4.13 1.16 2.21
C ALA A 25 3.94 1.02 0.70
N ARG A 26 2.86 1.60 0.18
CA ARG A 26 2.59 1.56 -1.26
C ARG A 26 3.71 2.25 -2.03
N VAL A 27 4.12 3.41 -1.52
CA VAL A 27 5.16 4.20 -2.17
C VAL A 27 6.52 3.51 -2.07
N LYS A 28 6.82 2.95 -0.90
CA LYS A 28 8.11 2.29 -0.71
C LYS A 28 8.23 1.07 -1.61
N PHE A 29 7.13 0.34 -1.78
CA PHE A 29 7.12 -0.80 -2.68
C PHE A 29 7.53 -0.36 -4.08
N MET A 30 6.92 0.72 -4.56
CA MET A 30 7.26 1.28 -5.86
C MET A 30 8.74 1.69 -5.88
N GLN A 31 9.20 2.33 -4.82
CA GLN A 31 10.58 2.77 -4.72
C GLN A 31 11.55 1.61 -4.86
N ASP A 32 11.36 0.59 -4.03
CA ASP A 32 12.24 -0.57 -4.02
C ASP A 32 12.24 -1.29 -5.37
N VAL A 33 11.07 -1.38 -5.97
CA VAL A 33 10.92 -2.08 -7.24
C VAL A 33 11.61 -1.34 -8.40
N VAL A 34 11.46 -0.02 -8.45
CA VAL A 34 12.03 0.76 -9.54
C VAL A 34 13.54 0.97 -9.38
N ASN A 35 14.03 0.83 -8.15
CA ASN A 35 15.45 0.99 -7.89
C ASN A 35 16.20 -0.33 -8.04
N SER A 36 15.47 -1.44 -7.93
CA SER A 36 16.07 -2.75 -8.08
C SER A 36 15.89 -3.24 -9.52
N ASP A 37 16.58 -4.32 -9.87
CA ASP A 37 16.52 -4.85 -11.23
C ASP A 37 15.19 -5.57 -11.47
N THR A 38 14.32 -5.57 -10.48
CA THR A 38 13.02 -6.20 -10.61
C THR A 38 12.21 -5.56 -11.73
N PHE A 39 12.16 -4.23 -11.75
CA PHE A 39 11.46 -3.51 -12.82
C PHE A 39 12.20 -2.26 -13.22
N LYS A 40 13.51 -2.21 -12.95
CA LYS A 40 14.34 -1.05 -13.33
C LYS A 40 14.34 -0.87 -14.85
N GLY A 41 14.05 -1.97 -15.56
CA GLY A 41 13.97 -1.91 -17.02
C GLY A 41 12.95 -0.90 -17.49
N GLN A 42 11.86 -0.78 -16.75
CA GLN A 42 10.82 0.20 -17.04
C GLN A 42 10.72 1.20 -15.89
N PRO A 43 11.42 2.34 -15.99
CA PRO A 43 11.45 3.36 -14.94
C PRO A 43 10.10 4.05 -14.78
N ILE A 44 9.30 3.99 -15.82
CA ILE A 44 7.97 4.59 -15.82
C ILE A 44 6.93 3.51 -16.03
N PHE A 45 5.72 3.72 -15.54
CA PHE A 45 4.67 2.72 -15.65
C PHE A 45 3.39 3.35 -16.20
N ASP A 46 2.30 2.62 -16.08
CA ASP A 46 0.99 3.08 -16.53
C ASP A 46 -0.01 2.91 -15.40
N HIS A 47 -1.20 3.49 -15.53
CA HIS A 47 -2.26 3.31 -14.54
C HIS A 47 -2.64 1.84 -14.40
N ALA A 48 -2.42 1.06 -15.46
CA ALA A 48 -2.62 -0.39 -15.41
C ALA A 48 -1.60 -1.03 -14.49
N HIS A 49 -0.41 -0.44 -14.42
CA HIS A 49 0.62 -0.95 -13.54
C HIS A 49 0.31 -0.55 -12.10
N THR A 50 -0.53 0.46 -11.93
CA THR A 50 -1.08 0.80 -10.63
C THR A 50 -1.99 -0.34 -10.17
N ARG A 51 -2.97 -0.66 -11.01
CA ARG A 51 -3.84 -1.81 -10.80
C ARG A 51 -2.99 -3.04 -10.49
N GLU A 52 -2.04 -3.30 -11.36
CA GLU A 52 -1.12 -4.42 -11.23
C GLU A 52 -0.45 -4.47 -9.86
N PHE A 53 0.28 -3.43 -9.51
CA PHE A 53 1.08 -3.43 -8.28
C PHE A 53 0.23 -3.29 -7.02
N ILE A 54 -0.78 -2.42 -7.04
CA ILE A 54 -1.58 -2.21 -5.85
C ILE A 54 -2.37 -3.46 -5.49
N GLN A 55 -3.02 -4.07 -6.48
CA GLN A 55 -3.83 -5.26 -6.25
C GLN A 55 -2.97 -6.45 -5.83
N SER A 56 -1.77 -6.54 -6.37
CA SER A 56 -0.89 -7.66 -6.04
C SER A 56 -0.32 -7.51 -4.63
N PHE A 57 -0.08 -6.27 -4.21
CA PHE A 57 0.37 -6.00 -2.86
C PHE A 57 -0.72 -6.37 -1.86
N ILE A 58 -1.97 -6.17 -2.26
CA ILE A 58 -3.11 -6.53 -1.42
C ILE A 58 -3.29 -8.05 -1.40
N GLU A 59 -3.27 -8.67 -2.58
CA GLU A 59 -3.50 -10.10 -2.73
C GLU A 59 -2.39 -10.91 -2.05
N ARG A 60 -1.27 -10.25 -1.78
CA ARG A 60 -0.15 -10.88 -1.09
C ARG A 60 -0.57 -11.46 0.26
N ASP A 61 -1.56 -10.82 0.88
CA ASP A 61 -1.96 -11.16 2.25
C ASP A 61 -2.50 -12.58 2.33
N ASP A 62 -3.06 -13.08 1.22
CA ASP A 62 -3.58 -14.45 1.16
C ASP A 62 -2.48 -15.48 1.40
N THR A 63 -1.23 -15.06 1.18
CA THR A 63 -0.09 -15.95 1.40
C THR A 63 0.08 -16.24 2.89
N GLU A 64 -0.24 -15.25 3.72
CA GLU A 64 -0.14 -15.42 5.17
C GLU A 64 -1.44 -15.99 5.70
N LEU A 65 -2.50 -15.88 4.91
CA LEU A 65 -3.77 -16.51 5.22
C LEU A 65 -3.69 -18.01 4.97
N ASP A 66 -2.87 -18.39 3.99
CA ASP A 66 -2.64 -19.80 3.68
C ASP A 66 -1.98 -20.51 4.86
N GLU A 67 -1.19 -19.78 5.62
CA GLU A 67 -0.57 -20.32 6.82
C GLU A 67 -1.65 -20.79 7.79
N LEU A 68 -2.72 -20.00 7.89
CA LEU A 68 -3.83 -20.31 8.77
C LEU A 68 -4.60 -21.52 8.26
N LYS A 69 -4.64 -21.65 6.94
CA LYS A 69 -5.27 -22.80 6.30
C LYS A 69 -4.48 -24.07 6.59
N LYS A 70 -3.15 -23.97 6.48
CA LYS A 70 -2.26 -25.06 6.84
C LYS A 70 -2.43 -25.43 8.30
N LYS A 71 -2.60 -24.40 9.13
CA LYS A 71 -2.75 -24.58 10.56
C LYS A 71 -4.01 -25.37 10.87
N ARG A 72 -5.10 -25.02 10.19
CA ARG A 72 -6.38 -25.72 10.34
C ARG A 72 -6.27 -27.17 9.83
N ARG A 73 -5.39 -27.39 8.86
CA ARG A 73 -5.13 -28.74 8.37
C ARG A 73 -4.39 -29.54 9.44
N SER A 74 -3.55 -28.83 10.20
CA SER A 74 -2.80 -29.43 11.30
C SER A 74 -3.69 -29.63 12.52
N ASN A 75 -4.99 -29.36 12.35
CA ASN A 75 -6.01 -29.55 13.38
C ASN A 75 -5.95 -28.42 14.40
N ARG A 76 -5.38 -27.30 13.99
CA ARG A 76 -5.36 -26.09 14.81
C ARG A 76 -6.16 -24.97 14.15
N PRO A 77 -7.48 -24.92 14.41
CA PRO A 77 -8.35 -23.86 13.91
C PRO A 77 -8.04 -22.52 14.56
N PRO A 78 -7.67 -21.51 13.77
CA PRO A 78 -7.41 -20.17 14.25
C PRO A 78 -8.67 -19.32 14.31
N SER A 79 -9.00 -18.82 15.49
CA SER A 79 -10.17 -17.98 15.65
C SER A 79 -9.81 -16.51 15.38
N ASN A 80 -9.13 -15.87 16.33
CA ASN A 80 -8.82 -14.46 16.23
C ASN A 80 -7.83 -14.18 15.09
N ARG A 81 -6.94 -15.13 14.84
CA ARG A 81 -5.93 -14.99 13.81
C ARG A 81 -6.57 -14.92 12.42
N GLN A 82 -7.61 -15.72 12.22
CA GLN A 82 -8.27 -15.78 10.93
C GLN A 82 -9.20 -14.59 10.72
N VAL A 83 -9.90 -14.21 11.79
CA VAL A 83 -10.82 -13.07 11.71
C VAL A 83 -10.05 -11.78 11.44
N LEU A 84 -9.01 -11.53 12.24
CA LEU A 84 -8.21 -10.31 12.09
C LEU A 84 -7.57 -10.26 10.71
N LEU A 85 -7.16 -11.41 10.20
CA LEU A 85 -6.58 -11.53 8.86
C LEU A 85 -7.59 -11.00 7.83
N GLN A 86 -8.78 -11.58 7.83
CA GLN A 86 -9.82 -11.24 6.88
C GLN A 86 -10.22 -9.76 7.01
N GLN A 87 -10.21 -9.25 8.24
CA GLN A 87 -10.60 -7.87 8.50
C GLN A 87 -9.69 -6.88 7.79
N ARG A 88 -8.37 -7.04 7.96
CA ARG A 88 -7.43 -6.11 7.36
C ARG A 88 -7.41 -6.30 5.84
N ARG A 89 -7.54 -7.56 5.41
CA ARG A 89 -7.62 -7.89 4.00
C ARG A 89 -8.78 -7.13 3.36
N ASP A 90 -9.95 -7.24 3.98
CA ASP A 90 -11.15 -6.57 3.50
C ASP A 90 -10.98 -5.06 3.54
N GLN A 91 -10.22 -4.58 4.52
CA GLN A 91 -9.91 -3.16 4.64
C GLN A 91 -9.07 -2.68 3.46
N GLU A 92 -8.12 -3.51 3.04
CA GLU A 92 -7.29 -3.19 1.87
C GLU A 92 -8.17 -2.92 0.67
N LEU A 93 -9.13 -3.81 0.45
CA LEU A 93 -10.06 -3.67 -0.67
C LEU A 93 -10.88 -2.38 -0.55
N LYS A 94 -11.40 -2.10 0.64
CA LYS A 94 -12.21 -0.89 0.85
C LYS A 94 -11.40 0.37 0.55
N GLU A 95 -10.14 0.36 0.98
CA GLU A 95 -9.27 1.50 0.82
C GLU A 95 -9.08 1.86 -0.65
N PHE A 96 -8.76 0.87 -1.46
CA PHE A 96 -8.51 1.10 -2.87
C PHE A 96 -9.81 1.14 -3.66
N LYS A 97 -10.92 0.86 -2.98
CA LYS A 97 -12.24 0.96 -3.59
C LYS A 97 -12.76 2.39 -3.45
N ALA A 98 -12.46 3.01 -2.33
CA ALA A 98 -12.85 4.40 -2.10
C ALA A 98 -11.92 5.34 -2.86
N GLY A 99 -10.68 4.93 -3.02
CA GLY A 99 -9.71 5.74 -3.74
C GLY A 99 -8.53 6.11 -2.86
N PHE A 100 -7.52 5.26 -2.86
CA PHE A 100 -6.35 5.46 -2.02
C PHE A 100 -5.40 6.47 -2.67
N LEU A 101 -4.66 7.16 -1.82
CA LEU A 101 -3.70 8.17 -2.27
C LEU A 101 -2.51 7.50 -2.96
N CYS A 102 -2.53 7.51 -4.28
CA CYS A 102 -1.49 6.85 -5.07
C CYS A 102 -0.89 7.84 -6.07
N PRO A 103 0.40 7.70 -6.40
CA PRO A 103 1.05 8.57 -7.37
C PRO A 103 0.71 8.21 -8.81
N ASP A 104 0.79 9.19 -9.70
CA ASP A 104 0.60 8.92 -11.12
C ASP A 104 1.89 8.35 -11.70
N LEU A 105 1.77 7.19 -12.34
CA LEU A 105 2.96 6.46 -12.78
C LEU A 105 3.40 6.85 -14.18
N SER A 106 2.70 7.78 -14.82
CA SER A 106 3.06 8.18 -16.18
C SER A 106 3.80 9.51 -16.17
N ASP A 107 3.95 10.10 -14.99
CA ASP A 107 4.72 11.32 -14.84
C ASP A 107 6.15 10.97 -14.42
N ALA A 108 7.09 11.16 -15.34
CA ALA A 108 8.47 10.76 -15.12
C ALA A 108 9.14 11.59 -14.02
N LYS A 109 8.62 12.78 -13.78
CA LYS A 109 9.16 13.66 -12.75
C LYS A 109 8.90 13.05 -11.37
N ASN A 110 7.64 12.69 -11.14
CA ASN A 110 7.23 12.08 -9.88
C ASN A 110 7.82 10.70 -9.73
N MET A 111 7.95 9.98 -10.83
CA MET A 111 8.60 8.67 -10.79
C MET A 111 10.06 8.81 -10.38
N GLU A 112 10.65 9.95 -10.72
CA GLU A 112 12.02 10.25 -10.32
C GLU A 112 12.08 10.53 -8.82
N PHE A 113 11.11 11.31 -8.32
CA PHE A 113 11.00 11.57 -6.89
C PHE A 113 10.77 10.26 -6.14
N LEU A 114 9.96 9.39 -6.75
CA LEU A 114 9.68 8.07 -6.20
C LEU A 114 10.97 7.25 -6.15
N ARG A 115 11.78 7.39 -7.18
CA ARG A 115 13.07 6.72 -7.25
C ARG A 115 14.02 7.25 -6.17
N ASN A 116 13.95 8.56 -5.93
CA ASN A 116 14.81 9.21 -4.95
C ASN A 116 14.13 9.32 -3.59
N TRP A 117 13.09 8.51 -3.38
CA TRP A 117 12.32 8.57 -2.16
C TRP A 117 13.11 7.95 -1.00
N ASN A 118 13.45 8.77 -0.02
CA ASN A 118 14.26 8.32 1.11
C ASN A 118 13.39 8.14 2.36
N GLY A 119 12.12 7.81 2.14
CA GLY A 119 11.19 7.70 3.24
C GLY A 119 10.77 9.06 3.73
N THR A 120 11.03 10.06 2.90
CA THR A 120 10.75 11.45 3.23
C THR A 120 9.26 11.73 3.18
N PHE A 121 8.70 12.21 4.29
CA PHE A 121 7.29 12.54 4.35
C PHE A 121 7.00 13.77 3.50
N GLY A 122 7.94 14.71 3.49
CA GLY A 122 7.83 15.89 2.65
C GLY A 122 7.76 15.52 1.18
N LEU A 123 8.40 14.41 0.83
CA LEU A 123 8.38 13.92 -0.56
C LEU A 123 6.98 13.45 -0.95
N LEU A 124 6.17 13.14 0.04
CA LEU A 124 4.79 12.73 -0.23
C LEU A 124 3.95 13.94 -0.60
N ASN A 125 4.43 15.12 -0.23
CA ASN A 125 3.74 16.36 -0.57
C ASN A 125 4.28 16.90 -1.89
N THR A 126 5.49 16.49 -2.26
CA THR A 126 6.05 16.86 -3.55
C THR A 126 5.54 15.93 -4.63
N LEU A 127 5.12 14.74 -4.23
CA LEU A 127 4.56 13.77 -5.15
C LEU A 127 3.11 14.10 -5.48
N ARG A 128 2.77 14.00 -6.75
CA ARG A 128 1.39 14.16 -7.19
C ARG A 128 0.59 12.92 -6.82
N LEU A 129 0.39 12.75 -5.53
CA LEU A 129 -0.37 11.63 -5.02
C LEU A 129 -1.86 11.95 -5.13
N ILE A 130 -2.53 11.23 -6.01
CA ILE A 130 -3.94 11.46 -6.28
C ILE A 130 -4.77 10.34 -5.67
N ARG A 131 -6.07 10.38 -5.86
CA ARG A 131 -6.91 9.29 -5.42
C ARG A 131 -7.19 8.33 -6.57
N ILE A 132 -6.78 7.09 -6.41
CA ILE A 132 -6.97 6.06 -7.42
C ILE A 132 -7.82 4.92 -6.86
N ASN A 133 -8.80 4.48 -7.62
CA ASN A 133 -9.71 3.43 -7.15
C ASN A 133 -9.77 2.27 -8.13
N ASP A 134 -10.07 1.08 -7.58
CA ASP A 134 -10.36 -0.14 -8.34
C ASP A 134 -9.15 -0.66 -9.11
N LYS A 135 -8.77 0.06 -10.17
CA LYS A 135 -7.64 -0.33 -10.99
C LYS A 135 -6.62 0.81 -11.04
N GLY A 136 -6.90 1.78 -11.89
CA GLY A 136 -6.08 2.97 -11.97
C GLY A 136 -6.95 4.17 -12.27
N GLU A 137 -8.13 4.18 -11.67
CA GLU A 137 -9.14 5.16 -12.01
C GLU A 137 -8.94 6.45 -11.23
N GLN A 138 -9.38 7.55 -11.81
CA GLN A 138 -9.15 8.87 -11.21
C GLN A 138 -10.31 9.26 -10.31
N VAL A 139 -10.05 9.33 -9.01
CA VAL A 139 -11.02 9.86 -8.07
C VAL A 139 -10.77 11.35 -7.89
N VAL A 140 -11.78 12.15 -8.18
CA VAL A 140 -11.65 13.60 -8.08
C VAL A 140 -12.39 14.11 -6.86
N GLY A 141 -12.30 15.42 -6.62
CA GLY A 141 -13.00 16.02 -5.49
C GLY A 141 -14.48 16.17 -5.73
N GLY A 142 -15.12 15.09 -6.17
CA GLY A 142 -16.54 15.11 -6.42
C GLY A 142 -17.15 13.73 -6.32
N ASN A 143 -16.45 12.83 -5.63
CA ASN A 143 -16.93 11.47 -5.43
C ASN A 143 -17.25 11.23 -3.97
N GLU A 144 -16.26 11.46 -3.11
CA GLU A 144 -16.44 11.37 -1.67
C GLU A 144 -15.42 12.25 -0.98
N MET A 4 -2.48 2.00 38.24
CA MET A 4 -3.45 2.78 37.44
C MET A 4 -2.88 4.16 37.14
N ARG A 5 -3.51 4.87 36.21
CA ARG A 5 -3.07 6.20 35.82
C ARG A 5 -4.27 7.12 35.65
N GLU A 6 -3.99 8.39 35.41
CA GLU A 6 -5.05 9.35 35.13
C GLU A 6 -5.38 9.31 33.65
N ASP A 7 -4.36 9.00 32.85
CA ASP A 7 -4.50 8.91 31.41
C ASP A 7 -5.36 7.71 31.03
N LYS A 8 -5.91 7.75 29.83
CA LYS A 8 -6.78 6.69 29.35
C LYS A 8 -6.01 5.76 28.42
N ILE A 9 -4.94 6.27 27.83
CA ILE A 9 -4.13 5.50 26.90
C ILE A 9 -2.79 6.19 26.62
N ALA A 10 -1.71 5.51 26.99
CA ALA A 10 -0.37 5.99 26.69
C ALA A 10 -0.02 5.62 25.24
N ALA A 11 0.45 6.59 24.48
CA ALA A 11 0.68 6.39 23.06
C ALA A 11 2.03 5.72 22.79
N LYS A 12 2.07 4.41 23.01
CA LYS A 12 3.16 3.60 22.51
C LYS A 12 2.68 2.89 21.26
N LYS A 13 1.40 2.57 21.26
CA LYS A 13 0.72 2.05 20.09
C LYS A 13 0.06 3.21 19.34
N LYS A 14 -0.81 2.90 18.40
CA LYS A 14 -1.54 3.94 17.68
C LYS A 14 -3.01 3.56 17.57
N LEU A 15 -3.84 4.49 17.11
CA LEU A 15 -5.27 4.25 16.95
C LEU A 15 -5.52 3.24 15.83
N HIS A 16 -4.55 3.12 14.94
CA HIS A 16 -4.57 2.06 13.95
C HIS A 16 -3.63 0.96 14.40
N GLN A 17 -4.16 -0.24 14.55
CA GLN A 17 -3.42 -1.36 15.12
C GLN A 17 -2.18 -1.69 14.30
N ASP A 18 -2.30 -1.60 12.98
CA ASP A 18 -1.15 -1.80 12.11
C ASP A 18 -0.53 -0.45 11.80
N LYS A 19 0.79 -0.41 11.65
CA LYS A 19 1.51 0.86 11.58
C LYS A 19 1.54 1.45 10.17
N ARG A 20 2.31 2.52 10.02
CA ARG A 20 2.37 3.32 8.78
C ARG A 20 2.88 2.50 7.60
N VAL A 21 3.40 1.30 7.88
CA VAL A 21 3.93 0.43 6.84
C VAL A 21 2.84 0.01 5.87
N HIS A 22 1.62 -0.09 6.36
CA HIS A 22 0.49 -0.50 5.53
C HIS A 22 0.21 0.55 4.45
N GLU A 23 0.77 1.74 4.65
CA GLU A 23 0.50 2.87 3.77
C GLU A 23 1.72 3.21 2.92
N LEU A 24 2.80 3.67 3.55
CA LEU A 24 3.96 4.20 2.82
C LEU A 24 4.69 3.10 2.03
N ALA A 25 4.51 1.85 2.43
CA ALA A 25 5.17 0.74 1.74
C ALA A 25 4.65 0.57 0.31
N ARG A 26 3.50 1.14 0.01
CA ARG A 26 2.98 1.10 -1.36
C ARG A 26 3.93 1.85 -2.28
N VAL A 27 4.34 3.02 -1.83
CA VAL A 27 5.30 3.85 -2.55
C VAL A 27 6.68 3.22 -2.51
N LYS A 28 7.00 2.59 -1.39
CA LYS A 28 8.28 1.91 -1.23
C LYS A 28 8.44 0.79 -2.24
N PHE A 29 7.37 0.04 -2.46
CA PHE A 29 7.37 -1.03 -3.45
C PHE A 29 7.67 -0.45 -4.83
N MET A 30 6.95 0.62 -5.18
CA MET A 30 7.18 1.34 -6.43
C MET A 30 8.65 1.75 -6.55
N GLN A 31 9.17 2.35 -5.47
CA GLN A 31 10.54 2.84 -5.44
C GLN A 31 11.53 1.70 -5.64
N ASP A 32 11.40 0.66 -4.83
CA ASP A 32 12.37 -0.43 -4.84
C ASP A 32 12.38 -1.16 -6.19
N VAL A 33 11.20 -1.39 -6.75
CA VAL A 33 11.08 -2.12 -8.00
C VAL A 33 11.74 -1.38 -9.17
N VAL A 34 11.57 -0.06 -9.19
CA VAL A 34 12.12 0.75 -10.28
C VAL A 34 13.56 1.17 -9.98
N ASN A 35 14.00 0.93 -8.75
CA ASN A 35 15.38 1.22 -8.36
C ASN A 35 16.26 -0.02 -8.55
N SER A 36 15.67 -1.18 -8.33
CA SER A 36 16.37 -2.44 -8.57
C SER A 36 16.23 -2.83 -10.02
N ASP A 37 17.04 -3.80 -10.46
CA ASP A 37 17.02 -4.23 -11.86
C ASP A 37 15.74 -4.96 -12.21
N THR A 38 14.83 -5.07 -11.24
CA THR A 38 13.51 -5.60 -11.48
C THR A 38 12.85 -4.87 -12.64
N PHE A 39 12.84 -3.54 -12.56
CA PHE A 39 12.32 -2.71 -13.63
C PHE A 39 13.15 -1.45 -13.84
N LYS A 40 14.42 -1.50 -13.40
CA LYS A 40 15.36 -0.41 -13.68
C LYS A 40 15.81 -0.50 -15.12
N GLY A 41 14.85 -0.26 -15.99
CA GLY A 41 15.06 -0.28 -17.42
C GLY A 41 13.85 0.31 -18.12
N GLN A 42 12.68 0.07 -17.52
CA GLN A 42 11.45 0.70 -17.95
C GLN A 42 11.35 2.08 -17.30
N PRO A 43 11.22 3.13 -18.11
CA PRO A 43 11.22 4.52 -17.62
C PRO A 43 10.06 4.80 -16.66
N ILE A 44 8.86 4.88 -17.19
CA ILE A 44 7.68 5.21 -16.41
C ILE A 44 6.60 4.16 -16.63
N PHE A 45 5.67 4.04 -15.69
CA PHE A 45 4.64 3.02 -15.76
C PHE A 45 3.26 3.62 -16.02
N ASP A 46 2.24 2.77 -15.94
CA ASP A 46 0.88 3.16 -16.29
C ASP A 46 -0.10 2.71 -15.21
N HIS A 47 -1.39 2.77 -15.52
CA HIS A 47 -2.44 2.46 -14.53
C HIS A 47 -2.75 0.97 -14.49
N ALA A 48 -2.47 0.27 -15.57
CA ALA A 48 -2.62 -1.18 -15.61
C ALA A 48 -1.58 -1.82 -14.70
N HIS A 49 -0.36 -1.33 -14.80
CA HIS A 49 0.71 -1.78 -13.92
C HIS A 49 0.51 -1.21 -12.51
N THR A 50 -0.37 -0.21 -12.41
CA THR A 50 -0.80 0.30 -11.11
C THR A 50 -1.64 -0.76 -10.40
N ARG A 51 -2.77 -1.14 -10.99
CA ARG A 51 -3.64 -2.15 -10.41
C ARG A 51 -2.89 -3.46 -10.18
N GLU A 52 -1.96 -3.75 -11.09
CA GLU A 52 -1.10 -4.90 -10.97
C GLU A 52 -0.34 -4.90 -9.65
N PHE A 53 0.45 -3.87 -9.42
CA PHE A 53 1.27 -3.79 -8.22
C PHE A 53 0.44 -3.50 -6.97
N ILE A 54 -0.52 -2.58 -7.10
CA ILE A 54 -1.35 -2.20 -5.97
C ILE A 54 -2.15 -3.39 -5.42
N GLN A 55 -2.84 -4.10 -6.30
CA GLN A 55 -3.69 -5.19 -5.86
C GLN A 55 -2.88 -6.38 -5.39
N SER A 56 -1.69 -6.57 -5.97
CA SER A 56 -0.80 -7.63 -5.51
C SER A 56 -0.37 -7.37 -4.06
N PHE A 57 -0.22 -6.09 -3.71
CA PHE A 57 0.13 -5.72 -2.36
C PHE A 57 -1.04 -6.04 -1.41
N ILE A 58 -2.25 -5.87 -1.92
CA ILE A 58 -3.45 -6.24 -1.17
C ILE A 58 -3.55 -7.76 -1.05
N GLU A 59 -3.13 -8.44 -2.12
CA GLU A 59 -3.19 -9.90 -2.19
C GLU A 59 -2.29 -10.54 -1.14
N ARG A 60 -1.25 -9.80 -0.74
CA ARG A 60 -0.31 -10.25 0.30
C ARG A 60 -1.05 -10.80 1.54
N ASP A 61 -2.14 -10.13 1.93
CA ASP A 61 -2.89 -10.52 3.11
C ASP A 61 -3.33 -11.97 3.03
N ASP A 62 -3.80 -12.37 1.86
CA ASP A 62 -4.28 -13.74 1.65
C ASP A 62 -3.12 -14.72 1.75
N THR A 63 -1.92 -14.27 1.39
CA THR A 63 -0.75 -15.10 1.45
C THR A 63 -0.28 -15.29 2.89
N GLU A 64 -0.47 -14.27 3.71
CA GLU A 64 -0.22 -14.39 5.14
C GLU A 64 -1.33 -15.20 5.78
N LEU A 65 -2.52 -15.10 5.19
CA LEU A 65 -3.67 -15.87 5.64
C LEU A 65 -3.49 -17.35 5.28
N ASP A 66 -2.69 -17.63 4.26
CA ASP A 66 -2.39 -18.99 3.86
C ASP A 66 -1.74 -19.77 5.00
N GLU A 67 -0.91 -19.08 5.78
CA GLU A 67 -0.32 -19.68 6.96
C GLU A 67 -1.40 -20.14 7.94
N LEU A 68 -2.46 -19.34 8.06
CA LEU A 68 -3.56 -19.68 8.94
C LEU A 68 -4.40 -20.81 8.35
N LYS A 69 -4.55 -20.82 7.04
CA LYS A 69 -5.22 -21.92 6.33
C LYS A 69 -4.42 -23.20 6.54
N LYS A 70 -3.11 -23.02 6.58
CA LYS A 70 -2.15 -24.10 6.77
C LYS A 70 -2.19 -24.62 8.21
N LYS A 71 -2.49 -23.72 9.15
CA LYS A 71 -2.65 -24.11 10.55
C LYS A 71 -4.00 -24.76 10.77
N ARG A 72 -4.90 -24.59 9.81
CA ARG A 72 -6.24 -25.16 9.87
C ARG A 72 -6.18 -26.68 9.64
N ARG A 73 -4.99 -27.17 9.30
CA ARG A 73 -4.76 -28.61 9.18
C ARG A 73 -4.90 -29.31 10.53
N SER A 74 -5.09 -28.51 11.58
CA SER A 74 -5.26 -29.02 12.92
C SER A 74 -6.70 -29.48 13.13
N ASN A 75 -7.10 -29.66 14.39
CA ASN A 75 -8.46 -30.07 14.71
C ASN A 75 -9.41 -28.91 14.51
N ARG A 76 -8.98 -27.73 14.90
CA ARG A 76 -9.79 -26.52 14.74
C ARG A 76 -8.94 -25.39 14.18
N PRO A 77 -9.55 -24.51 13.37
CA PRO A 77 -8.86 -23.37 12.74
C PRO A 77 -8.53 -22.26 13.73
N PRO A 78 -7.70 -21.27 13.31
CA PRO A 78 -7.36 -20.11 14.14
C PRO A 78 -8.58 -19.24 14.45
N SER A 79 -9.64 -19.44 13.68
CA SER A 79 -10.94 -18.78 13.89
C SER A 79 -10.80 -17.27 13.98
N ASN A 80 -10.70 -16.72 15.19
CA ASN A 80 -10.66 -15.28 15.40
C ASN A 80 -9.43 -14.67 14.72
N ARG A 81 -8.31 -15.37 14.81
CA ARG A 81 -7.07 -14.91 14.22
C ARG A 81 -7.20 -14.82 12.70
N GLN A 82 -7.99 -15.74 12.15
CA GLN A 82 -8.22 -15.81 10.71
C GLN A 82 -9.18 -14.72 10.27
N VAL A 83 -10.26 -14.54 11.02
CA VAL A 83 -11.24 -13.50 10.71
C VAL A 83 -10.62 -12.13 10.83
N LEU A 84 -9.87 -11.92 11.92
CA LEU A 84 -9.23 -10.63 12.17
C LEU A 84 -8.25 -10.28 11.05
N LEU A 85 -7.52 -11.27 10.56
CA LEU A 85 -6.59 -11.07 9.47
C LEU A 85 -7.34 -10.80 8.17
N GLN A 86 -8.38 -11.60 7.92
CA GLN A 86 -9.20 -11.44 6.72
C GLN A 86 -9.71 -10.01 6.58
N GLN A 87 -10.01 -9.39 7.72
CA GLN A 87 -10.56 -8.04 7.75
C GLN A 87 -9.56 -7.01 7.24
N ARG A 88 -8.26 -7.30 7.35
CA ARG A 88 -7.24 -6.39 6.83
C ARG A 88 -7.42 -6.19 5.34
N ARG A 89 -7.49 -7.30 4.62
CA ARG A 89 -7.71 -7.27 3.18
C ARG A 89 -9.09 -6.71 2.85
N ASP A 90 -10.09 -7.10 3.63
CA ASP A 90 -11.46 -6.66 3.39
C ASP A 90 -11.57 -5.15 3.54
N GLN A 91 -10.88 -4.62 4.55
CA GLN A 91 -10.85 -3.18 4.78
C GLN A 91 -10.15 -2.48 3.62
N GLU A 92 -9.10 -3.10 3.10
CA GLU A 92 -8.36 -2.54 1.97
C GLU A 92 -9.23 -2.50 0.72
N LEU A 93 -9.99 -3.56 0.47
CA LEU A 93 -10.91 -3.59 -0.67
C LEU A 93 -11.86 -2.40 -0.63
N LYS A 94 -12.36 -2.09 0.56
CA LYS A 94 -13.23 -0.94 0.76
C LYS A 94 -12.46 0.37 0.60
N GLU A 95 -11.29 0.43 1.24
CA GLU A 95 -10.45 1.62 1.25
C GLU A 95 -10.04 1.99 -0.18
N PHE A 96 -9.51 1.02 -0.91
CA PHE A 96 -9.03 1.25 -2.26
C PHE A 96 -10.18 1.53 -3.22
N LYS A 97 -11.36 0.99 -2.94
CA LYS A 97 -12.52 1.25 -3.78
C LYS A 97 -12.91 2.73 -3.71
N ALA A 98 -12.71 3.33 -2.55
CA ALA A 98 -13.01 4.74 -2.34
C ALA A 98 -11.86 5.62 -2.82
N GLY A 99 -10.82 5.00 -3.36
CA GLY A 99 -9.69 5.74 -3.87
C GLY A 99 -8.60 5.89 -2.83
N PHE A 100 -7.58 5.04 -2.92
CA PHE A 100 -6.48 5.07 -1.96
C PHE A 100 -5.47 6.12 -2.38
N LEU A 101 -4.74 6.66 -1.41
CA LEU A 101 -3.74 7.67 -1.70
C LEU A 101 -2.54 7.04 -2.41
N CYS A 102 -2.49 7.23 -3.72
CA CYS A 102 -1.40 6.67 -4.53
C CYS A 102 -0.79 7.78 -5.39
N PRO A 103 0.51 7.69 -5.67
CA PRO A 103 1.20 8.69 -6.48
C PRO A 103 0.91 8.54 -7.96
N ASP A 104 1.02 9.63 -8.70
CA ASP A 104 0.90 9.60 -10.16
C ASP A 104 2.00 8.73 -10.74
N LEU A 105 1.65 7.49 -11.06
CA LEU A 105 2.64 6.50 -11.49
C LEU A 105 2.95 6.65 -12.98
N SER A 106 2.28 7.60 -13.62
CA SER A 106 2.43 7.78 -15.06
C SER A 106 3.11 9.12 -15.38
N ASP A 107 3.74 9.72 -14.38
CA ASP A 107 4.48 10.96 -14.58
C ASP A 107 5.96 10.73 -14.35
N ALA A 108 6.79 11.31 -15.20
CA ALA A 108 8.23 11.08 -15.16
C ALA A 108 8.90 11.84 -14.02
N LYS A 109 8.35 13.01 -13.69
CA LYS A 109 8.90 13.85 -12.64
C LYS A 109 8.56 13.28 -11.28
N ASN A 110 7.29 12.94 -11.11
CA ASN A 110 6.79 12.38 -9.86
C ASN A 110 7.54 11.09 -9.52
N MET A 111 7.69 10.22 -10.51
CA MET A 111 8.39 8.95 -10.31
C MET A 111 9.88 9.18 -10.07
N GLU A 112 10.39 10.32 -10.50
CA GLU A 112 11.80 10.62 -10.28
C GLU A 112 12.06 10.88 -8.81
N PHE A 113 11.14 11.59 -8.16
CA PHE A 113 11.22 11.76 -6.70
C PHE A 113 10.96 10.42 -6.03
N LEU A 114 9.95 9.72 -6.55
CA LEU A 114 9.54 8.42 -6.03
C LEU A 114 10.70 7.42 -6.04
N ARG A 115 11.48 7.40 -7.11
CA ARG A 115 12.58 6.45 -7.24
C ARG A 115 13.71 6.76 -6.27
N ASN A 116 13.67 7.95 -5.68
CA ASN A 116 14.70 8.36 -4.74
C ASN A 116 14.10 8.59 -3.36
N TRP A 117 12.86 8.14 -3.19
CA TRP A 117 12.15 8.26 -1.93
C TRP A 117 12.77 7.33 -0.89
N ASN A 118 13.43 7.93 0.10
CA ASN A 118 14.13 7.17 1.14
C ASN A 118 13.23 6.93 2.34
N GLY A 119 11.93 6.88 2.11
CA GLY A 119 10.99 6.76 3.20
C GLY A 119 10.73 8.12 3.83
N THR A 120 11.13 9.16 3.12
CA THR A 120 10.99 10.52 3.59
C THR A 120 9.52 10.91 3.66
N PHE A 121 9.03 11.14 4.86
CA PHE A 121 7.62 11.47 5.07
C PHE A 121 7.28 12.82 4.45
N GLY A 122 8.16 13.80 4.65
CA GLY A 122 7.94 15.14 4.11
C GLY A 122 7.98 15.16 2.60
N LEU A 123 8.68 14.18 2.02
CA LEU A 123 8.84 14.10 0.57
C LEU A 123 7.49 13.84 -0.09
N LEU A 124 6.56 13.27 0.68
CA LEU A 124 5.22 12.96 0.17
C LEU A 124 4.50 14.24 -0.26
N ASN A 125 4.94 15.38 0.28
CA ASN A 125 4.34 16.66 -0.07
C ASN A 125 4.85 17.13 -1.43
N THR A 126 6.00 16.59 -1.86
CA THR A 126 6.55 16.93 -3.16
C THR A 126 6.01 15.98 -4.21
N LEU A 127 5.42 14.89 -3.74
CA LEU A 127 4.87 13.86 -4.62
C LEU A 127 3.45 14.20 -5.01
N ARG A 128 3.12 13.94 -6.27
CA ARG A 128 1.77 14.11 -6.75
C ARG A 128 0.93 12.91 -6.36
N LEU A 129 0.42 12.95 -5.15
CA LEU A 129 -0.37 11.87 -4.60
C LEU A 129 -1.86 12.14 -4.79
N ILE A 130 -2.54 11.20 -5.42
CA ILE A 130 -3.95 11.36 -5.72
C ILE A 130 -4.72 10.15 -5.19
N ARG A 131 -6.01 10.12 -5.46
CA ARG A 131 -6.83 9.00 -5.05
C ARG A 131 -6.98 8.03 -6.20
N ILE A 132 -6.50 6.81 -6.02
CA ILE A 132 -6.58 5.80 -7.05
C ILE A 132 -7.39 4.61 -6.56
N ASN A 133 -8.38 4.22 -7.34
CA ASN A 133 -9.20 3.07 -7.03
C ASN A 133 -8.39 1.79 -7.17
N ASP A 134 -8.79 0.76 -6.42
CA ASP A 134 -8.15 -0.57 -6.40
C ASP A 134 -7.58 -0.99 -7.76
N LYS A 135 -8.33 -0.76 -8.82
CA LYS A 135 -7.92 -1.20 -10.14
C LYS A 135 -7.26 -0.08 -10.94
N GLY A 136 -6.48 0.73 -10.24
CA GLY A 136 -5.71 1.78 -10.90
C GLY A 136 -6.59 2.81 -11.57
N GLU A 137 -7.71 3.11 -10.95
CA GLU A 137 -8.67 4.04 -11.52
C GLU A 137 -8.52 5.43 -10.94
N GLN A 138 -8.60 6.43 -11.80
CA GLN A 138 -8.51 7.82 -11.39
C GLN A 138 -9.71 8.21 -10.54
N VAL A 139 -9.46 8.62 -9.30
CA VAL A 139 -10.53 9.02 -8.39
C VAL A 139 -10.32 10.45 -7.90
N VAL A 140 -11.31 11.29 -8.12
CA VAL A 140 -11.32 12.62 -7.52
C VAL A 140 -12.21 12.59 -6.29
N GLY A 141 -13.49 12.29 -6.53
CA GLY A 141 -14.45 12.11 -5.46
C GLY A 141 -14.90 13.42 -4.84
N GLY A 142 -14.00 14.04 -4.08
CA GLY A 142 -14.38 15.19 -3.29
C GLY A 142 -15.14 14.77 -2.05
N ASN A 143 -14.75 13.61 -1.51
CA ASN A 143 -15.44 13.00 -0.37
C ASN A 143 -16.90 12.75 -0.73
N GLU A 144 -17.09 12.03 -1.82
CA GLU A 144 -18.42 11.72 -2.30
C GLU A 144 -18.69 10.24 -2.16
N MET A 4 6.48 17.57 21.66
CA MET A 4 6.92 16.34 20.97
C MET A 4 5.73 15.43 20.69
N ARG A 5 6.03 14.22 20.19
CA ARG A 5 5.01 13.28 19.75
C ARG A 5 4.12 12.80 20.91
N GLU A 6 3.01 12.18 20.56
CA GLU A 6 2.08 11.62 21.54
C GLU A 6 2.59 10.28 22.04
N ASP A 7 1.94 9.76 23.07
CA ASP A 7 2.29 8.45 23.62
C ASP A 7 1.34 7.39 23.09
N LYS A 8 0.33 7.85 22.36
CA LYS A 8 -0.67 6.97 21.76
C LYS A 8 -0.03 6.09 20.68
N ILE A 9 -0.13 4.79 20.86
CA ILE A 9 0.49 3.84 19.93
C ILE A 9 -0.57 3.22 19.02
N ALA A 10 -0.30 3.24 17.72
CA ALA A 10 -1.18 2.61 16.75
C ALA A 10 -0.58 1.30 16.26
N ALA A 11 -1.43 0.33 15.95
CA ALA A 11 -0.99 -0.99 15.53
C ALA A 11 -2.11 -1.78 14.87
N LYS A 12 -1.76 -2.90 14.27
CA LYS A 12 -2.74 -3.76 13.61
C LYS A 12 -3.65 -4.45 14.62
N LYS A 13 -4.74 -3.78 14.97
CA LYS A 13 -5.73 -4.33 15.87
C LYS A 13 -7.05 -3.60 15.69
N LYS A 14 -7.02 -2.29 15.89
CA LYS A 14 -8.19 -1.46 15.66
C LYS A 14 -8.15 -0.89 14.25
N LEU A 15 -9.05 -1.39 13.39
CA LEU A 15 -9.05 -1.04 11.98
C LEU A 15 -9.49 0.41 11.76
N HIS A 16 -8.56 1.33 11.91
CA HIS A 16 -8.76 2.75 11.66
C HIS A 16 -7.47 3.51 11.91
N GLN A 17 -6.76 3.12 12.95
CA GLN A 17 -5.47 3.71 13.27
C GLN A 17 -4.41 2.63 13.33
N ASP A 18 -3.68 2.51 12.24
CA ASP A 18 -2.63 1.52 12.10
C ASP A 18 -1.40 2.19 11.50
N LYS A 19 -0.30 1.46 11.40
CA LYS A 19 0.93 1.99 10.83
C LYS A 19 0.69 2.49 9.41
N ARG A 20 1.44 3.50 8.99
CA ARG A 20 1.27 4.09 7.66
C ARG A 20 1.87 3.19 6.59
N VAL A 21 2.09 1.92 6.95
CA VAL A 21 2.56 0.91 6.03
C VAL A 21 1.59 0.77 4.85
N HIS A 22 0.30 0.99 5.13
CA HIS A 22 -0.72 0.91 4.09
C HIS A 22 -0.39 1.84 2.94
N GLU A 23 0.14 3.01 3.27
CA GLU A 23 0.44 4.05 2.29
C GLU A 23 1.89 3.96 1.82
N LEU A 24 2.80 4.10 2.76
CA LEU A 24 4.22 4.28 2.44
C LEU A 24 4.85 3.03 1.85
N ALA A 25 4.38 1.85 2.26
CA ALA A 25 4.97 0.61 1.78
C ALA A 25 4.63 0.37 0.30
N ARG A 26 3.46 0.86 -0.12
CA ARG A 26 3.08 0.79 -1.52
C ARG A 26 4.03 1.65 -2.35
N VAL A 27 4.35 2.82 -1.80
CA VAL A 27 5.27 3.75 -2.44
C VAL A 27 6.69 3.19 -2.43
N LYS A 28 7.08 2.60 -1.30
CA LYS A 28 8.39 1.97 -1.16
C LYS A 28 8.55 0.88 -2.21
N PHE A 29 7.51 0.06 -2.37
CA PHE A 29 7.53 -1.01 -3.36
C PHE A 29 7.79 -0.44 -4.76
N MET A 30 7.10 0.65 -5.09
CA MET A 30 7.28 1.31 -6.38
C MET A 30 8.70 1.84 -6.51
N GLN A 31 9.16 2.58 -5.50
CA GLN A 31 10.53 3.10 -5.48
C GLN A 31 11.53 1.99 -5.71
N ASP A 32 11.35 0.90 -4.97
CA ASP A 32 12.24 -0.25 -5.06
C ASP A 32 12.24 -0.83 -6.46
N VAL A 33 11.05 -1.13 -6.98
CA VAL A 33 10.91 -1.75 -8.30
C VAL A 33 11.55 -0.89 -9.40
N VAL A 34 11.33 0.42 -9.34
CA VAL A 34 11.85 1.33 -10.35
C VAL A 34 13.38 1.47 -10.25
N ASN A 35 13.90 1.38 -9.03
CA ASN A 35 15.32 1.61 -8.80
C ASN A 35 16.07 0.30 -8.61
N SER A 36 15.39 -0.80 -8.83
CA SER A 36 16.01 -2.12 -8.75
C SER A 36 15.83 -2.85 -10.07
N ASP A 37 16.81 -3.69 -10.41
CA ASP A 37 16.81 -4.42 -11.68
C ASP A 37 15.64 -5.40 -11.81
N THR A 38 14.78 -5.42 -10.79
CA THR A 38 13.58 -6.23 -10.82
C THR A 38 12.71 -5.86 -12.04
N PHE A 39 12.39 -4.59 -12.18
CA PHE A 39 11.64 -4.09 -13.34
C PHE A 39 12.18 -2.75 -13.79
N LYS A 40 13.46 -2.54 -13.55
CA LYS A 40 14.12 -1.27 -13.84
C LYS A 40 14.18 -1.00 -15.36
N GLY A 41 13.86 -2.03 -16.15
CA GLY A 41 13.77 -1.85 -17.58
C GLY A 41 12.59 -0.99 -17.96
N GLN A 42 11.64 -0.86 -17.04
CA GLN A 42 10.47 -0.02 -17.23
C GLN A 42 10.47 1.12 -16.22
N PRO A 43 11.01 2.29 -16.60
CA PRO A 43 11.13 3.43 -15.70
C PRO A 43 9.77 4.02 -15.32
N ILE A 44 8.80 3.89 -16.22
CA ILE A 44 7.48 4.42 -15.98
C ILE A 44 6.44 3.30 -16.06
N PHE A 45 5.51 3.29 -15.13
CA PHE A 45 4.46 2.28 -15.12
C PHE A 45 3.10 2.91 -15.39
N ASP A 46 2.19 2.09 -15.87
CA ASP A 46 0.85 2.56 -16.22
C ASP A 46 -0.13 2.38 -15.07
N HIS A 47 -1.37 2.80 -15.29
CA HIS A 47 -2.41 2.79 -14.26
C HIS A 47 -2.94 1.38 -14.04
N ALA A 48 -2.81 0.54 -15.06
CA ALA A 48 -3.22 -0.86 -14.94
C ALA A 48 -2.17 -1.63 -14.15
N HIS A 49 -0.91 -1.31 -14.39
CA HIS A 49 0.19 -1.84 -13.60
C HIS A 49 0.10 -1.34 -12.16
N THR A 50 -0.57 -0.20 -11.97
CA THR A 50 -0.87 0.30 -10.65
C THR A 50 -1.74 -0.72 -9.91
N ARG A 51 -2.89 -1.03 -10.50
CA ARG A 51 -3.81 -2.02 -9.94
C ARG A 51 -3.09 -3.35 -9.71
N GLU A 52 -2.26 -3.72 -10.68
CA GLU A 52 -1.48 -4.95 -10.60
C GLU A 52 -0.55 -4.94 -9.38
N PHE A 53 0.32 -3.95 -9.30
CA PHE A 53 1.30 -3.87 -8.22
C PHE A 53 0.63 -3.65 -6.87
N ILE A 54 -0.44 -2.85 -6.86
CA ILE A 54 -1.19 -2.65 -5.62
C ILE A 54 -1.78 -3.97 -5.14
N GLN A 55 -2.41 -4.70 -6.06
CA GLN A 55 -3.02 -5.99 -5.74
C GLN A 55 -1.97 -6.99 -5.30
N SER A 56 -0.79 -6.93 -5.92
CA SER A 56 0.32 -7.80 -5.56
C SER A 56 0.66 -7.63 -4.07
N PHE A 57 0.73 -6.38 -3.64
CA PHE A 57 1.04 -6.06 -2.25
C PHE A 57 -0.04 -6.62 -1.33
N ILE A 58 -1.30 -6.44 -1.71
CA ILE A 58 -2.43 -6.89 -0.91
C ILE A 58 -2.53 -8.41 -0.90
N GLU A 59 -2.15 -9.02 -2.02
CA GLU A 59 -2.23 -10.46 -2.19
C GLU A 59 -1.21 -11.17 -1.29
N ARG A 60 -0.09 -10.51 -1.03
CA ARG A 60 0.96 -11.11 -0.23
C ARG A 60 0.63 -11.05 1.27
N ASP A 61 -0.32 -10.20 1.64
CA ASP A 61 -0.81 -10.18 3.02
C ASP A 61 -1.69 -11.40 3.24
N ASP A 62 -2.46 -11.73 2.20
CA ASP A 62 -3.34 -12.90 2.22
C ASP A 62 -2.51 -14.17 2.23
N THR A 63 -1.26 -14.06 1.82
CA THR A 63 -0.36 -15.20 1.84
C THR A 63 -0.11 -15.67 3.27
N GLU A 64 -0.18 -14.74 4.22
CA GLU A 64 -0.07 -15.08 5.63
C GLU A 64 -1.43 -15.53 6.15
N LEU A 65 -2.47 -14.98 5.54
CA LEU A 65 -3.85 -15.31 5.86
C LEU A 65 -4.16 -16.75 5.47
N ASP A 66 -3.80 -17.12 4.26
CA ASP A 66 -4.01 -18.48 3.77
C ASP A 66 -3.05 -19.44 4.43
N GLU A 67 -1.94 -18.92 4.95
CA GLU A 67 -0.99 -19.73 5.71
C GLU A 67 -1.71 -20.29 6.94
N LEU A 68 -2.51 -19.45 7.57
CA LEU A 68 -3.35 -19.86 8.70
C LEU A 68 -4.44 -20.80 8.21
N LYS A 69 -4.99 -20.49 7.04
CA LYS A 69 -6.11 -21.22 6.48
C LYS A 69 -5.70 -22.62 6.01
N LYS A 70 -4.44 -22.77 5.62
CA LYS A 70 -3.90 -24.08 5.23
C LYS A 70 -3.90 -25.05 6.40
N LYS A 71 -3.89 -24.52 7.62
CA LYS A 71 -3.75 -25.34 8.80
C LYS A 71 -5.06 -26.03 9.15
N ARG A 72 -6.15 -25.24 9.15
CA ARG A 72 -7.53 -25.66 9.50
C ARG A 72 -7.65 -26.36 10.86
N ARG A 73 -7.01 -27.50 11.02
CA ARG A 73 -7.04 -28.21 12.29
C ARG A 73 -5.64 -28.29 12.90
N SER A 74 -4.66 -28.56 12.05
CA SER A 74 -3.27 -28.66 12.48
C SER A 74 -2.77 -27.31 12.99
N ASN A 75 -2.13 -27.32 14.15
CA ASN A 75 -1.60 -26.10 14.79
C ASN A 75 -2.74 -25.27 15.38
N ARG A 76 -3.90 -25.33 14.72
CA ARG A 76 -5.10 -24.61 15.12
C ARG A 76 -4.97 -23.12 14.80
N PRO A 77 -5.61 -22.68 13.71
CA PRO A 77 -5.56 -21.28 13.29
C PRO A 77 -6.21 -20.35 14.30
N PRO A 78 -5.58 -19.20 14.58
CA PRO A 78 -6.10 -18.21 15.52
C PRO A 78 -7.47 -17.68 15.10
N SER A 79 -8.48 -18.00 15.89
CA SER A 79 -9.85 -17.64 15.58
C SER A 79 -10.02 -16.13 15.45
N ASN A 80 -9.24 -15.37 16.21
CA ASN A 80 -9.31 -13.92 16.13
C ASN A 80 -8.39 -13.39 15.03
N ARG A 81 -7.13 -13.81 15.04
CA ARG A 81 -6.14 -13.31 14.09
C ARG A 81 -6.54 -13.58 12.64
N GLN A 82 -7.04 -14.79 12.36
CA GLN A 82 -7.43 -15.14 11.01
C GLN A 82 -8.56 -14.24 10.52
N VAL A 83 -9.57 -14.06 11.35
CA VAL A 83 -10.72 -13.23 10.99
C VAL A 83 -10.30 -11.77 10.89
N LEU A 84 -9.49 -11.31 11.84
CA LEU A 84 -9.02 -9.94 11.86
C LEU A 84 -8.16 -9.66 10.62
N LEU A 85 -7.29 -10.60 10.27
CA LEU A 85 -6.43 -10.46 9.09
C LEU A 85 -7.28 -10.50 7.82
N GLN A 86 -8.27 -11.39 7.80
CA GLN A 86 -9.22 -11.47 6.70
C GLN A 86 -9.95 -10.13 6.50
N GLN A 87 -10.46 -9.58 7.60
CA GLN A 87 -11.18 -8.31 7.55
C GLN A 87 -10.21 -7.15 7.32
N ARG A 88 -8.96 -7.36 7.70
CA ARG A 88 -7.93 -6.36 7.47
C ARG A 88 -7.70 -6.19 5.98
N ARG A 89 -7.57 -7.32 5.28
CA ARG A 89 -7.42 -7.29 3.83
C ARG A 89 -8.71 -6.80 3.19
N ASP A 90 -9.83 -7.17 3.80
CA ASP A 90 -11.14 -6.71 3.36
C ASP A 90 -11.19 -5.19 3.32
N GLN A 91 -10.73 -4.56 4.40
CA GLN A 91 -10.66 -3.10 4.46
C GLN A 91 -9.70 -2.56 3.42
N GLU A 92 -8.55 -3.22 3.29
CA GLU A 92 -7.52 -2.82 2.33
C GLU A 92 -8.09 -2.80 0.91
N LEU A 93 -8.84 -3.85 0.58
CA LEU A 93 -9.46 -3.96 -0.74
C LEU A 93 -10.55 -2.91 -0.92
N LYS A 94 -11.42 -2.77 0.08
CA LYS A 94 -12.51 -1.81 0.02
C LYS A 94 -11.97 -0.38 -0.09
N GLU A 95 -10.87 -0.12 0.60
CA GLU A 95 -10.24 1.18 0.58
C GLU A 95 -9.69 1.47 -0.82
N PHE A 96 -9.10 0.44 -1.42
CA PHE A 96 -8.54 0.54 -2.76
C PHE A 96 -9.64 0.63 -3.81
N LYS A 97 -10.78 0.04 -3.50
CA LYS A 97 -11.94 0.07 -4.39
C LYS A 97 -12.60 1.46 -4.36
N ALA A 98 -12.65 2.07 -3.19
CA ALA A 98 -13.26 3.37 -3.03
C ALA A 98 -12.31 4.47 -3.47
N GLY A 99 -11.03 4.32 -3.14
CA GLY A 99 -10.04 5.32 -3.48
C GLY A 99 -8.97 5.42 -2.41
N PHE A 100 -7.76 5.03 -2.76
CA PHE A 100 -6.65 5.04 -1.81
C PHE A 100 -5.57 6.01 -2.28
N LEU A 101 -4.79 6.53 -1.35
CA LEU A 101 -3.70 7.46 -1.66
C LEU A 101 -2.58 6.72 -2.38
N CYS A 102 -2.55 6.83 -3.70
CA CYS A 102 -1.53 6.19 -4.51
C CYS A 102 -0.87 7.20 -5.44
N PRO A 103 0.44 7.09 -5.65
CA PRO A 103 1.17 8.03 -6.50
C PRO A 103 0.94 7.79 -7.99
N ASP A 104 0.95 8.86 -8.76
CA ASP A 104 0.82 8.77 -10.20
C ASP A 104 2.08 8.17 -10.82
N LEU A 105 1.93 6.99 -11.40
CA LEU A 105 3.07 6.29 -11.96
C LEU A 105 3.34 6.70 -13.40
N SER A 106 2.36 7.35 -14.03
CA SER A 106 2.47 7.64 -15.46
C SER A 106 3.15 8.98 -15.70
N ASP A 107 3.90 9.42 -14.71
CA ASP A 107 4.62 10.68 -14.81
C ASP A 107 6.09 10.47 -14.49
N ALA A 108 6.96 10.88 -15.40
CA ALA A 108 8.39 10.68 -15.24
C ALA A 108 8.96 11.62 -14.18
N LYS A 109 8.31 12.77 -14.02
CA LYS A 109 8.74 13.74 -13.03
C LYS A 109 8.46 13.19 -11.63
N ASN A 110 7.35 12.47 -11.51
CA ASN A 110 6.95 11.87 -10.25
C ASN A 110 7.86 10.69 -9.91
N MET A 111 8.25 9.93 -10.94
CA MET A 111 9.23 8.87 -10.77
C MET A 111 10.55 9.42 -10.27
N GLU A 112 10.87 10.65 -10.68
CA GLU A 112 12.04 11.34 -10.15
C GLU A 112 11.90 11.50 -8.64
N PHE A 113 10.72 11.98 -8.20
CA PHE A 113 10.46 12.15 -6.77
C PHE A 113 10.58 10.83 -6.01
N LEU A 114 10.22 9.72 -6.66
CA LEU A 114 10.39 8.40 -6.07
C LEU A 114 11.86 8.10 -5.82
N ARG A 115 12.72 8.61 -6.70
CA ARG A 115 14.16 8.46 -6.51
C ARG A 115 14.71 9.48 -5.52
N ASN A 116 13.85 10.34 -5.01
CA ASN A 116 14.24 11.30 -3.99
C ASN A 116 13.72 10.90 -2.62
N TRP A 117 12.57 10.22 -2.62
CA TRP A 117 11.93 9.80 -1.38
C TRP A 117 12.80 8.79 -0.64
N ASN A 118 13.05 9.08 0.62
CA ASN A 118 13.88 8.20 1.45
C ASN A 118 13.14 7.85 2.74
N GLY A 119 11.87 8.20 2.81
CA GLY A 119 11.09 7.96 4.00
C GLY A 119 10.53 9.24 4.60
N THR A 120 11.08 10.36 4.16
CA THR A 120 10.62 11.68 4.61
C THR A 120 9.13 11.86 4.35
N PHE A 121 8.37 12.15 5.41
CA PHE A 121 6.92 12.24 5.33
C PHE A 121 6.46 13.48 4.57
N GLY A 122 7.23 14.56 4.69
CA GLY A 122 6.90 15.79 3.98
C GLY A 122 7.03 15.65 2.48
N LEU A 123 7.77 14.63 2.05
CA LEU A 123 8.02 14.40 0.64
C LEU A 123 6.80 13.74 -0.02
N LEU A 124 5.87 13.28 0.80
CA LEU A 124 4.65 12.66 0.28
C LEU A 124 3.69 13.72 -0.25
N ASN A 125 4.06 14.98 -0.07
CA ASN A 125 3.30 16.10 -0.60
C ASN A 125 3.94 16.61 -1.87
N THR A 126 5.24 16.34 -2.03
CA THR A 126 5.95 16.71 -3.22
C THR A 126 5.82 15.59 -4.26
N LEU A 127 5.76 14.36 -3.74
CA LEU A 127 5.41 13.20 -4.54
C LEU A 127 3.93 13.27 -4.88
N ARG A 128 3.58 13.07 -6.14
CA ARG A 128 2.19 13.18 -6.56
C ARG A 128 1.41 11.94 -6.19
N LEU A 129 1.01 11.87 -4.93
CA LEU A 129 0.10 10.83 -4.48
C LEU A 129 -1.32 11.34 -4.52
N ILE A 130 -2.15 10.72 -5.34
CA ILE A 130 -3.52 11.16 -5.52
C ILE A 130 -4.48 10.12 -4.97
N ARG A 131 -5.76 10.31 -5.23
CA ARG A 131 -6.77 9.36 -4.78
C ARG A 131 -7.09 8.40 -5.91
N ILE A 132 -6.56 7.20 -5.82
CA ILE A 132 -6.67 6.22 -6.89
C ILE A 132 -7.52 5.03 -6.46
N ASN A 133 -8.48 4.65 -7.29
CA ASN A 133 -9.30 3.49 -7.02
C ASN A 133 -9.13 2.45 -8.12
N ASP A 134 -9.17 1.19 -7.71
CA ASP A 134 -9.12 0.05 -8.63
C ASP A 134 -8.03 0.16 -9.70
N LYS A 135 -8.45 0.48 -10.91
CA LYS A 135 -7.58 0.42 -12.08
C LYS A 135 -6.80 1.72 -12.26
N GLY A 136 -6.16 2.15 -11.17
CA GLY A 136 -5.31 3.32 -11.22
C GLY A 136 -6.05 4.58 -11.59
N GLU A 137 -7.34 4.62 -11.32
CA GLU A 137 -8.17 5.73 -11.75
C GLU A 137 -8.28 6.77 -10.64
N GLN A 138 -8.17 8.04 -11.01
CA GLN A 138 -8.24 9.12 -10.04
C GLN A 138 -9.68 9.37 -9.64
N VAL A 139 -9.92 9.32 -8.34
CA VAL A 139 -11.26 9.52 -7.79
C VAL A 139 -11.56 11.01 -7.66
N VAL A 140 -12.35 11.52 -8.60
CA VAL A 140 -12.73 12.94 -8.57
C VAL A 140 -13.82 13.19 -7.54
N GLY A 141 -14.78 12.28 -7.48
CA GLY A 141 -15.89 12.43 -6.55
C GLY A 141 -16.78 13.58 -6.93
N GLY A 142 -17.32 14.28 -5.94
CA GLY A 142 -18.18 15.40 -6.22
C GLY A 142 -17.43 16.72 -6.19
N ASN A 143 -16.17 16.68 -6.60
CA ASN A 143 -15.32 17.86 -6.63
C ASN A 143 -14.67 18.02 -8.00
N GLU A 144 -15.34 18.74 -8.88
CA GLU A 144 -14.81 19.04 -10.20
C GLU A 144 -14.75 20.55 -10.40
N MET A 4 -0.53 27.74 19.78
CA MET A 4 -0.59 29.10 19.22
C MET A 4 0.22 30.05 20.10
N ARG A 5 -0.34 30.44 21.24
CA ARG A 5 0.43 31.16 22.25
C ARG A 5 0.78 30.18 23.36
N GLU A 6 -0.10 29.20 23.52
CA GLU A 6 0.12 28.07 24.41
C GLU A 6 0.17 26.79 23.58
N ASP A 7 -0.15 25.66 24.19
CA ASP A 7 -0.06 24.37 23.51
C ASP A 7 -1.13 24.20 22.44
N LYS A 8 -2.36 23.93 22.88
CA LYS A 8 -3.47 23.56 21.98
C LYS A 8 -3.21 22.21 21.32
N ILE A 9 -2.22 21.49 21.83
CA ILE A 9 -1.88 20.19 21.31
C ILE A 9 -2.33 19.11 22.28
N ALA A 10 -3.29 18.31 21.86
CA ALA A 10 -3.82 17.25 22.70
C ALA A 10 -3.68 15.91 22.00
N ALA A 11 -3.95 14.84 22.73
CA ALA A 11 -3.86 13.50 22.18
C ALA A 11 -4.95 13.27 21.15
N LYS A 12 -4.57 12.72 20.00
CA LYS A 12 -5.53 12.44 18.95
C LYS A 12 -6.47 11.32 19.36
N LYS A 13 -7.74 11.47 18.99
CA LYS A 13 -8.78 10.52 19.38
C LYS A 13 -8.80 9.32 18.44
N LYS A 14 -7.63 8.95 17.94
CA LYS A 14 -7.52 7.89 16.96
C LYS A 14 -6.77 6.70 17.55
N LEU A 15 -7.12 5.50 17.09
CA LEU A 15 -6.40 4.30 17.50
C LEU A 15 -5.07 4.21 16.76
N HIS A 16 -5.01 4.85 15.60
CA HIS A 16 -3.80 4.97 14.82
C HIS A 16 -3.79 6.34 14.15
N GLN A 17 -2.60 6.89 13.93
CA GLN A 17 -2.49 8.26 13.40
C GLN A 17 -2.95 8.33 11.95
N ASP A 18 -3.00 9.57 11.46
CA ASP A 18 -3.50 9.87 10.11
C ASP A 18 -2.75 9.10 9.03
N LYS A 19 -1.46 9.39 8.89
CA LYS A 19 -0.65 8.73 7.88
C LYS A 19 0.09 7.56 8.51
N ARG A 20 0.02 6.41 7.84
CA ARG A 20 0.60 5.19 8.38
C ARG A 20 1.69 4.67 7.46
N VAL A 21 2.03 3.39 7.61
CA VAL A 21 3.01 2.77 6.75
C VAL A 21 2.30 2.03 5.62
N HIS A 22 0.98 1.90 5.77
CA HIS A 22 0.16 1.18 4.82
C HIS A 22 0.27 1.79 3.43
N GLU A 23 0.33 3.11 3.40
CA GLU A 23 0.42 3.86 2.17
C GLU A 23 1.86 3.97 1.71
N LEU A 24 2.72 4.42 2.62
CA LEU A 24 4.11 4.74 2.31
C LEU A 24 4.90 3.51 1.85
N ALA A 25 4.59 2.35 2.43
CA ALA A 25 5.31 1.12 2.09
C ALA A 25 5.13 0.77 0.62
N ARG A 26 3.98 1.12 0.06
CA ARG A 26 3.68 0.80 -1.32
C ARG A 26 4.41 1.74 -2.27
N VAL A 27 4.69 2.95 -1.78
CA VAL A 27 5.50 3.90 -2.53
C VAL A 27 6.93 3.40 -2.62
N LYS A 28 7.44 2.84 -1.53
CA LYS A 28 8.80 2.32 -1.52
C LYS A 28 8.90 1.05 -2.35
N PHE A 29 7.80 0.30 -2.42
CA PHE A 29 7.77 -0.88 -3.29
C PHE A 29 7.98 -0.45 -4.72
N MET A 30 7.24 0.57 -5.14
CA MET A 30 7.42 1.17 -6.46
C MET A 30 8.87 1.61 -6.62
N GLN A 31 9.36 2.32 -5.61
CA GLN A 31 10.75 2.78 -5.58
C GLN A 31 11.72 1.64 -5.87
N ASP A 32 11.63 0.59 -5.06
CA ASP A 32 12.53 -0.56 -5.19
C ASP A 32 12.44 -1.16 -6.58
N VAL A 33 11.22 -1.35 -7.08
CA VAL A 33 11.02 -1.98 -8.38
C VAL A 33 11.62 -1.14 -9.52
N VAL A 34 11.38 0.18 -9.49
CA VAL A 34 11.86 1.06 -10.56
C VAL A 34 13.37 1.30 -10.45
N ASN A 35 13.88 1.29 -9.23
CA ASN A 35 15.29 1.60 -8.98
C ASN A 35 16.16 0.35 -9.12
N SER A 36 15.59 -0.80 -8.81
CA SER A 36 16.29 -2.07 -8.92
C SER A 36 16.19 -2.60 -10.34
N ASP A 37 17.04 -3.57 -10.67
CA ASP A 37 17.04 -4.18 -12.00
C ASP A 37 15.74 -4.96 -12.24
N THR A 38 14.92 -5.06 -11.20
CA THR A 38 13.62 -5.69 -11.28
C THR A 38 12.82 -5.14 -12.46
N PHE A 39 12.69 -3.82 -12.53
CA PHE A 39 12.00 -3.18 -13.63
C PHE A 39 12.66 -1.87 -14.05
N LYS A 40 13.95 -1.72 -13.75
CA LYS A 40 14.68 -0.51 -14.15
C LYS A 40 14.78 -0.42 -15.67
N GLY A 41 14.43 -1.52 -16.35
CA GLY A 41 14.36 -1.51 -17.80
C GLY A 41 13.17 -0.69 -18.28
N GLN A 42 12.19 -0.52 -17.42
CA GLN A 42 11.01 0.26 -17.73
C GLN A 42 10.93 1.48 -16.80
N PRO A 43 11.15 2.68 -17.35
CA PRO A 43 11.21 3.92 -16.57
C PRO A 43 9.93 4.18 -15.77
N ILE A 44 8.78 4.02 -16.40
CA ILE A 44 7.49 4.27 -15.75
C ILE A 44 6.49 3.17 -16.13
N PHE A 45 5.55 2.91 -15.24
CA PHE A 45 4.62 1.81 -15.43
C PHE A 45 3.32 2.26 -16.07
N ASP A 46 2.43 1.30 -16.26
CA ASP A 46 1.11 1.54 -16.84
C ASP A 46 0.09 1.75 -15.73
N HIS A 47 -1.09 2.26 -16.08
CA HIS A 47 -2.21 2.31 -15.14
C HIS A 47 -2.74 0.90 -14.92
N ALA A 48 -2.61 0.07 -15.95
CA ALA A 48 -2.92 -1.34 -15.83
C ALA A 48 -1.92 -2.02 -14.91
N HIS A 49 -0.72 -1.44 -14.85
CA HIS A 49 0.31 -1.91 -13.94
C HIS A 49 0.05 -1.41 -12.53
N THR A 50 -0.72 -0.33 -12.43
CA THR A 50 -1.19 0.15 -11.14
C THR A 50 -2.02 -0.92 -10.47
N ARG A 51 -3.12 -1.30 -11.13
CA ARG A 51 -4.00 -2.32 -10.59
C ARG A 51 -3.26 -3.64 -10.41
N GLU A 52 -2.28 -3.89 -11.29
CA GLU A 52 -1.46 -5.08 -11.19
C GLU A 52 -0.69 -5.08 -9.86
N PHE A 53 0.07 -4.02 -9.63
CA PHE A 53 0.91 -3.91 -8.43
C PHE A 53 0.07 -3.73 -7.17
N ILE A 54 -0.86 -2.78 -7.21
CA ILE A 54 -1.64 -2.43 -6.03
C ILE A 54 -2.48 -3.61 -5.54
N GLN A 55 -3.20 -4.24 -6.45
CA GLN A 55 -4.09 -5.34 -6.08
C GLN A 55 -3.31 -6.56 -5.63
N SER A 56 -2.23 -6.89 -6.34
CA SER A 56 -1.42 -8.04 -5.97
C SER A 56 -0.82 -7.87 -4.58
N PHE A 57 -0.52 -6.63 -4.21
CA PHE A 57 -0.01 -6.32 -2.89
C PHE A 57 -1.08 -6.60 -1.84
N ILE A 58 -2.33 -6.31 -2.19
CA ILE A 58 -3.47 -6.60 -1.33
C ILE A 58 -3.70 -8.11 -1.26
N GLU A 59 -3.59 -8.77 -2.40
CA GLU A 59 -3.80 -10.21 -2.48
C GLU A 59 -2.73 -10.98 -1.71
N ARG A 60 -1.62 -10.33 -1.41
CA ARG A 60 -0.55 -10.97 -0.64
C ARG A 60 -1.03 -11.32 0.76
N ASP A 61 -2.05 -10.62 1.24
CA ASP A 61 -2.59 -10.88 2.58
C ASP A 61 -3.15 -12.29 2.65
N ASP A 62 -3.51 -12.84 1.50
CA ASP A 62 -3.99 -14.21 1.40
C ASP A 62 -2.86 -15.19 1.67
N THR A 63 -1.63 -14.74 1.41
CA THR A 63 -0.44 -15.54 1.69
C THR A 63 -0.11 -15.48 3.18
N GLU A 64 -0.34 -14.32 3.78
CA GLU A 64 -0.14 -14.17 5.21
C GLU A 64 -1.22 -14.96 5.94
N LEU A 65 -2.40 -14.98 5.34
CA LEU A 65 -3.51 -15.79 5.82
C LEU A 65 -3.24 -17.27 5.60
N ASP A 66 -2.42 -17.56 4.60
CA ASP A 66 -2.07 -18.95 4.27
C ASP A 66 -1.32 -19.60 5.42
N GLU A 67 -0.61 -18.77 6.18
CA GLU A 67 0.05 -19.22 7.40
C GLU A 67 -0.95 -19.77 8.40
N LEU A 68 -2.12 -19.13 8.46
CA LEU A 68 -3.16 -19.55 9.37
C LEU A 68 -3.91 -20.75 8.82
N LYS A 69 -3.98 -20.82 7.49
CA LYS A 69 -4.61 -21.96 6.81
C LYS A 69 -3.86 -23.25 7.10
N LYS A 70 -2.54 -23.18 7.03
CA LYS A 70 -1.69 -24.33 7.32
C LYS A 70 -1.76 -24.70 8.79
N LYS A 71 -1.81 -23.68 9.64
CA LYS A 71 -1.78 -23.87 11.09
C LYS A 71 -3.16 -24.20 11.66
N ARG A 72 -4.04 -24.74 10.82
CA ARG A 72 -5.27 -25.34 11.32
C ARG A 72 -4.91 -26.63 12.04
N ARG A 73 -4.74 -26.56 13.36
CA ARG A 73 -4.21 -27.68 14.11
C ARG A 73 -5.29 -28.73 14.40
N SER A 74 -5.66 -29.44 13.34
CA SER A 74 -6.57 -30.59 13.40
C SER A 74 -7.98 -30.20 13.83
N ASN A 75 -8.16 -29.89 15.11
CA ASN A 75 -9.49 -29.72 15.68
C ASN A 75 -10.10 -28.38 15.29
N ARG A 76 -9.28 -27.34 15.31
CA ARG A 76 -9.76 -26.02 14.96
C ARG A 76 -8.64 -25.16 14.39
N PRO A 77 -9.00 -24.20 13.53
CA PRO A 77 -8.10 -23.17 13.07
C PRO A 77 -8.16 -21.95 14.01
N PRO A 78 -7.41 -20.88 13.73
CA PRO A 78 -7.51 -19.64 14.51
C PRO A 78 -8.88 -18.99 14.35
N SER A 79 -9.83 -19.43 15.17
CA SER A 79 -11.23 -19.01 15.07
C SER A 79 -11.39 -17.50 14.94
N ASN A 80 -10.72 -16.76 15.81
CA ASN A 80 -10.84 -15.31 15.82
C ASN A 80 -9.81 -14.66 14.90
N ARG A 81 -8.57 -15.11 15.00
CA ARG A 81 -7.46 -14.48 14.30
C ARG A 81 -7.53 -14.67 12.79
N GLN A 82 -8.16 -15.75 12.32
CA GLN A 82 -8.31 -15.97 10.88
C GLN A 82 -9.34 -14.99 10.33
N VAL A 83 -10.41 -14.77 11.09
CA VAL A 83 -11.43 -13.82 10.71
C VAL A 83 -10.88 -12.40 10.81
N LEU A 84 -10.03 -12.18 11.80
CA LEU A 84 -9.38 -10.89 11.98
C LEU A 84 -8.50 -10.58 10.77
N LEU A 85 -7.77 -11.58 10.30
CA LEU A 85 -6.95 -11.46 9.09
C LEU A 85 -7.87 -11.07 7.92
N GLN A 86 -8.97 -11.81 7.78
CA GLN A 86 -9.92 -11.58 6.71
C GLN A 86 -10.48 -10.15 6.78
N GLN A 87 -10.74 -9.67 7.99
CA GLN A 87 -11.26 -8.32 8.18
C GLN A 87 -10.21 -7.28 7.87
N ARG A 88 -8.95 -7.62 8.06
CA ARG A 88 -7.85 -6.73 7.69
C ARG A 88 -7.80 -6.63 6.17
N ARG A 89 -7.83 -7.78 5.51
CA ARG A 89 -7.91 -7.87 4.06
C ARG A 89 -9.11 -7.07 3.55
N ASP A 90 -10.22 -7.20 4.25
CA ASP A 90 -11.45 -6.49 3.91
C ASP A 90 -11.28 -4.98 4.10
N GLN A 91 -10.75 -4.58 5.25
CA GLN A 91 -10.54 -3.16 5.54
C GLN A 91 -9.57 -2.53 4.54
N GLU A 92 -8.58 -3.30 4.13
CA GLU A 92 -7.61 -2.84 3.15
C GLU A 92 -8.29 -2.61 1.80
N LEU A 93 -9.14 -3.55 1.40
CA LEU A 93 -9.89 -3.43 0.15
C LEU A 93 -10.86 -2.26 0.24
N LYS A 94 -11.28 -1.93 1.46
CA LYS A 94 -12.13 -0.77 1.70
C LYS A 94 -11.37 0.52 1.38
N GLU A 95 -10.19 0.66 1.97
CA GLU A 95 -9.39 1.87 1.80
C GLU A 95 -8.98 2.05 0.34
N PHE A 96 -8.67 0.94 -0.33
CA PHE A 96 -8.31 0.98 -1.74
C PHE A 96 -9.50 1.41 -2.59
N LYS A 97 -10.62 0.71 -2.44
CA LYS A 97 -11.75 0.89 -3.33
C LYS A 97 -12.59 2.11 -2.94
N ALA A 98 -12.06 2.92 -2.02
CA ALA A 98 -12.68 4.19 -1.68
C ALA A 98 -11.83 5.34 -2.20
N GLY A 99 -10.86 4.99 -3.04
CA GLY A 99 -9.94 5.98 -3.58
C GLY A 99 -8.61 5.96 -2.83
N PHE A 100 -7.76 5.03 -3.19
CA PHE A 100 -6.49 4.84 -2.49
C PHE A 100 -5.50 5.92 -2.89
N LEU A 101 -4.67 6.35 -1.95
CA LEU A 101 -3.64 7.34 -2.19
C LEU A 101 -2.51 6.73 -2.99
N CYS A 102 -2.55 6.91 -4.30
CA CYS A 102 -1.57 6.30 -5.18
C CYS A 102 -0.97 7.35 -6.12
N PRO A 103 0.34 7.24 -6.40
CA PRO A 103 0.99 8.08 -7.41
C PRO A 103 0.39 7.85 -8.80
N ASP A 104 0.40 8.89 -9.62
CA ASP A 104 -0.17 8.81 -10.97
C ASP A 104 0.54 7.76 -11.82
N LEU A 105 1.82 7.53 -11.52
CA LEU A 105 2.63 6.53 -12.22
C LEU A 105 2.65 6.81 -13.72
N SER A 106 2.68 8.08 -14.08
CA SER A 106 2.77 8.47 -15.48
C SER A 106 3.80 9.59 -15.65
N ASP A 107 3.91 10.46 -14.65
CA ASP A 107 4.88 11.55 -14.69
C ASP A 107 6.26 11.06 -14.27
N ALA A 108 7.26 11.42 -15.06
CA ALA A 108 8.63 10.95 -14.86
C ALA A 108 9.29 11.61 -13.65
N LYS A 109 8.97 12.87 -13.40
CA LYS A 109 9.58 13.58 -12.28
C LYS A 109 8.97 13.13 -10.96
N ASN A 110 7.69 12.79 -10.98
CA ASN A 110 7.06 12.17 -9.81
C ASN A 110 7.69 10.80 -9.58
N MET A 111 8.02 10.13 -10.69
CA MET A 111 8.72 8.84 -10.64
C MET A 111 10.10 9.03 -10.01
N GLU A 112 10.73 10.16 -10.31
CA GLU A 112 12.05 10.49 -9.77
C GLU A 112 12.00 10.66 -8.26
N PHE A 113 11.11 11.54 -7.78
CA PHE A 113 10.95 11.77 -6.35
C PHE A 113 10.57 10.47 -5.65
N LEU A 114 9.83 9.64 -6.35
CA LEU A 114 9.43 8.32 -5.84
C LEU A 114 10.67 7.45 -5.59
N ARG A 115 11.60 7.47 -6.55
CA ARG A 115 12.82 6.68 -6.42
C ARG A 115 13.80 7.32 -5.44
N ASN A 116 13.61 8.60 -5.17
CA ASN A 116 14.48 9.33 -4.25
C ASN A 116 13.80 9.57 -2.90
N TRP A 117 12.75 8.81 -2.64
CA TRP A 117 12.02 8.92 -1.38
C TRP A 117 12.74 8.17 -0.27
N ASN A 118 13.42 8.91 0.59
CA ASN A 118 14.21 8.30 1.66
C ASN A 118 13.37 8.08 2.93
N GLY A 119 12.06 8.26 2.82
CA GLY A 119 11.18 8.01 3.95
C GLY A 119 10.59 9.27 4.53
N THR A 120 11.03 10.42 4.04
CA THR A 120 10.54 11.70 4.51
C THR A 120 9.03 11.84 4.30
N PHE A 121 8.31 12.17 5.37
CA PHE A 121 6.87 12.36 5.28
C PHE A 121 6.55 13.64 4.51
N GLY A 122 7.36 14.67 4.72
CA GLY A 122 7.20 15.93 4.01
C GLY A 122 7.53 15.80 2.54
N LEU A 123 8.21 14.72 2.17
CA LEU A 123 8.55 14.46 0.79
C LEU A 123 7.29 14.07 0.02
N LEU A 124 6.33 13.53 0.76
CA LEU A 124 5.06 13.14 0.15
C LEU A 124 4.31 14.36 -0.37
N ASN A 125 4.68 15.53 0.14
CA ASN A 125 4.08 16.78 -0.31
C ASN A 125 4.66 17.20 -1.65
N THR A 126 5.80 16.62 -2.02
CA THR A 126 6.40 16.90 -3.31
C THR A 126 5.96 15.87 -4.34
N LEU A 127 5.29 14.84 -3.85
CA LEU A 127 4.77 13.77 -4.68
C LEU A 127 3.30 14.00 -4.99
N ARG A 128 2.95 13.92 -6.27
CA ARG A 128 1.55 14.04 -6.65
C ARG A 128 0.83 12.74 -6.38
N LEU A 129 0.48 12.55 -5.12
CA LEU A 129 -0.24 11.38 -4.67
C LEU A 129 -1.73 11.66 -4.76
N ILE A 130 -2.36 11.03 -5.73
CA ILE A 130 -3.76 11.28 -6.02
C ILE A 130 -4.61 10.10 -5.57
N ARG A 131 -5.90 10.17 -5.85
CA ARG A 131 -6.82 9.10 -5.51
C ARG A 131 -7.03 8.22 -6.73
N ILE A 132 -6.52 7.00 -6.66
CA ILE A 132 -6.70 6.04 -7.73
C ILE A 132 -7.51 4.86 -7.22
N ASN A 133 -8.50 4.45 -7.99
CA ASN A 133 -9.41 3.42 -7.53
C ASN A 133 -9.71 2.42 -8.65
N ASP A 134 -10.23 1.26 -8.21
CA ASP A 134 -10.77 0.23 -9.10
C ASP A 134 -9.68 -0.48 -9.88
N LYS A 135 -9.31 0.07 -11.03
CA LYS A 135 -8.33 -0.59 -11.89
C LYS A 135 -7.31 0.40 -12.43
N GLY A 136 -7.15 1.52 -11.73
CA GLY A 136 -6.10 2.45 -12.08
C GLY A 136 -6.60 3.74 -12.68
N GLU A 137 -7.79 4.16 -12.28
CA GLU A 137 -8.34 5.41 -12.78
C GLU A 137 -8.30 6.49 -11.70
N GLN A 138 -8.07 7.72 -12.14
CA GLN A 138 -7.94 8.85 -11.25
C GLN A 138 -9.30 9.34 -10.76
N VAL A 139 -9.49 9.30 -9.45
CA VAL A 139 -10.73 9.71 -8.83
C VAL A 139 -10.61 11.16 -8.36
N VAL A 140 -11.28 12.07 -9.04
CA VAL A 140 -11.24 13.48 -8.67
C VAL A 140 -12.38 13.81 -7.72
N GLY A 141 -12.36 15.02 -7.17
CA GLY A 141 -13.38 15.41 -6.22
C GLY A 141 -14.45 16.28 -6.86
N GLY A 142 -14.35 16.44 -8.18
CA GLY A 142 -15.31 17.25 -8.90
C GLY A 142 -14.96 18.72 -8.87
N ASN A 143 -13.75 19.02 -8.45
CA ASN A 143 -13.28 20.40 -8.36
C ASN A 143 -12.30 20.68 -9.50
N GLU A 144 -11.28 19.83 -9.59
CA GLU A 144 -10.28 19.94 -10.63
C GLU A 144 -9.96 18.54 -11.16
N MET A 4 11.93 4.23 34.63
CA MET A 4 11.16 3.05 35.08
C MET A 4 11.47 1.85 34.19
N ARG A 5 10.89 0.70 34.52
CA ARG A 5 11.17 -0.53 33.80
C ARG A 5 10.11 -0.78 32.73
N GLU A 6 10.51 -0.74 31.47
CA GLU A 6 9.63 -1.05 30.37
C GLU A 6 9.47 -2.56 30.22
N ASP A 7 8.38 -2.97 29.58
CA ASP A 7 8.12 -4.39 29.36
C ASP A 7 8.59 -4.79 27.96
N LYS A 8 8.85 -6.07 27.79
CA LYS A 8 9.18 -6.61 26.48
C LYS A 8 7.91 -6.77 25.67
N ILE A 9 6.81 -7.01 26.37
CA ILE A 9 5.50 -7.12 25.76
C ILE A 9 4.57 -6.08 26.36
N ALA A 10 4.01 -5.23 25.51
CA ALA A 10 3.08 -4.22 25.96
C ALA A 10 1.77 -4.85 26.42
N ALA A 11 0.98 -4.10 27.18
CA ALA A 11 -0.29 -4.59 27.69
C ALA A 11 -1.22 -4.99 26.55
N LYS A 12 -1.05 -4.32 25.42
CA LYS A 12 -1.80 -4.65 24.22
C LYS A 12 -0.84 -5.11 23.12
N LYS A 13 -1.38 -5.78 22.11
CA LYS A 13 -0.56 -6.32 21.05
C LYS A 13 -0.11 -5.27 20.07
N LYS A 14 1.18 -5.31 19.76
CA LYS A 14 1.70 -4.61 18.60
C LYS A 14 0.98 -5.14 17.37
N LEU A 15 0.37 -4.27 16.60
CA LEU A 15 -0.56 -4.70 15.57
C LEU A 15 0.16 -5.13 14.29
N HIS A 16 0.48 -4.16 13.45
CA HIS A 16 0.94 -4.42 12.08
C HIS A 16 0.90 -3.13 11.29
N GLN A 17 0.02 -2.23 11.71
CA GLN A 17 -0.20 -0.96 11.03
C GLN A 17 0.03 0.20 12.00
N ASP A 18 0.90 -0.04 12.97
CA ASP A 18 1.15 0.92 14.04
C ASP A 18 1.82 2.18 13.51
N LYS A 19 2.65 2.00 12.49
CA LYS A 19 3.30 3.11 11.83
C LYS A 19 2.86 3.17 10.38
N ARG A 20 2.64 4.38 9.87
CA ARG A 20 2.05 4.56 8.54
C ARG A 20 3.03 4.23 7.41
N VAL A 21 4.24 3.82 7.77
CA VAL A 21 5.22 3.42 6.78
C VAL A 21 4.87 2.08 6.16
N HIS A 22 3.76 1.49 6.60
CA HIS A 22 3.27 0.28 5.96
C HIS A 22 2.45 0.65 4.73
N GLU A 23 1.88 1.83 4.77
CA GLU A 23 1.20 2.38 3.60
C GLU A 23 2.23 3.06 2.71
N LEU A 24 3.20 3.71 3.34
CA LEU A 24 4.31 4.31 2.61
C LEU A 24 5.17 3.22 2.00
N ALA A 25 5.17 2.04 2.62
CA ALA A 25 5.90 0.90 2.10
C ALA A 25 5.35 0.47 0.74
N ARG A 26 4.12 0.85 0.44
CA ARG A 26 3.52 0.54 -0.85
C ARG A 26 4.20 1.39 -1.92
N VAL A 27 4.52 2.63 -1.57
CA VAL A 27 5.29 3.50 -2.44
C VAL A 27 6.73 2.96 -2.55
N LYS A 28 7.24 2.47 -1.42
CA LYS A 28 8.58 1.89 -1.40
C LYS A 28 8.63 0.62 -2.24
N PHE A 29 7.54 -0.13 -2.27
CA PHE A 29 7.46 -1.30 -3.14
C PHE A 29 7.65 -0.88 -4.59
N MET A 30 6.97 0.19 -4.98
CA MET A 30 7.16 0.78 -6.30
C MET A 30 8.62 1.16 -6.49
N GLN A 31 9.18 1.85 -5.49
CA GLN A 31 10.60 2.22 -5.49
C GLN A 31 11.49 1.01 -5.75
N ASP A 32 11.31 -0.02 -4.94
CA ASP A 32 12.10 -1.25 -5.02
C ASP A 32 12.09 -1.83 -6.42
N VAL A 33 10.90 -1.94 -7.01
CA VAL A 33 10.76 -2.54 -8.33
C VAL A 33 11.50 -1.73 -9.40
N VAL A 34 11.39 -0.40 -9.32
CA VAL A 34 12.05 0.48 -10.30
C VAL A 34 13.58 0.49 -10.07
N ASN A 35 14.00 0.02 -8.90
CA ASN A 35 15.42 -0.07 -8.58
C ASN A 35 15.89 -1.52 -8.64
N SER A 36 14.96 -2.43 -8.94
CA SER A 36 15.26 -3.83 -9.01
C SER A 36 15.33 -4.30 -10.46
N ASP A 37 15.90 -5.47 -10.68
CA ASP A 37 16.01 -6.04 -12.01
C ASP A 37 14.64 -6.36 -12.58
N THR A 38 13.66 -6.49 -11.69
CA THR A 38 12.28 -6.75 -12.04
C THR A 38 11.80 -5.82 -13.16
N PHE A 39 12.05 -4.52 -12.99
CA PHE A 39 11.67 -3.53 -13.99
C PHE A 39 12.75 -2.46 -14.13
N LYS A 40 14.01 -2.87 -14.06
CA LYS A 40 15.13 -1.93 -14.22
C LYS A 40 15.10 -1.21 -15.58
N GLY A 41 14.24 -1.69 -16.49
CA GLY A 41 14.15 -1.09 -17.80
C GLY A 41 13.13 0.04 -17.86
N GLN A 42 12.19 0.04 -16.93
CA GLN A 42 11.13 1.05 -16.92
C GLN A 42 11.20 1.90 -15.67
N PRO A 43 11.64 3.16 -15.80
CA PRO A 43 11.64 4.11 -14.70
C PRO A 43 10.23 4.61 -14.39
N ILE A 44 9.40 4.64 -15.42
CA ILE A 44 8.03 5.13 -15.30
C ILE A 44 7.05 4.02 -15.71
N PHE A 45 5.85 4.02 -15.15
CA PHE A 45 4.87 3.01 -15.46
C PHE A 45 3.59 3.61 -16.00
N ASP A 46 2.56 2.79 -16.11
CA ASP A 46 1.25 3.21 -16.57
C ASP A 46 0.20 2.87 -15.51
N HIS A 47 -0.98 3.47 -15.60
CA HIS A 47 -2.06 3.23 -14.63
C HIS A 47 -2.49 1.77 -14.61
N ALA A 48 -2.25 1.05 -15.70
CA ALA A 48 -2.50 -0.38 -15.74
C ALA A 48 -1.60 -1.10 -14.74
N HIS A 49 -0.40 -0.55 -14.55
CA HIS A 49 0.55 -1.10 -13.59
C HIS A 49 0.21 -0.60 -12.19
N THR A 50 -0.60 0.45 -12.11
CA THR A 50 -1.12 0.91 -10.84
C THR A 50 -1.95 -0.19 -10.21
N ARG A 51 -2.99 -0.62 -10.93
CA ARG A 51 -3.83 -1.71 -10.46
C ARG A 51 -2.99 -2.96 -10.24
N GLU A 52 -2.04 -3.20 -11.13
CA GLU A 52 -1.12 -4.31 -11.02
C GLU A 52 -0.43 -4.31 -9.65
N PHE A 53 0.21 -3.19 -9.31
CA PHE A 53 0.92 -3.05 -8.05
C PHE A 53 -0.03 -3.03 -6.86
N ILE A 54 -1.11 -2.26 -6.99
CA ILE A 54 -2.07 -2.11 -5.90
C ILE A 54 -2.73 -3.45 -5.56
N GLN A 55 -3.20 -4.16 -6.58
CA GLN A 55 -3.89 -5.44 -6.38
C GLN A 55 -2.93 -6.49 -5.82
N SER A 56 -1.67 -6.44 -6.24
CA SER A 56 -0.67 -7.37 -5.76
C SER A 56 -0.45 -7.21 -4.25
N PHE A 57 -0.52 -5.98 -3.77
CA PHE A 57 -0.36 -5.72 -2.35
C PHE A 57 -1.59 -6.22 -1.59
N ILE A 58 -2.75 -6.08 -2.21
CA ILE A 58 -3.99 -6.58 -1.63
C ILE A 58 -3.97 -8.12 -1.61
N GLU A 59 -3.39 -8.71 -2.65
CA GLU A 59 -3.26 -10.16 -2.72
C GLU A 59 -2.26 -10.66 -1.67
N ARG A 60 -1.37 -9.76 -1.25
CA ARG A 60 -0.39 -10.10 -0.21
C ARG A 60 -1.09 -10.38 1.12
N ASP A 61 -2.37 -10.03 1.20
CA ASP A 61 -3.21 -10.41 2.33
C ASP A 61 -3.21 -11.93 2.49
N ASP A 62 -3.38 -12.62 1.37
CA ASP A 62 -3.48 -14.08 1.37
C ASP A 62 -2.13 -14.68 1.74
N THR A 63 -1.07 -13.90 1.54
CA THR A 63 0.26 -14.32 1.94
C THR A 63 0.36 -14.45 3.46
N GLU A 64 -0.13 -13.44 4.16
CA GLU A 64 -0.13 -13.45 5.61
C GLU A 64 -1.21 -14.39 6.13
N LEU A 65 -2.31 -14.45 5.39
CA LEU A 65 -3.41 -15.36 5.71
C LEU A 65 -2.95 -16.81 5.55
N ASP A 66 -2.03 -17.04 4.63
CA ASP A 66 -1.51 -18.38 4.38
C ASP A 66 -0.76 -18.89 5.59
N GLU A 67 -0.05 -17.99 6.26
CA GLU A 67 0.65 -18.32 7.49
C GLU A 67 -0.34 -18.76 8.55
N LEU A 68 -1.47 -18.07 8.63
CA LEU A 68 -2.51 -18.39 9.61
C LEU A 68 -3.16 -19.73 9.28
N LYS A 69 -3.32 -20.00 7.99
CA LYS A 69 -3.85 -21.29 7.53
C LYS A 69 -2.86 -22.41 7.84
N LYS A 70 -1.58 -22.11 7.72
CA LYS A 70 -0.53 -23.11 7.90
C LYS A 70 -0.27 -23.35 9.39
N LYS A 71 -0.33 -22.29 10.19
CA LYS A 71 -0.17 -22.40 11.63
C LYS A 71 -1.45 -22.91 12.28
N ARG A 72 -2.48 -23.08 11.45
CA ARG A 72 -3.72 -23.71 11.86
C ARG A 72 -3.52 -25.22 11.87
N ARG A 73 -2.72 -25.68 12.83
CA ARG A 73 -2.33 -27.08 12.92
C ARG A 73 -3.47 -27.93 13.44
N SER A 74 -4.14 -27.42 14.46
CA SER A 74 -5.23 -28.13 15.10
C SER A 74 -6.55 -27.81 14.39
N ASN A 75 -7.62 -28.44 14.84
CA ASN A 75 -8.94 -28.22 14.27
C ASN A 75 -9.62 -27.05 15.00
N ARG A 76 -8.80 -26.24 15.65
CA ARG A 76 -9.27 -25.06 16.36
C ARG A 76 -8.56 -23.81 15.86
N PRO A 77 -8.97 -23.30 14.68
CA PRO A 77 -8.40 -22.08 14.11
C PRO A 77 -8.68 -20.86 14.97
N PRO A 78 -7.72 -19.92 15.02
CA PRO A 78 -7.90 -18.66 15.72
C PRO A 78 -8.86 -17.75 14.99
N SER A 79 -10.16 -17.94 15.22
CA SER A 79 -11.18 -17.14 14.56
C SER A 79 -10.93 -15.64 14.78
N ASN A 80 -10.59 -15.29 16.01
CA ASN A 80 -10.37 -13.89 16.38
C ASN A 80 -9.14 -13.29 15.67
N ARG A 81 -8.22 -14.15 15.24
CA ARG A 81 -7.01 -13.67 14.58
C ARG A 81 -7.14 -13.81 13.06
N GLN A 82 -7.62 -14.95 12.59
CA GLN A 82 -7.71 -15.23 11.17
C GLN A 82 -8.78 -14.37 10.51
N VAL A 83 -9.88 -14.14 11.23
CA VAL A 83 -10.93 -13.27 10.73
C VAL A 83 -10.48 -11.81 10.78
N LEU A 84 -9.62 -11.52 11.75
CA LEU A 84 -9.05 -10.17 11.90
C LEU A 84 -8.11 -9.88 10.73
N LEU A 85 -7.43 -10.91 10.27
CA LEU A 85 -6.55 -10.80 9.12
C LEU A 85 -7.38 -10.46 7.88
N GLN A 86 -8.48 -11.19 7.72
CA GLN A 86 -9.38 -11.00 6.60
C GLN A 86 -9.96 -9.59 6.57
N GLN A 87 -9.91 -8.90 7.70
CA GLN A 87 -10.42 -7.53 7.78
C GLN A 87 -9.67 -6.63 6.80
N ARG A 88 -8.37 -6.86 6.62
CA ARG A 88 -7.60 -6.12 5.62
C ARG A 88 -8.11 -6.43 4.22
N ARG A 89 -8.26 -7.73 3.96
CA ARG A 89 -8.72 -8.22 2.67
C ARG A 89 -9.99 -7.51 2.23
N ASP A 90 -11.00 -7.55 3.09
CA ASP A 90 -12.30 -6.97 2.78
C ASP A 90 -12.23 -5.43 2.77
N GLN A 91 -11.47 -4.86 3.68
CA GLN A 91 -11.39 -3.41 3.81
C GLN A 91 -10.63 -2.78 2.64
N GLU A 92 -9.50 -3.38 2.27
CA GLU A 92 -8.70 -2.83 1.19
C GLU A 92 -9.39 -3.05 -0.15
N LEU A 93 -10.24 -4.07 -0.24
CA LEU A 93 -11.08 -4.24 -1.41
C LEU A 93 -12.18 -3.17 -1.44
N LYS A 94 -12.66 -2.82 -0.25
CA LYS A 94 -13.62 -1.72 -0.11
C LYS A 94 -13.01 -0.41 -0.60
N GLU A 95 -11.80 -0.12 -0.12
CA GLU A 95 -11.08 1.08 -0.55
C GLU A 95 -10.66 1.00 -2.01
N PHE A 96 -10.45 -0.22 -2.49
CA PHE A 96 -10.14 -0.46 -3.90
C PHE A 96 -11.29 0.02 -4.78
N LYS A 97 -12.51 -0.23 -4.31
CA LYS A 97 -13.70 0.18 -5.04
C LYS A 97 -13.98 1.67 -4.85
N ALA A 98 -13.68 2.18 -3.66
CA ALA A 98 -13.99 3.57 -3.32
C ALA A 98 -12.93 4.53 -3.85
N GLY A 99 -11.72 4.04 -4.04
CA GLY A 99 -10.63 4.87 -4.49
C GLY A 99 -9.52 4.94 -3.46
N PHE A 100 -8.40 4.31 -3.76
CA PHE A 100 -7.29 4.25 -2.83
C PHE A 100 -6.28 5.35 -3.14
N LEU A 101 -5.66 5.88 -2.09
CA LEU A 101 -4.69 6.96 -2.26
C LEU A 101 -3.37 6.44 -2.79
N CYS A 102 -3.13 6.66 -4.08
CA CYS A 102 -1.94 6.16 -4.74
C CYS A 102 -1.23 7.29 -5.47
N PRO A 103 0.10 7.20 -5.62
CA PRO A 103 0.86 8.18 -6.42
C PRO A 103 0.62 7.97 -7.91
N ASP A 104 0.71 9.04 -8.69
CA ASP A 104 0.57 8.91 -10.13
C ASP A 104 1.78 8.20 -10.71
N LEU A 105 1.57 6.96 -11.11
CA LEU A 105 2.65 6.08 -11.54
C LEU A 105 3.15 6.47 -12.93
N SER A 106 2.61 7.54 -13.48
CA SER A 106 3.00 8.02 -14.80
C SER A 106 3.52 9.46 -14.73
N ASP A 107 3.74 9.98 -13.53
CA ASP A 107 4.34 11.30 -13.37
C ASP A 107 5.85 11.15 -13.23
N ALA A 108 6.56 11.45 -14.31
CA ALA A 108 7.99 11.14 -14.42
C ALA A 108 8.83 11.72 -13.28
N LYS A 109 8.49 12.91 -12.80
CA LYS A 109 9.33 13.54 -11.79
C LYS A 109 8.88 13.13 -10.39
N ASN A 110 7.62 12.76 -10.23
CA ASN A 110 7.16 12.22 -8.96
C ASN A 110 7.69 10.80 -8.82
N MET A 111 7.81 10.11 -9.95
CA MET A 111 8.44 8.80 -10.00
C MET A 111 9.93 8.94 -9.69
N GLU A 112 10.47 10.11 -9.97
CA GLU A 112 11.85 10.43 -9.62
C GLU A 112 12.00 10.43 -8.09
N PHE A 113 11.11 11.14 -7.42
CA PHE A 113 11.10 11.16 -5.95
C PHE A 113 10.78 9.78 -5.41
N LEU A 114 9.90 9.07 -6.12
CA LEU A 114 9.48 7.74 -5.72
C LEU A 114 10.63 6.75 -5.85
N ARG A 115 11.41 6.87 -6.92
CA ARG A 115 12.51 5.95 -7.18
C ARG A 115 13.70 6.25 -6.27
N ASN A 116 13.82 7.50 -5.87
CA ASN A 116 14.92 7.94 -5.02
C ASN A 116 14.43 8.16 -3.59
N TRP A 117 13.30 7.54 -3.27
CA TRP A 117 12.67 7.70 -1.97
C TRP A 117 13.60 7.20 -0.86
N ASN A 118 14.11 8.13 -0.07
CA ASN A 118 15.05 7.82 0.99
C ASN A 118 14.31 7.22 2.20
N GLY A 119 13.00 7.31 2.17
CA GLY A 119 12.20 6.85 3.29
C GLY A 119 11.95 7.96 4.28
N THR A 120 11.33 9.03 3.81
CA THR A 120 11.09 10.20 4.62
C THR A 120 9.71 10.76 4.32
N PHE A 121 9.08 11.37 5.32
CA PHE A 121 7.74 11.90 5.17
C PHE A 121 7.78 13.25 4.45
N GLY A 122 8.96 13.84 4.40
CA GLY A 122 9.14 15.10 3.69
C GLY A 122 8.84 14.96 2.21
N LEU A 123 9.17 13.81 1.65
CA LEU A 123 8.94 13.54 0.24
C LEU A 123 7.46 13.24 -0.03
N LEU A 124 6.67 13.21 1.02
CA LEU A 124 5.23 13.04 0.86
C LEU A 124 4.57 14.39 0.59
N ASN A 125 5.38 15.44 0.69
CA ASN A 125 4.96 16.76 0.29
C ASN A 125 5.27 16.97 -1.18
N THR A 126 6.35 16.36 -1.64
CA THR A 126 6.74 16.43 -3.04
C THR A 126 5.93 15.45 -3.87
N LEU A 127 5.60 14.31 -3.28
CA LEU A 127 4.74 13.33 -3.92
C LEU A 127 3.30 13.79 -3.86
N ARG A 128 2.63 13.75 -4.99
CA ARG A 128 1.23 14.11 -5.04
C ARG A 128 0.39 12.84 -5.18
N LEU A 129 0.15 12.19 -4.05
CA LEU A 129 -0.67 11.00 -4.03
C LEU A 129 -2.12 11.36 -4.28
N ILE A 130 -2.70 10.78 -5.31
CA ILE A 130 -4.06 11.07 -5.71
C ILE A 130 -4.97 9.92 -5.34
N ARG A 131 -6.25 10.07 -5.61
CA ARG A 131 -7.19 8.99 -5.34
C ARG A 131 -7.43 8.20 -6.62
N ILE A 132 -7.11 6.93 -6.60
CA ILE A 132 -7.23 6.10 -7.78
C ILE A 132 -8.34 5.06 -7.62
N ASN A 133 -9.21 5.02 -8.62
CA ASN A 133 -10.36 4.13 -8.61
C ASN A 133 -10.17 2.96 -9.57
N ASP A 134 -10.39 1.75 -9.07
CA ASP A 134 -10.43 0.52 -9.88
C ASP A 134 -9.08 0.20 -10.53
N LYS A 135 -8.77 0.84 -11.64
CA LYS A 135 -7.52 0.58 -12.34
C LYS A 135 -6.52 1.70 -12.12
N GLY A 136 -6.82 2.85 -12.69
CA GLY A 136 -5.94 3.99 -12.57
C GLY A 136 -6.69 5.27 -12.80
N GLU A 137 -7.96 5.28 -12.41
CA GLU A 137 -8.82 6.42 -12.61
C GLU A 137 -8.62 7.44 -11.51
N GLN A 138 -8.40 8.68 -11.89
CA GLN A 138 -8.09 9.72 -10.93
C GLN A 138 -9.37 10.34 -10.36
N VAL A 139 -9.67 10.01 -9.12
CA VAL A 139 -10.85 10.50 -8.46
C VAL A 139 -10.57 11.90 -7.89
N VAL A 140 -10.84 12.91 -8.69
CA VAL A 140 -10.57 14.28 -8.31
C VAL A 140 -11.79 14.90 -7.63
N GLY A 141 -11.55 15.93 -6.84
CA GLY A 141 -12.63 16.57 -6.13
C GLY A 141 -12.87 15.96 -4.77
N GLY A 142 -11.91 15.14 -4.34
CA GLY A 142 -12.01 14.52 -3.03
C GLY A 142 -11.65 15.48 -1.93
N ASN A 143 -11.01 16.59 -2.32
CA ASN A 143 -10.60 17.64 -1.40
C ASN A 143 -9.71 17.09 -0.30
N GLU A 144 -8.47 16.82 -0.65
CA GLU A 144 -7.51 16.27 0.29
C GLU A 144 -6.23 17.08 0.25
N MET A 4 8.24 -1.10 37.18
CA MET A 4 9.31 -1.23 36.16
C MET A 4 9.13 -2.52 35.37
N ARG A 5 9.72 -2.56 34.19
CA ARG A 5 9.69 -3.75 33.37
C ARG A 5 11.12 -4.23 33.11
N GLU A 6 11.32 -5.54 33.15
CA GLU A 6 12.65 -6.11 32.97
C GLU A 6 13.04 -6.15 31.50
N ASP A 7 12.03 -6.05 30.64
CA ASP A 7 12.25 -6.05 29.20
C ASP A 7 12.75 -4.67 28.76
N LYS A 8 13.70 -4.66 27.84
CA LYS A 8 14.28 -3.41 27.37
C LYS A 8 13.77 -3.08 25.97
N ILE A 9 13.76 -1.81 25.64
CA ILE A 9 13.22 -1.35 24.37
C ILE A 9 14.25 -0.50 23.64
N ALA A 10 14.14 -0.45 22.31
CA ALA A 10 15.02 0.38 21.50
C ALA A 10 14.55 1.83 21.53
N ALA A 11 15.49 2.76 21.39
CA ALA A 11 15.18 4.18 21.41
C ALA A 11 14.43 4.60 20.15
N LYS A 12 14.67 3.87 19.07
CA LYS A 12 14.02 4.16 17.81
C LYS A 12 12.72 3.37 17.68
N LYS A 13 11.71 3.99 17.09
CA LYS A 13 10.40 3.35 16.96
C LYS A 13 10.37 2.37 15.79
N LYS A 14 11.54 2.02 15.28
CA LYS A 14 11.67 1.02 14.23
C LYS A 14 11.20 -0.35 14.74
N LEU A 15 11.38 -0.58 16.03
CA LEU A 15 11.01 -1.83 16.66
C LEU A 15 9.51 -1.85 16.99
N HIS A 16 8.85 -0.72 16.78
CA HIS A 16 7.43 -0.58 17.10
C HIS A 16 6.59 -1.30 16.04
N GLN A 17 7.17 -1.46 14.84
CA GLN A 17 6.48 -2.05 13.71
C GLN A 17 5.18 -1.30 13.43
N ASP A 18 5.30 -0.14 12.81
CA ASP A 18 4.15 0.74 12.61
C ASP A 18 3.38 0.36 11.35
N LYS A 19 2.08 0.63 11.37
CA LYS A 19 1.22 0.32 10.24
C LYS A 19 1.43 1.32 9.10
N ARG A 20 1.80 2.56 9.44
CA ARG A 20 2.03 3.59 8.44
C ARG A 20 3.24 3.23 7.59
N VAL A 21 4.18 2.49 8.18
CA VAL A 21 5.32 1.99 7.44
C VAL A 21 4.88 0.98 6.41
N HIS A 22 3.86 0.20 6.74
CA HIS A 22 3.29 -0.78 5.82
C HIS A 22 2.45 -0.07 4.76
N GLU A 23 2.24 1.22 4.97
CA GLU A 23 1.51 2.05 4.04
C GLU A 23 2.49 2.78 3.11
N LEU A 24 3.53 3.35 3.69
CA LEU A 24 4.55 4.06 2.92
C LEU A 24 5.44 3.07 2.17
N ALA A 25 5.59 1.86 2.72
CA ALA A 25 6.34 0.79 2.05
C ALA A 25 5.80 0.49 0.66
N ARG A 26 4.55 0.86 0.40
CA ARG A 26 3.96 0.66 -0.91
C ARG A 26 4.69 1.53 -1.95
N VAL A 27 5.05 2.74 -1.53
CA VAL A 27 5.85 3.63 -2.37
C VAL A 27 7.30 3.15 -2.39
N LYS A 28 7.75 2.63 -1.27
CA LYS A 28 9.08 2.04 -1.17
C LYS A 28 9.26 0.93 -2.20
N PHE A 29 8.26 0.07 -2.32
CA PHE A 29 8.29 -0.99 -3.32
C PHE A 29 8.38 -0.40 -4.72
N MET A 30 7.58 0.64 -4.98
CA MET A 30 7.62 1.34 -6.25
C MET A 30 9.02 1.84 -6.55
N GLN A 31 9.67 2.44 -5.56
CA GLN A 31 11.04 2.91 -5.74
C GLN A 31 11.97 1.74 -6.02
N ASP A 32 11.87 0.70 -5.19
CA ASP A 32 12.75 -0.45 -5.30
C ASP A 32 12.60 -1.13 -6.66
N VAL A 33 11.37 -1.33 -7.11
CA VAL A 33 11.12 -2.04 -8.36
C VAL A 33 11.62 -1.25 -9.58
N VAL A 34 11.62 0.08 -9.45
CA VAL A 34 12.13 0.94 -10.52
C VAL A 34 13.66 0.96 -10.53
N ASN A 35 14.25 0.88 -9.33
CA ASN A 35 15.70 0.96 -9.19
C ASN A 35 16.36 -0.41 -9.28
N SER A 36 15.55 -1.45 -9.31
CA SER A 36 16.08 -2.80 -9.42
C SER A 36 15.85 -3.33 -10.83
N ASP A 37 16.53 -4.41 -11.17
CA ASP A 37 16.44 -4.95 -12.51
C ASP A 37 15.15 -5.72 -12.72
N THR A 38 14.31 -5.74 -11.68
CA THR A 38 13.00 -6.35 -11.78
C THR A 38 12.18 -5.68 -12.89
N PHE A 39 12.14 -4.34 -12.86
CA PHE A 39 11.43 -3.57 -13.87
C PHE A 39 12.25 -2.37 -14.32
N LYS A 40 13.57 -2.47 -14.22
CA LYS A 40 14.46 -1.39 -14.65
C LYS A 40 14.36 -1.16 -16.16
N GLY A 41 13.75 -2.11 -16.86
CA GLY A 41 13.56 -1.98 -18.29
C GLY A 41 12.26 -1.26 -18.62
N GLN A 42 11.67 -0.63 -17.61
CA GLN A 42 10.46 0.15 -17.80
C GLN A 42 10.75 1.61 -17.48
N PRO A 43 10.46 2.53 -18.42
CA PRO A 43 10.65 3.95 -18.20
C PRO A 43 9.69 4.50 -17.15
N ILE A 44 8.42 4.58 -17.52
CA ILE A 44 7.38 5.05 -16.62
C ILE A 44 6.20 4.08 -16.64
N PHE A 45 5.51 3.95 -15.53
CA PHE A 45 4.40 3.02 -15.45
C PHE A 45 3.06 3.71 -15.73
N ASP A 46 1.98 2.98 -15.51
CA ASP A 46 0.64 3.48 -15.79
C ASP A 46 -0.29 3.15 -14.63
N HIS A 47 -1.57 3.44 -14.80
CA HIS A 47 -2.55 3.22 -13.75
C HIS A 47 -2.98 1.76 -13.70
N ALA A 48 -2.78 1.05 -14.81
CA ALA A 48 -3.07 -0.37 -14.87
C ALA A 48 -2.08 -1.14 -14.01
N HIS A 49 -0.82 -0.72 -14.07
CA HIS A 49 0.22 -1.31 -13.24
C HIS A 49 0.01 -0.92 -11.78
N THR A 50 -0.66 0.21 -11.55
CA THR A 50 -1.09 0.58 -10.21
C THR A 50 -2.02 -0.50 -9.67
N ARG A 51 -3.05 -0.80 -10.46
CA ARG A 51 -3.99 -1.86 -10.14
C ARG A 51 -3.25 -3.16 -9.89
N GLU A 52 -2.32 -3.50 -10.78
CA GLU A 52 -1.53 -4.71 -10.69
C GLU A 52 -0.73 -4.76 -9.37
N PHE A 53 0.09 -3.75 -9.14
CA PHE A 53 0.96 -3.73 -7.96
C PHE A 53 0.16 -3.62 -6.66
N ILE A 54 -0.81 -2.72 -6.61
CA ILE A 54 -1.62 -2.54 -5.40
C ILE A 54 -2.38 -3.83 -5.08
N GLN A 55 -2.88 -4.49 -6.12
CA GLN A 55 -3.60 -5.75 -5.96
C GLN A 55 -2.69 -6.83 -5.38
N SER A 56 -1.45 -6.90 -5.87
CA SER A 56 -0.51 -7.91 -5.40
C SER A 56 -0.24 -7.74 -3.90
N PHE A 57 -0.16 -6.49 -3.44
CA PHE A 57 0.00 -6.21 -2.01
C PHE A 57 -1.13 -6.83 -1.22
N ILE A 58 -2.35 -6.61 -1.69
CA ILE A 58 -3.54 -7.13 -1.03
C ILE A 58 -3.51 -8.66 -0.94
N GLU A 59 -3.05 -9.29 -2.02
CA GLU A 59 -2.98 -10.75 -2.06
C GLU A 59 -1.80 -11.30 -1.27
N ARG A 60 -0.86 -10.44 -0.89
CA ARG A 60 0.28 -10.87 -0.09
C ARG A 60 -0.08 -10.92 1.38
N ASP A 61 -1.26 -10.39 1.73
CA ASP A 61 -1.80 -10.54 3.09
C ASP A 61 -2.11 -12.01 3.34
N ASP A 62 -2.34 -12.73 2.25
CA ASP A 62 -2.63 -14.15 2.32
C ASP A 62 -1.42 -14.95 2.80
N THR A 63 -0.26 -14.30 2.79
CA THR A 63 0.96 -14.94 3.29
C THR A 63 0.86 -15.17 4.79
N GLU A 64 0.25 -14.23 5.51
CA GLU A 64 0.04 -14.41 6.94
C GLU A 64 -1.18 -15.26 7.18
N LEU A 65 -2.14 -15.18 6.26
CA LEU A 65 -3.33 -16.03 6.30
C LEU A 65 -2.94 -17.48 6.02
N ASP A 66 -1.84 -17.64 5.30
CA ASP A 66 -1.31 -18.96 4.95
C ASP A 66 -0.83 -19.68 6.20
N GLU A 67 -0.39 -18.90 7.19
CA GLU A 67 0.03 -19.46 8.47
C GLU A 67 -1.16 -20.06 9.20
N LEU A 68 -2.33 -19.54 8.92
CA LEU A 68 -3.57 -20.08 9.47
C LEU A 68 -3.99 -21.30 8.66
N LYS A 69 -3.74 -21.24 7.36
CA LYS A 69 -4.03 -22.34 6.45
C LYS A 69 -3.19 -23.56 6.81
N LYS A 70 -1.94 -23.31 7.23
CA LYS A 70 -1.03 -24.39 7.63
C LYS A 70 -1.56 -25.11 8.86
N LYS A 71 -2.40 -24.42 9.63
CA LYS A 71 -2.95 -24.98 10.85
C LYS A 71 -4.24 -25.74 10.58
N ARG A 72 -4.51 -26.01 9.30
CA ARG A 72 -5.64 -26.86 8.93
C ARG A 72 -5.38 -28.29 9.39
N ARG A 73 -4.11 -28.62 9.60
CA ARG A 73 -3.73 -29.96 10.03
C ARG A 73 -3.92 -30.09 11.55
N SER A 74 -4.47 -29.05 12.15
CA SER A 74 -4.88 -29.09 13.54
C SER A 74 -6.34 -29.51 13.62
N ASN A 75 -6.98 -29.30 14.76
CA ASN A 75 -8.37 -29.71 14.94
C ASN A 75 -9.32 -28.63 14.45
N ARG A 76 -8.89 -27.38 14.51
CA ARG A 76 -9.77 -26.27 14.19
C ARG A 76 -8.98 -25.03 13.77
N PRO A 77 -9.16 -24.58 12.52
CA PRO A 77 -8.60 -23.30 12.05
C PRO A 77 -9.15 -22.13 12.86
N PRO A 78 -8.32 -21.09 13.07
CA PRO A 78 -8.71 -19.90 13.84
C PRO A 78 -9.83 -19.11 13.18
N SER A 79 -11.06 -19.43 13.51
CA SER A 79 -12.22 -18.74 12.95
C SER A 79 -12.19 -17.25 13.29
N ASN A 80 -11.70 -16.93 14.47
CA ASN A 80 -11.63 -15.55 14.92
C ASN A 80 -10.53 -14.80 14.17
N ARG A 81 -9.33 -15.40 14.13
CA ARG A 81 -8.18 -14.76 13.51
C ARG A 81 -8.33 -14.66 12.00
N GLN A 82 -8.75 -15.76 11.38
CA GLN A 82 -8.87 -15.84 9.93
C GLN A 82 -9.81 -14.77 9.38
N VAL A 83 -10.98 -14.66 10.01
CA VAL A 83 -11.98 -13.69 9.57
C VAL A 83 -11.50 -12.27 9.84
N LEU A 84 -11.01 -12.05 11.05
CA LEU A 84 -10.52 -10.73 11.47
C LEU A 84 -9.41 -10.24 10.55
N LEU A 85 -8.59 -11.18 10.09
CA LEU A 85 -7.47 -10.87 9.21
C LEU A 85 -7.98 -10.50 7.81
N GLN A 86 -8.85 -11.32 7.25
CA GLN A 86 -9.35 -11.08 5.90
C GLN A 86 -10.13 -9.77 5.81
N GLN A 87 -10.74 -9.37 6.92
CA GLN A 87 -11.47 -8.11 6.98
C GLN A 87 -10.54 -6.93 6.68
N ARG A 88 -9.26 -7.08 6.98
CA ARG A 88 -8.29 -6.02 6.77
C ARG A 88 -8.12 -5.74 5.28
N ARG A 89 -7.91 -6.79 4.50
CA ARG A 89 -7.71 -6.64 3.06
C ARG A 89 -9.01 -6.22 2.40
N ASP A 90 -10.14 -6.60 2.99
CA ASP A 90 -11.44 -6.23 2.47
C ASP A 90 -11.70 -4.74 2.68
N GLN A 91 -11.32 -4.25 3.86
CA GLN A 91 -11.42 -2.83 4.16
C GLN A 91 -10.50 -2.04 3.23
N GLU A 92 -9.30 -2.57 3.02
CA GLU A 92 -8.34 -2.00 2.08
C GLU A 92 -8.99 -1.88 0.70
N LEU A 93 -9.62 -2.96 0.26
CA LEU A 93 -10.34 -2.98 -1.01
C LEU A 93 -11.39 -1.87 -1.08
N LYS A 94 -12.12 -1.69 0.02
CA LYS A 94 -13.17 -0.68 0.09
C LYS A 94 -12.61 0.73 -0.04
N GLU A 95 -11.55 1.00 0.71
CA GLU A 95 -10.94 2.33 0.69
C GLU A 95 -10.27 2.58 -0.66
N PHE A 96 -9.61 1.56 -1.19
CA PHE A 96 -8.96 1.66 -2.49
C PHE A 96 -9.99 1.89 -3.59
N LYS A 97 -11.13 1.22 -3.48
CA LYS A 97 -12.21 1.37 -4.45
C LYS A 97 -12.81 2.78 -4.38
N ALA A 98 -12.88 3.33 -3.18
CA ALA A 98 -13.40 4.67 -2.98
C ALA A 98 -12.41 5.72 -3.46
N GLY A 99 -11.13 5.37 -3.41
CA GLY A 99 -10.10 6.28 -3.85
C GLY A 99 -8.96 6.35 -2.85
N PHE A 100 -8.03 5.42 -2.95
CA PHE A 100 -6.92 5.34 -2.02
C PHE A 100 -5.82 6.32 -2.44
N LEU A 101 -5.09 6.83 -1.45
CA LEU A 101 -4.01 7.76 -1.71
C LEU A 101 -2.82 7.04 -2.35
N CYS A 102 -2.72 7.14 -3.66
CA CYS A 102 -1.64 6.52 -4.40
C CYS A 102 -0.96 7.54 -5.31
N PRO A 103 0.35 7.38 -5.55
CA PRO A 103 1.09 8.29 -6.43
C PRO A 103 0.81 8.01 -7.90
N ASP A 104 0.73 9.06 -8.70
CA ASP A 104 0.53 8.91 -10.13
C ASP A 104 1.80 8.36 -10.77
N LEU A 105 1.73 7.12 -11.21
CA LEU A 105 2.90 6.44 -11.75
C LEU A 105 3.11 6.77 -13.23
N SER A 106 2.25 7.57 -13.80
CA SER A 106 2.35 7.91 -15.21
C SER A 106 3.04 9.25 -15.41
N ASP A 107 3.41 9.88 -14.30
CA ASP A 107 4.13 11.14 -14.36
C ASP A 107 5.61 10.91 -14.11
N ALA A 108 6.42 11.20 -15.12
CA ALA A 108 7.86 10.95 -15.05
C ALA A 108 8.55 11.84 -14.02
N LYS A 109 7.94 12.96 -13.70
CA LYS A 109 8.48 13.88 -12.70
C LYS A 109 8.23 13.32 -11.31
N ASN A 110 6.98 12.93 -11.07
CA ASN A 110 6.60 12.35 -9.79
C ASN A 110 7.33 11.02 -9.56
N MET A 111 7.47 10.23 -10.62
CA MET A 111 8.19 8.97 -10.51
C MET A 111 9.69 9.20 -10.31
N GLU A 112 10.19 10.35 -10.77
CA GLU A 112 11.58 10.69 -10.56
C GLU A 112 11.82 11.02 -9.10
N PHE A 113 10.86 11.71 -8.49
CA PHE A 113 10.87 11.96 -7.05
C PHE A 113 10.79 10.64 -6.29
N LEU A 114 9.87 9.79 -6.72
CA LEU A 114 9.69 8.46 -6.15
C LEU A 114 10.95 7.62 -6.32
N ARG A 115 11.67 7.87 -7.40
CA ARG A 115 12.91 7.18 -7.70
C ARG A 115 14.01 7.57 -6.70
N ASN A 116 13.97 8.82 -6.25
CA ASN A 116 14.99 9.34 -5.33
C ASN A 116 14.40 9.50 -3.92
N TRP A 117 13.32 8.78 -3.68
CA TRP A 117 12.63 8.81 -2.38
C TRP A 117 13.54 8.32 -1.26
N ASN A 118 13.34 8.87 -0.07
CA ASN A 118 14.14 8.52 1.10
C ASN A 118 13.23 8.27 2.29
N GLY A 119 13.82 7.99 3.44
CA GLY A 119 13.05 7.83 4.66
C GLY A 119 12.61 9.17 5.22
N THR A 120 11.82 9.88 4.42
CA THR A 120 11.37 11.22 4.78
C THR A 120 9.88 11.36 4.55
N PHE A 121 9.11 11.53 5.61
CA PHE A 121 7.67 11.70 5.52
C PHE A 121 7.34 13.00 4.76
N GLY A 122 8.28 13.93 4.78
CA GLY A 122 8.11 15.19 4.07
C GLY A 122 8.04 14.98 2.56
N LEU A 123 8.57 13.87 2.09
CA LEU A 123 8.55 13.56 0.67
C LEU A 123 7.17 13.08 0.24
N LEU A 124 6.34 12.77 1.21
CA LEU A 124 4.96 12.39 0.95
C LEU A 124 4.14 13.64 0.68
N ASN A 125 4.76 14.79 0.89
CA ASN A 125 4.15 16.08 0.60
C ASN A 125 4.65 16.59 -0.75
N THR A 126 5.89 16.22 -1.09
CA THR A 126 6.47 16.61 -2.36
C THR A 126 5.93 15.75 -3.50
N LEU A 127 5.67 14.48 -3.20
CA LEU A 127 5.06 13.57 -4.17
C LEU A 127 3.64 13.98 -4.46
N ARG A 128 3.24 13.90 -5.73
CA ARG A 128 1.89 14.22 -6.11
C ARG A 128 1.00 13.00 -5.90
N LEU A 129 0.67 12.79 -4.65
CA LEU A 129 -0.15 11.67 -4.24
C LEU A 129 -1.62 12.02 -4.43
N ILE A 130 -2.30 11.23 -5.22
CA ILE A 130 -3.68 11.48 -5.58
C ILE A 130 -4.56 10.35 -5.10
N ARG A 131 -5.84 10.42 -5.40
CA ARG A 131 -6.73 9.31 -5.11
C ARG A 131 -6.92 8.45 -6.33
N ILE A 132 -6.71 7.16 -6.16
CA ILE A 132 -6.94 6.19 -7.21
C ILE A 132 -8.06 5.25 -6.77
N ASN A 133 -9.10 5.15 -7.58
CA ASN A 133 -10.30 4.42 -7.18
C ASN A 133 -10.39 3.07 -7.87
N ASP A 134 -11.35 2.28 -7.37
CA ASP A 134 -11.66 0.94 -7.87
C ASP A 134 -10.40 0.07 -7.98
N LYS A 135 -9.76 0.08 -9.14
CA LYS A 135 -8.54 -0.67 -9.36
C LYS A 135 -7.67 0.05 -10.38
N GLY A 136 -6.97 1.08 -9.92
CA GLY A 136 -6.07 1.80 -10.78
C GLY A 136 -6.78 2.75 -11.72
N GLU A 137 -7.83 3.40 -11.24
CA GLU A 137 -8.54 4.38 -12.04
C GLU A 137 -8.46 5.76 -11.39
N GLN A 138 -8.62 6.79 -12.20
CA GLN A 138 -8.33 8.16 -11.78
C GLN A 138 -9.50 8.79 -11.03
N VAL A 139 -9.18 9.43 -9.91
CA VAL A 139 -10.14 10.28 -9.20
C VAL A 139 -9.77 11.73 -9.43
N VAL A 140 -10.76 12.57 -9.70
CA VAL A 140 -10.52 13.99 -9.94
C VAL A 140 -10.01 14.67 -8.67
N GLY A 141 -10.65 14.34 -7.56
CA GLY A 141 -10.23 14.90 -6.28
C GLY A 141 -11.40 15.48 -5.50
N GLY A 142 -12.61 15.15 -5.92
CA GLY A 142 -13.80 15.70 -5.28
C GLY A 142 -14.10 15.05 -3.94
N ASN A 143 -13.21 14.17 -3.50
CA ASN A 143 -13.36 13.52 -2.20
C ASN A 143 -12.61 14.30 -1.13
N GLU A 144 -11.93 15.36 -1.56
CA GLU A 144 -11.21 16.22 -0.64
C GLU A 144 -12.03 17.46 -0.36
N MET A 4 10.38 -4.42 24.68
CA MET A 4 9.64 -4.01 25.90
C MET A 4 10.27 -2.76 26.49
N ARG A 5 9.79 -2.36 27.67
CA ARG A 5 10.31 -1.19 28.39
C ARG A 5 10.20 0.08 27.54
N GLU A 6 11.28 0.42 26.84
CA GLU A 6 11.27 1.56 25.94
C GLU A 6 10.28 1.31 24.80
N ASP A 7 10.21 0.03 24.41
CA ASP A 7 9.19 -0.48 23.49
C ASP A 7 9.15 0.30 22.17
N LYS A 8 9.80 -0.25 21.15
CA LYS A 8 9.90 0.42 19.86
C LYS A 8 9.13 -0.35 18.79
N ILE A 9 8.17 -1.17 19.23
CA ILE A 9 7.46 -2.06 18.31
C ILE A 9 6.11 -1.49 17.87
N ALA A 10 5.69 -0.40 18.52
CA ALA A 10 4.41 0.24 18.21
C ALA A 10 3.24 -0.73 18.41
N ALA A 11 2.13 -0.45 17.70
CA ALA A 11 0.92 -1.29 17.73
C ALA A 11 0.15 -1.17 19.05
N LYS A 12 0.88 -1.08 20.16
CA LYS A 12 0.26 -0.95 21.47
C LYS A 12 -0.45 0.38 21.63
N LYS A 13 0.16 1.44 21.12
CA LYS A 13 -0.45 2.75 21.17
C LYS A 13 -1.56 2.86 20.13
N LYS A 14 -2.69 3.40 20.57
CA LYS A 14 -3.94 3.32 19.85
C LYS A 14 -3.92 4.10 18.53
N LEU A 15 -2.96 4.99 18.39
CA LEU A 15 -2.84 5.79 17.17
C LEU A 15 -2.50 4.90 15.97
N HIS A 16 -1.73 3.85 16.22
CA HIS A 16 -1.32 2.88 15.18
C HIS A 16 -0.53 3.53 14.04
N GLN A 17 0.79 3.45 14.15
CA GLN A 17 1.67 3.87 13.07
C GLN A 17 1.70 2.79 11.99
N ASP A 18 1.17 1.62 12.37
CA ASP A 18 1.17 0.43 11.52
C ASP A 18 0.47 0.69 10.19
N LYS A 19 -0.57 1.51 10.23
CA LYS A 19 -1.38 1.78 9.04
C LYS A 19 -0.55 2.35 7.88
N ARG A 20 0.50 3.11 8.20
CA ARG A 20 1.26 3.78 7.17
C ARG A 20 2.35 2.89 6.58
N VAL A 21 2.48 1.68 7.10
CA VAL A 21 3.31 0.67 6.45
C VAL A 21 2.62 0.26 5.16
N HIS A 22 1.30 0.16 5.25
CA HIS A 22 0.44 -0.09 4.10
C HIS A 22 0.60 1.01 3.04
N GLU A 23 1.13 2.16 3.46
CA GLU A 23 1.37 3.26 2.54
C GLU A 23 2.80 3.22 2.01
N LEU A 24 3.77 3.34 2.90
CA LEU A 24 5.18 3.52 2.50
C LEU A 24 5.75 2.29 1.82
N ALA A 25 5.27 1.11 2.20
CA ALA A 25 5.75 -0.13 1.58
C ALA A 25 5.49 -0.14 0.08
N ARG A 26 4.42 0.52 -0.34
CA ARG A 26 4.07 0.63 -1.75
C ARG A 26 5.14 1.42 -2.49
N VAL A 27 5.44 2.61 -1.98
CA VAL A 27 6.45 3.48 -2.58
C VAL A 27 7.82 2.81 -2.53
N LYS A 28 8.08 2.11 -1.42
CA LYS A 28 9.32 1.37 -1.25
C LYS A 28 9.48 0.35 -2.37
N PHE A 29 8.43 -0.42 -2.62
CA PHE A 29 8.44 -1.42 -3.68
C PHE A 29 8.59 -0.77 -5.05
N MET A 30 7.79 0.28 -5.28
CA MET A 30 7.85 1.02 -6.54
C MET A 30 9.26 1.51 -6.81
N GLN A 31 9.89 2.11 -5.82
CA GLN A 31 11.25 2.61 -5.95
C GLN A 31 12.21 1.46 -6.23
N ASP A 32 12.12 0.42 -5.41
CA ASP A 32 13.05 -0.70 -5.48
C ASP A 32 13.01 -1.37 -6.84
N VAL A 33 11.81 -1.52 -7.41
CA VAL A 33 11.65 -2.21 -8.67
C VAL A 33 12.10 -1.35 -9.85
N VAL A 34 12.01 -0.03 -9.71
CA VAL A 34 12.46 0.89 -10.76
C VAL A 34 13.98 1.02 -10.75
N ASN A 35 14.56 1.01 -9.55
CA ASN A 35 15.99 1.20 -9.39
C ASN A 35 16.74 -0.09 -9.71
N SER A 36 16.04 -1.21 -9.65
CA SER A 36 16.64 -2.49 -9.98
C SER A 36 16.33 -2.86 -11.43
N ASP A 37 17.03 -3.86 -11.94
CA ASP A 37 16.90 -4.27 -13.35
C ASP A 37 15.55 -4.91 -13.62
N THR A 38 14.79 -5.17 -12.57
CA THR A 38 13.49 -5.79 -12.69
C THR A 38 12.56 -4.96 -13.57
N PHE A 39 12.60 -3.64 -13.42
CA PHE A 39 11.79 -2.76 -14.26
C PHE A 39 12.52 -1.47 -14.59
N LYS A 40 13.85 -1.47 -14.50
CA LYS A 40 14.63 -0.26 -14.82
C LYS A 40 14.56 0.04 -16.32
N GLY A 41 14.01 -0.91 -17.08
CA GLY A 41 13.80 -0.71 -18.49
C GLY A 41 12.60 0.18 -18.76
N GLN A 42 11.74 0.32 -17.77
CA GLN A 42 10.57 1.19 -17.87
C GLN A 42 10.67 2.32 -16.85
N PRO A 43 11.17 3.49 -17.28
CA PRO A 43 11.32 4.66 -16.39
C PRO A 43 9.98 5.13 -15.83
N ILE A 44 8.92 4.90 -16.59
CA ILE A 44 7.58 5.31 -16.18
C ILE A 44 6.61 4.13 -16.30
N PHE A 45 5.64 4.07 -15.40
CA PHE A 45 4.61 3.05 -15.47
C PHE A 45 3.27 3.69 -15.78
N ASP A 46 2.24 2.87 -15.97
CA ASP A 46 0.92 3.36 -16.28
C ASP A 46 -0.08 2.98 -15.18
N HIS A 47 -1.35 3.24 -15.41
CA HIS A 47 -2.38 3.02 -14.41
C HIS A 47 -2.78 1.54 -14.33
N ALA A 48 -2.58 0.80 -15.42
CA ALA A 48 -2.88 -0.62 -15.41
C ALA A 48 -1.88 -1.36 -14.53
N HIS A 49 -0.63 -0.94 -14.60
CA HIS A 49 0.42 -1.50 -13.75
C HIS A 49 0.21 -1.11 -12.30
N THR A 50 -0.53 -0.01 -12.08
CA THR A 50 -0.98 0.34 -10.75
C THR A 50 -1.83 -0.78 -10.19
N ARG A 51 -2.91 -1.09 -10.89
CA ARG A 51 -3.79 -2.19 -10.51
C ARG A 51 -3.00 -3.49 -10.35
N GLU A 52 -2.08 -3.74 -11.28
CA GLU A 52 -1.26 -4.94 -11.25
C GLU A 52 -0.50 -5.08 -9.92
N PHE A 53 0.29 -4.07 -9.58
CA PHE A 53 1.10 -4.10 -8.37
C PHE A 53 0.23 -3.98 -7.12
N ILE A 54 -0.74 -3.08 -7.15
CA ILE A 54 -1.61 -2.83 -6.00
C ILE A 54 -2.45 -4.06 -5.66
N GLN A 55 -2.96 -4.74 -6.70
CA GLN A 55 -3.74 -5.96 -6.50
C GLN A 55 -2.90 -7.05 -5.87
N SER A 56 -1.66 -7.18 -6.33
CA SER A 56 -0.74 -8.17 -5.79
C SER A 56 -0.42 -7.89 -4.32
N PHE A 57 -0.39 -6.61 -3.96
CA PHE A 57 -0.18 -6.20 -2.57
C PHE A 57 -1.32 -6.72 -1.70
N ILE A 58 -2.54 -6.66 -2.24
CA ILE A 58 -3.71 -7.19 -1.56
C ILE A 58 -3.68 -8.71 -1.58
N GLU A 59 -3.21 -9.27 -2.68
CA GLU A 59 -3.13 -10.71 -2.89
C GLU A 59 -2.30 -11.39 -1.79
N ARG A 60 -1.30 -10.67 -1.30
CA ARG A 60 -0.40 -11.21 -0.28
C ARG A 60 -1.05 -11.28 1.10
N ASP A 61 -2.31 -10.87 1.20
CA ASP A 61 -3.07 -11.04 2.45
C ASP A 61 -3.20 -12.53 2.74
N ASP A 62 -3.28 -13.33 1.68
CA ASP A 62 -3.33 -14.79 1.79
C ASP A 62 -2.07 -15.33 2.44
N THR A 63 -0.95 -14.65 2.23
CA THR A 63 0.31 -15.06 2.82
C THR A 63 0.27 -14.94 4.33
N GLU A 64 -0.23 -13.81 4.80
CA GLU A 64 -0.38 -13.59 6.23
C GLU A 64 -1.48 -14.48 6.79
N LEU A 65 -2.52 -14.69 5.99
CA LEU A 65 -3.61 -15.60 6.34
C LEU A 65 -3.08 -17.02 6.57
N ASP A 66 -2.17 -17.47 5.71
CA ASP A 66 -1.61 -18.80 5.83
C ASP A 66 -0.66 -18.88 7.02
N GLU A 67 -0.19 -17.72 7.47
CA GLU A 67 0.58 -17.65 8.72
C GLU A 67 -0.31 -18.00 9.92
N LEU A 68 -1.54 -17.52 9.90
CA LEU A 68 -2.53 -17.91 10.91
C LEU A 68 -2.87 -19.38 10.73
N LYS A 69 -2.99 -19.75 9.48
CA LYS A 69 -3.38 -21.08 9.07
C LYS A 69 -2.36 -22.13 9.51
N LYS A 70 -1.08 -21.77 9.45
CA LYS A 70 0.00 -22.67 9.85
C LYS A 70 0.50 -22.37 11.27
N LYS A 71 -0.10 -21.40 11.94
CA LYS A 71 0.37 -21.01 13.28
C LYS A 71 0.10 -22.13 14.27
N ARG A 72 -1.00 -22.84 14.07
CA ARG A 72 -1.32 -23.99 14.91
C ARG A 72 -0.92 -25.28 14.18
N ARG A 73 0.02 -25.14 13.25
CA ARG A 73 0.57 -26.27 12.50
C ARG A 73 -0.48 -26.88 11.58
N SER A 74 -1.27 -27.79 12.12
CA SER A 74 -2.37 -28.40 11.39
C SER A 74 -3.39 -28.97 12.37
N ASN A 75 -3.31 -28.50 13.61
CA ASN A 75 -4.16 -29.01 14.68
C ASN A 75 -5.53 -28.36 14.64
N ARG A 76 -5.53 -27.05 14.81
CA ARG A 76 -6.76 -26.29 14.88
C ARG A 76 -6.68 -25.05 13.99
N PRO A 77 -7.55 -24.97 12.98
CA PRO A 77 -7.66 -23.79 12.13
C PRO A 77 -8.00 -22.53 12.93
N PRO A 78 -7.44 -21.38 12.54
CA PRO A 78 -7.66 -20.11 13.25
C PRO A 78 -9.14 -19.73 13.34
N SER A 79 -9.95 -20.28 12.44
CA SER A 79 -11.40 -20.13 12.42
C SER A 79 -11.86 -18.68 12.65
N ASN A 80 -12.15 -18.33 13.90
CA ASN A 80 -12.64 -16.99 14.22
C ASN A 80 -11.56 -15.94 13.93
N ARG A 81 -10.31 -16.30 14.19
CA ARG A 81 -9.19 -15.40 13.93
C ARG A 81 -8.90 -15.36 12.44
N GLN A 82 -9.31 -16.41 11.73
CA GLN A 82 -9.11 -16.51 10.30
C GLN A 82 -10.03 -15.52 9.58
N VAL A 83 -11.27 -15.47 10.04
CA VAL A 83 -12.23 -14.50 9.51
C VAL A 83 -11.79 -13.10 9.86
N LEU A 84 -11.24 -12.96 11.06
CA LEU A 84 -10.70 -11.69 11.54
C LEU A 84 -9.59 -11.19 10.61
N LEU A 85 -8.85 -12.13 10.04
CA LEU A 85 -7.79 -11.80 9.09
C LEU A 85 -8.40 -11.27 7.79
N GLN A 86 -9.41 -11.98 7.29
CA GLN A 86 -10.07 -11.60 6.05
C GLN A 86 -10.63 -10.17 6.14
N GLN A 87 -11.09 -9.81 7.32
CA GLN A 87 -11.71 -8.50 7.53
C GLN A 87 -10.75 -7.36 7.19
N ARG A 88 -9.44 -7.66 7.19
CA ARG A 88 -8.45 -6.67 6.77
C ARG A 88 -8.69 -6.29 5.31
N ARG A 89 -8.78 -7.31 4.46
CA ARG A 89 -8.88 -7.07 3.02
C ARG A 89 -10.24 -6.45 2.70
N ASP A 90 -11.28 -6.85 3.44
CA ASP A 90 -12.61 -6.25 3.28
C ASP A 90 -12.56 -4.75 3.55
N GLN A 91 -12.06 -4.40 4.74
CA GLN A 91 -11.93 -3.00 5.14
C GLN A 91 -11.01 -2.24 4.20
N GLU A 92 -9.90 -2.86 3.83
CA GLU A 92 -8.92 -2.20 3.00
C GLU A 92 -9.44 -2.00 1.58
N LEU A 93 -10.21 -2.98 1.08
CA LEU A 93 -10.84 -2.84 -0.23
C LEU A 93 -11.81 -1.68 -0.22
N LYS A 94 -12.48 -1.48 0.92
CA LYS A 94 -13.38 -0.35 1.09
C LYS A 94 -12.61 0.96 0.97
N GLU A 95 -11.33 0.92 1.36
CA GLU A 95 -10.44 2.06 1.19
C GLU A 95 -10.10 2.26 -0.30
N PHE A 96 -9.70 1.18 -0.98
CA PHE A 96 -9.34 1.25 -2.39
C PHE A 96 -10.49 1.77 -3.24
N LYS A 97 -11.70 1.31 -2.93
CA LYS A 97 -12.89 1.66 -3.70
C LYS A 97 -13.34 3.10 -3.43
N ALA A 98 -12.72 3.73 -2.44
CA ALA A 98 -13.10 5.09 -2.04
C ALA A 98 -12.11 6.11 -2.60
N GLY A 99 -11.13 5.65 -3.36
CA GLY A 99 -10.11 6.53 -3.87
C GLY A 99 -8.82 6.39 -3.10
N PHE A 100 -8.05 5.39 -3.46
CA PHE A 100 -6.83 5.03 -2.73
C PHE A 100 -5.72 6.02 -3.05
N LEU A 101 -5.07 6.55 -2.01
CA LEU A 101 -3.98 7.50 -2.18
C LEU A 101 -2.77 6.80 -2.78
N CYS A 102 -2.59 6.94 -4.07
CA CYS A 102 -1.52 6.29 -4.79
C CYS A 102 -0.75 7.31 -5.61
N PRO A 103 0.58 7.14 -5.73
CA PRO A 103 1.39 8.01 -6.57
C PRO A 103 1.11 7.76 -8.05
N ASP A 104 0.93 8.83 -8.82
CA ASP A 104 0.66 8.67 -10.24
C ASP A 104 1.92 8.21 -10.96
N LEU A 105 1.95 6.93 -11.31
CA LEU A 105 3.11 6.34 -11.95
C LEU A 105 3.38 6.94 -13.31
N SER A 106 2.33 7.48 -13.93
CA SER A 106 2.44 8.03 -15.28
C SER A 106 3.02 9.43 -15.26
N ASP A 107 3.30 9.94 -14.07
CA ASP A 107 3.92 11.25 -13.92
C ASP A 107 5.43 11.08 -13.77
N ALA A 108 6.18 11.72 -14.64
CA ALA A 108 7.63 11.55 -14.68
C ALA A 108 8.32 12.25 -13.51
N LYS A 109 7.79 13.40 -13.11
CA LYS A 109 8.36 14.13 -11.99
C LYS A 109 8.10 13.36 -10.69
N ASN A 110 6.88 12.85 -10.57
CA ASN A 110 6.53 12.01 -9.43
C ASN A 110 7.42 10.78 -9.37
N MET A 111 7.61 10.12 -10.51
CA MET A 111 8.43 8.92 -10.58
C MET A 111 9.89 9.21 -10.20
N GLU A 112 10.39 10.38 -10.56
CA GLU A 112 11.77 10.72 -10.22
C GLU A 112 11.92 10.89 -8.71
N PHE A 113 10.97 11.58 -8.10
CA PHE A 113 10.95 11.73 -6.64
C PHE A 113 10.77 10.37 -5.98
N LEU A 114 9.97 9.52 -6.62
CA LEU A 114 9.75 8.16 -6.14
C LEU A 114 11.04 7.35 -6.22
N ARG A 115 11.75 7.46 -7.34
CA ARG A 115 13.03 6.78 -7.53
C ARG A 115 14.06 7.25 -6.50
N ASN A 116 13.91 8.49 -6.06
CA ASN A 116 14.88 9.12 -5.19
C ASN A 116 14.34 9.23 -3.75
N TRP A 117 13.35 8.39 -3.45
CA TRP A 117 12.73 8.36 -2.13
C TRP A 117 13.70 7.82 -1.08
N ASN A 118 13.64 8.38 0.11
CA ASN A 118 14.48 7.94 1.22
C ASN A 118 13.63 7.73 2.45
N GLY A 119 14.26 7.49 3.60
CA GLY A 119 13.52 7.36 4.84
C GLY A 119 13.04 8.71 5.33
N THR A 120 12.19 9.34 4.55
CA THR A 120 11.71 10.69 4.83
C THR A 120 10.19 10.75 4.70
N PHE A 121 9.52 11.09 5.80
CA PHE A 121 8.07 11.13 5.82
C PHE A 121 7.57 12.39 5.13
N GLY A 122 8.34 13.46 5.26
CA GLY A 122 7.99 14.72 4.63
C GLY A 122 8.13 14.68 3.12
N LEU A 123 8.78 13.63 2.62
CA LEU A 123 8.97 13.46 1.18
C LEU A 123 7.63 13.11 0.53
N LEU A 124 6.72 12.58 1.32
CA LEU A 124 5.39 12.22 0.82
C LEU A 124 4.64 13.48 0.40
N ASN A 125 4.98 14.61 1.00
CA ASN A 125 4.36 15.87 0.66
C ASN A 125 4.96 16.44 -0.63
N THR A 126 6.10 15.89 -1.04
CA THR A 126 6.75 16.36 -2.25
C THR A 126 6.45 15.42 -3.43
N LEU A 127 5.63 14.41 -3.16
CA LEU A 127 5.23 13.45 -4.17
C LEU A 127 3.86 13.80 -4.74
N ARG A 128 3.64 13.47 -6.01
CA ARG A 128 2.35 13.72 -6.62
C ARG A 128 1.41 12.55 -6.34
N LEU A 129 0.92 12.52 -5.11
CA LEU A 129 0.02 11.48 -4.65
C LEU A 129 -1.43 11.89 -4.93
N ILE A 130 -2.15 11.05 -5.63
CA ILE A 130 -3.53 11.32 -5.98
C ILE A 130 -4.43 10.20 -5.48
N ARG A 131 -5.72 10.34 -5.69
CA ARG A 131 -6.67 9.30 -5.32
C ARG A 131 -7.00 8.46 -6.54
N ILE A 132 -6.65 7.19 -6.46
CA ILE A 132 -6.81 6.28 -7.57
C ILE A 132 -7.69 5.09 -7.16
N ASN A 133 -8.64 4.74 -8.01
CA ASN A 133 -9.43 3.54 -7.80
C ASN A 133 -8.56 2.33 -8.08
N ASP A 134 -8.87 1.21 -7.45
CA ASP A 134 -8.06 -0.01 -7.49
C ASP A 134 -7.62 -0.43 -8.91
N LYS A 135 -8.33 0.04 -9.93
CA LYS A 135 -8.00 -0.34 -11.31
C LYS A 135 -7.10 0.69 -11.98
N GLY A 136 -6.68 1.68 -11.23
CA GLY A 136 -5.89 2.76 -11.81
C GLY A 136 -6.80 3.84 -12.37
N GLU A 137 -7.94 4.02 -11.74
CA GLU A 137 -8.92 4.98 -12.23
C GLU A 137 -8.79 6.30 -11.46
N GLN A 138 -9.00 7.40 -12.17
CA GLN A 138 -8.79 8.73 -11.60
C GLN A 138 -9.93 9.13 -10.67
N VAL A 139 -9.60 9.39 -9.41
CA VAL A 139 -10.55 9.88 -8.44
C VAL A 139 -10.13 11.28 -7.98
N VAL A 140 -10.96 12.27 -8.25
CA VAL A 140 -10.63 13.65 -7.91
C VAL A 140 -11.01 13.96 -6.46
N GLY A 141 -12.30 14.10 -6.21
CA GLY A 141 -12.77 14.43 -4.89
C GLY A 141 -14.28 14.36 -4.78
N GLY A 142 -14.80 13.15 -4.66
CA GLY A 142 -16.23 12.96 -4.52
C GLY A 142 -16.55 11.86 -3.54
N ASN A 143 -15.68 11.67 -2.56
CA ASN A 143 -15.85 10.62 -1.57
C ASN A 143 -15.86 11.19 -0.15
N GLU A 144 -15.07 12.23 0.04
CA GLU A 144 -14.94 12.86 1.34
C GLU A 144 -16.01 13.93 1.52
N MET A 4 -24.11 2.65 12.63
CA MET A 4 -22.91 2.90 13.47
C MET A 4 -22.79 4.38 13.82
N ARG A 5 -22.26 4.66 15.00
CA ARG A 5 -22.12 6.04 15.47
C ARG A 5 -20.65 6.40 15.62
N GLU A 6 -19.83 5.39 15.88
CA GLU A 6 -18.40 5.58 16.04
C GLU A 6 -17.79 6.09 14.74
N ASP A 7 -18.17 5.44 13.65
CA ASP A 7 -17.74 5.87 12.32
C ASP A 7 -18.77 6.85 11.76
N LYS A 8 -18.30 8.03 11.36
CA LYS A 8 -19.20 9.11 11.00
C LYS A 8 -19.41 9.17 9.48
N ILE A 9 -20.61 9.56 9.07
CA ILE A 9 -20.94 9.65 7.66
C ILE A 9 -20.47 10.99 7.08
N ALA A 10 -20.56 12.04 7.89
CA ALA A 10 -20.11 13.36 7.50
C ALA A 10 -18.59 13.41 7.46
N ALA A 11 -18.04 13.86 6.34
CA ALA A 11 -16.59 13.87 6.14
C ALA A 11 -15.92 14.98 6.95
N LYS A 12 -14.62 14.85 7.12
CA LYS A 12 -13.83 15.81 7.87
C LYS A 12 -12.61 16.22 7.04
N LYS A 13 -12.33 17.53 7.01
CA LYS A 13 -11.21 18.06 6.23
C LYS A 13 -9.88 17.41 6.61
N LYS A 14 -9.65 17.26 7.92
CA LYS A 14 -8.44 16.63 8.38
C LYS A 14 -8.62 15.12 8.40
N LEU A 15 -8.02 14.45 7.43
CA LEU A 15 -8.21 13.03 7.21
C LEU A 15 -7.46 12.21 8.26
N HIS A 16 -7.82 10.94 8.38
CA HIS A 16 -7.20 10.06 9.36
C HIS A 16 -6.11 9.19 8.72
N GLN A 17 -5.85 9.42 7.45
CA GLN A 17 -4.89 8.60 6.72
C GLN A 17 -3.96 9.48 5.90
N ASP A 18 -2.79 9.78 6.44
CA ASP A 18 -1.79 10.59 5.75
C ASP A 18 -0.42 10.43 6.40
N LYS A 19 0.59 10.21 5.57
CA LYS A 19 1.98 10.04 6.01
C LYS A 19 2.15 8.82 6.90
N ARG A 20 1.26 7.86 6.76
CA ARG A 20 1.33 6.65 7.56
C ARG A 20 2.04 5.56 6.77
N VAL A 21 2.54 4.55 7.48
CA VAL A 21 3.28 3.46 6.85
C VAL A 21 2.39 2.70 5.87
N HIS A 22 1.09 2.71 6.13
CA HIS A 22 0.12 2.04 5.26
C HIS A 22 0.16 2.65 3.87
N GLU A 23 0.46 3.94 3.78
CA GLU A 23 0.57 4.62 2.50
C GLU A 23 2.01 4.58 2.00
N LEU A 24 2.94 5.01 2.84
CA LEU A 24 4.33 5.23 2.41
C LEU A 24 5.03 3.95 2.00
N ALA A 25 4.60 2.81 2.55
CA ALA A 25 5.19 1.53 2.19
C ALA A 25 5.03 1.24 0.70
N ARG A 26 4.02 1.84 0.10
CA ARG A 26 3.75 1.63 -1.32
C ARG A 26 4.80 2.35 -2.16
N VAL A 27 5.23 3.52 -1.69
CA VAL A 27 6.23 4.30 -2.39
C VAL A 27 7.59 3.62 -2.26
N LYS A 28 7.86 3.11 -1.07
CA LYS A 28 9.07 2.34 -0.81
C LYS A 28 9.18 1.16 -1.76
N PHE A 29 8.07 0.44 -1.92
CA PHE A 29 8.01 -0.69 -2.84
C PHE A 29 8.24 -0.23 -4.27
N MET A 30 7.45 0.74 -4.72
CA MET A 30 7.55 1.27 -6.08
C MET A 30 8.97 1.74 -6.38
N GLN A 31 9.58 2.42 -5.42
CA GLN A 31 10.94 2.94 -5.58
C GLN A 31 11.93 1.82 -5.85
N ASP A 32 11.95 0.84 -4.95
CA ASP A 32 12.92 -0.25 -5.03
C ASP A 32 12.71 -1.07 -6.30
N VAL A 33 11.45 -1.23 -6.69
CA VAL A 33 11.12 -1.99 -7.90
C VAL A 33 11.68 -1.31 -9.14
N VAL A 34 11.57 0.01 -9.21
CA VAL A 34 12.10 0.76 -10.34
C VAL A 34 13.62 0.70 -10.36
N ASN A 35 14.22 0.67 -9.19
CA ASN A 35 15.67 0.73 -9.07
C ASN A 35 16.31 -0.65 -9.17
N SER A 36 15.49 -1.69 -9.15
CA SER A 36 15.99 -3.04 -9.30
C SER A 36 15.61 -3.60 -10.66
N ASP A 37 16.37 -4.58 -11.15
CA ASP A 37 16.16 -5.12 -12.48
C ASP A 37 14.84 -5.88 -12.59
N THR A 38 14.14 -5.98 -11.47
CA THR A 38 12.83 -6.63 -11.42
C THR A 38 11.88 -6.01 -12.45
N PHE A 39 11.83 -4.69 -12.49
CA PHE A 39 11.01 -3.97 -13.47
C PHE A 39 11.74 -2.74 -13.99
N LYS A 40 13.06 -2.73 -13.82
CA LYS A 40 13.89 -1.61 -14.28
C LYS A 40 13.79 -1.43 -15.80
N GLY A 41 13.40 -2.50 -16.50
CA GLY A 41 13.27 -2.46 -17.93
C GLY A 41 12.12 -1.57 -18.39
N GLN A 42 11.26 -1.20 -17.46
CA GLN A 42 10.17 -0.29 -17.74
C GLN A 42 10.59 1.13 -17.39
N PRO A 43 10.63 2.04 -18.38
CA PRO A 43 10.99 3.45 -18.13
C PRO A 43 10.06 4.09 -17.12
N ILE A 44 8.79 4.18 -17.49
CA ILE A 44 7.75 4.68 -16.61
C ILE A 44 6.61 3.67 -16.59
N PHE A 45 5.96 3.52 -15.46
CA PHE A 45 4.86 2.57 -15.34
C PHE A 45 3.55 3.18 -15.86
N ASP A 46 2.44 2.51 -15.57
CA ASP A 46 1.14 2.96 -16.02
C ASP A 46 0.09 2.57 -14.97
N HIS A 47 -1.13 3.07 -15.12
CA HIS A 47 -2.21 2.80 -14.15
C HIS A 47 -2.52 1.30 -14.08
N ALA A 48 -2.19 0.57 -15.14
CA ALA A 48 -2.33 -0.88 -15.14
C ALA A 48 -1.35 -1.52 -14.18
N HIS A 49 -0.10 -1.07 -14.24
CA HIS A 49 0.91 -1.56 -13.32
C HIS A 49 0.66 -1.00 -11.92
N THR A 50 -0.01 0.14 -11.87
CA THR A 50 -0.52 0.67 -10.62
C THR A 50 -1.45 -0.35 -9.99
N ARG A 51 -2.48 -0.72 -10.73
CA ARG A 51 -3.42 -1.76 -10.32
C ARG A 51 -2.68 -3.01 -9.87
N GLU A 52 -1.69 -3.43 -10.64
CA GLU A 52 -0.88 -4.60 -10.31
C GLU A 52 -0.24 -4.46 -8.93
N PHE A 53 0.38 -3.31 -8.68
CA PHE A 53 1.06 -3.07 -7.42
C PHE A 53 0.09 -2.86 -6.27
N ILE A 54 -1.04 -2.20 -6.55
CA ILE A 54 -2.04 -1.99 -5.52
C ILE A 54 -2.65 -3.32 -5.10
N GLN A 55 -2.97 -4.15 -6.09
CA GLN A 55 -3.59 -5.44 -5.84
C GLN A 55 -2.72 -6.33 -4.96
N SER A 56 -1.43 -6.35 -5.23
CA SER A 56 -0.49 -7.15 -4.45
C SER A 56 -0.27 -6.54 -3.07
N PHE A 57 -0.29 -5.21 -3.01
CA PHE A 57 -0.13 -4.50 -1.75
C PHE A 57 -1.32 -4.78 -0.82
N ILE A 58 -2.40 -5.28 -1.40
CA ILE A 58 -3.54 -5.74 -0.62
C ILE A 58 -3.45 -7.26 -0.40
N GLU A 59 -2.76 -7.95 -1.30
CA GLU A 59 -2.73 -9.41 -1.30
C GLU A 59 -1.67 -9.97 -0.35
N ARG A 60 -0.86 -9.10 0.25
CA ARG A 60 0.15 -9.53 1.23
C ARG A 60 -0.44 -10.50 2.26
N ASP A 61 -1.64 -10.20 2.74
CA ASP A 61 -2.27 -10.98 3.79
C ASP A 61 -2.73 -12.35 3.30
N ASP A 62 -2.63 -12.59 2.00
CA ASP A 62 -2.86 -13.93 1.46
C ASP A 62 -1.74 -14.85 1.94
N THR A 63 -0.57 -14.26 2.10
CA THR A 63 0.58 -14.97 2.66
C THR A 63 0.33 -15.30 4.13
N GLU A 64 -0.33 -14.37 4.83
CA GLU A 64 -0.72 -14.59 6.22
C GLU A 64 -1.75 -15.70 6.31
N LEU A 65 -2.75 -15.62 5.45
CA LEU A 65 -3.82 -16.62 5.42
C LEU A 65 -3.25 -17.99 5.06
N ASP A 66 -2.23 -18.00 4.20
CA ASP A 66 -1.55 -19.24 3.83
C ASP A 66 -0.93 -19.91 5.04
N GLU A 67 -0.36 -19.10 5.94
CA GLU A 67 0.20 -19.60 7.19
C GLU A 67 -0.89 -20.14 8.10
N LEU A 68 -2.05 -19.47 8.10
CA LEU A 68 -3.19 -19.91 8.90
C LEU A 68 -3.70 -21.25 8.38
N LYS A 69 -3.66 -21.42 7.06
CA LYS A 69 -4.09 -22.65 6.41
C LYS A 69 -3.19 -23.82 6.79
N LYS A 70 -2.04 -23.51 7.38
CA LYS A 70 -1.09 -24.53 7.79
C LYS A 70 -1.27 -24.88 9.27
N LYS A 71 -2.21 -24.21 9.94
CA LYS A 71 -2.47 -24.47 11.35
C LYS A 71 -3.25 -25.76 11.52
N ARG A 72 -3.85 -26.23 10.43
CA ARG A 72 -4.58 -27.50 10.45
C ARG A 72 -3.63 -28.68 10.57
N ARG A 73 -2.33 -28.40 10.64
CA ARG A 73 -1.34 -29.43 10.92
C ARG A 73 -1.37 -29.79 12.40
N SER A 74 -2.09 -29.00 13.17
CA SER A 74 -2.39 -29.34 14.55
C SER A 74 -3.85 -29.76 14.64
N ASN A 75 -4.33 -30.05 15.84
CA ASN A 75 -5.71 -30.53 16.00
C ASN A 75 -6.69 -29.36 15.99
N ARG A 76 -6.19 -28.16 16.28
CA ARG A 76 -7.04 -26.99 16.30
C ARG A 76 -6.79 -26.08 15.12
N PRO A 77 -7.74 -26.01 14.19
CA PRO A 77 -7.71 -25.07 13.08
C PRO A 77 -8.15 -23.68 13.52
N PRO A 78 -7.66 -22.61 12.85
CA PRO A 78 -8.02 -21.23 13.19
C PRO A 78 -9.40 -20.84 12.68
N SER A 79 -10.41 -21.63 13.07
CA SER A 79 -11.78 -21.44 12.59
C SER A 79 -12.24 -19.98 12.70
N ASN A 80 -11.98 -19.37 13.85
CA ASN A 80 -12.37 -17.97 14.08
C ASN A 80 -11.36 -17.00 13.49
N ARG A 81 -10.08 -17.20 13.82
CA ARG A 81 -9.03 -16.25 13.45
C ARG A 81 -8.82 -16.17 11.94
N GLN A 82 -9.13 -17.26 11.23
CA GLN A 82 -9.01 -17.28 9.77
C GLN A 82 -9.95 -16.26 9.15
N VAL A 83 -11.12 -16.10 9.74
CA VAL A 83 -12.11 -15.15 9.26
C VAL A 83 -11.64 -13.73 9.53
N LEU A 84 -11.00 -13.52 10.67
CA LEU A 84 -10.50 -12.22 11.06
C LEU A 84 -9.41 -11.74 10.10
N LEU A 85 -8.61 -12.69 9.64
CA LEU A 85 -7.57 -12.39 8.66
C LEU A 85 -8.21 -11.85 7.39
N GLN A 86 -9.26 -12.52 6.93
CA GLN A 86 -9.99 -12.08 5.75
C GLN A 86 -10.59 -10.69 5.99
N GLN A 87 -11.11 -10.48 7.20
CA GLN A 87 -11.70 -9.19 7.57
C GLN A 87 -10.68 -8.07 7.46
N ARG A 88 -9.41 -8.37 7.73
CA ARG A 88 -8.34 -7.38 7.60
C ARG A 88 -8.21 -6.92 6.15
N ARG A 89 -8.06 -7.87 5.24
CA ARG A 89 -7.90 -7.55 3.83
C ARG A 89 -9.20 -6.94 3.28
N ASP A 90 -10.32 -7.41 3.82
CA ASP A 90 -11.63 -6.90 3.45
C ASP A 90 -11.73 -5.40 3.72
N GLN A 91 -11.30 -5.00 4.91
CA GLN A 91 -11.35 -3.60 5.32
C GLN A 91 -10.44 -2.76 4.46
N GLU A 92 -9.19 -3.20 4.31
CA GLU A 92 -8.21 -2.46 3.51
C GLU A 92 -8.68 -2.35 2.06
N LEU A 93 -9.28 -3.42 1.55
CA LEU A 93 -9.81 -3.42 0.19
C LEU A 93 -10.81 -2.28 0.01
N LYS A 94 -11.64 -2.06 1.02
CA LYS A 94 -12.63 -0.99 0.97
C LYS A 94 -11.95 0.38 1.03
N GLU A 95 -10.86 0.46 1.78
CA GLU A 95 -10.12 1.72 1.91
C GLU A 95 -9.44 2.09 0.60
N PHE A 96 -8.82 1.11 -0.04
CA PHE A 96 -8.17 1.32 -1.34
C PHE A 96 -9.21 1.63 -2.41
N LYS A 97 -10.39 1.03 -2.26
CA LYS A 97 -11.49 1.25 -3.19
C LYS A 97 -12.03 2.68 -3.04
N ALA A 98 -11.96 3.23 -1.84
CA ALA A 98 -12.49 4.55 -1.56
C ALA A 98 -11.58 5.65 -2.11
N GLY A 99 -10.46 5.26 -2.68
CA GLY A 99 -9.53 6.23 -3.23
C GLY A 99 -8.32 6.38 -2.34
N PHE A 100 -7.39 5.45 -2.44
CA PHE A 100 -6.20 5.46 -1.61
C PHE A 100 -5.15 6.40 -2.20
N LEU A 101 -4.34 6.99 -1.33
CA LEU A 101 -3.29 7.91 -1.77
C LEU A 101 -2.20 7.15 -2.53
N CYS A 102 -2.30 7.16 -3.84
CA CYS A 102 -1.37 6.43 -4.68
C CYS A 102 -0.79 7.36 -5.75
N PRO A 103 0.50 7.21 -6.07
CA PRO A 103 1.13 7.97 -7.16
C PRO A 103 0.52 7.61 -8.51
N ASP A 104 0.51 8.57 -9.43
CA ASP A 104 0.02 8.34 -10.78
C ASP A 104 0.81 7.20 -11.44
N LEU A 105 2.11 7.17 -11.14
CA LEU A 105 3.01 6.07 -11.54
C LEU A 105 3.36 6.14 -13.03
N SER A 106 2.46 6.70 -13.84
CA SER A 106 2.72 6.84 -15.27
C SER A 106 3.25 8.23 -15.60
N ASP A 107 3.39 9.06 -14.57
CA ASP A 107 3.99 10.38 -14.73
C ASP A 107 5.50 10.27 -14.53
N ALA A 108 6.27 10.68 -15.54
CA ALA A 108 7.71 10.47 -15.54
C ALA A 108 8.42 11.36 -14.53
N LYS A 109 7.86 12.51 -14.23
CA LYS A 109 8.46 13.41 -13.25
C LYS A 109 8.14 12.90 -11.85
N ASN A 110 6.92 12.40 -11.69
CA ASN A 110 6.50 11.76 -10.46
C ASN A 110 7.37 10.53 -10.21
N MET A 111 7.58 9.74 -11.26
CA MET A 111 8.42 8.55 -11.19
C MET A 111 9.85 8.92 -10.81
N GLU A 112 10.31 10.05 -11.31
CA GLU A 112 11.66 10.53 -11.04
C GLU A 112 11.83 10.85 -9.55
N PHE A 113 10.90 11.65 -9.03
CA PHE A 113 10.92 12.00 -7.61
C PHE A 113 10.67 10.77 -6.74
N LEU A 114 9.88 9.84 -7.25
CA LEU A 114 9.59 8.59 -6.55
C LEU A 114 10.87 7.79 -6.34
N ARG A 115 11.73 7.77 -7.35
CA ARG A 115 13.03 7.10 -7.23
C ARG A 115 13.90 7.78 -6.18
N ASN A 116 13.76 9.09 -6.08
CA ASN A 116 14.62 9.89 -5.21
C ASN A 116 13.97 10.16 -3.86
N TRP A 117 12.98 9.35 -3.51
CA TRP A 117 12.37 9.43 -2.19
C TRP A 117 13.33 8.91 -1.14
N ASN A 118 14.14 9.81 -0.58
CA ASN A 118 15.14 9.44 0.40
C ASN A 118 14.47 8.94 1.68
N GLY A 119 13.64 9.80 2.27
CA GLY A 119 12.93 9.40 3.47
C GLY A 119 12.45 10.58 4.29
N THR A 120 11.67 11.45 3.65
CA THR A 120 11.08 12.58 4.36
C THR A 120 9.56 12.51 4.23
N PHE A 121 8.86 13.20 5.11
CA PHE A 121 7.41 13.31 5.00
C PHE A 121 7.04 14.49 4.13
N GLY A 122 7.98 15.42 3.99
CA GLY A 122 7.77 16.60 3.17
C GLY A 122 7.89 16.29 1.68
N LEU A 123 8.64 15.25 1.34
CA LEU A 123 8.82 14.86 -0.05
C LEU A 123 7.48 14.47 -0.67
N LEU A 124 6.56 14.03 0.18
CA LEU A 124 5.24 13.61 -0.27
C LEU A 124 4.44 14.79 -0.82
N ASN A 125 4.90 15.99 -0.52
CA ASN A 125 4.25 17.19 -1.05
C ASN A 125 4.78 17.51 -2.43
N THR A 126 6.03 17.10 -2.68
CA THR A 126 6.66 17.33 -3.98
C THR A 126 6.25 16.24 -4.96
N LEU A 127 5.79 15.12 -4.42
CA LEU A 127 5.26 14.04 -5.23
C LEU A 127 3.82 14.35 -5.62
N ARG A 128 3.48 14.11 -6.88
CA ARG A 128 2.13 14.35 -7.34
C ARG A 128 1.25 13.18 -6.92
N LEU A 129 0.93 13.15 -5.64
CA LEU A 129 0.15 12.07 -5.06
C LEU A 129 -1.33 12.36 -5.17
N ILE A 130 -2.04 11.45 -5.79
CA ILE A 130 -3.46 11.57 -6.00
C ILE A 130 -4.18 10.41 -5.32
N ARG A 131 -5.49 10.35 -5.46
CA ARG A 131 -6.24 9.24 -4.93
C ARG A 131 -6.63 8.30 -6.05
N ILE A 132 -6.53 7.01 -5.81
CA ILE A 132 -6.77 6.01 -6.84
C ILE A 132 -7.66 4.89 -6.33
N ASN A 133 -8.73 4.60 -7.06
CA ASN A 133 -9.62 3.49 -6.73
C ASN A 133 -9.13 2.21 -7.39
N ASP A 134 -8.55 1.33 -6.57
CA ASP A 134 -8.27 -0.07 -6.97
C ASP A 134 -7.50 -0.21 -8.29
N LYS A 135 -8.22 -0.17 -9.40
CA LYS A 135 -7.65 -0.47 -10.72
C LYS A 135 -7.01 0.76 -11.35
N GLY A 136 -6.36 1.57 -10.55
CA GLY A 136 -5.69 2.75 -11.07
C GLY A 136 -6.67 3.79 -11.57
N GLU A 137 -7.84 3.88 -10.93
CA GLU A 137 -8.86 4.83 -11.35
C GLU A 137 -8.72 6.09 -10.53
N GLN A 138 -8.46 7.21 -11.21
CA GLN A 138 -8.08 8.43 -10.52
C GLN A 138 -9.25 9.10 -9.82
N VAL A 139 -8.98 9.64 -8.65
CA VAL A 139 -9.95 10.40 -7.89
C VAL A 139 -9.43 11.83 -7.70
N VAL A 140 -10.01 12.78 -8.42
CA VAL A 140 -9.59 14.16 -8.30
C VAL A 140 -10.14 14.79 -7.01
N GLY A 141 -11.39 14.48 -6.72
CA GLY A 141 -12.01 14.97 -5.51
C GLY A 141 -13.52 14.84 -5.54
N GLY A 142 -14.08 14.91 -6.75
CA GLY A 142 -15.51 14.78 -6.89
C GLY A 142 -16.23 16.11 -6.87
N ASN A 143 -15.44 17.18 -6.80
CA ASN A 143 -15.99 18.52 -6.77
C ASN A 143 -15.86 19.16 -8.15
N GLU A 144 -17.00 19.28 -8.84
CA GLU A 144 -17.05 19.83 -10.20
C GLU A 144 -16.11 19.07 -11.13
N MET A 4 3.97 21.91 28.15
CA MET A 4 3.58 22.68 29.36
C MET A 4 2.84 21.77 30.33
N ARG A 5 2.32 22.34 31.41
CA ARG A 5 1.64 21.55 32.44
C ARG A 5 0.38 20.92 31.88
N GLU A 6 -0.57 21.77 31.53
CA GLU A 6 -1.85 21.33 30.99
C GLU A 6 -1.71 21.02 29.50
N ASP A 7 -0.73 21.65 28.87
CA ASP A 7 -0.46 21.42 27.46
C ASP A 7 0.51 20.25 27.30
N LYS A 8 -0.04 19.06 27.13
CA LYS A 8 0.74 17.84 27.03
C LYS A 8 0.74 17.32 25.59
N ILE A 9 1.80 16.62 25.21
CA ILE A 9 1.93 16.07 23.87
C ILE A 9 0.90 14.97 23.62
N ALA A 10 0.45 14.34 24.69
CA ALA A 10 -0.53 13.25 24.60
C ALA A 10 -1.82 13.73 23.96
N ALA A 11 -2.30 14.88 24.39
CA ALA A 11 -3.55 15.46 23.87
C ALA A 11 -3.38 15.95 22.44
N LYS A 12 -2.13 16.02 22.00
CA LYS A 12 -1.82 16.49 20.66
C LYS A 12 -1.89 15.33 19.67
N LYS A 13 -2.10 14.12 20.22
CA LYS A 13 -2.52 12.95 19.44
C LYS A 13 -1.49 12.49 18.41
N LYS A 14 -0.26 12.96 18.52
CA LYS A 14 0.79 12.52 17.60
C LYS A 14 1.41 11.22 18.07
N LEU A 15 0.75 10.56 19.01
CA LEU A 15 1.19 9.25 19.50
C LEU A 15 0.66 8.16 18.59
N HIS A 16 -0.34 8.50 17.79
CA HIS A 16 -0.92 7.55 16.84
C HIS A 16 -0.61 7.97 15.42
N GLN A 17 -0.03 7.06 14.65
CA GLN A 17 0.27 7.33 13.26
C GLN A 17 -0.86 6.85 12.37
N ASP A 18 -1.42 7.78 11.58
CA ASP A 18 -2.60 7.48 10.77
C ASP A 18 -2.21 6.88 9.42
N LYS A 19 -0.92 6.81 9.16
CA LYS A 19 -0.43 6.24 7.92
C LYS A 19 -0.03 4.79 8.15
N ARG A 20 -0.55 3.88 7.34
CA ARG A 20 -0.27 2.46 7.50
C ARG A 20 0.99 2.08 6.74
N VAL A 21 1.83 1.28 7.36
CA VAL A 21 3.11 0.89 6.78
C VAL A 21 2.93 0.10 5.49
N HIS A 22 1.86 -0.69 5.41
CA HIS A 22 1.63 -1.50 4.21
C HIS A 22 1.13 -0.63 3.06
N GLU A 23 0.84 0.63 3.34
CA GLU A 23 0.60 1.61 2.28
C GLU A 23 1.93 2.15 1.80
N LEU A 24 2.80 2.47 2.76
CA LEU A 24 4.14 2.97 2.47
C LEU A 24 4.95 1.90 1.75
N ALA A 25 4.83 0.67 2.24
CA ALA A 25 5.49 -0.48 1.63
C ALA A 25 5.10 -0.65 0.16
N ARG A 26 3.89 -0.22 -0.18
CA ARG A 26 3.43 -0.28 -1.58
C ARG A 26 4.25 0.66 -2.44
N VAL A 27 4.61 1.81 -1.87
CA VAL A 27 5.47 2.76 -2.56
C VAL A 27 6.89 2.21 -2.68
N LYS A 28 7.36 1.58 -1.59
CA LYS A 28 8.70 1.01 -1.60
C LYS A 28 8.79 -0.18 -2.55
N PHE A 29 7.68 -0.91 -2.71
CA PHE A 29 7.65 -1.99 -3.68
C PHE A 29 7.84 -1.44 -5.08
N MET A 30 7.16 -0.32 -5.37
CA MET A 30 7.36 0.37 -6.63
C MET A 30 8.80 0.84 -6.75
N GLN A 31 9.31 1.42 -5.67
CA GLN A 31 10.71 1.85 -5.61
C GLN A 31 11.65 0.71 -5.95
N ASP A 32 11.53 -0.37 -5.19
CA ASP A 32 12.37 -1.55 -5.35
C ASP A 32 12.29 -2.12 -6.75
N VAL A 33 11.07 -2.25 -7.28
CA VAL A 33 10.89 -2.87 -8.58
C VAL A 33 11.46 -2.00 -9.71
N VAL A 34 11.47 -0.68 -9.49
CA VAL A 34 12.04 0.25 -10.45
C VAL A 34 13.57 0.25 -10.35
N ASN A 35 14.07 0.12 -9.13
CA ASN A 35 15.51 0.13 -8.89
C ASN A 35 16.11 -1.24 -9.16
N SER A 36 15.27 -2.26 -9.20
CA SER A 36 15.69 -3.60 -9.49
C SER A 36 15.54 -3.89 -10.98
N ASP A 37 16.32 -4.84 -11.48
CA ASP A 37 16.29 -5.18 -12.91
C ASP A 37 14.96 -5.78 -13.31
N THR A 38 14.08 -6.00 -12.34
CA THR A 38 12.74 -6.51 -12.60
C THR A 38 11.99 -5.60 -13.58
N PHE A 39 11.97 -4.30 -13.29
CA PHE A 39 11.31 -3.33 -14.15
C PHE A 39 12.17 -2.09 -14.36
N LYS A 40 13.48 -2.25 -14.19
CA LYS A 40 14.42 -1.14 -14.39
C LYS A 40 14.53 -0.75 -15.86
N GLY A 41 13.81 -1.47 -16.72
CA GLY A 41 13.77 -1.13 -18.12
C GLY A 41 13.09 0.20 -18.34
N GLN A 42 11.86 0.32 -17.86
CA GLN A 42 11.10 1.55 -17.95
C GLN A 42 10.82 2.10 -16.55
N PRO A 43 11.47 3.21 -16.17
CA PRO A 43 11.30 3.80 -14.84
C PRO A 43 9.93 4.43 -14.65
N ILE A 44 9.23 4.68 -15.75
CA ILE A 44 7.90 5.28 -15.69
C ILE A 44 6.87 4.28 -16.21
N PHE A 45 5.72 4.22 -15.57
CA PHE A 45 4.68 3.27 -15.95
C PHE A 45 3.41 4.00 -16.35
N ASP A 46 2.29 3.27 -16.37
CA ASP A 46 1.00 3.84 -16.71
C ASP A 46 -0.04 3.40 -15.69
N HIS A 47 -1.29 3.78 -15.91
CA HIS A 47 -2.35 3.53 -14.93
C HIS A 47 -2.81 2.07 -14.93
N ALA A 48 -2.55 1.34 -16.01
CA ALA A 48 -2.88 -0.08 -16.06
C ALA A 48 -1.90 -0.87 -15.21
N HIS A 49 -0.63 -0.48 -15.30
CA HIS A 49 0.39 -1.07 -14.45
C HIS A 49 0.15 -0.67 -13.00
N THR A 50 -0.53 0.46 -12.79
CA THR A 50 -0.99 0.84 -11.46
C THR A 50 -1.88 -0.26 -10.89
N ARG A 51 -3.00 -0.53 -11.57
CA ARG A 51 -3.93 -1.57 -11.14
C ARG A 51 -3.20 -2.89 -10.94
N GLU A 52 -2.38 -3.23 -11.92
CA GLU A 52 -1.58 -4.44 -11.89
C GLU A 52 -0.72 -4.53 -10.62
N PHE A 53 0.02 -3.47 -10.34
CA PHE A 53 0.90 -3.45 -9.17
C PHE A 53 0.12 -3.37 -7.86
N ILE A 54 -1.00 -2.64 -7.87
CA ILE A 54 -1.85 -2.55 -6.69
C ILE A 54 -2.35 -3.93 -6.29
N GLN A 55 -2.91 -4.65 -7.26
CA GLN A 55 -3.43 -5.99 -7.02
C GLN A 55 -2.33 -6.95 -6.61
N SER A 56 -1.15 -6.81 -7.21
CA SER A 56 -0.02 -7.69 -6.90
C SER A 56 0.32 -7.63 -5.41
N PHE A 57 0.32 -6.44 -4.83
CA PHE A 57 0.64 -6.28 -3.43
C PHE A 57 -0.48 -6.81 -2.55
N ILE A 58 -1.72 -6.54 -2.93
CA ILE A 58 -2.88 -7.00 -2.18
C ILE A 58 -3.00 -8.52 -2.26
N GLU A 59 -2.56 -9.08 -3.37
CA GLU A 59 -2.52 -10.52 -3.55
C GLU A 59 -1.53 -11.15 -2.58
N ARG A 60 -0.40 -10.48 -2.38
CA ARG A 60 0.65 -10.99 -1.48
C ARG A 60 0.25 -10.81 -0.02
N ASP A 61 -0.91 -10.20 0.22
CA ASP A 61 -1.45 -10.08 1.57
C ASP A 61 -1.81 -11.47 2.09
N ASP A 62 -2.06 -12.37 1.15
CA ASP A 62 -2.39 -13.75 1.47
C ASP A 62 -1.21 -14.45 2.14
N THR A 63 -0.01 -13.93 1.94
CA THR A 63 1.20 -14.51 2.51
C THR A 63 1.19 -14.40 4.04
N GLU A 64 0.72 -13.26 4.54
CA GLU A 64 0.60 -13.08 5.99
C GLU A 64 -0.56 -13.91 6.52
N LEU A 65 -1.63 -13.93 5.75
CA LEU A 65 -2.80 -14.72 6.07
C LEU A 65 -2.45 -16.21 6.10
N ASP A 66 -1.50 -16.59 5.26
CA ASP A 66 -1.05 -17.97 5.14
C ASP A 66 -0.34 -18.41 6.41
N GLU A 67 0.26 -17.45 7.10
CA GLU A 67 0.90 -17.72 8.38
C GLU A 67 -0.15 -17.99 9.44
N LEU A 68 -1.28 -17.30 9.33
CA LEU A 68 -2.39 -17.50 10.24
C LEU A 68 -3.09 -18.82 9.94
N LYS A 69 -2.96 -19.28 8.70
CA LYS A 69 -3.51 -20.56 8.29
C LYS A 69 -2.80 -21.71 9.02
N LYS A 70 -1.49 -21.59 9.14
CA LYS A 70 -0.67 -22.66 9.73
C LYS A 70 -0.89 -22.77 11.23
N LYS A 71 -1.33 -21.69 11.85
CA LYS A 71 -1.54 -21.68 13.29
C LYS A 71 -2.87 -22.34 13.66
N ARG A 72 -3.51 -22.96 12.68
CA ARG A 72 -4.75 -23.68 12.86
C ARG A 72 -4.45 -25.10 13.39
N ARG A 73 -3.17 -25.43 13.49
CA ARG A 73 -2.74 -26.73 13.99
C ARG A 73 -2.73 -26.75 15.53
N SER A 74 -3.68 -26.04 16.12
CA SER A 74 -3.76 -25.94 17.56
C SER A 74 -5.19 -26.18 18.03
N ASN A 75 -5.43 -26.12 19.34
CA ASN A 75 -6.78 -26.29 19.88
C ASN A 75 -7.52 -24.97 19.83
N ARG A 76 -6.81 -23.91 19.48
CA ARG A 76 -7.37 -22.59 19.36
C ARG A 76 -6.63 -21.76 18.31
N PRO A 77 -7.02 -21.89 17.04
CA PRO A 77 -6.45 -21.11 15.95
C PRO A 77 -6.74 -19.61 16.11
N PRO A 78 -5.97 -18.75 15.43
CA PRO A 78 -6.17 -17.29 15.48
C PRO A 78 -7.45 -16.85 14.79
N SER A 79 -8.59 -17.36 15.22
CA SER A 79 -9.87 -16.99 14.63
C SER A 79 -10.02 -15.48 14.57
N ASN A 80 -9.75 -14.82 15.70
CA ASN A 80 -9.83 -13.36 15.79
C ASN A 80 -8.86 -12.70 14.82
N ARG A 81 -7.66 -13.26 14.71
CA ARG A 81 -6.60 -12.63 13.93
C ARG A 81 -6.76 -12.91 12.44
N GLN A 82 -7.22 -14.11 12.09
CA GLN A 82 -7.52 -14.45 10.71
C GLN A 82 -8.61 -13.54 10.18
N VAL A 83 -9.59 -13.28 11.03
CA VAL A 83 -10.69 -12.38 10.69
C VAL A 83 -10.20 -10.93 10.65
N LEU A 84 -9.39 -10.57 11.65
CA LEU A 84 -8.82 -9.22 11.73
C LEU A 84 -8.01 -8.92 10.46
N LEU A 85 -7.34 -9.93 9.94
CA LEU A 85 -6.60 -9.83 8.70
C LEU A 85 -7.54 -9.41 7.57
N GLN A 86 -8.64 -10.15 7.42
CA GLN A 86 -9.60 -9.88 6.37
C GLN A 86 -10.33 -8.55 6.61
N GLN A 87 -10.49 -8.17 7.88
CA GLN A 87 -11.14 -6.91 8.22
C GLN A 87 -10.39 -5.72 7.65
N ARG A 88 -9.07 -5.66 7.88
CA ARG A 88 -8.28 -4.56 7.35
C ARG A 88 -8.15 -4.67 5.84
N ARG A 89 -8.05 -5.90 5.33
CA ARG A 89 -7.99 -6.12 3.89
C ARG A 89 -9.24 -5.58 3.22
N ASP A 90 -10.39 -5.84 3.85
CA ASP A 90 -11.67 -5.34 3.34
C ASP A 90 -11.71 -3.82 3.40
N GLN A 91 -11.14 -3.26 4.46
CA GLN A 91 -11.05 -1.81 4.61
C GLN A 91 -10.19 -1.21 3.50
N GLU A 92 -9.01 -1.80 3.29
CA GLU A 92 -8.09 -1.33 2.26
C GLU A 92 -8.72 -1.47 0.87
N LEU A 93 -9.46 -2.55 0.66
CA LEU A 93 -10.18 -2.76 -0.59
C LEU A 93 -11.33 -1.76 -0.73
N LYS A 94 -11.97 -1.43 0.39
CA LYS A 94 -13.00 -0.41 0.42
C LYS A 94 -12.43 0.93 -0.04
N GLU A 95 -11.29 1.30 0.54
CA GLU A 95 -10.61 2.53 0.17
C GLU A 95 -10.17 2.48 -1.29
N PHE A 96 -9.73 1.30 -1.73
CA PHE A 96 -9.35 1.07 -3.12
C PHE A 96 -10.53 1.33 -4.06
N LYS A 97 -11.69 0.76 -3.71
CA LYS A 97 -12.89 0.93 -4.52
C LYS A 97 -13.41 2.37 -4.43
N ALA A 98 -13.01 3.08 -3.39
CA ALA A 98 -13.41 4.47 -3.22
C ALA A 98 -12.32 5.40 -3.71
N GLY A 99 -11.33 4.83 -4.39
CA GLY A 99 -10.20 5.61 -4.86
C GLY A 99 -9.09 5.61 -3.84
N PHE A 100 -8.22 4.61 -3.91
CA PHE A 100 -7.14 4.46 -2.94
C PHE A 100 -6.06 5.50 -3.19
N LEU A 101 -5.35 5.88 -2.14
CA LEU A 101 -4.27 6.85 -2.26
C LEU A 101 -3.03 6.21 -2.88
N CYS A 102 -2.90 6.34 -4.20
CA CYS A 102 -1.78 5.75 -4.91
C CYS A 102 -1.09 6.80 -5.78
N PRO A 103 0.19 6.57 -6.12
CA PRO A 103 0.93 7.46 -7.00
C PRO A 103 0.42 7.37 -8.44
N ASP A 104 0.45 8.49 -9.16
CA ASP A 104 0.05 8.52 -10.56
C ASP A 104 0.85 7.52 -11.38
N LEU A 105 2.13 7.37 -11.04
CA LEU A 105 3.02 6.34 -11.59
C LEU A 105 3.47 6.67 -13.02
N SER A 106 2.79 7.60 -13.69
CA SER A 106 3.17 7.98 -15.05
C SER A 106 3.80 9.37 -15.08
N ASP A 107 3.93 9.99 -13.91
CA ASP A 107 4.62 11.27 -13.79
C ASP A 107 6.06 11.02 -13.34
N ALA A 108 7.02 11.52 -14.11
CA ALA A 108 8.42 11.22 -13.86
C ALA A 108 8.93 11.84 -12.56
N LYS A 109 8.42 13.01 -12.20
CA LYS A 109 8.87 13.68 -10.99
C LYS A 109 8.29 12.99 -9.77
N ASN A 110 7.06 12.54 -9.91
CA ASN A 110 6.43 11.71 -8.89
C ASN A 110 7.28 10.46 -8.68
N MET A 111 7.83 9.93 -9.78
CA MET A 111 8.68 8.76 -9.72
C MET A 111 10.05 9.11 -9.15
N GLU A 112 10.43 10.39 -9.20
CA GLU A 112 11.67 10.84 -8.57
C GLU A 112 11.60 10.58 -7.08
N PHE A 113 10.54 11.10 -6.45
CA PHE A 113 10.36 10.94 -5.01
C PHE A 113 10.15 9.47 -4.67
N LEU A 114 9.49 8.75 -5.57
CA LEU A 114 9.22 7.33 -5.40
C LEU A 114 10.52 6.52 -5.43
N ARG A 115 11.38 6.82 -6.40
CA ARG A 115 12.65 6.13 -6.54
C ARG A 115 13.64 6.53 -5.44
N ASN A 116 13.53 7.76 -4.97
CA ASN A 116 14.46 8.28 -3.97
C ASN A 116 13.83 8.28 -2.58
N TRP A 117 12.81 7.46 -2.39
CA TRP A 117 12.13 7.39 -1.11
C TRP A 117 13.02 6.69 -0.08
N ASN A 118 13.48 7.44 0.90
CA ASN A 118 14.40 6.91 1.91
C ASN A 118 13.66 6.49 3.16
N GLY A 119 12.38 6.19 3.02
CA GLY A 119 11.56 5.88 4.18
C GLY A 119 11.17 7.12 4.93
N THR A 120 10.92 8.19 4.18
CA THR A 120 10.61 9.47 4.77
C THR A 120 9.09 9.67 4.81
N PHE A 121 8.54 9.73 6.01
CA PHE A 121 7.09 9.87 6.20
C PHE A 121 6.61 11.20 5.62
N GLY A 122 7.47 12.22 5.67
CA GLY A 122 7.13 13.52 5.13
C GLY A 122 6.97 13.50 3.61
N LEU A 123 7.50 12.47 2.97
CA LEU A 123 7.43 12.37 1.52
C LEU A 123 6.07 11.86 1.07
N LEU A 124 5.26 11.41 2.02
CA LEU A 124 3.93 10.89 1.71
C LEU A 124 2.95 12.03 1.48
N ASN A 125 3.46 13.26 1.52
CA ASN A 125 2.66 14.43 1.18
C ASN A 125 3.27 15.18 0.01
N THR A 126 4.52 14.84 -0.32
CA THR A 126 5.19 15.43 -1.47
C THR A 126 4.96 14.58 -2.71
N LEU A 127 4.85 13.27 -2.50
CA LEU A 127 4.51 12.34 -3.57
C LEU A 127 3.17 12.68 -4.17
N ARG A 128 3.06 12.56 -5.49
CA ARG A 128 1.81 12.82 -6.17
C ARG A 128 0.88 11.63 -6.00
N LEU A 129 0.31 11.56 -4.81
CA LEU A 129 -0.61 10.51 -4.46
C LEU A 129 -2.03 10.99 -4.70
N ILE A 130 -2.69 10.40 -5.68
CA ILE A 130 -4.03 10.81 -6.04
C ILE A 130 -5.03 9.76 -5.58
N ARG A 131 -6.28 9.94 -5.97
CA ARG A 131 -7.31 8.97 -5.66
C ARG A 131 -7.47 8.06 -6.86
N ILE A 132 -7.10 6.80 -6.72
CA ILE A 132 -7.12 5.88 -7.84
C ILE A 132 -8.21 4.82 -7.67
N ASN A 133 -9.13 4.80 -8.62
CA ASN A 133 -10.23 3.86 -8.62
C ASN A 133 -9.95 2.70 -9.56
N ASP A 134 -9.87 1.50 -8.99
CA ASP A 134 -9.76 0.25 -9.76
C ASP A 134 -8.56 0.22 -10.72
N LYS A 135 -8.79 0.68 -11.94
CA LYS A 135 -7.84 0.48 -13.04
C LYS A 135 -6.95 1.70 -13.27
N GLY A 136 -6.64 2.41 -12.20
CA GLY A 136 -5.75 3.55 -12.33
C GLY A 136 -6.50 4.82 -12.69
N GLU A 137 -7.80 4.81 -12.45
CA GLU A 137 -8.66 5.93 -12.78
C GLU A 137 -8.57 7.00 -11.70
N GLN A 138 -8.41 8.25 -12.12
CA GLN A 138 -8.25 9.36 -11.19
C GLN A 138 -9.61 9.82 -10.66
N VAL A 139 -9.81 9.62 -9.36
CA VAL A 139 -11.04 10.01 -8.71
C VAL A 139 -10.98 11.49 -8.32
N VAL A 140 -11.61 12.33 -9.13
CA VAL A 140 -11.72 13.74 -8.81
C VAL A 140 -12.89 13.97 -7.85
N GLY A 141 -12.89 15.12 -7.18
CA GLY A 141 -13.91 15.41 -6.20
C GLY A 141 -15.30 15.48 -6.81
N GLY A 142 -15.37 15.83 -8.09
CA GLY A 142 -16.64 15.89 -8.78
C GLY A 142 -17.17 14.52 -9.14
N ASN A 143 -16.32 13.49 -8.95
CA ASN A 143 -16.68 12.11 -9.24
C ASN A 143 -17.18 11.95 -10.68
N GLU A 144 -16.23 11.92 -11.60
CA GLU A 144 -16.55 11.83 -13.02
C GLU A 144 -16.41 10.39 -13.51
N MET A 4 23.79 -8.34 27.98
CA MET A 4 23.48 -7.31 29.00
C MET A 4 22.18 -6.60 28.68
N ARG A 5 21.37 -6.35 29.70
CA ARG A 5 20.13 -5.61 29.52
C ARG A 5 20.27 -4.22 30.13
N GLU A 6 21.19 -4.09 31.09
CA GLU A 6 21.46 -2.80 31.74
C GLU A 6 21.84 -1.75 30.70
N ASP A 7 22.65 -2.16 29.73
CA ASP A 7 22.94 -1.30 28.58
C ASP A 7 21.80 -1.45 27.58
N LYS A 8 20.87 -0.51 27.62
CA LYS A 8 19.64 -0.60 26.85
C LYS A 8 19.89 -0.36 25.37
N ILE A 9 19.26 -1.18 24.53
CA ILE A 9 19.35 -1.02 23.10
C ILE A 9 18.17 -0.18 22.61
N ALA A 10 18.47 0.81 21.76
CA ALA A 10 17.45 1.70 21.24
C ALA A 10 16.60 1.00 20.19
N ALA A 11 17.23 0.13 19.41
CA ALA A 11 16.52 -0.65 18.41
C ALA A 11 15.69 -1.74 19.08
N LYS A 12 14.39 -1.73 18.82
CA LYS A 12 13.50 -2.70 19.40
C LYS A 12 13.22 -3.82 18.42
N LYS A 13 13.13 -5.05 18.91
CA LYS A 13 12.87 -6.20 18.06
C LYS A 13 11.37 -6.31 17.77
N LYS A 14 10.61 -5.40 18.35
CA LYS A 14 9.20 -5.25 18.06
C LYS A 14 8.85 -3.77 17.97
N LEU A 15 8.90 -3.23 16.77
CA LEU A 15 8.64 -1.83 16.53
C LEU A 15 7.15 -1.58 16.40
N HIS A 16 6.79 -0.31 16.24
CA HIS A 16 5.38 0.06 16.11
C HIS A 16 4.90 -0.19 14.70
N GLN A 17 4.44 -1.41 14.47
CA GLN A 17 3.93 -1.81 13.17
C GLN A 17 2.41 -1.61 13.11
N ASP A 18 1.98 -0.63 12.32
CA ASP A 18 0.56 -0.33 12.19
C ASP A 18 0.19 -0.05 10.74
N LYS A 19 -0.80 0.81 10.53
CA LYS A 19 -1.37 1.09 9.20
C LYS A 19 -0.31 1.55 8.21
N ARG A 20 0.76 2.16 8.71
CA ARG A 20 1.81 2.76 7.90
C ARG A 20 2.36 1.77 6.85
N VAL A 21 2.30 0.49 7.16
CA VAL A 21 2.79 -0.55 6.25
C VAL A 21 1.89 -0.66 5.02
N HIS A 22 0.62 -0.38 5.18
CA HIS A 22 -0.32 -0.39 4.07
C HIS A 22 -0.43 1.01 3.45
N GLU A 23 0.37 1.94 3.96
CA GLU A 23 0.39 3.29 3.41
C GLU A 23 1.70 3.57 2.67
N LEU A 24 2.78 3.69 3.43
CA LEU A 24 4.06 4.12 2.88
C LEU A 24 4.78 3.01 2.12
N ALA A 25 4.61 1.77 2.58
CA ALA A 25 5.34 0.64 2.00
C ALA A 25 4.96 0.40 0.54
N ARG A 26 3.81 0.92 0.10
CA ARG A 26 3.40 0.78 -1.30
C ARG A 26 4.35 1.57 -2.19
N VAL A 27 4.71 2.77 -1.73
CA VAL A 27 5.63 3.63 -2.46
C VAL A 27 7.03 3.00 -2.46
N LYS A 28 7.38 2.37 -1.35
CA LYS A 28 8.67 1.69 -1.26
C LYS A 28 8.72 0.54 -2.25
N PHE A 29 7.64 -0.23 -2.34
CA PHE A 29 7.56 -1.34 -3.29
C PHE A 29 7.74 -0.83 -4.72
N MET A 30 7.04 0.25 -5.05
CA MET A 30 7.20 0.90 -6.35
C MET A 30 8.66 1.25 -6.58
N GLN A 31 9.23 1.94 -5.61
CA GLN A 31 10.62 2.35 -5.65
C GLN A 31 11.55 1.15 -5.86
N ASP A 32 11.32 0.10 -5.09
CA ASP A 32 12.11 -1.12 -5.20
C ASP A 32 12.03 -1.70 -6.61
N VAL A 33 10.82 -1.87 -7.12
CA VAL A 33 10.61 -2.45 -8.45
C VAL A 33 11.30 -1.62 -9.53
N VAL A 34 11.14 -0.30 -9.46
CA VAL A 34 11.72 0.60 -10.47
C VAL A 34 13.24 0.55 -10.43
N ASN A 35 13.79 0.41 -9.23
CA ASN A 35 15.25 0.44 -9.06
C ASN A 35 15.83 -0.96 -8.96
N SER A 36 15.00 -1.96 -9.16
CA SER A 36 15.45 -3.35 -9.18
C SER A 36 15.34 -3.88 -10.60
N ASP A 37 16.20 -4.83 -10.95
CA ASP A 37 16.22 -5.36 -12.31
C ASP A 37 14.97 -6.20 -12.56
N THR A 38 14.14 -6.35 -11.52
CA THR A 38 12.85 -6.99 -11.62
C THR A 38 12.06 -6.46 -12.81
N PHE A 39 11.96 -5.13 -12.89
CA PHE A 39 11.28 -4.48 -14.01
C PHE A 39 12.00 -3.19 -14.40
N LYS A 40 13.31 -3.17 -14.16
CA LYS A 40 14.13 -1.98 -14.41
C LYS A 40 14.13 -1.59 -15.90
N GLY A 41 13.68 -2.51 -16.73
CA GLY A 41 13.52 -2.21 -18.15
C GLY A 41 12.42 -1.19 -18.40
N GLN A 42 11.49 -1.09 -17.46
CA GLN A 42 10.39 -0.14 -17.55
C GLN A 42 10.48 0.88 -16.41
N PRO A 43 10.99 2.08 -16.70
CA PRO A 43 11.17 3.13 -15.67
C PRO A 43 9.86 3.57 -15.04
N ILE A 44 8.79 3.51 -15.81
CA ILE A 44 7.48 3.95 -15.34
C ILE A 44 6.40 2.96 -15.75
N PHE A 45 5.49 2.69 -14.84
CA PHE A 45 4.38 1.79 -15.10
C PHE A 45 3.10 2.59 -15.28
N ASP A 46 2.15 2.05 -16.04
CA ASP A 46 0.92 2.77 -16.33
C ASP A 46 -0.09 2.61 -15.20
N HIS A 47 -1.27 3.19 -15.37
CA HIS A 47 -2.29 3.19 -14.33
C HIS A 47 -2.93 1.81 -14.16
N ALA A 48 -2.91 1.00 -15.21
CA ALA A 48 -3.41 -0.37 -15.11
C ALA A 48 -2.45 -1.18 -14.24
N HIS A 49 -1.16 -0.96 -14.42
CA HIS A 49 -0.14 -1.59 -13.60
C HIS A 49 -0.14 -1.01 -12.19
N THR A 50 -0.67 0.20 -12.05
CA THR A 50 -0.95 0.76 -10.74
C THR A 50 -1.88 -0.18 -9.99
N ARG A 51 -3.03 -0.44 -10.59
CA ARG A 51 -4.00 -1.40 -10.06
C ARG A 51 -3.33 -2.73 -9.78
N GLU A 52 -2.53 -3.18 -10.73
CA GLU A 52 -1.84 -4.45 -10.65
C GLU A 52 -0.93 -4.52 -9.42
N PHE A 53 -0.08 -3.51 -9.25
CA PHE A 53 0.86 -3.48 -8.14
C PHE A 53 0.14 -3.19 -6.82
N ILE A 54 -0.86 -2.32 -6.86
CA ILE A 54 -1.66 -2.04 -5.66
C ILE A 54 -2.33 -3.32 -5.17
N GLN A 55 -2.93 -4.05 -6.11
CA GLN A 55 -3.59 -5.31 -5.80
C GLN A 55 -2.58 -6.35 -5.30
N SER A 56 -1.40 -6.38 -5.92
CA SER A 56 -0.36 -7.32 -5.53
C SER A 56 0.16 -7.02 -4.13
N PHE A 57 0.19 -5.74 -3.76
CA PHE A 57 0.62 -5.36 -2.43
C PHE A 57 -0.37 -5.86 -1.39
N ILE A 58 -1.65 -5.80 -1.73
CA ILE A 58 -2.70 -6.34 -0.88
C ILE A 58 -2.64 -7.87 -0.88
N GLU A 59 -2.17 -8.42 -1.98
CA GLU A 59 -2.06 -9.86 -2.15
C GLU A 59 -0.89 -10.40 -1.32
N ARG A 60 -0.01 -9.50 -0.90
CA ARG A 60 1.07 -9.85 0.02
C ARG A 60 0.49 -10.36 1.34
N ASP A 61 -0.64 -9.79 1.74
CA ASP A 61 -1.30 -10.17 2.99
C ASP A 61 -1.75 -11.63 2.98
N ASP A 62 -1.92 -12.18 1.77
CA ASP A 62 -2.30 -13.59 1.62
C ASP A 62 -1.23 -14.52 2.18
N THR A 63 0.00 -14.04 2.22
CA THR A 63 1.12 -14.85 2.71
C THR A 63 0.91 -15.24 4.17
N GLU A 64 0.48 -14.27 4.97
CA GLU A 64 0.21 -14.52 6.38
C GLU A 64 -1.03 -15.39 6.53
N LEU A 65 -1.97 -15.23 5.61
CA LEU A 65 -3.19 -16.02 5.62
C LEU A 65 -2.89 -17.50 5.33
N ASP A 66 -1.98 -17.75 4.40
CA ASP A 66 -1.58 -19.12 4.10
C ASP A 66 -0.86 -19.73 5.29
N GLU A 67 -0.06 -18.90 5.97
CA GLU A 67 0.60 -19.34 7.19
C GLU A 67 -0.42 -19.75 8.24
N LEU A 68 -1.52 -19.01 8.32
CA LEU A 68 -2.61 -19.36 9.23
C LEU A 68 -3.20 -20.71 8.85
N LYS A 69 -3.41 -20.91 7.55
CA LYS A 69 -3.91 -22.18 7.02
C LYS A 69 -2.93 -23.31 7.29
N LYS A 70 -1.65 -22.97 7.33
CA LYS A 70 -0.59 -23.94 7.52
C LYS A 70 -0.43 -24.31 8.99
N LYS A 71 -0.61 -23.33 9.88
CA LYS A 71 -0.54 -23.57 11.31
C LYS A 71 -1.75 -24.40 11.76
N ARG A 72 -2.78 -24.39 10.93
CA ARG A 72 -3.97 -25.21 11.14
C ARG A 72 -3.59 -26.69 11.22
N ARG A 73 -2.56 -27.08 10.47
CA ARG A 73 -2.12 -28.47 10.44
C ARG A 73 -1.63 -28.93 11.82
N SER A 74 -1.01 -28.01 12.55
CA SER A 74 -0.50 -28.31 13.88
C SER A 74 -1.59 -28.19 14.94
N ASN A 75 -2.85 -28.32 14.50
CA ASN A 75 -4.00 -28.37 15.40
C ASN A 75 -4.36 -27.01 15.94
N ARG A 76 -3.82 -25.98 15.33
CA ARG A 76 -4.15 -24.62 15.75
C ARG A 76 -4.76 -23.83 14.60
N PRO A 77 -6.08 -23.97 14.38
CA PRO A 77 -6.81 -23.18 13.40
C PRO A 77 -7.13 -21.79 13.94
N PRO A 78 -6.56 -20.74 13.33
CA PRO A 78 -6.79 -19.36 13.75
C PRO A 78 -8.16 -18.85 13.33
N SER A 79 -9.20 -19.50 13.82
CA SER A 79 -10.57 -19.18 13.46
C SER A 79 -10.85 -17.68 13.54
N ASN A 80 -10.56 -17.09 14.69
CA ASN A 80 -10.77 -15.65 14.88
C ASN A 80 -9.73 -14.83 14.14
N ARG A 81 -8.48 -15.28 14.19
CA ARG A 81 -7.36 -14.50 13.65
C ARG A 81 -7.42 -14.42 12.12
N GLN A 82 -8.03 -15.43 11.48
CA GLN A 82 -8.22 -15.39 10.04
C GLN A 82 -9.27 -14.34 9.68
N VAL A 83 -10.14 -14.03 10.64
CA VAL A 83 -11.13 -12.99 10.46
C VAL A 83 -10.46 -11.62 10.47
N LEU A 84 -9.48 -11.45 11.35
CA LEU A 84 -8.68 -10.24 11.39
C LEU A 84 -7.89 -10.09 10.10
N LEU A 85 -7.46 -11.21 9.54
CA LEU A 85 -6.80 -11.22 8.24
C LEU A 85 -7.78 -10.73 7.18
N GLN A 86 -9.00 -11.24 7.25
CA GLN A 86 -10.07 -10.82 6.35
C GLN A 86 -10.27 -9.30 6.43
N GLN A 87 -10.35 -8.78 7.66
CA GLN A 87 -10.54 -7.36 7.89
C GLN A 87 -9.44 -6.54 7.22
N ARG A 88 -8.20 -7.02 7.32
CA ARG A 88 -7.06 -6.37 6.68
C ARG A 88 -7.32 -6.13 5.20
N ARG A 89 -7.67 -7.21 4.50
CA ARG A 89 -7.91 -7.15 3.05
C ARG A 89 -9.21 -6.41 2.74
N ASP A 90 -10.22 -6.63 3.57
CA ASP A 90 -11.54 -6.04 3.37
C ASP A 90 -11.46 -4.51 3.34
N GLN A 91 -10.70 -3.95 4.27
CA GLN A 91 -10.51 -2.51 4.32
C GLN A 91 -9.68 -2.04 3.12
N GLU A 92 -8.65 -2.81 2.78
CA GLU A 92 -7.78 -2.50 1.64
C GLU A 92 -8.60 -2.24 0.38
N LEU A 93 -9.41 -3.22 0.01
CA LEU A 93 -10.21 -3.15 -1.21
C LEU A 93 -11.22 -2.01 -1.13
N LYS A 94 -11.81 -1.81 0.04
CA LYS A 94 -12.85 -0.81 0.20
C LYS A 94 -12.26 0.60 0.13
N GLU A 95 -11.11 0.78 0.78
CA GLU A 95 -10.46 2.08 0.82
C GLU A 95 -9.98 2.47 -0.57
N PHE A 96 -9.49 1.48 -1.31
CA PHE A 96 -8.97 1.71 -2.65
C PHE A 96 -10.11 2.02 -3.63
N LYS A 97 -11.25 1.35 -3.45
CA LYS A 97 -12.41 1.57 -4.32
C LYS A 97 -13.12 2.87 -4.00
N ALA A 98 -12.68 3.54 -2.94
CA ALA A 98 -13.21 4.84 -2.57
C ALA A 98 -12.22 5.93 -2.94
N GLY A 99 -11.17 5.55 -3.66
CA GLY A 99 -10.15 6.48 -4.04
C GLY A 99 -9.04 6.56 -3.01
N PHE A 100 -8.11 5.62 -3.09
CA PHE A 100 -7.01 5.55 -2.14
C PHE A 100 -5.89 6.49 -2.56
N LEU A 101 -5.20 7.07 -1.59
CA LEU A 101 -4.13 8.02 -1.86
C LEU A 101 -2.92 7.29 -2.43
N CYS A 102 -2.75 7.38 -3.74
CA CYS A 102 -1.66 6.71 -4.43
C CYS A 102 -0.89 7.69 -5.30
N PRO A 103 0.41 7.50 -5.46
CA PRO A 103 1.23 8.32 -6.35
C PRO A 103 0.89 8.06 -7.81
N ASP A 104 0.78 9.12 -8.60
CA ASP A 104 0.47 8.98 -10.02
C ASP A 104 1.60 8.29 -10.76
N LEU A 105 1.42 7.01 -11.05
CA LEU A 105 2.38 6.27 -11.83
C LEU A 105 2.19 6.58 -13.30
N SER A 106 2.90 7.60 -13.77
CA SER A 106 2.85 8.01 -15.16
C SER A 106 3.81 9.17 -15.37
N ASP A 107 3.76 10.16 -14.48
CA ASP A 107 4.64 11.32 -14.54
C ASP A 107 6.08 10.91 -14.22
N ALA A 108 7.01 11.39 -15.03
CA ALA A 108 8.42 11.01 -14.89
C ALA A 108 9.08 11.68 -13.70
N LYS A 109 8.75 12.95 -13.45
CA LYS A 109 9.32 13.67 -12.33
C LYS A 109 8.83 13.07 -11.03
N ASN A 110 7.57 12.65 -11.02
CA ASN A 110 6.98 11.99 -9.88
C ASN A 110 7.69 10.66 -9.62
N MET A 111 8.00 9.94 -10.68
CA MET A 111 8.68 8.66 -10.58
C MET A 111 10.11 8.81 -10.07
N GLU A 112 10.84 9.79 -10.60
CA GLU A 112 12.21 10.02 -10.16
C GLU A 112 12.22 10.51 -8.72
N PHE A 113 11.22 11.31 -8.35
CA PHE A 113 11.10 11.78 -6.98
C PHE A 113 10.71 10.62 -6.06
N LEU A 114 9.92 9.69 -6.61
CA LEU A 114 9.55 8.46 -5.92
C LEU A 114 10.80 7.60 -5.68
N ARG A 115 11.74 7.69 -6.62
CA ARG A 115 13.02 7.02 -6.48
C ARG A 115 13.83 7.64 -5.33
N ASN A 116 13.67 8.95 -5.14
CA ASN A 116 14.40 9.68 -4.11
C ASN A 116 13.64 9.66 -2.78
N TRP A 117 12.58 8.88 -2.72
CA TRP A 117 11.72 8.82 -1.54
C TRP A 117 12.43 8.12 -0.38
N ASN A 118 12.38 8.76 0.79
CA ASN A 118 12.94 8.21 2.01
C ASN A 118 11.82 7.88 2.98
N GLY A 119 12.18 7.41 4.16
CA GLY A 119 11.19 7.17 5.20
C GLY A 119 10.71 8.47 5.84
N THR A 120 10.07 9.30 5.05
CA THR A 120 9.61 10.60 5.52
C THR A 120 8.18 10.86 5.04
N PHE A 121 7.28 11.11 5.98
CA PHE A 121 5.88 11.36 5.67
C PHE A 121 5.70 12.63 4.85
N GLY A 122 6.55 13.62 5.11
CA GLY A 122 6.45 14.89 4.42
C GLY A 122 6.73 14.79 2.93
N LEU A 123 7.44 13.74 2.53
CA LEU A 123 7.81 13.56 1.13
C LEU A 123 6.58 13.10 0.33
N LEU A 124 5.55 12.68 1.05
CA LEU A 124 4.32 12.23 0.41
C LEU A 124 3.49 13.44 -0.03
N ASN A 125 3.92 14.62 0.37
CA ASN A 125 3.26 15.86 -0.03
C ASN A 125 4.01 16.48 -1.20
N THR A 126 5.28 16.10 -1.35
CA THR A 126 6.08 16.57 -2.47
C THR A 126 5.89 15.65 -3.67
N LEU A 127 5.59 14.39 -3.39
CA LEU A 127 5.22 13.44 -4.42
C LEU A 127 3.80 13.74 -4.91
N ARG A 128 3.50 13.33 -6.13
CA ARG A 128 2.16 13.56 -6.65
C ARG A 128 1.25 12.40 -6.25
N LEU A 129 0.75 12.47 -5.03
CA LEU A 129 -0.21 11.49 -4.53
C LEU A 129 -1.62 12.00 -4.74
N ILE A 130 -2.40 11.22 -5.44
CA ILE A 130 -3.78 11.55 -5.72
C ILE A 130 -4.69 10.43 -5.23
N ARG A 131 -5.98 10.59 -5.38
CA ARG A 131 -6.91 9.55 -5.00
C ARG A 131 -7.27 8.71 -6.20
N ILE A 132 -6.85 7.47 -6.17
CA ILE A 132 -6.98 6.57 -7.31
C ILE A 132 -7.99 5.45 -7.02
N ASN A 133 -8.84 5.17 -7.99
CA ASN A 133 -9.85 4.13 -7.87
C ASN A 133 -9.63 3.04 -8.91
N ASP A 134 -9.53 1.81 -8.43
CA ASP A 134 -9.40 0.61 -9.26
C ASP A 134 -8.22 0.67 -10.24
N LYS A 135 -8.52 0.95 -11.51
CA LYS A 135 -7.54 0.78 -12.58
C LYS A 135 -6.65 2.02 -12.76
N GLY A 136 -6.24 2.62 -11.66
CA GLY A 136 -5.41 3.80 -11.74
C GLY A 136 -6.20 5.01 -12.21
N GLU A 137 -7.49 4.99 -11.90
CA GLU A 137 -8.38 6.07 -12.31
C GLU A 137 -8.32 7.19 -11.28
N GLN A 138 -8.04 8.40 -11.72
CA GLN A 138 -7.99 9.54 -10.82
C GLN A 138 -9.41 9.95 -10.44
N VAL A 139 -9.69 9.91 -9.15
CA VAL A 139 -11.00 10.28 -8.66
C VAL A 139 -11.09 11.79 -8.51
N VAL A 140 -11.67 12.43 -9.53
CA VAL A 140 -11.87 13.87 -9.50
C VAL A 140 -12.81 14.25 -8.37
N GLY A 141 -12.41 15.21 -7.56
CA GLY A 141 -13.19 15.58 -6.40
C GLY A 141 -12.93 14.66 -5.24
N GLY A 142 -13.54 13.47 -5.27
CA GLY A 142 -13.31 12.47 -4.25
C GLY A 142 -14.08 12.75 -2.98
N ASN A 143 -14.80 13.87 -2.98
CA ASN A 143 -15.58 14.31 -1.84
C ASN A 143 -16.43 15.51 -2.23
N GLU A 144 -17.30 15.92 -1.33
CA GLU A 144 -18.09 17.12 -1.53
C GLU A 144 -17.62 18.21 -0.60
N MET A 4 13.40 21.10 34.48
CA MET A 4 12.54 20.38 33.51
C MET A 4 11.40 19.70 34.26
N ARG A 5 10.24 19.60 33.61
CA ARG A 5 9.09 18.95 34.21
C ARG A 5 8.35 18.11 33.18
N GLU A 6 8.47 18.49 31.93
CA GLU A 6 7.71 17.88 30.85
C GLU A 6 8.51 16.77 30.19
N ASP A 7 7.84 15.67 29.87
CA ASP A 7 8.51 14.51 29.29
C ASP A 7 8.54 14.60 27.77
N LYS A 8 8.21 15.77 27.24
CA LYS A 8 8.20 15.97 25.79
C LYS A 8 9.60 16.18 25.26
N ILE A 9 10.19 15.11 24.77
CA ILE A 9 11.51 15.16 24.17
C ILE A 9 11.40 15.32 22.65
N ALA A 10 12.31 16.08 22.07
CA ALA A 10 12.31 16.31 20.64
C ALA A 10 13.07 15.22 19.90
N ALA A 11 13.96 14.56 20.62
CA ALA A 11 14.75 13.48 20.03
C ALA A 11 13.93 12.21 19.93
N LYS A 12 14.18 11.41 18.91
CA LYS A 12 13.42 10.20 18.67
C LYS A 12 14.04 9.03 19.41
N LYS A 13 13.28 7.95 19.57
CA LYS A 13 13.77 6.77 20.25
C LYS A 13 14.06 5.65 19.26
N LYS A 14 14.68 4.59 19.75
CA LYS A 14 15.21 3.54 18.90
C LYS A 14 14.16 2.46 18.65
N LEU A 15 12.98 2.64 19.22
CA LEU A 15 11.87 1.74 18.99
C LEU A 15 10.76 2.50 18.27
N HIS A 16 10.36 1.99 17.11
CA HIS A 16 9.33 2.64 16.32
C HIS A 16 8.01 1.91 16.47
N GLN A 17 6.93 2.68 16.54
CA GLN A 17 5.60 2.12 16.66
C GLN A 17 4.69 2.74 15.61
N ASP A 18 3.52 2.13 15.41
CA ASP A 18 2.52 2.66 14.47
C ASP A 18 3.10 2.79 13.06
N LYS A 19 3.77 1.74 12.62
CA LYS A 19 4.39 1.73 11.30
C LYS A 19 3.76 0.64 10.44
N ARG A 20 3.04 1.05 9.40
CA ARG A 20 2.29 0.12 8.57
C ARG A 20 3.04 -0.26 7.30
N VAL A 21 3.29 -1.54 7.12
CA VAL A 21 3.85 -2.03 5.86
C VAL A 21 2.72 -2.22 4.84
N HIS A 22 1.49 -2.31 5.34
CA HIS A 22 0.31 -2.42 4.48
C HIS A 22 0.03 -1.09 3.80
N GLU A 23 0.79 -0.07 4.18
CA GLU A 23 0.55 1.28 3.71
C GLU A 23 1.72 1.78 2.85
N LEU A 24 2.85 2.06 3.49
CA LEU A 24 3.97 2.72 2.81
C LEU A 24 4.93 1.75 2.14
N ALA A 25 4.84 0.46 2.47
CA ALA A 25 5.77 -0.51 1.91
C ALA A 25 5.56 -0.68 0.41
N ARG A 26 4.37 -0.36 -0.08
CA ARG A 26 4.10 -0.41 -1.52
C ARG A 26 4.88 0.66 -2.25
N VAL A 27 5.07 1.80 -1.59
CA VAL A 27 5.87 2.87 -2.16
C VAL A 27 7.33 2.44 -2.24
N LYS A 28 7.78 1.75 -1.21
CA LYS A 28 9.15 1.24 -1.19
C LYS A 28 9.30 0.08 -2.18
N PHE A 29 8.23 -0.69 -2.36
CA PHE A 29 8.23 -1.74 -3.37
C PHE A 29 8.36 -1.12 -4.76
N MET A 30 7.57 -0.07 -5.01
CA MET A 30 7.68 0.69 -6.24
C MET A 30 9.09 1.22 -6.39
N GLN A 31 9.59 1.84 -5.33
CA GLN A 31 10.97 2.33 -5.29
C GLN A 31 11.95 1.24 -5.69
N ASP A 32 11.89 0.13 -4.97
CA ASP A 32 12.80 -1.00 -5.18
C ASP A 32 12.75 -1.49 -6.62
N VAL A 33 11.55 -1.81 -7.09
CA VAL A 33 11.35 -2.42 -8.39
C VAL A 33 11.67 -1.46 -9.54
N VAL A 34 11.38 -0.18 -9.35
CA VAL A 34 11.64 0.82 -10.39
C VAL A 34 13.11 1.24 -10.38
N ASN A 35 13.74 1.15 -9.22
CA ASN A 35 15.14 1.54 -9.08
C ASN A 35 16.06 0.39 -9.49
N SER A 36 15.58 -0.84 -9.33
CA SER A 36 16.30 -2.00 -9.79
C SER A 36 15.89 -2.30 -11.23
N ASP A 37 16.74 -3.02 -11.96
CA ASP A 37 16.52 -3.27 -13.38
C ASP A 37 15.31 -4.17 -13.63
N THR A 38 14.62 -4.57 -12.56
CA THR A 38 13.40 -5.35 -12.66
C THR A 38 12.37 -4.64 -13.56
N PHE A 39 12.08 -3.39 -13.24
CA PHE A 39 11.19 -2.58 -14.08
C PHE A 39 11.83 -1.26 -14.45
N LYS A 40 13.13 -1.14 -14.15
CA LYS A 40 13.89 0.06 -14.49
C LYS A 40 14.04 0.18 -16.01
N GLY A 41 13.74 -0.90 -16.72
CA GLY A 41 13.78 -0.89 -18.16
C GLY A 41 12.73 0.02 -18.76
N GLN A 42 11.72 0.35 -17.96
CA GLN A 42 10.67 1.26 -18.38
C GLN A 42 10.93 2.64 -17.78
N PRO A 43 10.86 3.70 -18.59
CA PRO A 43 11.10 5.07 -18.13
C PRO A 43 10.06 5.47 -17.09
N ILE A 44 8.83 5.63 -17.53
CA ILE A 44 7.72 6.00 -16.65
C ILE A 44 6.61 4.97 -16.81
N PHE A 45 5.82 4.79 -15.77
CA PHE A 45 4.83 3.72 -15.76
C PHE A 45 3.42 4.25 -16.01
N ASP A 46 2.45 3.36 -15.86
CA ASP A 46 1.06 3.68 -16.15
C ASP A 46 0.16 3.26 -14.99
N HIS A 47 -1.13 3.52 -15.14
CA HIS A 47 -2.10 3.17 -14.11
C HIS A 47 -2.51 1.69 -14.20
N ALA A 48 -2.12 1.03 -15.27
CA ALA A 48 -2.38 -0.40 -15.43
C ALA A 48 -1.46 -1.20 -14.52
N HIS A 49 -0.20 -0.78 -14.44
CA HIS A 49 0.72 -1.38 -13.51
C HIS A 49 0.35 -1.00 -12.08
N THR A 50 -0.42 0.08 -11.94
CA THR A 50 -0.98 0.45 -10.65
C THR A 50 -1.89 -0.64 -10.12
N ARG A 51 -3.00 -0.88 -10.83
CA ARG A 51 -3.98 -1.89 -10.41
C ARG A 51 -3.31 -3.24 -10.19
N GLU A 52 -2.37 -3.58 -11.07
CA GLU A 52 -1.64 -4.83 -10.97
C GLU A 52 -0.81 -4.89 -9.70
N PHE A 53 0.07 -3.92 -9.48
CA PHE A 53 0.94 -3.92 -8.31
C PHE A 53 0.14 -3.75 -7.02
N ILE A 54 -0.91 -2.94 -7.06
CA ILE A 54 -1.75 -2.74 -5.89
C ILE A 54 -2.40 -4.05 -5.48
N GLN A 55 -3.05 -4.71 -6.43
CA GLN A 55 -3.71 -6.00 -6.18
C GLN A 55 -2.70 -7.07 -5.76
N SER A 56 -1.51 -7.03 -6.35
CA SER A 56 -0.47 -7.99 -6.01
C SER A 56 -0.14 -7.93 -4.51
N PHE A 57 -0.13 -6.72 -3.95
CA PHE A 57 0.14 -6.57 -2.53
C PHE A 57 -1.08 -6.97 -1.71
N ILE A 58 -2.27 -6.73 -2.25
CA ILE A 58 -3.51 -7.12 -1.60
C ILE A 58 -3.56 -8.64 -1.40
N GLU A 59 -3.14 -9.37 -2.43
CA GLU A 59 -3.08 -10.83 -2.35
C GLU A 59 -1.92 -11.25 -1.44
N ARG A 60 -0.87 -10.43 -1.42
CA ARG A 60 0.29 -10.67 -0.55
C ARG A 60 -0.15 -10.64 0.91
N ASP A 61 -1.14 -9.79 1.20
CA ASP A 61 -1.70 -9.69 2.53
C ASP A 61 -2.46 -10.96 2.88
N ASP A 62 -3.28 -11.42 1.95
CA ASP A 62 -4.07 -12.64 2.13
C ASP A 62 -3.17 -13.87 2.14
N THR A 63 -1.89 -13.67 1.84
CA THR A 63 -0.91 -14.73 1.92
C THR A 63 -0.60 -15.04 3.39
N GLU A 64 -0.77 -14.04 4.26
CA GLU A 64 -0.58 -14.23 5.69
C GLU A 64 -1.72 -15.08 6.25
N LEU A 65 -2.87 -15.05 5.57
CA LEU A 65 -4.00 -15.90 5.94
C LEU A 65 -3.58 -17.36 5.95
N ASP A 66 -2.86 -17.76 4.90
CA ASP A 66 -2.36 -19.13 4.77
C ASP A 66 -1.52 -19.52 5.98
N GLU A 67 -0.62 -18.63 6.38
CA GLU A 67 0.25 -18.90 7.52
C GLU A 67 -0.54 -18.95 8.82
N LEU A 68 -1.57 -18.13 8.93
CA LEU A 68 -2.45 -18.16 10.08
C LEU A 68 -3.21 -19.48 10.14
N LYS A 69 -3.62 -19.97 8.98
CA LYS A 69 -4.30 -21.26 8.87
C LYS A 69 -3.36 -22.40 9.19
N LYS A 70 -2.09 -22.21 8.90
CA LYS A 70 -1.09 -23.25 9.03
C LYS A 70 -0.76 -23.52 10.51
N LYS A 71 -0.86 -22.48 11.32
CA LYS A 71 -0.44 -22.56 12.72
C LYS A 71 -1.60 -22.94 13.63
N ARG A 72 -2.74 -23.26 13.03
CA ARG A 72 -3.94 -23.61 13.80
C ARG A 72 -3.76 -24.97 14.49
N ARG A 73 -2.75 -25.71 14.07
CA ARG A 73 -2.51 -27.07 14.58
C ARG A 73 -2.37 -27.07 16.09
N SER A 74 -1.52 -26.19 16.59
CA SER A 74 -1.22 -26.12 18.01
C SER A 74 -1.65 -24.80 18.62
N ASN A 75 -1.54 -23.72 17.85
CA ASN A 75 -1.79 -22.38 18.37
C ASN A 75 -3.26 -22.02 18.26
N ARG A 76 -4.05 -22.92 17.64
CA ARG A 76 -5.48 -22.70 17.40
C ARG A 76 -5.70 -21.61 16.35
N PRO A 77 -6.88 -21.59 15.73
CA PRO A 77 -7.26 -20.53 14.80
C PRO A 77 -7.27 -19.18 15.52
N PRO A 78 -6.51 -18.20 15.01
CA PRO A 78 -6.45 -16.87 15.59
C PRO A 78 -7.71 -16.07 15.28
N SER A 79 -8.77 -16.32 16.05
CA SER A 79 -10.07 -15.68 15.85
C SER A 79 -9.94 -14.16 15.70
N ASN A 80 -9.03 -13.58 16.47
CA ASN A 80 -8.79 -12.15 16.42
C ASN A 80 -8.03 -11.76 15.15
N ARG A 81 -6.81 -12.27 15.02
CA ARG A 81 -5.90 -11.83 13.97
C ARG A 81 -6.28 -12.34 12.58
N GLN A 82 -7.01 -13.44 12.51
CA GLN A 82 -7.46 -13.95 11.21
C GLN A 82 -8.46 -12.98 10.61
N VAL A 83 -9.47 -12.62 11.39
CA VAL A 83 -10.47 -11.67 10.96
C VAL A 83 -9.82 -10.30 10.75
N LEU A 84 -8.92 -9.93 11.66
CA LEU A 84 -8.18 -8.69 11.54
C LEU A 84 -7.40 -8.64 10.24
N LEU A 85 -6.75 -9.75 9.90
CA LEU A 85 -5.99 -9.86 8.66
C LEU A 85 -6.93 -9.64 7.47
N GLN A 86 -8.04 -10.39 7.46
CA GLN A 86 -9.01 -10.27 6.39
C GLN A 86 -9.51 -8.84 6.28
N GLN A 87 -9.78 -8.20 7.42
CA GLN A 87 -10.28 -6.84 7.44
C GLN A 87 -9.30 -5.86 6.83
N ARG A 88 -8.01 -6.15 6.91
CA ARG A 88 -7.01 -5.28 6.29
C ARG A 88 -7.19 -5.29 4.77
N ARG A 89 -7.43 -6.47 4.23
CA ARG A 89 -7.70 -6.61 2.82
C ARG A 89 -9.09 -6.10 2.48
N ASP A 90 -10.06 -6.43 3.33
CA ASP A 90 -11.45 -6.01 3.12
C ASP A 90 -11.59 -4.49 3.14
N GLN A 91 -10.93 -3.84 4.09
CA GLN A 91 -10.94 -2.38 4.19
C GLN A 91 -10.27 -1.76 2.97
N GLU A 92 -9.16 -2.34 2.56
CA GLU A 92 -8.42 -1.83 1.43
C GLU A 92 -9.21 -2.00 0.14
N LEU A 93 -9.92 -3.13 0.03
CA LEU A 93 -10.80 -3.38 -1.12
C LEU A 93 -11.99 -2.41 -1.14
N LYS A 94 -12.35 -1.93 0.04
CA LYS A 94 -13.43 -0.96 0.17
C LYS A 94 -12.99 0.39 -0.42
N GLU A 95 -11.77 0.80 -0.06
CA GLU A 95 -11.21 2.03 -0.60
C GLU A 95 -10.82 1.83 -2.07
N PHE A 96 -10.42 0.61 -2.40
CA PHE A 96 -10.15 0.21 -3.78
C PHE A 96 -11.35 0.52 -4.66
N LYS A 97 -12.54 0.28 -4.12
CA LYS A 97 -13.79 0.48 -4.84
C LYS A 97 -14.07 1.97 -5.07
N ALA A 98 -13.78 2.78 -4.05
CA ALA A 98 -14.14 4.20 -4.08
C ALA A 98 -12.96 5.08 -4.49
N GLY A 99 -11.83 4.45 -4.80
CA GLY A 99 -10.65 5.20 -5.16
C GLY A 99 -9.61 5.18 -4.06
N PHE A 100 -8.52 4.46 -4.29
CA PHE A 100 -7.49 4.29 -3.28
C PHE A 100 -6.35 5.29 -3.52
N LEU A 101 -5.75 5.77 -2.43
CA LEU A 101 -4.65 6.71 -2.51
C LEU A 101 -3.39 6.04 -3.06
N CYS A 102 -3.08 6.32 -4.32
CA CYS A 102 -1.92 5.75 -4.98
C CYS A 102 -1.08 6.85 -5.61
N PRO A 103 0.25 6.70 -5.66
CA PRO A 103 1.12 7.65 -6.32
C PRO A 103 0.98 7.56 -7.85
N ASP A 104 0.94 8.71 -8.50
CA ASP A 104 0.79 8.73 -9.95
C ASP A 104 2.08 8.31 -10.63
N LEU A 105 2.10 7.09 -11.14
CA LEU A 105 3.28 6.54 -11.78
C LEU A 105 3.55 7.20 -13.12
N SER A 106 2.59 7.97 -13.62
CA SER A 106 2.71 8.58 -14.93
C SER A 106 3.29 9.99 -14.84
N ASP A 107 3.97 10.26 -13.74
CA ASP A 107 4.68 11.52 -13.57
C ASP A 107 6.13 11.26 -13.18
N ALA A 108 7.04 11.64 -14.06
CA ALA A 108 8.47 11.37 -13.87
C ALA A 108 9.01 11.98 -12.58
N LYS A 109 8.57 13.19 -12.24
CA LYS A 109 9.07 13.86 -11.05
C LYS A 109 8.61 13.13 -9.79
N ASN A 110 7.36 12.67 -9.81
CA ASN A 110 6.86 11.84 -8.73
C ASN A 110 7.70 10.58 -8.60
N MET A 111 8.06 10.01 -9.74
CA MET A 111 8.86 8.80 -9.76
C MET A 111 10.27 9.07 -9.21
N GLU A 112 10.79 10.25 -9.49
CA GLU A 112 12.09 10.66 -8.96
C GLU A 112 12.10 10.62 -7.44
N PHE A 113 11.08 11.24 -6.84
CA PHE A 113 10.93 11.23 -5.38
C PHE A 113 10.72 9.81 -4.88
N LEU A 114 9.89 9.07 -5.59
CA LEU A 114 9.58 7.69 -5.23
C LEU A 114 10.82 6.81 -5.27
N ARG A 115 11.67 7.03 -6.27
CA ARG A 115 12.90 6.26 -6.43
C ARG A 115 13.99 6.69 -5.46
N ASN A 116 13.74 7.79 -4.75
CA ASN A 116 14.70 8.31 -3.77
C ASN A 116 14.07 8.38 -2.39
N TRP A 117 12.99 7.63 -2.20
CA TRP A 117 12.29 7.60 -0.91
C TRP A 117 13.18 6.95 0.14
N ASN A 118 13.52 7.70 1.17
CA ASN A 118 14.40 7.21 2.23
C ASN A 118 13.60 6.56 3.35
N GLY A 119 12.30 6.39 3.13
CA GLY A 119 11.44 5.86 4.16
C GLY A 119 10.86 6.96 5.02
N THR A 120 11.03 8.18 4.55
CA THR A 120 10.55 9.36 5.25
C THR A 120 9.05 9.56 5.02
N PHE A 121 8.29 9.69 6.10
CA PHE A 121 6.85 9.88 6.01
C PHE A 121 6.52 11.29 5.56
N GLY A 122 7.41 12.23 5.85
CA GLY A 122 7.23 13.60 5.41
C GLY A 122 7.32 13.73 3.90
N LEU A 123 8.12 12.85 3.30
CA LEU A 123 8.35 12.85 1.86
C LEU A 123 7.06 12.52 1.11
N LEU A 124 6.11 11.92 1.82
CA LEU A 124 4.83 11.57 1.23
C LEU A 124 4.07 12.83 0.80
N ASN A 125 4.36 13.94 1.46
CA ASN A 125 3.72 15.21 1.13
C ASN A 125 4.35 15.81 -0.11
N THR A 126 5.50 15.27 -0.51
CA THR A 126 6.19 15.74 -1.70
C THR A 126 5.99 14.76 -2.85
N LEU A 127 5.09 13.80 -2.63
CA LEU A 127 4.74 12.81 -3.64
C LEU A 127 3.37 13.13 -4.23
N ARG A 128 3.16 12.75 -5.47
CA ARG A 128 1.86 12.98 -6.10
C ARG A 128 0.94 11.80 -5.82
N LEU A 129 0.46 11.75 -4.60
CA LEU A 129 -0.45 10.71 -4.17
C LEU A 129 -1.89 11.11 -4.50
N ILE A 130 -2.44 10.50 -5.52
CA ILE A 130 -3.77 10.83 -5.98
C ILE A 130 -4.75 9.72 -5.64
N ARG A 131 -6.01 9.94 -5.98
CA ARG A 131 -7.04 8.95 -5.73
C ARG A 131 -7.35 8.19 -7.01
N ILE A 132 -7.00 6.91 -7.02
CA ILE A 132 -7.19 6.08 -8.21
C ILE A 132 -8.38 5.14 -8.02
N ASN A 133 -9.33 5.24 -8.92
CA ASN A 133 -10.59 4.50 -8.83
C ASN A 133 -10.42 3.08 -9.36
N ASP A 134 -10.91 2.13 -8.57
CA ASP A 134 -11.01 0.73 -8.97
C ASP A 134 -9.69 0.18 -9.51
N LYS A 135 -9.50 0.25 -10.82
CA LYS A 135 -8.33 -0.34 -11.43
C LYS A 135 -7.65 0.63 -12.39
N GLY A 136 -6.83 1.50 -11.85
CA GLY A 136 -6.06 2.42 -12.65
C GLY A 136 -6.92 3.49 -13.30
N GLU A 137 -7.93 3.96 -12.59
CA GLU A 137 -8.80 4.99 -13.12
C GLU A 137 -8.65 6.29 -12.33
N GLN A 138 -9.00 7.40 -12.96
CA GLN A 138 -8.80 8.71 -12.35
C GLN A 138 -10.07 9.16 -11.64
N VAL A 139 -9.95 9.44 -10.35
CA VAL A 139 -11.07 9.96 -9.57
C VAL A 139 -11.14 11.48 -9.71
N VAL A 140 -12.17 11.94 -10.40
CA VAL A 140 -12.41 13.37 -10.54
C VAL A 140 -13.41 13.84 -9.50
N GLY A 141 -13.58 15.15 -9.40
CA GLY A 141 -14.50 15.72 -8.41
C GLY A 141 -15.96 15.59 -8.83
N GLY A 142 -16.31 14.43 -9.34
CA GLY A 142 -17.68 14.18 -9.78
C GLY A 142 -17.88 12.74 -10.21
N ASN A 143 -17.23 11.83 -9.51
CA ASN A 143 -17.34 10.42 -9.82
C ASN A 143 -17.55 9.62 -8.54
N GLU A 144 -18.78 9.13 -8.36
CA GLU A 144 -19.11 8.34 -7.19
C GLU A 144 -20.26 7.37 -7.52
N MET A 4 3.92 -13.23 22.05
CA MET A 4 4.97 -13.70 22.98
C MET A 4 5.91 -14.62 22.23
N ARG A 5 6.81 -15.28 22.94
CA ARG A 5 7.65 -16.29 22.31
C ARG A 5 6.76 -17.47 21.93
N GLU A 6 5.86 -17.80 22.85
CA GLU A 6 4.76 -18.71 22.55
C GLU A 6 3.63 -17.91 21.91
N ASP A 7 3.39 -18.18 20.63
CA ASP A 7 2.38 -17.44 19.85
C ASP A 7 2.82 -15.99 19.64
N LYS A 8 3.19 -15.67 18.41
CA LYS A 8 3.73 -14.36 18.09
C LYS A 8 2.65 -13.29 18.09
N ILE A 9 1.44 -13.64 17.66
CA ILE A 9 0.37 -12.67 17.49
C ILE A 9 -0.39 -12.46 18.80
N ALA A 10 0.37 -12.20 19.84
CA ALA A 10 -0.18 -11.92 21.16
C ALA A 10 0.87 -11.22 22.00
N ALA A 11 0.85 -9.90 22.01
CA ALA A 11 1.83 -9.12 22.73
C ALA A 11 1.16 -8.03 23.55
N LYS A 12 1.82 -7.63 24.62
CA LYS A 12 1.31 -6.57 25.48
C LYS A 12 2.14 -5.30 25.30
N LYS A 13 3.05 -5.34 24.35
CA LYS A 13 3.90 -4.20 24.04
C LYS A 13 3.76 -3.85 22.57
N LYS A 14 4.52 -2.86 22.13
CA LYS A 14 4.48 -2.43 20.74
C LYS A 14 5.42 -3.28 19.89
N LEU A 15 5.09 -3.41 18.62
CA LEU A 15 5.92 -4.14 17.69
C LEU A 15 7.02 -3.23 17.15
N HIS A 16 8.17 -3.82 16.86
CA HIS A 16 9.31 -3.04 16.35
C HIS A 16 9.11 -2.74 14.87
N GLN A 17 8.17 -3.44 14.25
CA GLN A 17 7.81 -3.17 12.86
C GLN A 17 6.43 -2.52 12.83
N ASP A 18 6.40 -1.23 12.54
CA ASP A 18 5.16 -0.45 12.55
C ASP A 18 4.24 -0.86 11.40
N LYS A 19 2.95 -0.92 11.70
CA LYS A 19 1.96 -1.31 10.71
C LYS A 19 1.55 -0.13 9.84
N ARG A 20 1.83 1.09 10.30
CA ARG A 20 1.50 2.28 9.54
C ARG A 20 2.45 2.41 8.35
N VAL A 21 3.61 1.75 8.47
CA VAL A 21 4.58 1.70 7.38
C VAL A 21 4.01 0.97 6.17
N HIS A 22 2.97 0.17 6.39
CA HIS A 22 2.33 -0.61 5.33
C HIS A 22 2.00 0.25 4.12
N GLU A 23 1.64 1.50 4.36
CA GLU A 23 1.25 2.40 3.30
C GLU A 23 2.47 2.98 2.57
N LEU A 24 3.46 3.42 3.34
CA LEU A 24 4.67 4.00 2.75
C LEU A 24 5.50 2.90 2.11
N ALA A 25 5.44 1.70 2.67
CA ALA A 25 6.12 0.54 2.10
C ALA A 25 5.53 0.17 0.74
N ARG A 26 4.27 0.54 0.53
CA ARG A 26 3.63 0.31 -0.76
C ARG A 26 4.32 1.16 -1.82
N VAL A 27 4.60 2.41 -1.44
CA VAL A 27 5.37 3.32 -2.30
C VAL A 27 6.82 2.86 -2.39
N LYS A 28 7.34 2.35 -1.29
CA LYS A 28 8.71 1.86 -1.23
C LYS A 28 8.91 0.70 -2.20
N PHE A 29 7.93 -0.20 -2.26
CA PHE A 29 8.00 -1.33 -3.19
C PHE A 29 8.03 -0.81 -4.63
N MET A 30 7.21 0.20 -4.90
CA MET A 30 7.25 0.87 -6.21
C MET A 30 8.67 1.34 -6.49
N GLN A 31 9.27 2.00 -5.49
CA GLN A 31 10.64 2.49 -5.59
C GLN A 31 11.61 1.37 -5.92
N ASP A 32 11.57 0.31 -5.10
CA ASP A 32 12.48 -0.82 -5.26
C ASP A 32 12.39 -1.39 -6.68
N VAL A 33 11.17 -1.55 -7.17
CA VAL A 33 10.94 -2.11 -8.49
C VAL A 33 11.59 -1.28 -9.60
N VAL A 34 11.39 0.03 -9.57
CA VAL A 34 11.85 0.90 -10.65
C VAL A 34 13.25 1.45 -10.40
N ASN A 35 13.87 1.05 -9.30
CA ASN A 35 15.23 1.48 -9.01
C ASN A 35 16.22 0.33 -9.15
N SER A 36 15.72 -0.89 -9.02
CA SER A 36 16.56 -2.06 -9.21
C SER A 36 16.45 -2.52 -10.65
N ASP A 37 17.26 -3.49 -11.04
CA ASP A 37 17.27 -3.96 -12.43
C ASP A 37 16.06 -4.86 -12.69
N THR A 38 15.26 -5.09 -11.65
CA THR A 38 14.02 -5.85 -11.79
C THR A 38 13.13 -5.24 -12.87
N PHE A 39 12.93 -3.93 -12.79
CA PHE A 39 12.18 -3.20 -13.81
C PHE A 39 12.88 -1.91 -14.17
N LYS A 40 14.20 -1.87 -13.99
CA LYS A 40 15.03 -0.72 -14.35
C LYS A 40 14.81 -0.34 -15.82
N GLY A 41 14.50 -1.33 -16.66
CA GLY A 41 14.27 -1.08 -18.06
C GLY A 41 13.02 -0.24 -18.30
N GLN A 42 12.02 -0.39 -17.43
CA GLN A 42 10.82 0.40 -17.52
C GLN A 42 10.69 1.28 -16.27
N PRO A 43 11.18 2.52 -16.33
CA PRO A 43 11.19 3.42 -15.17
C PRO A 43 9.82 4.04 -14.89
N ILE A 44 8.97 4.08 -15.90
CA ILE A 44 7.65 4.68 -15.77
C ILE A 44 6.58 3.64 -16.03
N PHE A 45 5.57 3.59 -15.17
CA PHE A 45 4.50 2.62 -15.31
C PHE A 45 3.19 3.29 -15.71
N ASP A 46 2.35 2.55 -16.40
CA ASP A 46 0.99 2.99 -16.68
C ASP A 46 0.08 2.60 -15.52
N HIS A 47 -1.11 3.18 -15.46
CA HIS A 47 -2.09 2.86 -14.41
C HIS A 47 -2.42 1.35 -14.40
N ALA A 48 -2.11 0.66 -15.49
CA ALA A 48 -2.26 -0.79 -15.57
C ALA A 48 -1.40 -1.47 -14.50
N HIS A 49 -0.20 -0.92 -14.26
CA HIS A 49 0.67 -1.47 -13.25
C HIS A 49 0.23 -1.04 -11.86
N THR A 50 -0.59 0.00 -11.80
CA THR A 50 -1.17 0.43 -10.54
C THR A 50 -2.05 -0.67 -9.98
N ARG A 51 -3.11 -1.02 -10.72
CA ARG A 51 -4.01 -2.08 -10.27
C ARG A 51 -3.25 -3.40 -10.14
N GLU A 52 -2.22 -3.54 -10.95
CA GLU A 52 -1.36 -4.71 -10.91
C GLU A 52 -0.66 -4.82 -9.55
N PHE A 53 0.17 -3.84 -9.23
CA PHE A 53 0.97 -3.89 -8.01
C PHE A 53 0.14 -3.61 -6.76
N ILE A 54 -0.78 -2.65 -6.84
CA ILE A 54 -1.58 -2.28 -5.69
C ILE A 54 -2.46 -3.44 -5.22
N GLN A 55 -3.20 -4.04 -6.15
CA GLN A 55 -4.09 -5.15 -5.81
C GLN A 55 -3.29 -6.34 -5.28
N SER A 56 -2.22 -6.70 -5.97
CA SER A 56 -1.43 -7.87 -5.57
C SER A 56 -0.66 -7.61 -4.27
N PHE A 57 -0.39 -6.35 -3.98
CA PHE A 57 0.19 -5.99 -2.69
C PHE A 57 -0.80 -6.33 -1.58
N ILE A 58 -2.08 -6.12 -1.88
CA ILE A 58 -3.15 -6.51 -0.98
C ILE A 58 -3.29 -8.03 -0.97
N GLU A 59 -3.23 -8.63 -2.16
CA GLU A 59 -3.38 -10.08 -2.34
C GLU A 59 -2.31 -10.86 -1.58
N ARG A 60 -1.25 -10.18 -1.16
CA ARG A 60 -0.23 -10.78 -0.31
C ARG A 60 -0.80 -11.22 1.04
N ASP A 61 -2.02 -10.78 1.32
CA ASP A 61 -2.71 -11.16 2.55
C ASP A 61 -3.01 -12.65 2.57
N ASP A 62 -3.13 -13.23 1.37
CA ASP A 62 -3.46 -14.65 1.24
C ASP A 62 -2.33 -15.50 1.85
N THR A 63 -1.11 -14.99 1.77
CA THR A 63 0.04 -15.69 2.29
C THR A 63 0.08 -15.60 3.82
N GLU A 64 -0.36 -14.45 4.33
CA GLU A 64 -0.45 -14.25 5.77
C GLU A 64 -1.65 -15.02 6.31
N LEU A 65 -2.70 -15.07 5.51
CA LEU A 65 -3.89 -15.86 5.83
C LEU A 65 -3.54 -17.35 5.89
N ASP A 66 -2.82 -17.83 4.87
CA ASP A 66 -2.42 -19.23 4.83
C ASP A 66 -1.55 -19.59 6.02
N GLU A 67 -0.75 -18.64 6.49
CA GLU A 67 0.04 -18.83 7.71
C GLU A 67 -0.87 -19.12 8.90
N LEU A 68 -1.90 -18.31 9.06
CA LEU A 68 -2.86 -18.50 10.15
C LEU A 68 -3.66 -19.79 9.94
N LYS A 69 -3.74 -20.21 8.69
CA LYS A 69 -4.53 -21.36 8.30
C LYS A 69 -3.67 -22.62 8.33
N LYS A 70 -2.37 -22.44 8.46
CA LYS A 70 -1.43 -23.55 8.47
C LYS A 70 -1.04 -23.89 9.91
N LYS A 71 -1.16 -22.91 10.80
CA LYS A 71 -0.83 -23.11 12.22
C LYS A 71 -2.01 -23.71 12.97
N ARG A 72 -2.70 -24.64 12.31
CA ARG A 72 -3.83 -25.36 12.89
C ARG A 72 -3.41 -26.13 14.15
N ARG A 73 -2.13 -26.51 14.19
CA ARG A 73 -1.58 -27.29 15.31
C ARG A 73 -2.34 -28.61 15.44
N SER A 74 -2.52 -29.08 16.66
CA SER A 74 -3.28 -30.30 16.89
C SER A 74 -4.64 -29.98 17.48
N ASN A 75 -5.05 -28.72 17.37
CA ASN A 75 -6.32 -28.28 17.92
C ASN A 75 -7.28 -27.88 16.79
N ARG A 76 -7.26 -26.60 16.44
CA ARG A 76 -8.11 -26.03 15.40
C ARG A 76 -7.51 -24.72 14.94
N PRO A 77 -7.77 -24.31 13.69
CA PRO A 77 -7.32 -23.01 13.17
C PRO A 77 -7.93 -21.85 13.97
N PRO A 78 -7.19 -20.75 14.12
CA PRO A 78 -7.67 -19.56 14.84
C PRO A 78 -8.92 -18.95 14.20
N SER A 79 -10.08 -19.31 14.73
CA SER A 79 -11.35 -18.86 14.17
C SER A 79 -11.51 -17.35 14.29
N ASN A 80 -10.91 -16.77 15.31
CA ASN A 80 -10.98 -15.33 15.53
C ASN A 80 -10.02 -14.60 14.61
N ARG A 81 -8.75 -15.02 14.66
CA ARG A 81 -7.68 -14.32 13.94
C ARG A 81 -7.78 -14.51 12.43
N GLN A 82 -8.15 -15.71 12.00
CA GLN A 82 -8.18 -16.04 10.58
C GLN A 82 -9.20 -15.16 9.85
N VAL A 83 -10.35 -14.96 10.47
CA VAL A 83 -11.39 -14.12 9.89
C VAL A 83 -11.01 -12.65 9.99
N LEU A 84 -10.30 -12.30 11.06
CA LEU A 84 -9.84 -10.93 11.25
C LEU A 84 -8.89 -10.51 10.13
N LEU A 85 -8.12 -11.48 9.64
CA LEU A 85 -7.21 -11.24 8.52
C LEU A 85 -8.02 -10.80 7.30
N GLN A 86 -9.11 -11.50 7.04
CA GLN A 86 -10.00 -11.18 5.92
C GLN A 86 -10.53 -9.76 6.06
N GLN A 87 -10.89 -9.39 7.28
CA GLN A 87 -11.45 -8.07 7.54
C GLN A 87 -10.43 -6.96 7.30
N ARG A 88 -9.14 -7.33 7.33
CA ARG A 88 -8.10 -6.39 6.99
C ARG A 88 -8.01 -6.22 5.48
N ARG A 89 -8.28 -7.30 4.75
CA ARG A 89 -8.43 -7.22 3.30
C ARG A 89 -9.63 -6.35 2.95
N ASP A 90 -10.72 -6.55 3.69
CA ASP A 90 -11.93 -5.74 3.52
C ASP A 90 -11.61 -4.26 3.58
N GLN A 91 -10.80 -3.87 4.56
CA GLN A 91 -10.41 -2.46 4.72
C GLN A 91 -9.64 -1.96 3.51
N GLU A 92 -8.62 -2.72 3.10
CA GLU A 92 -7.82 -2.37 1.93
C GLU A 92 -8.71 -2.14 0.70
N LEU A 93 -9.58 -3.10 0.41
CA LEU A 93 -10.44 -3.03 -0.76
C LEU A 93 -11.47 -1.92 -0.63
N LYS A 94 -11.98 -1.71 0.59
CA LYS A 94 -12.98 -0.67 0.83
C LYS A 94 -12.39 0.71 0.51
N GLU A 95 -11.21 0.97 1.05
CA GLU A 95 -10.55 2.25 0.85
C GLU A 95 -10.01 2.37 -0.58
N PHE A 96 -9.65 1.23 -1.16
CA PHE A 96 -9.17 1.17 -2.53
C PHE A 96 -10.26 1.61 -3.51
N LYS A 97 -11.49 1.18 -3.25
CA LYS A 97 -12.62 1.53 -4.10
C LYS A 97 -13.26 2.84 -3.67
N ALA A 98 -12.71 3.45 -2.63
CA ALA A 98 -13.17 4.74 -2.16
C ALA A 98 -12.17 5.82 -2.57
N GLY A 99 -11.24 5.46 -3.43
CA GLY A 99 -10.22 6.39 -3.85
C GLY A 99 -8.98 6.26 -2.99
N PHE A 100 -8.11 5.33 -3.35
CA PHE A 100 -6.91 5.07 -2.58
C PHE A 100 -5.81 6.07 -2.97
N LEU A 101 -5.04 6.50 -1.99
CA LEU A 101 -3.99 7.49 -2.22
C LEU A 101 -2.77 6.84 -2.86
N CYS A 102 -2.63 7.02 -4.17
CA CYS A 102 -1.50 6.47 -4.90
C CYS A 102 -0.83 7.56 -5.73
N PRO A 103 0.44 7.38 -6.10
CA PRO A 103 1.15 8.31 -6.98
C PRO A 103 0.81 8.04 -8.44
N ASP A 104 0.78 9.08 -9.25
CA ASP A 104 0.53 8.91 -10.68
C ASP A 104 1.80 8.41 -11.35
N LEU A 105 1.82 7.12 -11.64
CA LEU A 105 3.00 6.46 -12.18
C LEU A 105 3.38 6.99 -13.56
N SER A 106 2.45 7.65 -14.23
CA SER A 106 2.68 8.10 -15.59
C SER A 106 3.32 9.49 -15.62
N ASP A 107 3.67 10.02 -14.46
CA ASP A 107 4.40 11.27 -14.40
C ASP A 107 5.86 10.98 -14.10
N ALA A 108 6.70 11.14 -15.12
CA ALA A 108 8.11 10.76 -15.02
C ALA A 108 8.86 11.61 -13.99
N LYS A 109 8.35 12.82 -13.76
CA LYS A 109 8.98 13.73 -12.82
C LYS A 109 8.73 13.26 -11.39
N ASN A 110 7.47 12.98 -11.09
CA ASN A 110 7.10 12.44 -9.77
C ASN A 110 7.65 11.04 -9.59
N MET A 111 7.79 10.29 -10.68
CA MET A 111 8.41 8.98 -10.60
C MET A 111 9.88 9.10 -10.25
N GLU A 112 10.51 10.22 -10.60
CA GLU A 112 11.89 10.47 -10.18
C GLU A 112 11.95 10.69 -8.68
N PHE A 113 10.94 11.37 -8.14
CA PHE A 113 10.79 11.49 -6.69
C PHE A 113 10.58 10.11 -6.07
N LEU A 114 9.81 9.29 -6.76
CA LEU A 114 9.47 7.96 -6.27
C LEU A 114 10.68 7.02 -6.33
N ARG A 115 11.43 7.07 -7.42
CA ARG A 115 12.63 6.24 -7.58
C ARG A 115 13.72 6.67 -6.61
N ASN A 116 13.67 7.94 -6.21
CA ASN A 116 14.68 8.50 -5.33
C ASN A 116 14.08 8.74 -3.95
N TRP A 117 13.00 8.02 -3.67
CA TRP A 117 12.29 8.13 -2.40
C TRP A 117 13.17 7.62 -1.25
N ASN A 118 12.86 8.07 -0.05
CA ASN A 118 13.60 7.67 1.14
C ASN A 118 12.65 7.64 2.33
N GLY A 119 13.12 7.19 3.47
CA GLY A 119 12.29 7.14 4.66
C GLY A 119 12.00 8.52 5.24
N THR A 120 11.31 9.34 4.47
CA THR A 120 10.95 10.69 4.88
C THR A 120 9.48 10.95 4.56
N PHE A 121 8.69 11.21 5.60
CA PHE A 121 7.27 11.47 5.43
C PHE A 121 7.04 12.74 4.62
N GLY A 122 7.99 13.67 4.72
CA GLY A 122 7.88 14.92 3.99
C GLY A 122 7.89 14.73 2.48
N LEU A 123 8.38 13.60 2.03
CA LEU A 123 8.42 13.31 0.60
C LEU A 123 7.04 12.97 0.06
N LEU A 124 6.10 12.76 0.96
CA LEU A 124 4.72 12.53 0.56
C LEU A 124 4.04 13.87 0.28
N ASN A 125 4.75 14.94 0.57
CA ASN A 125 4.30 16.28 0.25
C ASN A 125 4.92 16.74 -1.05
N THR A 126 6.06 16.14 -1.39
CA THR A 126 6.74 16.43 -2.64
C THR A 126 6.15 15.58 -3.77
N LEU A 127 5.47 14.51 -3.38
CA LEU A 127 4.82 13.62 -4.32
C LEU A 127 3.39 14.09 -4.59
N ARG A 128 3.07 14.29 -5.86
CA ARG A 128 1.70 14.60 -6.24
C ARG A 128 0.85 13.34 -6.17
N LEU A 129 0.42 13.03 -4.97
CA LEU A 129 -0.36 11.83 -4.70
C LEU A 129 -1.83 12.09 -4.97
N ILE A 130 -2.46 11.16 -5.68
CA ILE A 130 -3.84 11.32 -6.10
C ILE A 130 -4.68 10.15 -5.59
N ARG A 131 -5.98 10.24 -5.78
CA ARG A 131 -6.87 9.14 -5.43
C ARG A 131 -7.16 8.29 -6.65
N ILE A 132 -6.89 7.00 -6.53
CA ILE A 132 -7.07 6.07 -7.63
C ILE A 132 -8.08 4.98 -7.28
N ASN A 133 -8.96 4.68 -8.22
CA ASN A 133 -9.97 3.65 -8.01
C ASN A 133 -9.66 2.41 -8.85
N ASP A 134 -9.53 1.28 -8.18
CA ASP A 134 -9.41 -0.04 -8.81
C ASP A 134 -8.35 -0.11 -9.93
N LYS A 135 -8.80 0.11 -11.15
CA LYS A 135 -7.98 -0.17 -12.33
C LYS A 135 -7.10 1.01 -12.70
N GLY A 136 -6.79 1.85 -11.74
CA GLY A 136 -6.00 3.03 -12.01
C GLY A 136 -6.87 4.17 -12.49
N GLU A 137 -8.12 4.17 -12.06
CA GLU A 137 -9.08 5.17 -12.48
C GLU A 137 -8.88 6.45 -11.67
N GLN A 138 -8.99 7.59 -12.34
CA GLN A 138 -8.71 8.88 -11.73
C GLN A 138 -9.87 9.35 -10.86
N VAL A 139 -9.63 9.44 -9.57
CA VAL A 139 -10.59 9.99 -8.64
C VAL A 139 -10.19 11.42 -8.28
N VAL A 140 -10.83 12.39 -8.92
CA VAL A 140 -10.47 13.79 -8.72
C VAL A 140 -11.05 14.33 -7.42
N GLY A 141 -10.20 14.95 -6.62
CA GLY A 141 -10.62 15.55 -5.37
C GLY A 141 -10.73 14.53 -4.25
N GLY A 142 -11.73 13.68 -4.32
CA GLY A 142 -11.97 12.71 -3.26
C GLY A 142 -12.98 13.23 -2.26
N ASN A 143 -13.64 14.32 -2.61
CA ASN A 143 -14.67 14.90 -1.77
C ASN A 143 -16.03 14.73 -2.41
N GLU A 144 -17.04 14.49 -1.60
CA GLU A 144 -18.40 14.35 -2.11
C GLU A 144 -19.22 15.56 -1.73
N MET A 4 -8.31 25.48 -0.36
CA MET A 4 -6.96 25.34 0.25
C MET A 4 -6.98 24.28 1.32
N ARG A 5 -5.84 24.06 1.96
CA ARG A 5 -5.74 23.12 3.07
C ARG A 5 -6.26 23.75 4.35
N GLU A 6 -6.26 25.07 4.38
CA GLU A 6 -6.74 25.83 5.54
C GLU A 6 -8.26 25.72 5.68
N ASP A 7 -8.90 25.17 4.65
CA ASP A 7 -10.34 24.99 4.64
C ASP A 7 -10.75 23.74 5.43
N LYS A 8 -9.76 23.08 6.03
CA LYS A 8 -9.98 21.83 6.76
C LYS A 8 -10.57 20.79 5.81
N ILE A 9 -9.99 20.75 4.62
CA ILE A 9 -10.47 19.86 3.55
C ILE A 9 -10.20 18.39 3.88
N ALA A 10 -9.15 18.13 4.65
CA ALA A 10 -8.77 16.76 4.98
C ALA A 10 -9.44 16.29 6.26
N ALA A 11 -10.68 15.85 6.14
CA ALA A 11 -11.42 15.31 7.27
C ALA A 11 -12.43 14.25 6.82
N LYS A 12 -12.46 13.98 5.52
CA LYS A 12 -13.43 13.03 4.96
C LYS A 12 -12.85 11.62 4.88
N LYS A 13 -11.77 11.39 5.60
CA LYS A 13 -11.12 10.09 5.61
C LYS A 13 -10.54 9.80 6.99
N LYS A 14 -9.88 8.66 7.11
CA LYS A 14 -9.37 8.21 8.40
C LYS A 14 -8.20 9.06 8.84
N LEU A 15 -7.22 9.22 7.96
CA LEU A 15 -6.00 9.99 8.24
C LEU A 15 -5.18 9.29 9.31
N HIS A 16 -5.50 8.02 9.56
CA HIS A 16 -4.79 7.22 10.54
C HIS A 16 -4.31 5.93 9.89
N GLN A 17 -5.15 5.36 9.04
CA GLN A 17 -4.74 4.25 8.19
C GLN A 17 -3.76 4.77 7.14
N ASP A 18 -4.06 5.98 6.66
CA ASP A 18 -3.21 6.69 5.72
C ASP A 18 -1.87 7.01 6.38
N LYS A 19 -1.94 7.50 7.61
CA LYS A 19 -0.77 7.94 8.35
C LYS A 19 -0.05 6.75 8.97
N ARG A 20 -0.01 5.65 8.24
CA ARG A 20 0.58 4.43 8.74
C ARG A 20 1.34 3.74 7.60
N VAL A 21 2.03 2.65 7.94
CA VAL A 21 2.87 1.93 6.98
C VAL A 21 2.07 1.46 5.75
N HIS A 22 0.76 1.29 5.92
CA HIS A 22 -0.10 0.76 4.86
C HIS A 22 -0.06 1.60 3.59
N GLU A 23 0.25 2.89 3.74
CA GLU A 23 0.36 3.78 2.60
C GLU A 23 1.80 3.83 2.09
N LEU A 24 2.72 4.16 3.00
CA LEU A 24 4.12 4.41 2.65
C LEU A 24 4.82 3.16 2.13
N ALA A 25 4.45 1.99 2.65
CA ALA A 25 5.11 0.75 2.25
C ALA A 25 4.85 0.42 0.79
N ARG A 26 3.69 0.81 0.29
CA ARG A 26 3.32 0.55 -1.09
C ARG A 26 4.17 1.40 -2.02
N VAL A 27 4.51 2.60 -1.56
CA VAL A 27 5.39 3.50 -2.31
C VAL A 27 6.81 2.95 -2.35
N LYS A 28 7.24 2.37 -1.23
CA LYS A 28 8.58 1.82 -1.13
C LYS A 28 8.73 0.56 -1.98
N PHE A 29 7.66 -0.24 -2.06
CA PHE A 29 7.68 -1.42 -2.93
C PHE A 29 7.90 -1.00 -4.37
N MET A 30 7.17 0.04 -4.80
CA MET A 30 7.36 0.61 -6.12
C MET A 30 8.81 1.00 -6.31
N GLN A 31 9.32 1.80 -5.37
CA GLN A 31 10.71 2.26 -5.42
C GLN A 31 11.68 1.11 -5.63
N ASP A 32 11.58 0.12 -4.75
CA ASP A 32 12.50 -1.02 -4.76
C ASP A 32 12.48 -1.73 -6.10
N VAL A 33 11.29 -1.91 -6.66
CA VAL A 33 11.13 -2.65 -7.91
C VAL A 33 11.50 -1.78 -9.11
N VAL A 34 11.17 -0.50 -9.07
CA VAL A 34 11.52 0.42 -10.16
C VAL A 34 13.03 0.58 -10.25
N ASN A 35 13.67 0.63 -9.09
CA ASN A 35 15.12 0.75 -9.03
C ASN A 35 15.77 -0.61 -9.27
N SER A 36 14.99 -1.67 -9.11
CA SER A 36 15.47 -3.01 -9.37
C SER A 36 15.38 -3.32 -10.86
N ASP A 37 16.23 -4.23 -11.33
CA ASP A 37 16.21 -4.65 -12.72
C ASP A 37 14.91 -5.40 -13.02
N THR A 38 14.24 -5.81 -11.94
CA THR A 38 12.95 -6.49 -12.01
C THR A 38 11.97 -5.75 -12.93
N PHE A 39 11.91 -4.42 -12.80
CA PHE A 39 11.02 -3.63 -13.64
C PHE A 39 11.68 -2.34 -14.12
N LYS A 40 13.00 -2.26 -13.99
CA LYS A 40 13.76 -1.11 -14.49
C LYS A 40 13.65 -1.06 -16.03
N GLY A 41 13.25 -2.19 -16.61
CA GLY A 41 13.10 -2.30 -18.05
C GLY A 41 12.12 -1.28 -18.62
N GLN A 42 11.14 -0.90 -17.83
CA GLN A 42 10.19 0.11 -18.26
C GLN A 42 10.62 1.46 -17.72
N PRO A 43 10.74 2.47 -18.59
CA PRO A 43 11.07 3.84 -18.18
C PRO A 43 10.11 4.34 -17.11
N ILE A 44 8.83 4.37 -17.46
CA ILE A 44 7.78 4.73 -16.52
C ILE A 44 6.67 3.65 -16.58
N PHE A 45 5.94 3.51 -15.49
CA PHE A 45 4.95 2.44 -15.37
C PHE A 45 3.60 2.86 -15.95
N ASP A 46 2.56 2.09 -15.62
CA ASP A 46 1.22 2.33 -16.14
C ASP A 46 0.22 2.34 -15.01
N HIS A 47 -0.98 2.86 -15.26
CA HIS A 47 -2.05 2.80 -14.28
C HIS A 47 -2.57 1.37 -14.16
N ALA A 48 -2.48 0.62 -15.25
CA ALA A 48 -2.80 -0.80 -15.23
C ALA A 48 -1.78 -1.55 -14.38
N HIS A 49 -0.55 -1.06 -14.40
CA HIS A 49 0.50 -1.61 -13.57
C HIS A 49 0.36 -1.10 -12.14
N THR A 50 -0.43 -0.05 -11.95
CA THR A 50 -0.82 0.41 -10.63
C THR A 50 -1.66 -0.66 -9.95
N ARG A 51 -2.75 -1.06 -10.61
CA ARG A 51 -3.61 -2.12 -10.09
C ARG A 51 -2.79 -3.37 -9.81
N GLU A 52 -1.87 -3.66 -10.70
CA GLU A 52 -1.03 -4.84 -10.59
C GLU A 52 -0.11 -4.75 -9.36
N PHE A 53 0.50 -3.59 -9.17
CA PHE A 53 1.40 -3.36 -8.04
C PHE A 53 0.63 -3.26 -6.72
N ILE A 54 -0.54 -2.64 -6.77
CA ILE A 54 -1.40 -2.55 -5.61
C ILE A 54 -1.92 -3.94 -5.23
N GLN A 55 -2.34 -4.70 -6.24
CA GLN A 55 -2.90 -6.04 -6.03
C GLN A 55 -1.87 -6.99 -5.44
N SER A 56 -0.62 -6.88 -5.88
CA SER A 56 0.43 -7.74 -5.36
C SER A 56 0.73 -7.42 -3.90
N PHE A 57 0.65 -6.15 -3.54
CA PHE A 57 0.83 -5.75 -2.15
C PHE A 57 -0.36 -6.25 -1.32
N ILE A 58 -1.49 -6.44 -1.98
CA ILE A 58 -2.67 -7.02 -1.34
C ILE A 58 -2.57 -8.55 -1.35
N GLU A 59 -1.70 -9.07 -2.19
CA GLU A 59 -1.41 -10.49 -2.20
C GLU A 59 -0.53 -10.83 -1.00
N ARG A 60 0.16 -9.81 -0.50
CA ARG A 60 0.95 -9.96 0.72
C ARG A 60 0.11 -10.52 1.87
N ASP A 61 -1.02 -9.88 2.18
CA ASP A 61 -1.85 -10.34 3.29
C ASP A 61 -2.45 -11.71 3.00
N ASP A 62 -2.66 -11.99 1.72
CA ASP A 62 -3.10 -13.32 1.30
C ASP A 62 -1.99 -14.34 1.57
N THR A 63 -0.75 -13.86 1.53
CA THR A 63 0.41 -14.70 1.82
C THR A 63 0.61 -14.82 3.33
N GLU A 64 0.17 -13.80 4.07
CA GLU A 64 0.17 -13.87 5.53
C GLU A 64 -0.96 -14.80 5.97
N LEU A 65 -2.05 -14.75 5.23
CA LEU A 65 -3.18 -15.65 5.42
C LEU A 65 -2.81 -17.07 5.00
N ASP A 66 -1.79 -17.16 4.14
CA ASP A 66 -1.31 -18.45 3.65
C ASP A 66 -0.74 -19.28 4.78
N GLU A 67 -0.24 -18.62 5.83
CA GLU A 67 0.24 -19.32 7.02
C GLU A 67 -0.89 -20.08 7.68
N LEU A 68 -2.05 -19.45 7.80
CA LEU A 68 -3.22 -20.09 8.39
C LEU A 68 -3.65 -21.26 7.50
N LYS A 69 -3.47 -21.10 6.20
CA LYS A 69 -3.81 -22.15 5.23
C LYS A 69 -2.77 -23.27 5.27
N LYS A 70 -1.56 -22.95 5.74
CA LYS A 70 -0.47 -23.91 5.80
C LYS A 70 -0.53 -24.71 7.09
N LYS A 71 -0.89 -24.03 8.17
CA LYS A 71 -0.97 -24.66 9.49
C LYS A 71 -2.31 -25.37 9.66
N ARG A 72 -2.96 -25.63 8.53
CA ARG A 72 -4.32 -26.19 8.48
C ARG A 72 -4.34 -27.67 8.87
N ARG A 73 -3.43 -28.07 9.76
CA ARG A 73 -3.33 -29.47 10.18
C ARG A 73 -3.65 -29.60 11.66
N SER A 74 -2.75 -29.10 12.49
CA SER A 74 -2.92 -29.17 13.94
C SER A 74 -3.11 -27.76 14.51
N ASN A 75 -2.90 -26.76 13.67
CA ASN A 75 -3.09 -25.37 14.05
C ASN A 75 -4.07 -24.74 13.07
N ARG A 76 -5.20 -25.43 12.87
CA ARG A 76 -6.18 -25.06 11.86
C ARG A 76 -6.58 -23.58 11.99
N PRO A 77 -6.90 -22.94 10.85
CA PRO A 77 -7.21 -21.50 10.79
C PRO A 77 -8.28 -21.10 11.80
N PRO A 78 -7.89 -20.31 12.81
CA PRO A 78 -8.82 -19.75 13.79
C PRO A 78 -9.71 -18.71 13.14
N SER A 79 -11.00 -18.77 13.41
CA SER A 79 -11.90 -17.73 12.96
C SER A 79 -11.52 -16.40 13.57
N ASN A 80 -11.07 -16.45 14.83
CA ASN A 80 -10.66 -15.25 15.55
C ASN A 80 -9.47 -14.57 14.86
N ARG A 81 -8.63 -15.36 14.21
CA ARG A 81 -7.44 -14.81 13.56
C ARG A 81 -7.68 -14.61 12.07
N GLN A 82 -8.20 -15.65 11.40
CA GLN A 82 -8.48 -15.60 9.96
C GLN A 82 -9.42 -14.45 9.63
N VAL A 83 -10.46 -14.30 10.42
CA VAL A 83 -11.45 -13.25 10.15
C VAL A 83 -10.87 -11.88 10.47
N LEU A 84 -10.15 -11.79 11.58
CA LEU A 84 -9.52 -10.54 12.00
C LEU A 84 -8.53 -10.05 10.94
N LEU A 85 -7.76 -11.00 10.42
CA LEU A 85 -6.81 -10.71 9.35
C LEU A 85 -7.54 -10.26 8.09
N GLN A 86 -8.60 -10.98 7.74
CA GLN A 86 -9.40 -10.64 6.56
C GLN A 86 -10.03 -9.25 6.70
N GLN A 87 -10.40 -8.88 7.93
CA GLN A 87 -11.00 -7.57 8.18
C GLN A 87 -10.09 -6.45 7.70
N ARG A 88 -8.79 -6.64 7.84
CA ARG A 88 -7.82 -5.66 7.38
C ARG A 88 -7.80 -5.62 5.86
N ARG A 89 -7.91 -6.79 5.25
CA ARG A 89 -7.97 -6.90 3.80
C ARG A 89 -9.21 -6.21 3.25
N ASP A 90 -10.37 -6.55 3.80
CA ASP A 90 -11.63 -5.95 3.37
C ASP A 90 -11.65 -4.45 3.65
N GLN A 91 -11.08 -4.05 4.78
CA GLN A 91 -10.98 -2.63 5.13
C GLN A 91 -10.15 -1.89 4.10
N GLU A 92 -9.00 -2.47 3.75
CA GLU A 92 -8.11 -1.90 2.76
C GLU A 92 -8.81 -1.81 1.41
N LEU A 93 -9.44 -2.90 1.02
CA LEU A 93 -10.17 -2.97 -0.25
C LEU A 93 -11.31 -1.94 -0.29
N LYS A 94 -11.95 -1.73 0.85
CA LYS A 94 -13.05 -0.78 0.93
C LYS A 94 -12.55 0.64 0.70
N GLU A 95 -11.32 0.90 1.12
CA GLU A 95 -10.72 2.21 0.93
C GLU A 95 -10.37 2.42 -0.55
N PHE A 96 -9.78 1.38 -1.15
CA PHE A 96 -9.44 1.41 -2.58
C PHE A 96 -10.71 1.48 -3.43
N LYS A 97 -11.80 0.93 -2.90
CA LYS A 97 -13.09 0.93 -3.59
C LYS A 97 -13.67 2.35 -3.64
N ALA A 98 -13.14 3.23 -2.80
CA ALA A 98 -13.56 4.62 -2.79
C ALA A 98 -12.41 5.52 -3.20
N GLY A 99 -11.34 4.90 -3.67
CA GLY A 99 -10.15 5.64 -4.04
C GLY A 99 -9.16 5.77 -2.90
N PHE A 100 -7.95 5.31 -3.12
CA PHE A 100 -6.91 5.39 -2.11
C PHE A 100 -5.79 6.30 -2.60
N LEU A 101 -5.03 6.89 -1.69
CA LEU A 101 -3.94 7.77 -2.07
C LEU A 101 -2.79 6.96 -2.63
N CYS A 102 -2.60 7.02 -3.93
CA CYS A 102 -1.57 6.24 -4.59
C CYS A 102 -0.73 7.15 -5.47
N PRO A 103 0.58 6.91 -5.53
CA PRO A 103 1.47 7.67 -6.42
C PRO A 103 1.15 7.38 -7.87
N ASP A 104 1.07 8.44 -8.68
CA ASP A 104 0.82 8.27 -10.10
C ASP A 104 2.03 7.68 -10.77
N LEU A 105 1.81 6.64 -11.56
CA LEU A 105 2.91 5.93 -12.20
C LEU A 105 3.02 6.30 -13.67
N SER A 106 2.51 7.45 -14.06
CA SER A 106 2.66 7.89 -15.44
C SER A 106 3.57 9.13 -15.51
N ASP A 107 3.51 9.96 -14.48
CA ASP A 107 4.39 11.13 -14.41
C ASP A 107 5.77 10.72 -13.92
N ALA A 108 6.79 11.08 -14.69
CA ALA A 108 8.15 10.63 -14.42
C ALA A 108 8.76 11.37 -13.24
N LYS A 109 8.27 12.57 -12.95
CA LYS A 109 8.79 13.36 -11.85
C LYS A 109 8.30 12.78 -10.53
N ASN A 110 7.01 12.48 -10.48
CA ASN A 110 6.43 11.81 -9.31
C ASN A 110 7.15 10.50 -9.05
N MET A 111 7.40 9.74 -10.10
CA MET A 111 8.08 8.46 -9.97
C MET A 111 9.54 8.64 -9.59
N GLU A 112 10.15 9.74 -10.02
CA GLU A 112 11.54 10.00 -9.70
C GLU A 112 11.70 10.33 -8.22
N PHE A 113 10.76 11.13 -7.69
CA PHE A 113 10.74 11.40 -6.26
C PHE A 113 10.48 10.11 -5.49
N LEU A 114 9.60 9.29 -6.05
CA LEU A 114 9.29 7.97 -5.49
C LEU A 114 10.56 7.10 -5.45
N ARG A 115 11.37 7.20 -6.51
CA ARG A 115 12.60 6.43 -6.61
C ARG A 115 13.66 6.89 -5.62
N ASN A 116 13.50 8.11 -5.10
CA ASN A 116 14.45 8.68 -4.15
C ASN A 116 13.76 8.97 -2.82
N TRP A 117 12.62 8.33 -2.62
CA TRP A 117 11.82 8.52 -1.42
C TRP A 117 12.48 7.84 -0.21
N ASN A 118 12.37 8.49 0.94
CA ASN A 118 12.90 7.94 2.18
C ASN A 118 11.85 8.12 3.29
N GLY A 119 12.18 7.68 4.50
CA GLY A 119 11.22 7.72 5.60
C GLY A 119 10.95 9.14 6.08
N THR A 120 10.14 9.87 5.33
CA THR A 120 9.75 11.23 5.70
C THR A 120 8.39 11.58 5.09
N PHE A 121 7.47 12.02 5.95
CA PHE A 121 6.13 12.38 5.51
C PHE A 121 6.15 13.70 4.73
N GLY A 122 7.18 14.50 4.99
CA GLY A 122 7.35 15.75 4.27
C GLY A 122 7.53 15.53 2.78
N LEU A 123 8.20 14.43 2.43
CA LEU A 123 8.46 14.11 1.03
C LEU A 123 7.14 13.79 0.32
N LEU A 124 6.13 13.45 1.09
CA LEU A 124 4.83 13.11 0.54
C LEU A 124 4.08 14.38 0.13
N ASN A 125 4.73 15.53 0.33
CA ASN A 125 4.21 16.80 -0.16
C ASN A 125 4.80 17.11 -1.53
N THR A 126 6.00 16.60 -1.79
CA THR A 126 6.62 16.78 -3.09
C THR A 126 6.07 15.76 -4.06
N LEU A 127 5.72 14.60 -3.52
CA LEU A 127 5.03 13.57 -4.27
C LEU A 127 3.58 13.97 -4.49
N ARG A 128 3.23 14.26 -5.74
CA ARG A 128 1.86 14.59 -6.08
C ARG A 128 1.02 13.33 -6.15
N LEU A 129 0.74 12.78 -4.98
CA LEU A 129 -0.02 11.56 -4.85
C LEU A 129 -1.49 11.85 -5.07
N ILE A 130 -2.10 11.09 -5.97
CA ILE A 130 -3.48 11.32 -6.34
C ILE A 130 -4.37 10.25 -5.74
N ARG A 131 -5.67 10.37 -5.93
CA ARG A 131 -6.59 9.39 -5.39
C ARG A 131 -6.92 8.39 -6.48
N ILE A 132 -6.46 7.17 -6.29
CA ILE A 132 -6.60 6.15 -7.30
C ILE A 132 -7.56 5.06 -6.84
N ASN A 133 -8.54 4.77 -7.69
CA ASN A 133 -9.49 3.71 -7.41
C ASN A 133 -8.97 2.40 -8.01
N ASP A 134 -8.78 1.41 -7.13
CA ASP A 134 -8.37 0.02 -7.46
C ASP A 134 -7.56 -0.16 -8.77
N LYS A 135 -8.21 -0.05 -9.92
CA LYS A 135 -7.60 -0.36 -11.22
C LYS A 135 -6.49 0.61 -11.60
N GLY A 136 -6.44 1.74 -10.94
CA GLY A 136 -5.54 2.79 -11.35
C GLY A 136 -6.30 3.96 -11.92
N GLU A 137 -7.59 3.98 -11.60
CA GLU A 137 -8.48 5.02 -12.07
C GLU A 137 -8.38 6.26 -11.19
N GLN A 138 -7.99 7.37 -11.80
CA GLN A 138 -7.83 8.62 -11.08
C GLN A 138 -9.20 9.16 -10.66
N VAL A 139 -9.39 9.26 -9.35
CA VAL A 139 -10.67 9.70 -8.81
C VAL A 139 -10.75 11.23 -8.83
N VAL A 140 -11.38 11.76 -9.85
CA VAL A 140 -11.59 13.20 -9.98
C VAL A 140 -13.08 13.51 -10.05
N GLY A 141 -13.47 14.66 -9.53
CA GLY A 141 -14.88 15.03 -9.51
C GLY A 141 -15.64 14.37 -8.38
N GLY A 142 -15.11 13.26 -7.89
CA GLY A 142 -15.78 12.50 -6.86
C GLY A 142 -15.08 12.64 -5.52
N ASN A 143 -14.69 13.86 -5.19
CA ASN A 143 -14.03 14.15 -3.93
C ASN A 143 -15.07 14.32 -2.82
N GLU A 144 -16.31 14.01 -3.17
CA GLU A 144 -17.45 14.12 -2.26
C GLU A 144 -17.65 15.58 -1.87
N MET A 4 -2.27 7.41 37.15
CA MET A 4 -0.90 7.62 36.63
C MET A 4 -0.27 8.84 37.30
N ARG A 5 1.00 9.06 37.03
CA ARG A 5 1.69 10.26 37.52
C ARG A 5 1.15 11.49 36.79
N GLU A 6 0.80 11.31 35.53
CA GLU A 6 0.23 12.38 34.74
C GLU A 6 -1.26 12.52 35.07
N ASP A 7 -1.76 13.74 34.95
CA ASP A 7 -3.13 14.04 35.34
C ASP A 7 -4.10 13.74 34.19
N LYS A 8 -4.02 14.53 33.13
CA LYS A 8 -4.94 14.40 32.01
C LYS A 8 -4.49 13.29 31.07
N ILE A 9 -5.44 12.73 30.33
CA ILE A 9 -5.14 11.68 29.38
C ILE A 9 -5.87 11.94 28.07
N ALA A 10 -5.20 11.69 26.96
CA ALA A 10 -5.77 11.95 25.64
C ALA A 10 -6.70 10.81 25.22
N ALA A 11 -7.45 11.05 24.15
CA ALA A 11 -8.36 10.05 23.63
C ALA A 11 -7.67 9.17 22.60
N LYS A 12 -8.03 7.89 22.57
CA LYS A 12 -7.48 6.97 21.59
C LYS A 12 -8.25 7.08 20.29
N LYS A 13 -7.58 7.59 19.27
CA LYS A 13 -8.20 7.84 17.98
C LYS A 13 -8.30 6.55 17.16
N LYS A 14 -9.06 6.60 16.07
CA LYS A 14 -9.23 5.44 15.21
C LYS A 14 -8.11 5.40 14.18
N LEU A 15 -7.49 6.55 13.94
CA LEU A 15 -6.36 6.62 13.05
C LEU A 15 -5.10 6.09 13.74
N HIS A 16 -4.58 4.99 13.24
CA HIS A 16 -3.41 4.36 13.83
C HIS A 16 -2.26 4.36 12.83
N GLN A 17 -1.03 4.41 13.35
CA GLN A 17 0.17 4.48 12.52
C GLN A 17 0.45 3.16 11.79
N ASP A 18 -0.34 2.14 12.12
CA ASP A 18 -0.24 0.85 11.45
C ASP A 18 -0.47 1.00 9.94
N LYS A 19 -1.45 1.81 9.60
CA LYS A 19 -1.80 2.03 8.19
C LYS A 19 -0.74 2.85 7.47
N ARG A 20 0.05 3.61 8.22
CA ARG A 20 1.10 4.43 7.64
C ARG A 20 2.07 3.56 6.84
N VAL A 21 2.38 2.39 7.38
CA VAL A 21 3.26 1.45 6.71
C VAL A 21 2.53 0.82 5.52
N HIS A 22 1.27 0.47 5.73
CA HIS A 22 0.46 -0.12 4.67
C HIS A 22 0.30 0.84 3.49
N GLU A 23 0.46 2.13 3.76
CA GLU A 23 0.45 3.14 2.70
C GLU A 23 1.81 3.20 2.02
N LEU A 24 2.83 3.60 2.77
CA LEU A 24 4.15 3.89 2.22
C LEU A 24 4.81 2.66 1.61
N ALA A 25 4.58 1.49 2.19
CA ALA A 25 5.18 0.25 1.69
C ALA A 25 4.75 -0.04 0.25
N ARG A 26 3.53 0.37 -0.11
CA ARG A 26 3.04 0.16 -1.46
C ARG A 26 3.78 1.07 -2.44
N VAL A 27 4.00 2.30 -2.02
CA VAL A 27 4.76 3.26 -2.81
C VAL A 27 6.22 2.83 -2.88
N LYS A 28 6.72 2.26 -1.79
CA LYS A 28 8.08 1.76 -1.74
C LYS A 28 8.28 0.64 -2.75
N PHE A 29 7.28 -0.23 -2.89
CA PHE A 29 7.36 -1.31 -3.86
C PHE A 29 7.51 -0.74 -5.26
N MET A 30 6.74 0.30 -5.57
CA MET A 30 6.88 1.03 -6.83
C MET A 30 8.31 1.49 -7.02
N GLN A 31 8.85 2.15 -5.99
CA GLN A 31 10.23 2.61 -5.98
C GLN A 31 11.19 1.45 -6.25
N ASP A 32 11.04 0.38 -5.47
CA ASP A 32 11.91 -0.78 -5.58
C ASP A 32 11.90 -1.35 -6.99
N VAL A 33 10.72 -1.43 -7.58
CA VAL A 33 10.57 -1.97 -8.94
C VAL A 33 11.33 -1.14 -9.96
N VAL A 34 11.27 0.18 -9.83
CA VAL A 34 11.93 1.09 -10.77
C VAL A 34 13.45 1.05 -10.58
N ASN A 35 13.88 0.90 -9.34
CA ASN A 35 15.29 0.92 -9.00
C ASN A 35 15.94 -0.44 -9.25
N SER A 36 15.13 -1.48 -9.25
CA SER A 36 15.63 -2.83 -9.43
C SER A 36 15.63 -3.20 -10.91
N ASP A 37 16.57 -4.06 -11.29
CA ASP A 37 16.69 -4.50 -12.69
C ASP A 37 15.49 -5.34 -13.11
N THR A 38 14.60 -5.63 -12.17
CA THR A 38 13.37 -6.35 -12.44
C THR A 38 12.54 -5.62 -13.50
N PHE A 39 12.41 -4.31 -13.36
CA PHE A 39 11.68 -3.51 -14.33
C PHE A 39 12.43 -2.22 -14.65
N LYS A 40 13.71 -2.19 -14.32
CA LYS A 40 14.56 -1.02 -14.58
C LYS A 40 14.55 -0.67 -16.07
N GLY A 41 14.35 -1.69 -16.92
CA GLY A 41 14.30 -1.48 -18.34
C GLY A 41 13.14 -0.61 -18.79
N GLN A 42 12.13 -0.48 -17.92
CA GLN A 42 11.01 0.39 -18.18
C GLN A 42 11.01 1.53 -17.17
N PRO A 43 11.57 2.68 -17.56
CA PRO A 43 11.73 3.83 -16.65
C PRO A 43 10.41 4.37 -16.13
N ILE A 44 9.36 4.28 -16.95
CA ILE A 44 8.05 4.78 -16.56
C ILE A 44 7.03 3.66 -16.57
N PHE A 45 6.06 3.75 -15.68
CA PHE A 45 4.97 2.79 -15.61
C PHE A 45 3.67 3.50 -15.94
N ASP A 46 2.55 2.95 -15.49
CA ASP A 46 1.25 3.55 -15.80
C ASP A 46 0.23 3.11 -14.76
N HIS A 47 -0.97 3.66 -14.84
CA HIS A 47 -2.06 3.31 -13.92
C HIS A 47 -2.43 1.84 -14.07
N ALA A 48 -2.12 1.27 -15.23
CA ALA A 48 -2.29 -0.15 -15.46
C ALA A 48 -1.36 -0.95 -14.55
N HIS A 49 -0.17 -0.42 -14.33
CA HIS A 49 0.78 -1.09 -13.44
C HIS A 49 0.47 -0.73 -11.99
N THR A 50 -0.30 0.33 -11.80
CA THR A 50 -0.80 0.69 -10.48
C THR A 50 -1.67 -0.44 -9.95
N ARG A 51 -2.78 -0.72 -10.65
CA ARG A 51 -3.68 -1.79 -10.25
C ARG A 51 -2.91 -3.11 -10.15
N GLU A 52 -2.05 -3.36 -11.12
CA GLU A 52 -1.20 -4.54 -11.13
C GLU A 52 -0.47 -4.70 -9.80
N PHE A 53 0.36 -3.72 -9.46
CA PHE A 53 1.20 -3.81 -8.27
C PHE A 53 0.40 -3.64 -6.98
N ILE A 54 -0.57 -2.74 -6.97
CA ILE A 54 -1.35 -2.48 -5.77
C ILE A 54 -2.16 -3.72 -5.37
N GLN A 55 -2.83 -4.35 -6.34
CA GLN A 55 -3.61 -5.56 -6.07
C GLN A 55 -2.70 -6.68 -5.59
N SER A 56 -1.51 -6.77 -6.19
CA SER A 56 -0.52 -7.77 -5.80
C SER A 56 -0.07 -7.56 -4.35
N PHE A 57 0.07 -6.29 -3.96
CA PHE A 57 0.44 -5.96 -2.59
C PHE A 57 -0.69 -6.36 -1.64
N ILE A 58 -1.92 -6.27 -2.12
CA ILE A 58 -3.09 -6.70 -1.34
C ILE A 58 -3.07 -8.23 -1.20
N GLU A 59 -2.48 -8.91 -2.19
CA GLU A 59 -2.32 -10.36 -2.13
C GLU A 59 -1.27 -10.73 -1.10
N ARG A 60 -0.36 -9.81 -0.82
CA ARG A 60 0.65 -10.02 0.21
C ARG A 60 0.02 -10.11 1.61
N ASP A 61 -1.12 -9.44 1.78
CA ASP A 61 -1.88 -9.55 3.02
C ASP A 61 -2.47 -10.95 3.15
N ASP A 62 -2.70 -11.58 1.99
CA ASP A 62 -3.20 -12.95 1.95
C ASP A 62 -2.12 -13.94 2.36
N THR A 63 -0.86 -13.52 2.22
CA THR A 63 0.26 -14.35 2.63
C THR A 63 0.22 -14.59 4.13
N GLU A 64 -0.22 -13.59 4.88
CA GLU A 64 -0.36 -13.73 6.32
C GLU A 64 -1.66 -14.45 6.64
N LEU A 65 -2.58 -14.42 5.70
CA LEU A 65 -3.83 -15.16 5.79
C LEU A 65 -3.55 -16.65 5.65
N ASP A 66 -2.61 -16.97 4.76
CA ASP A 66 -2.17 -18.34 4.56
C ASP A 66 -1.31 -18.79 5.74
N GLU A 67 -0.72 -17.83 6.44
CA GLU A 67 0.03 -18.13 7.66
C GLU A 67 -0.90 -18.64 8.75
N LEU A 68 -2.15 -18.17 8.71
CA LEU A 68 -3.19 -18.68 9.61
C LEU A 68 -3.55 -20.10 9.23
N LYS A 69 -3.48 -20.38 7.93
CA LYS A 69 -3.74 -21.71 7.40
C LYS A 69 -2.66 -22.69 7.88
N LYS A 70 -1.42 -22.20 7.93
CA LYS A 70 -0.28 -23.04 8.33
C LYS A 70 -0.22 -23.23 9.84
N LYS A 71 -1.14 -22.61 10.57
CA LYS A 71 -1.13 -22.71 12.03
C LYS A 71 -1.36 -24.16 12.44
N ARG A 72 -2.33 -24.80 11.81
CA ARG A 72 -2.63 -26.20 12.07
C ARG A 72 -2.29 -27.03 10.84
N ARG A 73 -2.56 -28.33 10.88
CA ARG A 73 -2.33 -29.18 9.71
C ARG A 73 -3.28 -28.79 8.59
N SER A 74 -2.99 -29.24 7.38
CA SER A 74 -3.84 -28.94 6.24
C SER A 74 -5.11 -29.80 6.27
N ASN A 75 -5.80 -29.74 7.40
CA ASN A 75 -7.05 -30.44 7.60
C ASN A 75 -8.12 -29.46 8.04
N ARG A 76 -7.87 -28.82 9.17
CA ARG A 76 -8.82 -27.89 9.75
C ARG A 76 -8.11 -26.61 10.20
N PRO A 77 -8.14 -25.58 9.37
CA PRO A 77 -7.59 -24.26 9.69
C PRO A 77 -8.48 -23.51 10.67
N PRO A 78 -7.94 -22.49 11.37
CA PRO A 78 -8.73 -21.67 12.30
C PRO A 78 -9.86 -20.93 11.60
N SER A 79 -11.08 -21.38 11.83
CA SER A 79 -12.26 -20.80 11.19
C SER A 79 -12.37 -19.31 11.53
N ASN A 80 -12.35 -19.01 12.83
CA ASN A 80 -12.57 -17.65 13.31
C ASN A 80 -11.38 -16.74 12.99
N ARG A 81 -10.19 -17.24 13.26
CA ARG A 81 -8.98 -16.44 13.10
C ARG A 81 -8.74 -16.06 11.64
N GLN A 82 -9.04 -17.00 10.74
CA GLN A 82 -8.86 -16.77 9.32
C GLN A 82 -9.84 -15.70 8.83
N VAL A 83 -11.05 -15.74 9.36
CA VAL A 83 -12.07 -14.75 9.01
C VAL A 83 -11.71 -13.39 9.61
N LEU A 84 -11.11 -13.40 10.78
CA LEU A 84 -10.66 -12.18 11.44
C LEU A 84 -9.65 -11.43 10.57
N LEU A 85 -8.72 -12.17 9.98
CA LEU A 85 -7.76 -11.59 9.04
C LEU A 85 -8.52 -11.00 7.86
N GLN A 86 -9.46 -11.78 7.34
CA GLN A 86 -10.28 -11.37 6.20
C GLN A 86 -10.97 -10.03 6.46
N GLN A 87 -11.59 -9.90 7.63
CA GLN A 87 -12.33 -8.69 7.97
C GLN A 87 -11.42 -7.47 8.06
N ARG A 88 -10.22 -7.65 8.61
CA ARG A 88 -9.24 -6.58 8.68
C ARG A 88 -8.77 -6.19 7.29
N ARG A 89 -8.43 -7.20 6.50
CA ARG A 89 -7.99 -7.00 5.12
C ARG A 89 -9.09 -6.33 4.30
N ASP A 90 -10.32 -6.77 4.55
CA ASP A 90 -11.50 -6.20 3.88
C ASP A 90 -11.68 -4.73 4.23
N GLN A 91 -11.39 -4.37 5.47
CA GLN A 91 -11.53 -2.99 5.90
C GLN A 91 -10.65 -2.08 5.06
N GLU A 92 -9.38 -2.45 4.91
CA GLU A 92 -8.46 -1.64 4.13
C GLU A 92 -8.80 -1.73 2.65
N LEU A 93 -9.32 -2.87 2.23
CA LEU A 93 -9.77 -3.04 0.86
C LEU A 93 -10.93 -2.09 0.57
N LYS A 94 -11.86 -2.01 1.52
CA LYS A 94 -12.99 -1.09 1.43
C LYS A 94 -12.50 0.35 1.37
N GLU A 95 -11.52 0.66 2.22
CA GLU A 95 -10.93 1.98 2.27
C GLU A 95 -10.19 2.30 0.98
N PHE A 96 -9.52 1.29 0.44
CA PHE A 96 -8.79 1.41 -0.82
C PHE A 96 -9.74 1.75 -1.98
N LYS A 97 -10.92 1.15 -1.96
CA LYS A 97 -11.91 1.38 -3.02
C LYS A 97 -12.63 2.72 -2.83
N ALA A 98 -12.22 3.47 -1.83
CA ALA A 98 -12.76 4.81 -1.60
C ALA A 98 -11.80 5.86 -2.14
N GLY A 99 -10.66 5.41 -2.65
CA GLY A 99 -9.67 6.32 -3.18
C GLY A 99 -8.42 6.35 -2.31
N PHE A 100 -7.54 5.38 -2.53
CA PHE A 100 -6.32 5.27 -1.75
C PHE A 100 -5.27 6.24 -2.26
N LEU A 101 -4.34 6.61 -1.38
CA LEU A 101 -3.28 7.55 -1.74
C LEU A 101 -2.19 6.83 -2.54
N CYS A 102 -2.29 6.93 -3.87
CA CYS A 102 -1.30 6.32 -4.75
C CYS A 102 -0.79 7.35 -5.75
N PRO A 103 0.51 7.27 -6.10
CA PRO A 103 1.11 8.18 -7.07
C PRO A 103 0.62 7.89 -8.50
N ASP A 104 0.84 8.85 -9.39
CA ASP A 104 0.40 8.72 -10.78
C ASP A 104 1.09 7.55 -11.46
N LEU A 105 2.39 7.43 -11.23
CA LEU A 105 3.19 6.29 -11.68
C LEU A 105 3.53 6.37 -13.18
N SER A 106 2.78 7.17 -13.93
CA SER A 106 3.02 7.31 -15.36
C SER A 106 3.67 8.66 -15.68
N ASP A 107 4.16 9.33 -14.66
CA ASP A 107 4.85 10.60 -14.83
C ASP A 107 6.34 10.42 -14.57
N ALA A 108 7.17 10.94 -15.47
CA ALA A 108 8.62 10.77 -15.39
C ALA A 108 9.20 11.51 -14.20
N LYS A 109 8.70 12.71 -13.95
CA LYS A 109 9.15 13.51 -12.82
C LYS A 109 8.71 12.86 -11.52
N ASN A 110 7.54 12.23 -11.56
CA ASN A 110 7.04 11.43 -10.46
C ASN A 110 8.04 10.33 -10.09
N MET A 111 8.61 9.71 -11.11
CA MET A 111 9.58 8.64 -10.91
C MET A 111 10.87 9.17 -10.30
N GLU A 112 11.19 10.42 -10.59
CA GLU A 112 12.36 11.05 -9.99
C GLU A 112 12.16 11.12 -8.48
N PHE A 113 10.95 11.48 -8.06
CA PHE A 113 10.61 11.54 -6.65
C PHE A 113 10.77 10.16 -6.00
N LEU A 114 10.32 9.13 -6.70
CA LEU A 114 10.47 7.76 -6.20
C LEU A 114 11.95 7.39 -6.07
N ARG A 115 12.72 7.69 -7.10
CA ARG A 115 14.14 7.36 -7.10
C ARG A 115 14.94 8.28 -6.19
N ASN A 116 14.24 9.23 -5.55
CA ASN A 116 14.87 10.13 -4.59
C ASN A 116 14.25 9.95 -3.21
N TRP A 117 13.30 9.02 -3.10
CA TRP A 117 12.58 8.80 -1.86
C TRP A 117 13.46 8.11 -0.83
N ASN A 118 13.86 8.85 0.18
CA ASN A 118 14.71 8.34 1.24
C ASN A 118 13.86 7.84 2.40
N GLY A 119 12.60 8.27 2.43
CA GLY A 119 11.72 7.88 3.51
C GLY A 119 11.08 9.06 4.21
N THR A 120 11.60 10.26 3.92
CA THR A 120 11.07 11.48 4.50
C THR A 120 9.62 11.72 4.05
N PHE A 121 8.72 11.84 5.01
CA PHE A 121 7.30 12.03 4.72
C PHE A 121 7.05 13.37 4.03
N GLY A 122 8.00 14.29 4.17
CA GLY A 122 7.89 15.59 3.51
C GLY A 122 7.86 15.47 2.00
N LEU A 123 8.48 14.42 1.49
CA LEU A 123 8.53 14.17 0.05
C LEU A 123 7.15 13.75 -0.45
N LEU A 124 6.31 13.26 0.47
CA LEU A 124 4.98 12.80 0.10
C LEU A 124 4.05 13.97 -0.20
N ASN A 125 4.58 15.18 -0.02
CA ASN A 125 3.87 16.38 -0.41
C ASN A 125 4.25 16.77 -1.84
N THR A 126 5.52 16.54 -2.18
CA THR A 126 6.05 16.94 -3.47
C THR A 126 5.81 15.85 -4.51
N LEU A 127 5.80 14.61 -4.05
CA LEU A 127 5.48 13.46 -4.89
C LEU A 127 4.00 13.50 -5.26
N ARG A 128 3.69 13.30 -6.54
CA ARG A 128 2.31 13.38 -7.00
C ARG A 128 1.53 12.12 -6.64
N LEU A 129 0.99 12.09 -5.42
CA LEU A 129 0.08 11.03 -5.02
C LEU A 129 -1.35 11.55 -5.02
N ILE A 130 -2.22 10.84 -5.70
CA ILE A 130 -3.60 11.22 -5.84
C ILE A 130 -4.51 10.18 -5.21
N ARG A 131 -5.81 10.32 -5.41
CA ARG A 131 -6.77 9.35 -4.93
C ARG A 131 -7.10 8.37 -6.04
N ILE A 132 -6.69 7.13 -5.87
CA ILE A 132 -6.85 6.11 -6.88
C ILE A 132 -7.80 5.01 -6.42
N ASN A 133 -8.73 4.62 -7.29
CA ASN A 133 -9.75 3.64 -6.94
C ASN A 133 -9.47 2.29 -7.61
N ASP A 134 -9.08 1.33 -6.78
CA ASP A 134 -9.02 -0.10 -7.15
C ASP A 134 -8.12 -0.40 -8.35
N LYS A 135 -8.63 -0.22 -9.56
CA LYS A 135 -7.88 -0.58 -10.77
C LYS A 135 -7.08 0.61 -11.30
N GLY A 136 -6.65 1.48 -10.41
CA GLY A 136 -5.80 2.58 -10.81
C GLY A 136 -6.60 3.75 -11.37
N GLU A 137 -7.89 3.75 -11.10
CA GLU A 137 -8.78 4.75 -11.67
C GLU A 137 -8.71 6.07 -10.89
N GLN A 138 -8.64 7.16 -11.65
CA GLN A 138 -8.64 8.50 -11.07
C GLN A 138 -9.92 8.80 -10.31
N VAL A 139 -9.79 9.07 -9.02
CA VAL A 139 -10.92 9.50 -8.21
C VAL A 139 -10.99 11.02 -8.18
N VAL A 140 -12.14 11.56 -8.50
CA VAL A 140 -12.34 13.01 -8.45
C VAL A 140 -13.34 13.34 -7.36
N GLY A 141 -13.34 14.59 -6.92
CA GLY A 141 -14.24 15.00 -5.86
C GLY A 141 -13.56 14.93 -4.51
N GLY A 142 -13.79 13.85 -3.78
CA GLY A 142 -13.16 13.68 -2.49
C GLY A 142 -13.97 14.25 -1.35
N ASN A 143 -14.95 15.08 -1.70
CA ASN A 143 -15.83 15.67 -0.70
C ASN A 143 -17.19 14.98 -0.73
N GLU A 144 -17.22 13.80 -1.35
CA GLU A 144 -18.45 13.05 -1.52
C GLU A 144 -18.43 11.82 -0.63
#